data_8V89
#
_entry.id   8V89
#
_cell.length_a   1.00
_cell.length_b   1.00
_cell.length_c   1.00
_cell.angle_alpha   90.00
_cell.angle_beta   90.00
_cell.angle_gamma   90.00
#
_symmetry.space_group_name_H-M   'P 1'
#
loop_
_entity.id
_entity.type
_entity.pdbx_description
1 polymer 'Neuronal acetylcholine receptor subunit alpha-7,Soluble cytochrome b562'
2 branched 2-acetamido-2-deoxy-beta-D-glucopyranose-(1-4)-2-acetamido-2-deoxy-beta-D-glucopyranose
3 non-polymer 2-acetamido-2-deoxy-beta-D-glucopyranose
4 non-polymer HEXADECANE
5 non-polymer (3beta,14beta,17beta,25R)-3-[4-methoxy-3-(methoxymethyl)butoxy]spirost-5-en
6 non-polymer '(2S)-3-(hexadecanoyloxy)-2-[(9Z)-octadec-9-enoyloxy]propyl 2-(trimethylammonio)ethyl phosphate'
7 water water
#
_entity_poly.entity_id   1
_entity_poly.type   'polypeptide(L)'
_entity_poly.pdbx_seq_one_letter_code
;EFQRKLYKELVKNYNPLERPVANDSQPLTVYFSLSLLQIMDVDEKNQVLTTNIWLQMSWTDHYLQWNVSEYPGVKTVRFP
DGQIWKPDILLYNSADERFDATFHTNVLVNSSGHCQYLPPGIFKSSCYIDVRWFPFDVQHCKLKFGSWSYGGWSLDLQMQ
EADISGYIPNGEWDLVGIPGKRSERFYECCKEPYPDVTFTVTMRRRTLYYGLNLLIPCVLISALALLVFLLPADSGEKIS
LGITVLLSLTVFMLLVAEIMPATSDSVPLIAQYFASTMIIVGLSVVVTVIVLQYHHHDPDGGKMPKWTRVILLNWCAWFL
RMKRPGEDKVRPACQHKQRRCSLACGRMACAGAMADLEDNWETLNDNLKVIEKADNAAQVKDALTKMRAAALDAQKATPP
KLEDKSPDSPEMKDFRHGFDILVGQIDDALKLANEGKVKEAQAAAEQLKTTRNAYIQKYLSPTHDEHLLHGGQPPEGDPD
LAKILEEVRYIANRFRCQDESEAVCSEWKFAACVVDRLCLMAFSVFTIICTIGILMSAPNFVEAVSKDFAWSHPQFEKGG
GSGGGSGGSSAWSHPQFEKGSGEGRGSLLTCGDVEENPG
;
_entity_poly.pdbx_strand_id   A,B,C,D,E
#
loop_
_chem_comp.id
_chem_comp.type
_chem_comp.name
_chem_comp.formula
9Z9 non-polymer (3beta,14beta,17beta,25R)-3-[4-methoxy-3-(methoxymethyl)butoxy]spirost-5-en 'C34 H56 O5'
NAG D-saccharide, beta linking 2-acetamido-2-deoxy-beta-D-glucopyranose 'C8 H15 N O6'
POV non-polymer '(2S)-3-(hexadecanoyloxy)-2-[(9Z)-octadec-9-enoyloxy]propyl 2-(trimethylammonio)ethyl phosphate' 'C42 H82 N O8 P'
R16 non-polymer HEXADECANE 'C16 H34'
#
# COMPACT_ATOMS: atom_id res chain seq x y z
N GLU A 1 25.05 -28.40 45.02
CA GLU A 1 24.96 -29.64 45.86
C GLU A 1 23.65 -29.66 46.64
N PHE A 2 23.42 -28.65 47.47
CA PHE A 2 22.12 -28.51 48.11
C PHE A 2 21.05 -28.20 47.09
N GLN A 3 21.39 -27.36 46.11
CA GLN A 3 20.49 -27.08 45.01
C GLN A 3 20.17 -28.33 44.22
N ARG A 4 21.21 -29.13 43.90
CA ARG A 4 20.99 -30.34 43.13
C ARG A 4 20.11 -31.32 43.91
N LYS A 5 20.37 -31.47 45.21
CA LYS A 5 19.55 -32.34 46.03
C LYS A 5 18.11 -31.85 46.07
N LEU A 6 17.90 -30.55 46.19
CA LEU A 6 16.55 -30.00 46.27
C LEU A 6 15.77 -30.22 44.99
N TYR A 7 16.38 -29.96 43.83
CA TYR A 7 15.66 -30.13 42.57
C TYR A 7 15.27 -31.59 42.35
N LYS A 8 16.16 -32.50 42.69
CA LYS A 8 15.84 -33.92 42.57
C LYS A 8 14.73 -34.28 43.55
N GLU A 9 14.75 -33.70 44.74
CA GLU A 9 13.76 -34.04 45.75
C GLU A 9 12.39 -33.46 45.40
N LEU A 10 12.34 -32.26 44.82
CA LEU A 10 11.06 -31.63 44.57
C LEU A 10 10.28 -32.32 43.46
N VAL A 11 10.97 -32.87 42.46
CA VAL A 11 10.27 -33.49 41.33
C VAL A 11 9.80 -34.90 41.61
N LYS A 12 10.31 -35.53 42.67
CA LYS A 12 9.91 -36.88 43.05
C LYS A 12 8.39 -36.98 43.25
N ASN A 13 7.73 -37.76 42.41
CA ASN A 13 6.28 -37.99 42.44
C ASN A 13 5.48 -36.74 42.15
N TYR A 14 6.06 -35.74 41.48
CA TYR A 14 5.33 -34.51 41.21
C TYR A 14 4.63 -34.70 39.89
N ASN A 15 3.35 -34.37 39.85
CA ASN A 15 2.54 -34.49 38.65
C ASN A 15 2.12 -33.09 38.20
N PRO A 16 2.61 -32.59 37.05
CA PRO A 16 2.17 -31.25 36.63
C PRO A 16 0.70 -31.17 36.23
N LEU A 17 -0.01 -32.30 36.18
CA LEU A 17 -1.45 -32.30 35.96
C LEU A 17 -2.24 -31.98 37.22
N GLU A 18 -1.62 -32.04 38.39
CA GLU A 18 -2.30 -31.93 39.67
C GLU A 18 -2.39 -30.47 40.08
N ARG A 19 -3.61 -29.99 40.35
CA ARG A 19 -3.79 -28.74 41.05
C ARG A 19 -3.18 -28.87 42.45
N PRO A 20 -2.18 -28.03 42.82
CA PRO A 20 -1.39 -28.36 44.05
C PRO A 20 -1.97 -27.83 45.36
N VAL A 21 -3.01 -28.51 45.88
CA VAL A 21 -3.67 -28.20 47.14
C VAL A 21 -3.47 -29.36 48.10
N ALA A 22 -3.32 -29.06 49.40
CA ALA A 22 -3.20 -30.12 50.43
C ALA A 22 -4.55 -30.83 50.53
N ASN A 23 -5.66 -30.10 50.42
CA ASN A 23 -7.03 -30.66 50.48
C ASN A 23 -7.65 -30.53 49.08
N ASP A 24 -8.07 -31.63 48.45
CA ASP A 24 -8.59 -31.62 47.07
C ASP A 24 -9.99 -31.01 47.01
N SER A 25 -10.69 -30.87 48.14
CA SER A 25 -11.99 -30.21 48.14
C SER A 25 -11.85 -28.70 48.26
N GLN A 26 -10.83 -28.21 48.96
CA GLN A 26 -10.65 -26.78 49.12
C GLN A 26 -10.08 -26.11 47.85
N PRO A 27 -10.30 -24.80 47.71
CA PRO A 27 -9.88 -24.13 46.48
C PRO A 27 -8.42 -23.73 46.52
N LEU A 28 -7.93 -23.34 45.36
CA LEU A 28 -6.56 -22.86 45.20
C LEU A 28 -6.69 -21.42 44.74
N THR A 29 -6.14 -20.51 45.54
CA THR A 29 -6.23 -19.09 45.24
C THR A 29 -5.13 -18.71 44.27
N VAL A 30 -5.50 -17.88 43.27
CA VAL A 30 -4.57 -17.37 42.28
C VAL A 30 -4.78 -15.87 42.26
N TYR A 31 -3.71 -15.11 42.51
CA TYR A 31 -3.77 -13.66 42.44
C TYR A 31 -3.34 -13.26 41.05
N PHE A 32 -4.22 -12.56 40.35
CA PHE A 32 -3.99 -12.21 38.96
C PHE A 32 -3.92 -10.70 38.83
N SER A 33 -2.87 -10.23 38.19
CA SER A 33 -2.72 -8.83 37.86
C SER A 33 -2.00 -8.78 36.52
N LEU A 34 -1.88 -7.58 35.98
CA LEU A 34 -1.08 -7.38 34.79
C LEU A 34 -0.35 -6.05 34.92
N SER A 35 0.59 -5.85 34.03
CA SER A 35 1.39 -4.64 33.94
C SER A 35 1.38 -4.21 32.49
N LEU A 36 0.80 -3.05 32.22
CA LEU A 36 0.67 -2.55 30.87
C LEU A 36 1.87 -1.69 30.54
N LEU A 37 2.62 -2.10 29.52
CA LEU A 37 3.82 -1.40 29.07
C LEU A 37 3.57 -0.53 27.85
N GLN A 38 2.64 -0.92 26.98
CA GLN A 38 2.44 -0.22 25.72
C GLN A 38 1.07 -0.55 25.17
N ILE A 39 0.49 0.42 24.49
CA ILE A 39 -0.66 0.22 23.63
C ILE A 39 -0.08 0.28 22.21
N MET A 40 -0.16 -0.84 21.49
CA MET A 40 0.55 -0.97 20.24
C MET A 40 -0.32 -0.65 19.03
N ASP A 41 -1.57 -1.10 19.02
CA ASP A 41 -2.44 -0.85 17.88
C ASP A 41 -3.90 -0.93 18.30
N VAL A 42 -4.73 -0.08 17.69
CA VAL A 42 -6.17 -0.08 17.87
C VAL A 42 -6.76 -0.18 16.48
N ASP A 43 -6.82 -1.37 15.98
CA ASP A 43 -7.21 -1.55 14.59
C ASP A 43 -8.73 -1.53 14.45
N GLU A 44 -9.23 -0.53 13.71
CA GLU A 44 -10.67 -0.37 13.55
C GLU A 44 -11.27 -1.52 12.73
N LYS A 45 -10.70 -1.79 11.55
CA LYS A 45 -11.25 -2.80 10.65
C LYS A 45 -11.27 -4.18 11.30
N ASN A 46 -10.14 -4.63 11.86
CA ASN A 46 -10.11 -5.97 12.42
C ASN A 46 -10.81 -6.04 13.77
N GLN A 47 -11.06 -4.90 14.41
CA GLN A 47 -11.71 -4.80 15.71
C GLN A 47 -10.83 -5.46 16.77
N VAL A 48 -9.54 -5.12 16.74
CA VAL A 48 -8.53 -5.75 17.59
C VAL A 48 -7.70 -4.67 18.27
N LEU A 49 -7.33 -4.93 19.52
CA LEU A 49 -6.41 -4.11 20.30
C LEU A 49 -5.12 -4.90 20.48
N THR A 50 -3.99 -4.28 20.16
CA THR A 50 -2.67 -4.88 20.35
C THR A 50 -1.94 -4.14 21.47
N THR A 51 -1.50 -4.88 22.48
CA THR A 51 -0.88 -4.31 23.67
C THR A 51 0.33 -5.14 24.09
N ASN A 52 1.30 -4.47 24.69
CA ASN A 52 2.43 -5.11 25.34
C ASN A 52 2.12 -5.17 26.83
N ILE A 53 2.00 -6.37 27.37
CA ILE A 53 1.52 -6.58 28.72
C ILE A 53 2.33 -7.69 29.37
N TRP A 54 2.69 -7.49 30.64
CA TRP A 54 3.28 -8.52 31.47
C TRP A 54 2.21 -8.98 32.45
N LEU A 55 1.75 -10.21 32.28
CA LEU A 55 0.82 -10.81 33.23
C LEU A 55 1.54 -11.19 34.51
N GLN A 56 0.80 -11.15 35.60
CA GLN A 56 1.33 -11.48 36.93
CA GLN A 56 1.33 -11.46 36.93
C GLN A 56 0.38 -12.46 37.59
N MET A 57 0.91 -13.63 37.94
CA MET A 57 0.15 -14.67 38.62
C MET A 57 0.92 -15.11 39.85
N SER A 58 0.19 -15.30 40.94
CA SER A 58 0.77 -15.79 42.19
C SER A 58 -0.15 -16.85 42.76
N TRP A 59 0.43 -17.89 43.32
CA TRP A 59 -0.34 -18.96 43.95
C TRP A 59 0.63 -19.77 44.81
N THR A 60 0.09 -20.72 45.55
CA THR A 60 0.86 -21.56 46.45
C THR A 60 0.80 -23.01 45.97
N ASP A 61 1.96 -23.63 45.84
CA ASP A 61 2.09 -25.04 45.51
C ASP A 61 2.40 -25.79 46.80
N HIS A 62 1.49 -26.67 47.20
CA HIS A 62 1.66 -27.39 48.47
C HIS A 62 2.90 -28.27 48.46
N TYR A 63 3.37 -28.70 47.30
CA TYR A 63 4.42 -29.69 47.19
C TYR A 63 5.81 -29.08 47.07
N LEU A 64 5.91 -27.83 46.64
CA LEU A 64 7.20 -27.19 46.39
C LEU A 64 7.64 -26.39 47.62
N GLN A 65 7.80 -27.10 48.73
CA GLN A 65 8.22 -26.53 50.00
C GLN A 65 9.42 -27.27 50.56
N TRP A 66 10.31 -26.49 51.18
CA TRP A 66 11.49 -27.06 51.82
C TRP A 66 11.93 -26.13 52.92
N ASN A 67 12.69 -26.68 53.86
CA ASN A 67 13.27 -25.92 54.96
C ASN A 67 14.64 -25.43 54.50
N VAL A 68 14.85 -24.10 54.53
CA VAL A 68 16.09 -23.54 54.01
C VAL A 68 17.28 -23.81 54.91
N SER A 69 17.06 -24.20 56.17
CA SER A 69 18.19 -24.59 57.00
C SER A 69 18.80 -25.90 56.52
N GLU A 70 17.98 -26.79 55.99
CA GLU A 70 18.43 -28.06 55.45
C GLU A 70 19.00 -27.91 54.03
N TYR A 71 18.77 -26.79 53.37
CA TYR A 71 19.29 -26.51 52.03
C TYR A 71 19.92 -25.13 52.04
N PRO A 72 21.01 -24.94 52.79
CA PRO A 72 21.58 -23.60 52.95
C PRO A 72 21.99 -22.97 51.63
N GLY A 73 21.62 -21.70 51.47
CA GLY A 73 21.89 -20.96 50.26
C GLY A 73 20.84 -21.09 49.19
N VAL A 74 19.95 -22.09 49.29
CA VAL A 74 18.96 -22.36 48.25
C VAL A 74 17.64 -21.81 48.76
N LYS A 75 17.33 -20.56 48.40
CA LYS A 75 16.11 -19.92 48.86
C LYS A 75 15.01 -19.95 47.82
N THR A 76 15.35 -20.09 46.54
CA THR A 76 14.37 -20.10 45.47
C THR A 76 14.79 -21.09 44.39
N VAL A 77 13.80 -21.73 43.78
CA VAL A 77 13.98 -22.66 42.66
C VAL A 77 13.12 -22.19 41.51
N ARG A 78 13.60 -22.33 40.29
CA ARG A 78 12.82 -21.99 39.10
C ARG A 78 12.51 -23.26 38.31
N PHE A 79 11.39 -23.28 37.63
CA PHE A 79 10.95 -24.42 36.83
C PHE A 79 10.46 -23.95 35.47
N PRO A 80 10.82 -24.62 34.37
CA PRO A 80 10.35 -24.21 33.05
C PRO A 80 9.01 -24.86 32.74
N ASP A 81 8.35 -24.31 31.72
CA ASP A 81 7.06 -24.79 31.24
C ASP A 81 6.95 -26.31 31.19
N GLY A 82 5.82 -26.82 31.68
CA GLY A 82 5.52 -28.24 31.62
C GLY A 82 6.12 -29.08 32.73
N GLN A 83 6.90 -28.49 33.64
CA GLN A 83 7.51 -29.24 34.73
C GLN A 83 6.71 -29.16 36.02
N ILE A 84 6.19 -27.98 36.39
CA ILE A 84 5.30 -27.87 37.53
C ILE A 84 3.92 -27.47 37.03
N TRP A 85 2.95 -27.50 37.94
CA TRP A 85 1.60 -27.09 37.60
C TRP A 85 1.56 -25.59 37.42
N LYS A 86 0.66 -25.14 36.56
CA LYS A 86 0.48 -23.74 36.24
C LYS A 86 -1.00 -23.47 36.14
N PRO A 87 -1.48 -22.29 36.54
CA PRO A 87 -2.88 -21.94 36.24
C PRO A 87 -3.10 -21.76 34.75
N ASP A 88 -4.22 -22.29 34.25
CA ASP A 88 -4.58 -22.16 32.84
C ASP A 88 -5.37 -20.88 32.57
N ILE A 89 -4.87 -19.76 33.07
CA ILE A 89 -5.54 -18.47 32.88
C ILE A 89 -5.21 -17.98 31.49
N LEU A 90 -6.24 -17.74 30.69
CA LEU A 90 -6.10 -17.28 29.32
C LEU A 90 -6.95 -16.03 29.11
N LEU A 91 -6.55 -15.24 28.13
CA LEU A 91 -7.37 -14.12 27.66
C LEU A 91 -8.53 -14.66 26.83
N TYR A 92 -9.76 -14.54 27.35
CA TYR A 92 -10.91 -15.12 26.68
C TYR A 92 -11.18 -14.45 25.34
N ASN A 93 -11.15 -13.12 25.30
CA ASN A 93 -11.44 -12.40 24.06
C ASN A 93 -10.17 -12.14 23.26
N SER A 94 -9.38 -13.19 23.09
CA SER A 94 -8.17 -13.10 22.31
C SER A 94 -8.48 -13.14 20.82
N ALA A 95 -7.79 -12.31 20.05
CA ALA A 95 -7.91 -12.26 18.60
C ALA A 95 -6.60 -12.66 17.92
N ASP A 96 -5.75 -13.41 18.60
CA ASP A 96 -4.47 -13.81 18.07
C ASP A 96 -4.59 -15.17 17.38
N GLU A 97 -3.85 -15.35 16.29
CA GLU A 97 -3.86 -16.61 15.57
C GLU A 97 -3.36 -17.76 16.43
N ARG A 98 -2.56 -17.50 17.45
CA ARG A 98 -2.15 -18.52 18.40
C ARG A 98 -3.07 -18.65 19.61
N PHE A 99 -3.89 -17.63 19.87
CA PHE A 99 -4.79 -17.50 21.02
C PHE A 99 -4.07 -17.29 22.36
N ASP A 100 -2.92 -17.93 22.56
CA ASP A 100 -2.07 -17.71 23.72
C ASP A 100 -0.87 -16.90 23.27
N ALA A 101 -0.81 -15.63 23.68
CA ALA A 101 0.28 -14.76 23.29
C ALA A 101 1.43 -14.77 24.27
N THR A 102 1.30 -15.46 25.39
CA THR A 102 2.31 -15.39 26.44
C THR A 102 3.58 -16.14 26.05
N PHE A 103 4.72 -15.59 26.47
CA PHE A 103 5.99 -16.30 26.41
C PHE A 103 6.19 -16.98 27.75
N HIS A 104 6.26 -18.30 27.73
CA HIS A 104 6.27 -19.12 28.94
C HIS A 104 7.65 -19.05 29.58
N THR A 105 7.81 -18.15 30.54
CA THR A 105 9.06 -18.01 31.28
C THR A 105 9.06 -19.01 32.44
N ASN A 106 10.07 -18.93 33.29
CA ASN A 106 10.15 -19.80 34.45
C ASN A 106 9.20 -19.33 35.53
N VAL A 107 8.75 -20.28 36.34
CA VAL A 107 7.93 -19.98 37.50
C VAL A 107 8.86 -19.96 38.70
N LEU A 108 8.83 -18.85 39.45
CA LEU A 108 9.65 -18.68 40.64
C LEU A 108 8.90 -19.17 41.87
N VAL A 109 9.58 -19.96 42.69
CA VAL A 109 9.01 -20.52 43.92
C VAL A 109 10.01 -20.33 45.05
N ASN A 110 9.54 -19.93 46.25
CA ASN A 110 10.44 -19.87 47.39
C ASN A 110 10.17 -21.09 48.26
N SER A 111 10.96 -21.21 49.34
CA SER A 111 10.89 -22.33 50.26
C SER A 111 9.52 -22.53 50.89
N SER A 112 8.69 -21.51 50.97
CA SER A 112 7.35 -21.65 51.51
C SER A 112 6.33 -22.11 50.47
N GLY A 113 6.73 -22.22 49.20
CA GLY A 113 5.85 -22.70 48.15
C GLY A 113 5.13 -21.63 47.38
N HIS A 114 5.43 -20.37 47.65
CA HIS A 114 4.80 -19.27 46.95
CA HIS A 114 4.82 -19.25 46.95
C HIS A 114 5.34 -19.17 45.51
N CYS A 115 4.48 -19.50 44.55
CA CYS A 115 4.85 -19.46 43.14
C CYS A 115 4.57 -18.10 42.52
N GLN A 116 5.47 -17.64 41.65
CA GLN A 116 5.37 -16.37 40.95
C GLN A 116 5.66 -16.62 39.48
N TYR A 117 4.66 -16.37 38.64
CA TYR A 117 4.74 -16.57 37.20
C TYR A 117 4.46 -15.24 36.51
N LEU A 118 5.43 -14.75 35.73
CA LEU A 118 5.37 -13.44 35.10
C LEU A 118 5.50 -13.58 33.58
N PRO A 119 4.50 -14.16 32.92
CA PRO A 119 4.57 -14.32 31.45
C PRO A 119 4.41 -13.00 30.73
N PRO A 120 5.38 -12.58 29.90
CA PRO A 120 5.16 -11.43 29.03
C PRO A 120 4.41 -11.84 27.76
N GLY A 121 3.91 -10.86 27.04
CA GLY A 121 3.32 -11.14 25.75
C GLY A 121 2.91 -9.88 25.01
N ILE A 122 2.68 -10.05 23.71
CA ILE A 122 2.08 -9.03 22.86
C ILE A 122 0.68 -9.53 22.56
N PHE A 123 -0.28 -9.10 23.36
CA PHE A 123 -1.63 -9.65 23.28
C PHE A 123 -2.45 -8.95 22.21
N LYS A 124 -3.30 -9.73 21.55
CA LYS A 124 -4.31 -9.21 20.63
C LYS A 124 -5.68 -9.59 21.14
N SER A 125 -6.48 -8.58 21.47
CA SER A 125 -7.79 -8.79 22.08
C SER A 125 -8.88 -8.26 21.16
N SER A 126 -10.02 -8.93 21.19
CA SER A 126 -11.17 -8.50 20.41
C SER A 126 -11.85 -7.34 21.13
N CYS A 127 -11.96 -6.20 20.46
CA CYS A 127 -12.52 -4.99 21.03
C CYS A 127 -13.42 -4.30 20.02
N TYR A 128 -14.62 -3.97 20.43
CA TYR A 128 -15.49 -3.15 19.59
C TYR A 128 -15.01 -1.70 19.64
N ILE A 129 -14.62 -1.17 18.49
CA ILE A 129 -14.12 0.19 18.39
C ILE A 129 -15.27 1.01 17.84
N ASP A 130 -15.62 2.07 18.57
CA ASP A 130 -16.70 2.97 18.18
C ASP A 130 -16.07 4.22 17.59
N VAL A 131 -16.18 4.37 16.28
CA VAL A 131 -15.60 5.50 15.57
C VAL A 131 -16.67 6.53 15.18
N ARG A 132 -17.78 6.56 15.92
CA ARG A 132 -18.80 7.59 15.71
C ARG A 132 -18.21 8.99 15.88
N TRP A 133 -17.38 9.18 16.90
CA TRP A 133 -16.85 10.48 17.26
C TRP A 133 -15.42 10.69 16.81
N PHE A 134 -14.91 9.78 15.97
CA PHE A 134 -13.59 9.93 15.39
C PHE A 134 -13.47 11.29 14.69
N PRO A 135 -12.41 12.07 14.95
CA PRO A 135 -11.16 11.76 15.66
C PRO A 135 -11.24 11.88 17.18
N PHE A 136 -12.35 12.37 17.75
CA PHE A 136 -12.47 12.62 19.18
C PHE A 136 -13.04 11.42 19.91
N ASP A 137 -12.78 10.22 19.43
CA ASP A 137 -13.42 9.05 20.02
C ASP A 137 -12.64 8.58 21.22
N VAL A 138 -13.32 7.77 22.03
CA VAL A 138 -12.78 7.22 23.26
C VAL A 138 -13.18 5.76 23.25
N GLN A 139 -12.23 4.88 23.53
CA GLN A 139 -12.47 3.45 23.45
C GLN A 139 -12.38 2.86 24.85
N HIS A 140 -13.13 1.78 25.05
CA HIS A 140 -13.17 1.05 26.30
C HIS A 140 -13.03 -0.40 25.88
N CYS A 141 -11.84 -0.95 26.07
CA CYS A 141 -11.49 -2.28 25.60
C CYS A 141 -11.32 -3.21 26.79
N LYS A 142 -12.06 -4.30 26.77
CA LYS A 142 -12.07 -5.24 27.86
C LYS A 142 -11.01 -6.30 27.60
N LEU A 143 -10.30 -6.69 28.64
CA LEU A 143 -9.36 -7.79 28.61
C LEU A 143 -9.84 -8.76 29.67
N LYS A 144 -10.55 -9.79 29.23
CA LYS A 144 -11.23 -10.73 30.11
C LYS A 144 -10.34 -11.95 30.31
N PHE A 145 -9.89 -12.16 31.54
CA PHE A 145 -9.02 -13.26 31.91
C PHE A 145 -9.74 -14.20 32.87
N GLY A 146 -9.55 -15.50 32.66
CA GLY A 146 -10.08 -16.50 33.57
C GLY A 146 -9.44 -17.83 33.25
N SER A 147 -9.71 -18.80 34.12
CA SER A 147 -9.23 -20.15 33.91
C SER A 147 -10.12 -20.88 32.90
N TRP A 148 -9.48 -21.57 31.96
CA TRP A 148 -10.20 -22.29 30.92
C TRP A 148 -11.05 -23.45 31.44
N SER A 149 -10.69 -24.07 32.58
CA SER A 149 -11.38 -25.28 33.03
C SER A 149 -11.68 -25.40 34.51
N TYR A 150 -11.26 -24.47 35.36
CA TYR A 150 -11.42 -24.59 36.80
C TYR A 150 -12.43 -23.58 37.30
N GLY A 151 -13.52 -24.06 37.90
CA GLY A 151 -14.45 -23.18 38.54
C GLY A 151 -13.87 -22.60 39.82
N GLY A 152 -14.70 -21.79 40.49
CA GLY A 152 -14.26 -21.05 41.66
C GLY A 152 -13.98 -21.87 42.89
N TRP A 153 -14.59 -23.06 43.03
CA TRP A 153 -14.23 -23.93 44.14
C TRP A 153 -12.92 -24.66 43.91
N SER A 154 -12.37 -24.61 42.71
CA SER A 154 -11.11 -25.25 42.37
C SER A 154 -10.02 -24.20 42.23
N LEU A 155 -10.20 -23.27 41.29
CA LEU A 155 -9.31 -22.14 41.10
C LEU A 155 -10.08 -20.88 41.51
N ASP A 156 -9.80 -20.38 42.70
CA ASP A 156 -10.38 -19.14 43.19
C ASP A 156 -9.54 -17.98 42.69
N LEU A 157 -9.98 -17.36 41.60
CA LEU A 157 -9.24 -16.29 40.95
C LEU A 157 -9.54 -14.97 41.64
N GLN A 158 -8.53 -14.39 42.28
CA GLN A 158 -8.60 -13.08 42.91
C GLN A 158 -7.83 -12.08 42.06
N MET A 159 -8.15 -10.80 42.25
CA MET A 159 -7.62 -9.72 41.44
C MET A 159 -6.81 -8.75 42.28
N GLN A 160 -5.74 -8.24 41.68
CA GLN A 160 -4.88 -7.23 42.26
C GLN A 160 -4.82 -6.07 41.28
N GLU A 161 -4.66 -4.86 41.82
CA GLU A 161 -4.72 -3.65 41.01
C GLU A 161 -3.62 -3.68 39.95
N ALA A 162 -3.98 -3.30 38.73
CA ALA A 162 -3.03 -3.35 37.62
C ALA A 162 -1.93 -2.32 37.81
N ASP A 163 -0.74 -2.67 37.34
CA ASP A 163 0.42 -1.78 37.39
C ASP A 163 0.59 -1.05 36.07
N ILE A 164 0.89 0.25 36.15
CA ILE A 164 1.22 1.06 34.99
C ILE A 164 2.50 1.86 35.24
N SER A 165 3.32 1.40 36.19
CA SER A 165 4.54 2.12 36.52
C SER A 165 5.54 2.10 35.37
N GLY A 166 5.50 1.07 34.53
CA GLY A 166 6.41 0.96 33.41
C GLY A 166 5.71 1.18 32.08
N TYR A 167 4.66 1.98 32.10
CA TYR A 167 3.89 2.23 30.89
C TYR A 167 4.59 3.27 30.02
N ILE A 168 4.74 2.96 28.75
CA ILE A 168 5.31 3.89 27.78
C ILE A 168 4.15 4.67 27.18
N PRO A 169 4.11 6.00 27.31
CA PRO A 169 3.03 6.74 26.66
C PRO A 169 3.07 6.56 25.16
N ASN A 170 1.90 6.44 24.57
CA ASN A 170 1.76 6.31 23.13
C ASN A 170 1.71 7.68 22.51
N GLY A 171 1.96 7.73 21.20
CA GLY A 171 1.79 8.95 20.44
C GLY A 171 0.45 9.11 19.78
N GLU A 172 -0.41 8.08 19.83
CA GLU A 172 -1.71 8.12 19.18
C GLU A 172 -2.86 8.14 20.18
N TRP A 173 -2.64 7.67 21.42
CA TRP A 173 -3.70 7.44 22.37
C TRP A 173 -3.25 7.86 23.76
N ASP A 174 -4.14 8.54 24.51
CA ASP A 174 -3.94 8.70 25.93
C ASP A 174 -4.41 7.45 26.65
N LEU A 175 -3.83 7.21 27.81
CA LEU A 175 -4.28 6.17 28.71
C LEU A 175 -5.05 6.87 29.82
N VAL A 176 -6.37 6.66 29.84
CA VAL A 176 -7.17 7.21 30.93
C VAL A 176 -7.00 6.36 32.18
N GLY A 177 -7.10 5.06 32.04
CA GLY A 177 -6.93 4.16 33.15
C GLY A 177 -7.11 2.74 32.69
N ILE A 178 -6.82 1.82 33.59
CA ILE A 178 -7.01 0.39 33.34
C ILE A 178 -7.61 -0.23 34.60
N PRO A 179 -8.83 0.13 34.97
CA PRO A 179 -9.45 -0.50 36.14
C PRO A 179 -9.82 -1.95 35.85
N GLY A 180 -9.72 -2.78 36.89
CA GLY A 180 -10.12 -4.16 36.80
C GLY A 180 -11.32 -4.47 37.67
N LYS A 181 -11.98 -5.59 37.42
CA LYS A 181 -13.13 -5.98 38.22
C LYS A 181 -13.28 -7.49 38.19
N ARG A 182 -13.25 -8.11 39.37
CA ARG A 182 -13.51 -9.54 39.49
C ARG A 182 -15.03 -9.77 39.50
N SER A 183 -15.51 -10.57 38.55
CA SER A 183 -16.93 -10.86 38.41
C SER A 183 -17.13 -12.37 38.38
N GLU A 184 -18.15 -12.84 39.09
CA GLU A 184 -18.50 -14.24 39.10
C GLU A 184 -19.57 -14.54 38.07
N ARG A 185 -19.60 -15.79 37.63
CA ARG A 185 -20.56 -16.28 36.66
C ARG A 185 -21.24 -17.49 37.30
N PHE A 186 -22.48 -17.74 36.89
CA PHE A 186 -23.21 -18.88 37.43
C PHE A 186 -23.88 -19.66 36.31
N TYR A 187 -23.88 -20.98 36.46
CA TYR A 187 -24.60 -21.91 35.61
C TYR A 187 -25.82 -22.41 36.37
N GLU A 188 -26.94 -22.56 35.66
CA GLU A 188 -28.18 -22.99 36.31
C GLU A 188 -28.06 -24.39 36.93
N CYS A 189 -27.09 -25.19 36.49
CA CYS A 189 -26.86 -26.50 37.10
C CYS A 189 -26.52 -26.37 38.57
N CYS A 190 -25.63 -25.42 38.89
CA CYS A 190 -24.80 -25.51 40.09
C CYS A 190 -24.73 -24.14 40.74
N LYS A 191 -24.22 -24.13 41.96
CA LYS A 191 -24.06 -22.92 42.76
C LYS A 191 -22.65 -22.35 42.71
N GLU A 192 -21.73 -23.03 42.04
CA GLU A 192 -20.33 -22.65 42.08
C GLU A 192 -20.08 -21.38 41.27
N PRO A 193 -19.40 -20.37 41.81
CA PRO A 193 -19.04 -19.23 40.98
C PRO A 193 -17.96 -19.60 39.97
N TYR A 194 -17.97 -18.88 38.86
CA TYR A 194 -16.98 -19.05 37.79
C TYR A 194 -16.31 -17.70 37.57
N PRO A 195 -15.22 -17.40 38.28
CA PRO A 195 -14.70 -16.04 38.26
C PRO A 195 -13.92 -15.70 37.00
N ASP A 196 -13.91 -14.41 36.70
CA ASP A 196 -13.05 -13.86 35.67
C ASP A 196 -12.58 -12.49 36.17
N VAL A 197 -11.48 -12.02 35.60
CA VAL A 197 -10.93 -10.72 35.91
C VAL A 197 -10.84 -9.95 34.60
N THR A 198 -11.59 -8.87 34.51
CA THR A 198 -11.64 -8.04 33.31
C THR A 198 -10.97 -6.71 33.59
N PHE A 199 -9.90 -6.42 32.86
CA PHE A 199 -9.27 -5.11 32.88
C PHE A 199 -9.78 -4.33 31.68
N THR A 200 -10.50 -3.24 31.95
CA THR A 200 -11.05 -2.40 30.89
C THR A 200 -10.05 -1.28 30.61
N VAL A 201 -9.39 -1.36 29.46
CA VAL A 201 -8.43 -0.34 29.08
C VAL A 201 -9.20 0.79 28.42
N THR A 202 -9.16 1.96 29.03
CA THR A 202 -9.84 3.14 28.55
C THR A 202 -8.80 4.09 27.97
N MET A 203 -9.03 4.56 26.75
CA MET A 203 -8.01 5.29 26.02
C MET A 203 -8.65 6.32 25.10
N ARG A 204 -8.07 7.51 25.09
CA ARG A 204 -8.59 8.64 24.33
C ARG A 204 -7.68 8.88 23.14
N ARG A 205 -8.26 9.07 21.97
CA ARG A 205 -7.46 9.33 20.79
C ARG A 205 -6.88 10.73 20.84
N ARG A 206 -5.58 10.84 20.64
CA ARG A 206 -4.98 12.16 20.54
C ARG A 206 -5.35 12.74 19.18
N THR A 207 -5.59 14.04 19.10
CA THR A 207 -6.15 14.69 17.92
C THR A 207 -5.26 15.74 17.29
N LEU A 208 -4.02 15.93 17.76
CA LEU A 208 -3.14 16.91 17.15
C LEU A 208 -2.80 16.52 15.71
N TYR A 209 -2.51 15.24 15.47
CA TYR A 209 -2.20 14.79 14.12
C TYR A 209 -3.36 15.08 13.18
N TYR A 210 -4.59 14.86 13.65
CA TYR A 210 -5.75 15.01 12.80
C TYR A 210 -6.12 16.47 12.62
N GLY A 211 -5.86 17.32 13.61
CA GLY A 211 -6.07 18.73 13.41
C GLY A 211 -5.14 19.32 12.37
N LEU A 212 -3.85 18.99 12.45
CA LEU A 212 -2.84 19.59 11.59
C LEU A 212 -2.75 19.01 10.20
N ASN A 213 -3.04 17.72 10.02
CA ASN A 213 -2.97 17.10 8.71
C ASN A 213 -4.32 16.90 8.04
N LEU A 214 -5.44 17.30 8.65
CA LEU A 214 -6.73 17.20 7.97
C LEU A 214 -7.57 18.47 8.01
N LEU A 215 -7.93 18.94 9.21
CA LEU A 215 -8.73 20.16 9.32
C LEU A 215 -8.11 21.35 8.62
N ILE A 216 -6.82 21.58 8.83
CA ILE A 216 -6.18 22.77 8.29
C ILE A 216 -6.09 22.60 6.77
N PRO A 217 -5.61 21.48 6.23
CA PRO A 217 -5.68 21.31 4.78
C PRO A 217 -7.11 21.30 4.26
N CYS A 218 -8.09 20.92 5.08
CA CYS A 218 -9.47 20.86 4.62
C CYS A 218 -10.14 22.23 4.70
N VAL A 219 -9.95 22.95 5.81
CA VAL A 219 -10.50 24.29 5.94
C VAL A 219 -9.92 25.22 4.88
N LEU A 220 -8.59 25.17 4.69
CA LEU A 220 -7.95 26.01 3.69
C LEU A 220 -8.49 25.73 2.29
N ILE A 221 -8.67 24.46 1.93
CA ILE A 221 -9.22 24.19 0.62
C ILE A 221 -10.69 24.62 0.59
N SER A 222 -11.41 24.47 1.70
CA SER A 222 -12.79 24.91 1.79
C SER A 222 -12.92 26.42 1.73
N ALA A 223 -11.87 27.15 2.12
CA ALA A 223 -11.91 28.61 2.04
C ALA A 223 -11.63 29.09 0.63
N LEU A 224 -10.79 28.39 -0.11
CA LEU A 224 -10.47 28.79 -1.47
C LEU A 224 -11.69 28.67 -2.37
N ALA A 225 -12.59 27.73 -2.05
CA ALA A 225 -13.81 27.60 -2.84
C ALA A 225 -14.68 28.83 -2.66
N LEU A 226 -14.64 29.45 -1.49
CA LEU A 226 -15.39 30.68 -1.25
C LEU A 226 -14.75 31.87 -1.92
N LEU A 227 -13.45 31.76 -2.23
CA LEU A 227 -12.73 32.81 -2.93
C LEU A 227 -13.26 33.04 -4.35
N VAL A 228 -13.95 32.06 -4.94
CA VAL A 228 -14.53 32.23 -6.27
C VAL A 228 -15.50 33.41 -6.30
N PHE A 229 -16.18 33.66 -5.18
CA PHE A 229 -17.18 34.71 -5.15
C PHE A 229 -16.55 36.09 -5.17
N LEU A 230 -15.29 36.23 -4.77
CA LEU A 230 -14.61 37.50 -4.88
C LEU A 230 -13.92 37.68 -6.22
N LEU A 231 -13.76 36.61 -7.00
CA LEU A 231 -13.10 36.70 -8.30
C LEU A 231 -14.04 37.33 -9.32
N PRO A 232 -13.62 38.37 -10.05
CA PRO A 232 -14.48 38.89 -11.12
C PRO A 232 -14.85 37.84 -12.15
N ALA A 233 -15.98 38.08 -12.81
CA ALA A 233 -16.41 37.20 -13.89
C ALA A 233 -15.63 37.43 -15.17
N ASP A 234 -14.90 38.54 -15.26
CA ASP A 234 -14.15 38.84 -16.46
C ASP A 234 -12.77 38.21 -16.46
N SER A 235 -12.32 37.68 -15.32
CA SER A 235 -11.06 36.97 -15.27
C SER A 235 -11.06 35.76 -16.20
N GLY A 236 -12.23 35.17 -16.42
CA GLY A 236 -12.30 33.96 -17.20
C GLY A 236 -11.78 32.75 -16.48
N GLU A 237 -11.70 32.80 -15.14
CA GLU A 237 -11.09 31.73 -14.36
C GLU A 237 -11.95 31.30 -13.17
N LYS A 238 -13.22 31.65 -13.14
CA LYS A 238 -14.07 31.32 -12.00
C LYS A 238 -14.35 29.82 -11.91
N ILE A 239 -14.63 29.19 -13.03
CA ILE A 239 -14.80 27.75 -13.04
C ILE A 239 -13.47 27.06 -12.81
N SER A 240 -12.40 27.60 -13.40
CA SER A 240 -11.06 27.06 -13.20
C SER A 240 -10.73 26.95 -11.72
N LEU A 241 -10.96 28.03 -10.96
CA LEU A 241 -10.68 28.02 -9.53
C LEU A 241 -11.54 27.00 -8.81
N GLY A 242 -12.86 27.08 -9.00
CA GLY A 242 -13.75 26.22 -8.24
C GLY A 242 -13.58 24.74 -8.57
N ILE A 243 -13.49 24.42 -9.85
CA ILE A 243 -13.43 23.02 -10.23
C ILE A 243 -12.07 22.42 -9.89
N THR A 244 -11.01 23.22 -9.90
CA THR A 244 -9.71 22.72 -9.48
C THR A 244 -9.63 22.58 -7.98
N VAL A 245 -10.33 23.44 -7.24
CA VAL A 245 -10.43 23.27 -5.79
C VAL A 245 -11.15 21.97 -5.47
N LEU A 246 -12.21 21.66 -6.22
CA LEU A 246 -12.89 20.39 -6.05
C LEU A 246 -11.97 19.24 -6.41
N LEU A 247 -11.24 19.38 -7.52
CA LEU A 247 -10.25 18.37 -7.90
C LEU A 247 -9.22 18.17 -6.80
N SER A 248 -8.71 19.25 -6.23
CA SER A 248 -7.79 19.15 -5.10
C SER A 248 -8.44 18.38 -3.96
N LEU A 249 -9.70 18.64 -3.70
CA LEU A 249 -10.41 17.97 -2.61
C LEU A 249 -10.65 16.49 -2.97
N THR A 250 -10.85 16.19 -4.25
CA THR A 250 -10.90 14.79 -4.68
C THR A 250 -9.54 14.12 -4.42
N VAL A 251 -8.45 14.85 -4.64
CA VAL A 251 -7.12 14.31 -4.42
C VAL A 251 -6.87 14.16 -2.93
N PHE A 252 -7.37 15.10 -2.15
CA PHE A 252 -7.21 15.03 -0.71
C PHE A 252 -8.05 13.91 -0.12
N MET A 253 -9.16 13.55 -0.79
CA MET A 253 -10.02 12.48 -0.33
C MET A 253 -9.31 11.14 -0.33
N LEU A 254 -8.31 10.98 -1.20
CA LEU A 254 -7.50 9.79 -1.21
C LEU A 254 -6.67 9.68 0.07
N LEU A 255 -6.00 10.74 0.51
CA LEU A 255 -5.31 10.73 1.80
C LEU A 255 -6.29 10.40 2.91
N VAL A 256 -7.46 11.07 2.91
CA VAL A 256 -8.48 10.83 3.91
C VAL A 256 -8.89 9.36 3.91
N ALA A 257 -8.89 8.71 2.74
CA ALA A 257 -9.30 7.33 2.62
C ALA A 257 -8.49 6.40 3.53
N GLU A 258 -7.17 6.46 3.42
CA GLU A 258 -6.28 5.60 4.19
C GLU A 258 -6.60 5.62 5.68
N ILE A 259 -6.67 6.82 6.27
CA ILE A 259 -6.84 6.97 7.71
C ILE A 259 -8.26 6.69 8.18
N MET A 260 -9.27 7.05 7.37
CA MET A 260 -10.67 6.87 7.73
C MET A 260 -10.93 5.43 8.13
N PRO A 261 -11.86 5.16 9.06
CA PRO A 261 -12.19 3.75 9.31
C PRO A 261 -12.96 3.18 8.13
N ALA A 262 -13.42 1.94 8.23
CA ALA A 262 -14.27 1.37 7.17
C ALA A 262 -15.33 0.52 7.86
N THR A 263 -16.36 1.20 8.36
CA THR A 263 -17.48 0.55 9.02
C THR A 263 -18.78 1.15 8.52
N SER A 264 -19.88 0.49 8.87
CA SER A 264 -21.22 0.95 8.60
C SER A 264 -22.05 0.94 9.88
N ASP A 265 -21.38 0.99 11.03
CA ASP A 265 -22.03 1.03 12.33
C ASP A 265 -22.55 2.41 12.64
N SER A 266 -22.02 3.43 11.97
CA SER A 266 -22.39 4.82 12.15
C SER A 266 -21.64 5.60 11.08
N VAL A 267 -21.99 6.88 10.95
CA VAL A 267 -21.24 7.81 10.12
C VAL A 267 -20.24 8.52 11.04
N PRO A 268 -18.93 8.33 10.85
CA PRO A 268 -17.97 9.03 11.72
C PRO A 268 -18.11 10.54 11.59
N LEU A 269 -17.79 11.24 12.70
CA LEU A 269 -17.85 12.70 12.70
C LEU A 269 -16.96 13.27 11.61
N ILE A 270 -15.81 12.66 11.38
CA ILE A 270 -14.89 13.15 10.38
C ILE A 270 -15.48 13.00 8.99
N ALA A 271 -16.23 11.90 8.77
CA ALA A 271 -16.89 11.70 7.49
C ALA A 271 -18.00 12.71 7.26
N GLN A 272 -18.70 13.12 8.33
CA GLN A 272 -19.69 14.18 8.17
C GLN A 272 -19.03 15.49 7.77
N TYR A 273 -17.91 15.84 8.40
CA TYR A 273 -17.28 17.11 8.12
C TYR A 273 -16.73 17.14 6.68
N PHE A 274 -16.01 16.09 6.26
CA PHE A 274 -15.50 16.08 4.89
C PHE A 274 -16.62 15.95 3.88
N ALA A 275 -17.64 15.14 4.19
CA ALA A 275 -18.77 15.03 3.28
C ALA A 275 -19.44 16.38 3.09
N SER A 276 -19.58 17.14 4.17
CA SER A 276 -20.22 18.45 4.09
C SER A 276 -19.36 19.39 3.25
N THR A 277 -18.06 19.39 3.50
CA THR A 277 -17.11 20.17 2.71
C THR A 277 -17.31 19.92 1.21
N MET A 278 -17.47 18.65 0.80
CA MET A 278 -17.66 18.36 -0.61
C MET A 278 -18.91 19.06 -1.14
N ILE A 279 -20.04 18.93 -0.41
CA ILE A 279 -21.30 19.54 -0.84
C ILE A 279 -21.14 21.05 -1.00
N ILE A 280 -20.51 21.70 -0.01
CA ILE A 280 -20.38 23.16 -0.06
C ILE A 280 -19.53 23.59 -1.24
N VAL A 281 -18.46 22.83 -1.53
CA VAL A 281 -17.62 23.18 -2.65
C VAL A 281 -18.34 22.84 -3.96
N GLY A 282 -19.10 21.75 -3.97
CA GLY A 282 -19.83 21.39 -5.17
C GLY A 282 -20.89 22.42 -5.49
N LEU A 283 -21.57 22.92 -4.46
CA LEU A 283 -22.63 23.90 -4.64
C LEU A 283 -22.03 25.24 -5.04
N SER A 284 -20.84 25.55 -4.54
CA SER A 284 -20.16 26.76 -4.96
C SER A 284 -19.93 26.75 -6.47
N VAL A 285 -19.50 25.62 -7.02
CA VAL A 285 -19.39 25.50 -8.47
C VAL A 285 -20.76 25.64 -9.14
N VAL A 286 -21.83 25.17 -8.48
CA VAL A 286 -23.17 25.32 -9.04
C VAL A 286 -23.56 26.79 -9.11
N VAL A 287 -23.44 27.51 -8.01
CA VAL A 287 -23.82 28.92 -8.03
C VAL A 287 -22.89 29.74 -8.90
N THR A 288 -21.64 29.28 -9.07
CA THR A 288 -20.75 29.97 -9.99
C THR A 288 -21.27 29.91 -11.41
N VAL A 289 -21.79 28.74 -11.81
CA VAL A 289 -22.38 28.58 -13.13
C VAL A 289 -23.60 29.48 -13.27
N ILE A 290 -24.41 29.58 -12.22
CA ILE A 290 -25.57 30.47 -12.26
C ILE A 290 -25.11 31.93 -12.37
N VAL A 291 -24.05 32.29 -11.67
CA VAL A 291 -23.52 33.65 -11.75
C VAL A 291 -23.08 33.96 -13.18
N LEU A 292 -22.41 33.01 -13.83
CA LEU A 292 -21.93 33.26 -15.17
C LEU A 292 -23.07 33.37 -16.17
N GLN A 293 -24.21 32.75 -15.89
CA GLN A 293 -25.35 32.90 -16.76
C GLN A 293 -25.88 34.32 -16.72
N TYR A 294 -25.83 34.93 -15.54
CA TYR A 294 -26.20 36.33 -15.42
C TYR A 294 -25.16 37.21 -16.09
N HIS A 295 -23.87 36.94 -15.84
CA HIS A 295 -22.80 37.78 -16.38
C HIS A 295 -22.76 37.74 -17.90
N HIS A 296 -23.00 36.57 -18.49
CA HIS A 296 -22.91 36.36 -19.92
C HIS A 296 -24.29 36.31 -20.58
N HIS A 297 -25.32 36.83 -19.92
CA HIS A 297 -26.66 36.80 -20.48
C HIS A 297 -26.72 37.62 -21.77
N ASP A 298 -27.42 37.08 -22.75
CA ASP A 298 -27.55 37.72 -24.04
C ASP A 298 -28.27 39.07 -23.91
N PRO A 299 -27.73 40.17 -24.45
CA PRO A 299 -28.48 41.44 -24.38
C PRO A 299 -29.82 41.40 -25.07
N ASP A 300 -30.01 40.49 -26.03
CA ASP A 300 -31.21 40.40 -26.83
C ASP A 300 -32.05 39.18 -26.45
N GLY A 301 -31.90 38.71 -25.22
CA GLY A 301 -32.67 37.63 -24.66
C GLY A 301 -33.85 38.13 -23.86
N GLY A 302 -34.25 37.34 -22.86
CA GLY A 302 -35.40 37.71 -22.06
C GLY A 302 -35.08 38.87 -21.13
N LYS A 303 -35.96 39.87 -21.13
CA LYS A 303 -35.78 41.03 -20.27
C LYS A 303 -35.77 40.61 -18.80
N MET A 304 -34.85 41.21 -18.02
CA MET A 304 -34.70 40.99 -16.59
C MET A 304 -36.06 40.99 -15.91
N PRO A 305 -36.55 39.85 -15.36
CA PRO A 305 -37.87 39.86 -14.70
C PRO A 305 -38.02 40.94 -13.64
N LYS A 306 -39.27 41.29 -13.33
CA LYS A 306 -39.52 42.28 -12.29
C LYS A 306 -38.97 41.79 -10.96
N TRP A 307 -39.24 40.54 -10.63
CA TRP A 307 -38.81 40.00 -9.36
C TRP A 307 -37.28 39.90 -9.30
N THR A 308 -36.65 39.52 -10.41
CA THR A 308 -35.19 39.55 -10.48
C THR A 308 -34.67 40.97 -10.27
N ARG A 309 -35.28 41.93 -10.95
CA ARG A 309 -34.86 43.32 -10.79
C ARG A 309 -35.15 43.82 -9.38
N VAL A 310 -36.25 43.36 -8.79
CA VAL A 310 -36.63 43.84 -7.47
C VAL A 310 -35.76 43.22 -6.40
N ILE A 311 -35.64 41.89 -6.42
CA ILE A 311 -34.86 41.18 -5.41
C ILE A 311 -33.40 41.61 -5.44
N LEU A 312 -32.76 41.52 -6.59
CA LEU A 312 -31.32 41.71 -6.65
C LEU A 312 -30.92 43.17 -6.70
N LEU A 313 -31.43 43.91 -7.69
CA LEU A 313 -30.92 45.25 -7.96
C LEU A 313 -31.37 46.29 -6.96
N ASN A 314 -32.42 46.02 -6.18
CA ASN A 314 -32.95 46.98 -5.22
C ASN A 314 -32.78 46.51 -3.77
N TRP A 315 -33.36 45.37 -3.40
CA TRP A 315 -33.31 44.97 -1.99
C TRP A 315 -31.93 44.49 -1.60
N CYS A 316 -31.49 43.39 -2.22
CA CYS A 316 -30.18 42.81 -1.90
C CYS A 316 -29.06 43.80 -2.18
N ALA A 317 -29.19 44.60 -3.24
CA ALA A 317 -28.14 45.56 -3.55
C ALA A 317 -28.11 46.72 -2.57
N TRP A 318 -29.20 46.92 -1.82
CA TRP A 318 -29.24 47.94 -0.78
C TRP A 318 -28.77 47.38 0.55
N PHE A 319 -29.19 46.15 0.87
CA PHE A 319 -28.72 45.49 2.09
C PHE A 319 -27.21 45.41 2.12
N LEU A 320 -26.60 45.04 1.00
CA LEU A 320 -25.15 44.90 0.89
C LEU A 320 -24.44 46.21 0.60
N ARG A 321 -25.18 47.33 0.54
CA ARG A 321 -24.65 48.64 0.16
C ARG A 321 -23.71 48.57 -1.03
N MET A 322 -24.24 48.23 -2.20
CA MET A 322 -23.44 48.01 -3.40
C MET A 322 -23.72 49.06 -4.46
N LYS A 323 -24.95 49.18 -4.92
CA LYS A 323 -25.34 50.18 -5.91
C LYS A 323 -24.58 50.01 -7.22
N PRO A 479 -27.95 67.17 -52.38
CA PRO A 479 -28.09 65.84 -52.98
C PRO A 479 -27.10 64.84 -52.39
N ASP A 480 -25.81 65.00 -52.72
CA ASP A 480 -24.79 64.16 -52.10
C ASP A 480 -24.78 64.34 -50.59
N LEU A 481 -24.91 65.59 -50.13
CA LEU A 481 -24.78 65.86 -48.71
C LEU A 481 -25.90 65.19 -47.90
N ALA A 482 -27.09 65.07 -48.48
CA ALA A 482 -28.17 64.40 -47.78
C ALA A 482 -27.90 62.92 -47.63
N LYS A 483 -27.26 62.31 -48.64
CA LYS A 483 -26.95 60.91 -48.52
C LYS A 483 -25.82 60.69 -47.54
N ILE A 484 -24.87 61.63 -47.46
CA ILE A 484 -23.87 61.60 -46.41
C ILE A 484 -24.53 61.64 -45.05
N LEU A 485 -25.55 62.49 -44.89
CA LEU A 485 -26.26 62.51 -43.61
C LEU A 485 -26.85 61.15 -43.32
N GLU A 486 -27.38 60.47 -44.34
CA GLU A 486 -27.96 59.16 -44.10
C GLU A 486 -26.92 58.15 -43.61
N GLU A 487 -25.84 57.95 -44.32
CA GLU A 487 -24.79 57.06 -43.93
C GLU A 487 -24.19 57.38 -42.55
N VAL A 488 -23.85 58.63 -42.28
CA VAL A 488 -23.28 59.01 -41.00
C VAL A 488 -24.27 58.75 -39.87
N ARG A 489 -25.55 58.99 -40.13
CA ARG A 489 -26.50 58.76 -39.10
C ARG A 489 -26.61 57.29 -38.84
N TYR A 490 -26.54 56.45 -39.88
CA TYR A 490 -26.54 55.00 -39.65
C TYR A 490 -25.41 54.60 -38.73
N ILE A 491 -24.21 55.13 -38.96
CA ILE A 491 -23.06 54.77 -38.11
C ILE A 491 -23.32 55.18 -36.66
N ALA A 492 -23.84 56.39 -36.47
CA ALA A 492 -24.03 56.89 -35.11
C ALA A 492 -25.16 56.16 -34.40
N ASN A 493 -26.28 55.93 -35.07
CA ASN A 493 -27.37 55.19 -34.46
C ASN A 493 -26.99 53.74 -34.21
N ARG A 494 -26.08 53.18 -35.00
CA ARG A 494 -25.55 51.86 -34.68
C ARG A 494 -24.74 51.90 -33.40
N PHE A 495 -23.94 52.96 -33.21
CA PHE A 495 -23.23 53.07 -31.94
C PHE A 495 -24.21 53.26 -30.79
N ARG A 496 -25.34 53.91 -31.04
CA ARG A 496 -26.32 54.10 -29.98
C ARG A 496 -26.96 52.78 -29.57
N CYS A 497 -27.32 51.95 -30.56
CA CYS A 497 -27.86 50.62 -30.24
C CYS A 497 -26.83 49.77 -29.51
N GLN A 498 -25.57 49.80 -29.97
CA GLN A 498 -24.52 49.07 -29.28
C GLN A 498 -24.39 49.51 -27.83
N ASP A 499 -24.56 50.81 -27.56
CA ASP A 499 -24.47 51.28 -26.17
C ASP A 499 -25.69 50.88 -25.36
N GLU A 500 -26.86 50.81 -25.98
CA GLU A 500 -28.03 50.36 -25.24
C GLU A 500 -27.88 48.89 -24.86
N SER A 501 -27.34 48.09 -25.76
CA SER A 501 -27.12 46.69 -25.45
C SER A 501 -26.03 46.52 -24.41
N GLU A 502 -25.03 47.41 -24.43
CA GLU A 502 -24.00 47.37 -23.41
C GLU A 502 -24.56 47.73 -22.05
N ALA A 503 -25.57 48.61 -22.00
CA ALA A 503 -26.13 48.99 -20.71
C ALA A 503 -27.03 47.90 -20.15
N VAL A 504 -27.82 47.25 -21.01
CA VAL A 504 -28.57 46.07 -20.56
C VAL A 504 -27.61 45.01 -20.03
N CYS A 505 -26.50 44.82 -20.74
CA CYS A 505 -25.52 43.84 -20.29
C CYS A 505 -24.90 44.24 -18.97
N SER A 506 -24.62 45.53 -18.78
CA SER A 506 -24.11 46.01 -17.50
C SER A 506 -25.08 45.74 -16.37
N GLU A 507 -26.37 45.79 -16.65
CA GLU A 507 -27.33 45.53 -15.57
C GLU A 507 -27.38 44.04 -15.24
N TRP A 508 -27.23 43.19 -16.24
CA TRP A 508 -27.12 41.76 -15.93
C TRP A 508 -25.81 41.46 -15.20
N LYS A 509 -24.76 42.20 -15.52
CA LYS A 509 -23.46 41.96 -14.90
C LYS A 509 -23.46 42.39 -13.45
N PHE A 510 -24.16 43.50 -13.15
CA PHE A 510 -24.29 43.93 -11.77
C PHE A 510 -25.18 42.97 -11.00
N ALA A 511 -26.20 42.42 -11.65
CA ALA A 511 -26.99 41.38 -10.99
C ALA A 511 -26.12 40.19 -10.63
N ALA A 512 -25.14 39.87 -11.48
CA ALA A 512 -24.26 38.75 -11.16
C ALA A 512 -23.29 39.10 -10.04
N CYS A 513 -22.86 40.36 -9.97
CA CYS A 513 -22.02 40.77 -8.85
C CYS A 513 -22.79 40.70 -7.53
N VAL A 514 -24.09 40.99 -7.59
CA VAL A 514 -24.90 40.94 -6.38
C VAL A 514 -25.10 39.50 -5.95
N VAL A 515 -25.35 38.61 -6.91
CA VAL A 515 -25.47 37.19 -6.57
C VAL A 515 -24.15 36.67 -6.03
N ASP A 516 -23.02 37.20 -6.50
CA ASP A 516 -21.73 36.79 -5.94
C ASP A 516 -21.60 37.21 -4.48
N ARG A 517 -21.96 38.45 -4.16
CA ARG A 517 -21.84 38.88 -2.77
C ARG A 517 -22.79 38.11 -1.86
N LEU A 518 -23.99 37.78 -2.37
CA LEU A 518 -24.92 37.00 -1.56
C LEU A 518 -24.41 35.58 -1.37
N CYS A 519 -23.87 34.98 -2.44
CA CYS A 519 -23.38 33.62 -2.33
C CYS A 519 -22.18 33.57 -1.42
N LEU A 520 -21.39 34.66 -1.41
CA LEU A 520 -20.24 34.74 -0.53
C LEU A 520 -20.69 34.68 0.92
N MET A 521 -21.64 35.54 1.27
CA MET A 521 -22.11 35.57 2.65
C MET A 521 -22.77 34.25 3.03
N ALA A 522 -23.68 33.75 2.18
CA ALA A 522 -24.40 32.53 2.48
C ALA A 522 -23.45 31.36 2.67
N PHE A 523 -22.43 31.25 1.82
CA PHE A 523 -21.56 30.08 1.89
C PHE A 523 -20.59 30.23 3.04
N SER A 524 -20.12 31.45 3.32
CA SER A 524 -19.23 31.63 4.46
C SER A 524 -19.95 31.27 5.76
N VAL A 525 -21.22 31.66 5.87
CA VAL A 525 -21.96 31.35 7.09
C VAL A 525 -22.20 29.84 7.18
N PHE A 526 -22.67 29.23 6.10
CA PHE A 526 -22.89 27.78 6.09
C PHE A 526 -21.61 27.03 6.44
N THR A 527 -20.47 27.46 5.87
CA THR A 527 -19.20 26.82 6.13
C THR A 527 -18.84 26.88 7.61
N ILE A 528 -18.89 28.08 8.20
CA ILE A 528 -18.56 28.21 9.62
C ILE A 528 -19.51 27.40 10.49
N ILE A 529 -20.82 27.49 10.24
CA ILE A 529 -21.76 26.73 11.08
C ILE A 529 -21.59 25.23 10.93
N CYS A 530 -21.24 24.73 9.74
CA CYS A 530 -21.02 23.30 9.63
C CYS A 530 -19.70 22.86 10.24
N THR A 531 -18.68 23.70 10.16
CA THR A 531 -17.40 23.36 10.79
C THR A 531 -17.54 23.34 12.31
N ILE A 532 -17.98 24.46 12.89
CA ILE A 532 -18.06 24.54 14.35
C ILE A 532 -19.13 23.59 14.88
N GLY A 533 -20.19 23.33 14.12
CA GLY A 533 -21.24 22.48 14.61
C GLY A 533 -20.86 21.02 14.59
N ILE A 534 -20.34 20.52 13.46
CA ILE A 534 -19.88 19.15 13.41
C ILE A 534 -18.77 18.92 14.42
N LEU A 535 -17.74 19.78 14.43
CA LEU A 535 -16.62 19.54 15.32
C LEU A 535 -17.03 19.60 16.79
N MET A 536 -17.74 20.66 17.21
CA MET A 536 -18.08 20.76 18.63
C MET A 536 -19.23 19.86 19.05
N SER A 537 -19.86 19.15 18.12
CA SER A 537 -20.84 18.13 18.49
C SER A 537 -20.19 17.04 19.36
N ALA A 538 -18.94 16.70 19.07
CA ALA A 538 -18.24 15.64 19.79
C ALA A 538 -18.27 15.89 21.30
N PRO A 539 -18.70 14.92 22.13
CA PRO A 539 -18.75 15.18 23.58
C PRO A 539 -17.41 15.48 24.21
N ASN A 540 -16.31 15.02 23.60
CA ASN A 540 -14.96 15.24 24.12
C ASN A 540 -14.21 16.34 23.38
N PHE A 541 -14.91 17.26 22.72
CA PHE A 541 -14.19 18.24 21.89
C PHE A 541 -13.36 19.19 22.75
N VAL A 542 -14.00 19.88 23.70
CA VAL A 542 -13.31 20.89 24.49
C VAL A 542 -12.14 20.27 25.25
N GLU A 543 -12.35 19.12 25.85
CA GLU A 543 -11.26 18.43 26.51
C GLU A 543 -10.17 18.13 25.55
N ALA A 544 -10.53 17.53 24.43
CA ALA A 544 -9.52 17.12 23.44
C ALA A 544 -8.64 18.29 23.04
N VAL A 545 -9.25 19.42 22.66
CA VAL A 545 -8.43 20.56 22.23
C VAL A 545 -7.63 21.09 23.41
N SER A 546 -8.17 20.99 24.62
CA SER A 546 -7.46 21.51 25.79
C SER A 546 -6.21 20.70 26.08
N LYS A 547 -6.26 19.38 25.88
CA LYS A 547 -5.12 18.53 26.18
C LYS A 547 -4.15 18.39 25.02
N ASP A 548 -4.62 18.51 23.78
CA ASP A 548 -3.79 18.23 22.62
C ASP A 548 -3.24 19.49 21.95
N PHE A 549 -3.81 20.65 22.22
CA PHE A 549 -3.35 21.92 21.65
C PHE A 549 -2.96 22.87 22.78
N GLU B 1 -3.65 -35.38 46.87
CA GLU B 1 -3.45 -36.79 47.32
C GLU B 1 -4.43 -37.72 46.61
N PHE B 2 -5.73 -37.48 46.76
CA PHE B 2 -6.70 -38.22 45.95
C PHE B 2 -6.57 -37.86 44.49
N GLN B 3 -6.33 -36.58 44.22
CA GLN B 3 -6.08 -36.14 42.86
C GLN B 3 -4.84 -36.81 42.29
N ARG B 4 -3.76 -36.84 43.07
CA ARG B 4 -2.53 -37.44 42.59
C ARG B 4 -2.72 -38.93 42.32
N LYS B 5 -3.41 -39.63 43.22
CA LYS B 5 -3.71 -41.04 43.02
C LYS B 5 -4.54 -41.25 41.75
N LEU B 6 -5.53 -40.39 41.53
CA LEU B 6 -6.41 -40.55 40.39
C LEU B 6 -5.67 -40.35 39.06
N TYR B 7 -4.84 -39.31 38.97
CA TYR B 7 -4.11 -39.06 37.72
C TYR B 7 -3.17 -40.20 37.41
N LYS B 8 -2.49 -40.73 38.43
CA LYS B 8 -1.60 -41.87 38.20
C LYS B 8 -2.42 -43.08 37.78
N GLU B 9 -3.60 -43.25 38.36
CA GLU B 9 -4.42 -44.42 38.06
C GLU B 9 -5.03 -44.33 36.66
N LEU B 10 -5.41 -43.13 36.23
CA LEU B 10 -6.10 -43.02 34.95
C LEU B 10 -5.17 -43.27 33.77
N VAL B 11 -3.89 -42.91 33.89
CA VAL B 11 -2.98 -43.04 32.77
C VAL B 11 -2.41 -44.45 32.63
N LYS B 12 -2.55 -45.28 33.66
CA LYS B 12 -2.07 -46.66 33.62
C LYS B 12 -2.67 -47.43 32.44
N ASN B 13 -1.82 -47.84 31.51
CA ASN B 13 -2.20 -48.58 30.30
C ASN B 13 -3.09 -47.79 29.37
N TYR B 14 -3.07 -46.46 29.44
CA TYR B 14 -3.93 -45.67 28.58
C TYR B 14 -3.15 -45.39 27.31
N ASN B 15 -3.79 -45.62 26.17
CA ASN B 15 -3.17 -45.40 24.87
C ASN B 15 -3.90 -44.26 24.17
N PRO B 16 -3.30 -43.10 23.95
CA PRO B 16 -4.02 -42.03 23.25
C PRO B 16 -4.30 -42.34 21.79
N LEU B 17 -3.79 -43.45 21.25
CA LEU B 17 -4.13 -43.88 19.90
C LEU B 17 -5.47 -44.60 19.84
N GLU B 18 -6.01 -45.03 20.98
CA GLU B 18 -7.19 -45.87 21.04
C GLU B 18 -8.46 -45.02 21.07
N ARG B 19 -9.36 -45.26 20.12
CA ARG B 19 -10.71 -44.74 20.22
C ARG B 19 -11.36 -45.33 21.47
N PRO B 20 -11.81 -44.51 22.45
CA PRO B 20 -12.17 -45.09 23.76
C PRO B 20 -13.60 -45.60 23.91
N VAL B 21 -13.87 -46.80 23.34
CA VAL B 21 -15.16 -47.47 23.40
C VAL B 21 -15.00 -48.77 24.16
N ALA B 22 -16.01 -49.17 24.93
CA ALA B 22 -16.00 -50.47 25.65
C ALA B 22 -16.08 -51.59 24.61
N ASN B 23 -16.85 -51.40 23.53
CA ASN B 23 -17.01 -52.39 22.44
C ASN B 23 -16.35 -51.79 21.18
N ASP B 24 -15.36 -52.47 20.60
CA ASP B 24 -14.60 -51.93 19.44
C ASP B 24 -15.44 -51.99 18.16
N SER B 25 -16.54 -52.75 18.13
CA SER B 25 -17.42 -52.75 16.97
C SER B 25 -18.44 -51.62 17.02
N GLN B 26 -18.86 -51.21 18.21
CA GLN B 26 -19.83 -50.14 18.33
C GLN B 26 -19.21 -48.76 18.11
N PRO B 27 -20.03 -47.76 17.75
CA PRO B 27 -19.49 -46.45 17.41
C PRO B 27 -19.26 -45.60 18.65
N LEU B 28 -18.55 -44.51 18.44
CA LEU B 28 -18.29 -43.53 19.49
C LEU B 28 -18.95 -42.25 19.03
N THR B 29 -19.90 -41.76 19.83
CA THR B 29 -20.63 -40.57 19.47
C THR B 29 -19.84 -39.33 19.89
N VAL B 30 -19.82 -38.33 18.99
CA VAL B 30 -19.15 -37.06 19.24
C VAL B 30 -20.18 -35.99 18.92
N TYR B 31 -20.46 -35.14 19.90
CA TYR B 31 -21.38 -34.02 19.71
C TYR B 31 -20.55 -32.82 19.31
N PHE B 32 -20.82 -32.26 18.14
CA PHE B 32 -20.02 -31.18 17.61
C PHE B 32 -20.89 -29.95 17.47
N SER B 33 -20.39 -28.84 17.99
CA SER B 33 -21.02 -27.54 17.84
C SER B 33 -19.89 -26.53 17.76
N LEU B 34 -20.25 -25.30 17.48
CA LEU B 34 -19.30 -24.21 17.55
C LEU B 34 -19.99 -22.99 18.12
N SER B 35 -19.18 -21.99 18.46
CA SER B 35 -19.63 -20.73 18.99
C SER B 35 -18.92 -19.65 18.21
N LEU B 36 -19.69 -18.86 17.48
CA LEU B 36 -19.15 -17.82 16.62
C LEU B 36 -19.05 -16.52 17.42
N LEU B 37 -17.83 -16.01 17.56
CA LEU B 37 -17.57 -14.78 18.29
C LEU B 37 -17.38 -13.57 17.39
N GLN B 38 -16.87 -13.77 16.18
CA GLN B 38 -16.53 -12.67 15.30
C GLN B 38 -16.41 -13.16 13.87
N ILE B 39 -16.78 -12.29 12.95
CA ILE B 39 -16.46 -12.43 11.54
C ILE B 39 -15.34 -11.44 11.31
N MET B 40 -14.15 -11.94 10.97
CA MET B 40 -12.96 -11.11 10.94
C MET B 40 -12.64 -10.58 9.55
N ASP B 41 -12.79 -11.38 8.51
CA ASP B 41 -12.47 -10.94 7.15
C ASP B 41 -13.21 -11.80 6.14
N VAL B 42 -13.63 -11.14 5.05
CA VAL B 42 -14.26 -11.79 3.90
C VAL B 42 -13.44 -11.37 2.69
N ASP B 43 -12.35 -12.05 2.49
CA ASP B 43 -11.42 -11.60 1.46
C ASP B 43 -11.86 -12.09 0.08
N GLU B 44 -12.19 -11.16 -0.80
CA GLU B 44 -12.67 -11.51 -2.13
C GLU B 44 -11.59 -12.18 -2.96
N LYS B 45 -10.42 -11.54 -3.06
CA LYS B 45 -9.34 -12.06 -3.91
C LYS B 45 -8.89 -13.45 -3.48
N ASN B 46 -8.59 -13.64 -2.20
CA ASN B 46 -8.10 -14.94 -1.76
C ASN B 46 -9.21 -15.98 -1.67
N GLN B 47 -10.48 -15.54 -1.65
CA GLN B 47 -11.65 -16.41 -1.55
C GLN B 47 -11.64 -17.12 -0.19
N VAL B 48 -11.39 -16.34 0.87
CA VAL B 48 -11.21 -16.86 2.22
C VAL B 48 -12.08 -16.08 3.19
N LEU B 49 -12.65 -16.79 4.17
CA LEU B 49 -13.38 -16.22 5.28
C LEU B 49 -12.56 -16.42 6.55
N THR B 50 -12.35 -15.34 7.30
CA THR B 50 -11.64 -15.38 8.58
C THR B 50 -12.62 -15.11 9.70
N THR B 51 -12.67 -16.04 10.67
CA THR B 51 -13.64 -15.99 11.76
C THR B 51 -12.97 -16.37 13.07
N ASN B 52 -13.47 -15.80 14.15
CA ASN B 52 -13.12 -16.18 15.51
C ASN B 52 -14.20 -17.12 16.01
N ILE B 53 -13.82 -18.37 16.30
CA ILE B 53 -14.79 -19.42 16.60
C ILE B 53 -14.23 -20.30 17.70
N TRP B 54 -15.09 -20.66 18.64
CA TRP B 54 -14.79 -21.64 19.66
C TRP B 54 -15.54 -22.92 19.29
N LEU B 55 -14.78 -23.94 18.91
CA LEU B 55 -15.35 -25.25 18.65
C LEU B 55 -15.74 -25.94 19.95
N GLN B 56 -16.77 -26.77 19.89
CA GLN B 56 -17.28 -27.50 21.04
CA GLN B 56 -17.29 -27.50 21.04
C GLN B 56 -17.41 -28.96 20.65
N MET B 57 -16.72 -29.83 21.37
CA MET B 57 -16.77 -31.27 21.17
C MET B 57 -17.06 -31.95 22.49
N SER B 58 -17.94 -32.95 22.45
CA SER B 58 -18.27 -33.75 23.62
C SER B 58 -18.29 -35.20 23.22
N TRP B 59 -17.80 -36.07 24.09
CA TRP B 59 -17.80 -37.50 23.84
C TRP B 59 -17.53 -38.18 25.18
N THR B 60 -17.60 -39.51 25.17
CA THR B 60 -17.40 -40.32 26.36
C THR B 60 -16.17 -41.20 26.19
N ASP B 61 -15.28 -41.15 27.16
CA ASP B 61 -14.11 -41.99 27.22
C ASP B 61 -14.40 -43.11 28.21
N HIS B 62 -14.41 -44.35 27.72
CA HIS B 62 -14.74 -45.49 28.57
C HIS B 62 -13.74 -45.68 29.70
N TYR B 63 -12.51 -45.20 29.53
CA TYR B 63 -11.44 -45.49 30.46
C TYR B 63 -11.27 -44.43 31.53
N LEU B 64 -11.74 -43.21 31.29
CA LEU B 64 -11.54 -42.11 32.22
C LEU B 64 -12.74 -41.97 33.16
N GLN B 65 -12.98 -43.03 33.93
CA GLN B 65 -14.08 -43.09 34.89
C GLN B 65 -13.56 -43.49 36.26
N TRP B 66 -14.18 -42.87 37.28
CA TRP B 66 -13.83 -43.18 38.65
C TRP B 66 -15.04 -42.88 39.53
N ASN B 67 -15.06 -43.49 40.70
CA ASN B 67 -16.09 -43.25 41.70
C ASN B 67 -15.63 -42.11 42.59
N VAL B 68 -16.43 -41.05 42.67
CA VAL B 68 -16.01 -39.87 43.41
C VAL B 68 -16.04 -40.08 44.92
N SER B 69 -16.72 -41.11 45.40
CA SER B 69 -16.64 -41.41 46.84
C SER B 69 -15.25 -41.92 47.22
N GLU B 70 -14.62 -42.63 46.32
CA GLU B 70 -13.26 -43.13 46.53
C GLU B 70 -12.20 -42.07 46.28
N TYR B 71 -12.55 -40.96 45.65
CA TYR B 71 -11.64 -39.85 45.38
C TYR B 71 -12.33 -38.56 45.82
N PRO B 72 -12.58 -38.38 47.11
CA PRO B 72 -13.35 -37.23 47.57
C PRO B 72 -12.72 -35.90 47.19
N GLY B 73 -13.55 -34.99 46.68
CA GLY B 73 -13.12 -33.71 46.24
C GLY B 73 -12.66 -33.64 44.80
N VAL B 74 -12.41 -34.79 44.18
CA VAL B 74 -11.86 -34.84 42.82
C VAL B 74 -13.02 -35.20 41.90
N LYS B 75 -13.69 -34.19 41.35
CA LYS B 75 -14.83 -34.42 40.49
C LYS B 75 -14.49 -34.32 39.01
N THR B 76 -13.41 -33.62 38.67
CA THR B 76 -13.02 -33.45 37.28
C THR B 76 -11.49 -33.48 37.18
N VAL B 77 -11.00 -34.03 36.07
CA VAL B 77 -9.58 -34.09 35.72
C VAL B 77 -9.39 -33.45 34.35
N ARG B 78 -8.31 -32.73 34.16
CA ARG B 78 -7.99 -32.17 32.85
C ARG B 78 -6.75 -32.83 32.28
N PHE B 79 -6.65 -32.92 30.97
CA PHE B 79 -5.52 -33.54 30.28
C PHE B 79 -5.07 -32.66 29.13
N PRO B 80 -3.77 -32.47 28.93
CA PRO B 80 -3.30 -31.64 27.82
C PRO B 80 -3.14 -32.49 26.57
N ASP B 81 -3.01 -31.81 25.43
CA ASP B 81 -2.82 -32.42 24.12
C ASP B 81 -1.84 -33.59 24.14
N GLY B 82 -2.23 -34.67 23.46
CA GLY B 82 -1.39 -35.82 23.31
C GLY B 82 -1.40 -36.82 24.44
N GLN B 83 -2.13 -36.54 25.53
CA GLN B 83 -2.18 -37.44 26.67
C GLN B 83 -3.38 -38.36 26.64
N ILE B 84 -4.56 -37.87 26.29
CA ILE B 84 -5.73 -38.71 26.10
C ILE B 84 -6.13 -38.69 24.63
N TRP B 85 -7.05 -39.57 24.28
CA TRP B 85 -7.55 -39.60 22.91
C TRP B 85 -8.43 -38.39 22.67
N LYS B 86 -8.43 -37.94 21.42
CA LYS B 86 -9.18 -36.79 20.99
C LYS B 86 -9.80 -37.10 19.63
N PRO B 87 -11.00 -36.59 19.33
CA PRO B 87 -11.51 -36.72 17.96
C PRO B 87 -10.68 -35.88 16.99
N ASP B 88 -10.40 -36.47 15.83
CA ASP B 88 -9.64 -35.77 14.79
C ASP B 88 -10.55 -34.96 13.87
N ILE B 89 -11.45 -34.18 14.45
CA ILE B 89 -12.38 -33.37 13.68
C ILE B 89 -11.63 -32.13 13.20
N LEU B 90 -11.60 -31.92 11.89
CA LEU B 90 -10.92 -30.81 11.27
C LEU B 90 -11.88 -30.08 10.34
N LEU B 91 -11.59 -28.81 10.11
CA LEU B 91 -12.27 -28.04 9.07
C LEU B 91 -11.75 -28.47 7.70
N TYR B 92 -12.62 -29.11 6.91
CA TYR B 92 -12.19 -29.66 5.63
C TYR B 92 -11.80 -28.56 4.66
N ASN B 93 -12.61 -27.51 4.55
CA ASN B 93 -12.34 -26.43 3.60
C ASN B 93 -11.52 -25.33 4.26
N SER B 94 -10.45 -25.72 4.94
CA SER B 94 -9.56 -24.77 5.57
C SER B 94 -8.63 -24.16 4.53
N ALA B 95 -8.40 -22.85 4.66
CA ALA B 95 -7.48 -22.10 3.81
C ALA B 95 -6.31 -21.55 4.61
N ASP B 96 -6.00 -22.14 5.75
CA ASP B 96 -4.93 -21.67 6.61
C ASP B 96 -3.63 -22.39 6.27
N GLU B 97 -2.52 -21.65 6.35
CA GLU B 97 -1.21 -22.24 6.08
C GLU B 97 -0.88 -23.38 7.04
N ARG B 98 -1.47 -23.40 8.22
CA ARG B 98 -1.31 -24.51 9.16
C ARG B 98 -2.38 -25.59 8.99
N PHE B 99 -3.49 -25.29 8.34
CA PHE B 99 -4.68 -26.13 8.16
C PHE B 99 -5.47 -26.39 9.43
N ASP B 100 -4.80 -26.53 10.58
CA ASP B 100 -5.43 -26.66 11.88
C ASP B 100 -5.23 -25.33 12.61
N ALA B 101 -6.31 -24.56 12.77
CA ALA B 101 -6.23 -23.26 13.41
C ALA B 101 -6.50 -23.34 14.90
N THR B 102 -6.86 -24.51 15.42
CA THR B 102 -7.26 -24.60 16.82
C THR B 102 -6.08 -24.48 17.77
N PHE B 103 -6.32 -23.85 18.91
CA PHE B 103 -5.39 -23.86 20.03
C PHE B 103 -5.79 -25.00 20.96
N HIS B 104 -4.89 -25.96 21.11
CA HIS B 104 -5.20 -27.21 21.81
C HIS B 104 -5.20 -26.97 23.31
N THR B 105 -6.37 -26.72 23.86
CA THR B 105 -6.54 -26.51 25.29
C THR B 105 -6.69 -27.87 25.98
N ASN B 106 -6.97 -27.87 27.26
CA ASN B 106 -7.16 -29.11 28.01
C ASN B 106 -8.53 -29.69 27.69
N VAL B 107 -8.63 -31.00 27.81
CA VAL B 107 -9.90 -31.70 27.68
C VAL B 107 -10.41 -31.95 29.09
N LEU B 108 -11.63 -31.52 29.35
CA LEU B 108 -12.27 -31.68 30.65
C LEU B 108 -13.06 -32.99 30.68
N VAL B 109 -12.87 -33.76 31.76
CA VAL B 109 -13.54 -35.04 31.94
C VAL B 109 -14.09 -35.10 33.36
N ASN B 110 -15.33 -35.61 33.54
CA ASN B 110 -15.82 -35.81 34.89
C ASN B 110 -15.73 -37.31 35.21
N SER B 111 -16.11 -37.64 36.44
CA SER B 111 -16.04 -39.00 36.95
C SER B 111 -16.80 -40.02 36.13
N SER B 112 -17.81 -39.60 35.36
CA SER B 112 -18.54 -40.52 34.51
C SER B 112 -17.90 -40.71 33.14
N GLY B 113 -16.83 -39.98 32.84
CA GLY B 113 -16.10 -40.14 31.60
C GLY B 113 -16.52 -39.20 30.49
N HIS B 114 -17.41 -38.27 30.78
CA HIS B 114 -17.86 -37.30 29.79
CA HIS B 114 -17.87 -37.29 29.80
C HIS B 114 -16.76 -36.28 29.51
N CYS B 115 -16.19 -36.35 28.31
CA CYS B 115 -15.13 -35.44 27.90
C CYS B 115 -15.69 -34.20 27.22
N GLN B 116 -15.08 -33.05 27.52
CA GLN B 116 -15.46 -31.75 26.96
C GLN B 116 -14.20 -31.06 26.47
N TYR B 117 -14.13 -30.82 25.17
CA TYR B 117 -12.98 -30.19 24.52
C TYR B 117 -13.48 -28.93 23.81
N LEU B 118 -12.93 -27.77 24.21
CA LEU B 118 -13.36 -26.46 23.72
C LEU B 118 -12.19 -25.73 23.05
N PRO B 119 -11.72 -26.22 21.91
CA PRO B 119 -10.59 -25.55 21.24
C PRO B 119 -11.01 -24.22 20.62
N PRO B 120 -10.37 -23.10 20.98
CA PRO B 120 -10.60 -21.85 20.24
C PRO B 120 -9.72 -21.79 19.00
N GLY B 121 -10.05 -20.85 18.12
CA GLY B 121 -9.20 -20.63 16.97
C GLY B 121 -9.64 -19.44 16.14
N ILE B 122 -8.73 -18.99 15.29
CA ILE B 122 -9.02 -18.00 14.27
C ILE B 122 -8.97 -18.76 12.95
N PHE B 123 -10.12 -19.24 12.50
CA PHE B 123 -10.19 -20.13 11.36
C PHE B 123 -10.19 -19.36 10.05
N LYS B 124 -9.54 -19.93 9.05
CA LYS B 124 -9.59 -19.44 7.67
C LYS B 124 -10.18 -20.54 6.80
N SER B 125 -11.32 -20.26 6.19
CA SER B 125 -12.06 -21.24 5.41
C SER B 125 -12.14 -20.77 3.96
N SER B 126 -12.14 -21.74 3.05
CA SER B 126 -12.28 -21.45 1.63
C SER B 126 -13.75 -21.21 1.33
N CYS B 127 -14.06 -20.04 0.80
CA CYS B 127 -15.43 -19.65 0.52
C CYS B 127 -15.50 -18.94 -0.83
N TYR B 128 -16.41 -19.36 -1.68
CA TYR B 128 -16.67 -18.64 -2.91
C TYR B 128 -17.46 -17.39 -2.60
N ILE B 129 -16.88 -16.23 -2.90
CA ILE B 129 -17.53 -14.94 -2.64
C ILE B 129 -18.09 -14.47 -3.97
N ASP B 130 -19.38 -14.20 -3.98
CA ASP B 130 -20.08 -13.73 -5.19
C ASP B 130 -20.26 -12.22 -5.05
N VAL B 131 -19.50 -11.48 -5.84
CA VAL B 131 -19.54 -10.01 -5.80
C VAL B 131 -20.32 -9.45 -6.99
N ARG B 132 -21.23 -10.24 -7.56
CA ARG B 132 -22.10 -9.75 -8.63
C ARG B 132 -22.91 -8.55 -8.15
N TRP B 133 -23.45 -8.60 -6.94
CA TRP B 133 -24.35 -7.60 -6.41
C TRP B 133 -23.68 -6.66 -5.43
N PHE B 134 -22.35 -6.70 -5.36
CA PHE B 134 -21.59 -5.77 -4.54
C PHE B 134 -21.95 -4.33 -4.90
N PRO B 135 -22.27 -3.47 -3.93
CA PRO B 135 -22.11 -3.59 -2.47
C PRO B 135 -23.26 -4.32 -1.77
N PHE B 136 -24.34 -4.67 -2.47
CA PHE B 136 -25.51 -5.29 -1.86
C PHE B 136 -25.44 -6.79 -1.88
N ASP B 137 -24.25 -7.36 -1.80
CA ASP B 137 -24.12 -8.80 -1.95
C ASP B 137 -24.36 -9.49 -0.62
N VAL B 138 -24.63 -10.78 -0.72
CA VAL B 138 -24.92 -11.64 0.42
C VAL B 138 -24.11 -12.89 0.19
N GLN B 139 -23.41 -13.34 1.22
CA GLN B 139 -22.51 -14.47 1.10
C GLN B 139 -23.05 -15.62 1.94
N HIS B 140 -22.74 -16.83 1.49
CA HIS B 140 -23.14 -18.06 2.16
C HIS B 140 -21.87 -18.89 2.18
N CYS B 141 -21.22 -18.95 3.34
CA CYS B 141 -19.94 -19.57 3.51
C CYS B 141 -20.08 -20.82 4.34
N LYS B 142 -19.63 -21.93 3.79
CA LYS B 142 -19.76 -23.23 4.42
C LYS B 142 -18.53 -23.48 5.27
N LEU B 143 -18.75 -24.05 6.46
CA LEU B 143 -17.69 -24.50 7.34
C LEU B 143 -17.94 -25.98 7.55
N LYS B 144 -17.22 -26.81 6.81
CA LYS B 144 -17.45 -28.25 6.76
C LYS B 144 -16.50 -28.93 7.72
N PHE B 145 -17.05 -29.56 8.75
CA PHE B 145 -16.28 -30.25 9.77
C PHE B 145 -16.58 -31.74 9.73
N GLY B 146 -15.54 -32.55 9.89
CA GLY B 146 -15.68 -33.98 9.98
C GLY B 146 -14.39 -34.58 10.49
N SER B 147 -14.46 -35.88 10.78
CA SER B 147 -13.26 -36.61 11.18
C SER B 147 -12.43 -36.98 9.97
N TRP B 148 -11.11 -36.76 10.09
CA TRP B 148 -10.18 -37.05 9.01
C TRP B 148 -10.10 -38.52 8.64
N SER B 149 -10.34 -39.45 9.59
CA SER B 149 -10.11 -40.87 9.33
C SER B 149 -11.15 -41.85 9.85
N TYR B 150 -12.18 -41.43 10.55
CA TYR B 150 -13.13 -42.34 11.18
C TYR B 150 -14.48 -42.23 10.49
N GLY B 151 -14.95 -43.32 9.90
CA GLY B 151 -16.28 -43.35 9.36
C GLY B 151 -17.33 -43.35 10.45
N GLY B 152 -18.59 -43.42 10.03
CA GLY B 152 -19.70 -43.29 10.95
C GLY B 152 -19.92 -44.46 11.88
N TRP B 153 -19.45 -45.65 11.53
CA TRP B 153 -19.52 -46.76 12.48
C TRP B 153 -18.45 -46.69 13.54
N SER B 154 -17.47 -45.80 13.39
CA SER B 154 -16.40 -45.64 14.36
C SER B 154 -16.60 -44.34 15.12
N LEU B 155 -16.62 -43.21 14.41
CA LEU B 155 -16.91 -41.91 14.98
C LEU B 155 -18.27 -41.46 14.42
N ASP B 156 -19.31 -41.60 15.24
CA ASP B 156 -20.65 -41.14 14.88
C ASP B 156 -20.76 -39.67 15.25
N LEU B 157 -20.57 -38.80 14.26
CA LEU B 157 -20.57 -37.36 14.48
C LEU B 157 -21.99 -36.82 14.46
N GLN B 158 -22.45 -36.33 15.61
CA GLN B 158 -23.75 -35.70 15.76
C GLN B 158 -23.55 -34.20 15.90
N MET B 159 -24.61 -33.45 15.62
CA MET B 159 -24.58 -32.00 15.57
C MET B 159 -25.49 -31.38 16.61
N GLN B 160 -25.05 -30.27 17.17
CA GLN B 160 -25.80 -29.47 18.11
C GLN B 160 -25.86 -28.06 17.57
N GLU B 161 -26.94 -27.36 17.88
CA GLU B 161 -27.19 -26.04 17.32
C GLU B 161 -26.07 -25.09 17.71
N ALA B 162 -25.61 -24.30 16.74
CA ALA B 162 -24.50 -23.39 17.00
C ALA B 162 -24.91 -22.28 17.95
N ASP B 163 -23.96 -21.83 18.75
CA ASP B 163 -24.16 -20.73 19.69
C ASP B 163 -23.67 -19.42 19.09
N ILE B 164 -24.46 -18.37 19.29
CA ILE B 164 -24.09 -17.01 18.90
C ILE B 164 -24.33 -16.04 20.06
N SER B 165 -24.40 -16.57 21.29
CA SER B 165 -24.66 -15.72 22.45
C SER B 165 -23.52 -14.75 22.71
N GLY B 166 -22.30 -15.11 22.33
CA GLY B 166 -21.14 -14.25 22.54
C GLY B 166 -20.63 -13.66 21.25
N TYR B 167 -21.53 -13.47 20.29
CA TYR B 167 -21.13 -12.95 18.98
C TYR B 167 -20.97 -11.44 19.06
N ILE B 168 -19.85 -10.94 18.56
CA ILE B 168 -19.59 -9.51 18.47
C ILE B 168 -20.09 -9.05 17.10
N PRO B 169 -21.05 -8.13 17.02
CA PRO B 169 -21.46 -7.65 15.71
C PRO B 169 -20.30 -6.98 14.99
N ASN B 170 -20.23 -7.22 13.69
CA ASN B 170 -19.21 -6.63 12.85
C ASN B 170 -19.69 -5.27 12.37
N GLY B 171 -18.74 -4.45 11.91
CA GLY B 171 -19.08 -3.19 11.28
C GLY B 171 -19.20 -3.25 9.77
N GLU B 172 -18.86 -4.38 9.16
CA GLU B 172 -18.90 -4.53 7.72
C GLU B 172 -19.98 -5.49 7.24
N TRP B 173 -20.44 -6.39 8.10
CA TRP B 173 -21.32 -7.48 7.70
C TRP B 173 -22.39 -7.71 8.77
N ASP B 174 -23.62 -7.93 8.32
CA ASP B 174 -24.64 -8.49 9.22
C ASP B 174 -24.48 -9.98 9.29
N LEU B 175 -24.92 -10.55 10.40
CA LEU B 175 -25.01 -11.99 10.56
C LEU B 175 -26.49 -12.33 10.41
N VAL B 176 -26.82 -13.02 9.31
CA VAL B 176 -28.20 -13.47 9.14
C VAL B 176 -28.45 -14.70 10.00
N GLY B 177 -27.53 -15.66 9.95
CA GLY B 177 -27.65 -16.86 10.75
C GLY B 177 -26.49 -17.77 10.46
N ILE B 178 -26.40 -18.83 11.26
CA ILE B 178 -25.38 -19.86 11.08
C ILE B 178 -26.04 -21.22 11.26
N PRO B 179 -26.95 -21.61 10.38
CA PRO B 179 -27.55 -22.95 10.51
C PRO B 179 -26.55 -24.03 10.17
N GLY B 180 -26.69 -25.16 10.86
CA GLY B 180 -25.87 -26.32 10.58
C GLY B 180 -26.68 -27.48 10.03
N LYS B 181 -26.01 -28.46 9.43
CA LYS B 181 -26.72 -29.61 8.88
C LYS B 181 -25.77 -30.81 8.88
N ARG B 182 -26.15 -31.88 9.56
CA ARG B 182 -25.40 -33.13 9.51
C ARG B 182 -25.77 -33.90 8.25
N SER B 183 -24.79 -34.21 7.41
CA SER B 183 -24.99 -34.89 6.14
C SER B 183 -24.07 -36.09 6.09
N GLU B 184 -24.61 -37.22 5.63
CA GLU B 184 -23.83 -38.43 5.45
C GLU B 184 -23.30 -38.52 4.02
N ARG B 185 -22.21 -39.26 3.88
CA ARG B 185 -21.56 -39.50 2.60
C ARG B 185 -21.45 -41.01 2.45
N PHE B 186 -21.44 -41.48 1.20
CA PHE B 186 -21.32 -42.90 0.94
C PHE B 186 -20.29 -43.18 -0.14
N TYR B 187 -19.54 -44.25 0.06
CA TYR B 187 -18.61 -44.79 -0.92
C TYR B 187 -19.23 -46.04 -1.54
N GLU B 188 -19.03 -46.22 -2.85
CA GLU B 188 -19.63 -47.37 -3.52
C GLU B 188 -19.11 -48.71 -2.99
N CYS B 189 -17.95 -48.71 -2.32
CA CYS B 189 -17.44 -49.94 -1.71
C CYS B 189 -18.41 -50.46 -0.66
N CYS B 190 -18.93 -49.58 0.17
CA CYS B 190 -19.40 -49.94 1.50
C CYS B 190 -20.71 -49.22 1.79
N LYS B 191 -21.37 -49.64 2.86
CA LYS B 191 -22.64 -49.09 3.29
C LYS B 191 -22.48 -48.08 4.42
N GLU B 192 -21.26 -47.89 4.93
CA GLU B 192 -21.06 -47.08 6.11
C GLU B 192 -21.24 -45.59 5.80
N PRO B 193 -22.03 -44.85 6.58
CA PRO B 193 -22.07 -43.40 6.36
C PRO B 193 -20.78 -42.74 6.79
N TYR B 194 -20.49 -41.61 6.16
CA TYR B 194 -19.31 -40.80 6.46
C TYR B 194 -19.80 -39.41 6.82
N PRO B 195 -20.09 -39.13 8.09
CA PRO B 195 -20.77 -37.88 8.41
C PRO B 195 -19.87 -36.67 8.39
N ASP B 196 -20.49 -35.53 8.14
CA ASP B 196 -19.85 -34.23 8.31
C ASP B 196 -20.91 -33.28 8.85
N VAL B 197 -20.45 -32.19 9.45
CA VAL B 197 -21.31 -31.14 9.98
C VAL B 197 -20.89 -29.86 9.32
N THR B 198 -21.78 -29.26 8.55
CA THR B 198 -21.52 -28.04 7.82
C THR B 198 -22.33 -26.91 8.43
N PHE B 199 -21.65 -25.89 8.93
CA PHE B 199 -22.30 -24.66 9.38
C PHE B 199 -22.16 -23.63 8.26
N THR B 200 -23.29 -23.24 7.69
CA THR B 200 -23.31 -22.25 6.61
C THR B 200 -23.49 -20.88 7.22
N VAL B 201 -22.42 -20.08 7.21
CA VAL B 201 -22.49 -18.73 7.75
C VAL B 201 -23.04 -17.83 6.66
N THR B 202 -24.20 -17.24 6.91
CA THR B 202 -24.87 -16.35 5.98
C THR B 202 -24.73 -14.93 6.50
N MET B 203 -24.27 -14.03 5.64
CA MET B 203 -23.90 -12.69 6.07
C MET B 203 -24.17 -11.69 4.96
N ARG B 204 -24.72 -10.54 5.35
CA ARG B 204 -25.12 -9.49 4.43
C ARG B 204 -24.15 -8.33 4.58
N ARG B 205 -23.68 -7.80 3.46
CA ARG B 205 -22.75 -6.69 3.53
C ARG B 205 -23.50 -5.42 3.92
N ARG B 206 -22.98 -4.72 4.92
CA ARG B 206 -23.56 -3.44 5.28
C ARG B 206 -23.13 -2.43 4.22
N THR B 207 -24.00 -1.50 3.85
CA THR B 207 -23.81 -0.61 2.72
C THR B 207 -23.76 0.87 3.07
N LEU B 208 -23.77 1.24 4.36
CA LEU B 208 -23.67 2.65 4.71
C LEU B 208 -22.32 3.24 4.31
N TYR B 209 -21.24 2.50 4.54
CA TYR B 209 -19.92 2.99 4.13
C TYR B 209 -19.87 3.25 2.64
N TYR B 210 -20.47 2.37 1.85
CA TYR B 210 -20.39 2.47 0.41
C TYR B 210 -21.34 3.53 -0.12
N GLY B 211 -22.48 3.76 0.54
CA GLY B 211 -23.33 4.86 0.14
C GLY B 211 -22.67 6.22 0.35
N LEU B 212 -22.07 6.42 1.52
CA LEU B 212 -21.53 7.72 1.90
C LEU B 212 -20.16 8.03 1.30
N ASN B 213 -19.32 7.04 1.07
CA ASN B 213 -18.00 7.28 0.51
C ASN B 213 -17.87 6.95 -0.96
N LEU B 214 -18.95 6.50 -1.64
CA LEU B 214 -18.85 6.28 -3.08
C LEU B 214 -19.99 6.90 -3.88
N LEU B 215 -21.24 6.49 -3.62
CA LEU B 215 -22.39 7.04 -4.35
C LEU B 215 -22.46 8.56 -4.27
N ILE B 216 -22.31 9.12 -3.09
CA ILE B 216 -22.48 10.56 -2.93
C ILE B 216 -21.31 11.26 -3.61
N PRO B 217 -20.06 10.87 -3.38
CA PRO B 217 -18.98 11.47 -4.18
C PRO B 217 -19.12 11.19 -5.66
N CYS B 218 -19.78 10.09 -6.04
CA CYS B 218 -19.88 9.75 -7.45
C CYS B 218 -21.05 10.49 -8.09
N VAL B 219 -22.21 10.53 -7.43
CA VAL B 219 -23.36 11.26 -7.94
C VAL B 219 -23.04 12.75 -8.06
N LEU B 220 -22.42 13.32 -7.02
CA LEU B 220 -22.06 14.74 -7.06
C LEU B 220 -21.11 15.05 -8.21
N ILE B 221 -20.12 14.19 -8.45
CA ILE B 221 -19.23 14.46 -9.57
C ILE B 221 -19.99 14.24 -10.88
N SER B 222 -20.90 13.26 -10.90
CA SER B 222 -21.72 13.01 -12.07
C SER B 222 -22.71 14.13 -12.33
N ALA B 223 -23.08 14.90 -11.32
CA ALA B 223 -23.98 16.02 -11.50
C ALA B 223 -23.24 17.25 -12.03
N LEU B 224 -21.99 17.42 -11.62
CA LEU B 224 -21.21 18.57 -12.09
C LEU B 224 -20.94 18.46 -13.58
N ALA B 225 -20.86 17.24 -14.11
CA ALA B 225 -20.66 17.08 -15.54
C ALA B 225 -21.87 17.58 -16.31
N LEU B 226 -23.07 17.46 -15.73
CA LEU B 226 -24.28 17.97 -16.34
C LEU B 226 -24.37 19.47 -16.23
N LEU B 227 -23.64 20.06 -15.28
CA LEU B 227 -23.58 21.51 -15.11
C LEU B 227 -22.97 22.22 -16.30
N VAL B 228 -22.16 21.51 -17.12
CA VAL B 228 -21.57 22.11 -18.31
C VAL B 228 -22.64 22.65 -19.25
N PHE B 229 -23.80 21.99 -19.28
CA PHE B 229 -24.84 22.39 -20.20
C PHE B 229 -25.51 23.69 -19.79
N LEU B 230 -25.43 24.06 -18.52
CA LEU B 230 -25.94 25.35 -18.09
C LEU B 230 -24.90 26.45 -18.21
N LEU B 231 -23.63 26.11 -18.39
CA LEU B 231 -22.58 27.12 -18.50
C LEU B 231 -22.61 27.76 -19.87
N PRO B 232 -22.64 29.09 -19.97
CA PRO B 232 -22.55 29.72 -21.31
C PRO B 232 -21.30 29.32 -22.06
N ALA B 233 -21.39 29.40 -23.39
CA ALA B 233 -20.24 29.13 -24.24
C ALA B 233 -19.25 30.28 -24.24
N ASP B 234 -19.65 31.46 -23.77
CA ASP B 234 -18.77 32.61 -23.76
C ASP B 234 -17.88 32.65 -22.53
N SER B 235 -18.16 31.83 -21.52
CA SER B 235 -17.29 31.76 -20.35
C SER B 235 -15.88 31.33 -20.73
N GLY B 236 -15.75 30.53 -21.80
CA GLY B 236 -14.46 29.99 -22.16
C GLY B 236 -13.99 28.90 -21.23
N GLU B 237 -14.91 28.27 -20.49
CA GLU B 237 -14.55 27.30 -19.47
C GLU B 237 -15.37 26.01 -19.56
N LYS B 238 -16.06 25.76 -20.67
CA LYS B 238 -16.92 24.58 -20.77
C LYS B 238 -16.10 23.30 -20.84
N ILE B 239 -15.03 23.30 -21.61
CA ILE B 239 -14.16 22.14 -21.64
C ILE B 239 -13.41 22.02 -20.33
N SER B 240 -12.99 23.15 -19.76
CA SER B 240 -12.31 23.15 -18.47
C SER B 240 -13.13 22.43 -17.42
N LEU B 241 -14.43 22.75 -17.32
CA LEU B 241 -15.30 22.12 -16.34
C LEU B 241 -15.42 20.63 -16.62
N GLY B 242 -15.80 20.27 -17.85
CA GLY B 242 -16.07 18.88 -18.15
C GLY B 242 -14.85 18.00 -18.06
N ILE B 243 -13.73 18.45 -18.61
CA ILE B 243 -12.54 17.60 -18.63
C ILE B 243 -11.92 17.50 -17.24
N THR B 244 -12.06 18.54 -16.42
CA THR B 244 -11.57 18.44 -15.05
C THR B 244 -12.47 17.58 -14.19
N VAL B 245 -13.78 17.56 -14.48
CA VAL B 245 -14.68 16.64 -13.81
C VAL B 245 -14.32 15.21 -14.16
N LEU B 246 -13.97 14.96 -15.43
CA LEU B 246 -13.51 13.64 -15.80
C LEU B 246 -12.19 13.31 -15.12
N LEU B 247 -11.27 14.28 -15.07
CA LEU B 247 -10.03 14.10 -14.34
C LEU B 247 -10.28 13.76 -12.88
N SER B 248 -11.20 14.50 -12.23
CA SER B 248 -11.57 14.17 -10.86
C SER B 248 -12.09 12.75 -10.76
N LEU B 249 -12.88 12.32 -11.74
CA LEU B 249 -13.42 10.97 -11.72
C LEU B 249 -12.31 9.95 -11.99
N THR B 250 -11.31 10.30 -12.80
CA THR B 250 -10.13 9.45 -12.92
C THR B 250 -9.41 9.33 -11.60
N VAL B 251 -9.35 10.43 -10.84
CA VAL B 251 -8.69 10.41 -9.53
C VAL B 251 -9.52 9.61 -8.54
N PHE B 252 -10.84 9.72 -8.65
CA PHE B 252 -11.72 8.98 -7.77
C PHE B 252 -11.68 7.49 -8.10
N MET B 253 -11.38 7.15 -9.35
CA MET B 253 -11.30 5.75 -9.76
C MET B 253 -10.19 5.03 -9.05
N LEU B 254 -9.14 5.74 -8.63
CA LEU B 254 -8.09 5.15 -7.84
C LEU B 254 -8.60 4.72 -6.47
N LEU B 255 -9.36 5.55 -5.75
CA LEU B 255 -9.98 5.14 -4.50
C LEU B 255 -10.88 3.93 -4.75
N VAL B 256 -11.70 3.99 -5.80
CA VAL B 256 -12.59 2.88 -6.13
C VAL B 256 -11.79 1.61 -6.36
N ALA B 257 -10.57 1.74 -6.90
CA ALA B 257 -9.73 0.59 -7.21
C ALA B 257 -9.48 -0.28 -5.98
N GLU B 258 -8.97 0.35 -4.90
CA GLU B 258 -8.65 -0.37 -3.68
C GLU B 258 -9.79 -1.27 -3.18
N ILE B 259 -10.98 -0.68 -3.04
CA ILE B 259 -12.11 -1.40 -2.46
C ILE B 259 -12.76 -2.40 -3.41
N MET B 260 -12.77 -2.10 -4.72
CA MET B 260 -13.40 -2.96 -5.72
C MET B 260 -12.83 -4.36 -5.62
N PRO B 261 -13.60 -5.43 -5.92
CA PRO B 261 -12.97 -6.75 -5.95
C PRO B 261 -12.07 -6.86 -7.15
N ALA B 262 -11.49 -8.03 -7.40
CA ALA B 262 -10.71 -8.25 -8.61
C ALA B 262 -10.99 -9.65 -9.10
N THR B 263 -12.12 -9.81 -9.78
CA THR B 263 -12.55 -11.07 -10.35
C THR B 263 -13.05 -10.87 -11.77
N SER B 264 -13.23 -11.98 -12.46
CA SER B 264 -13.81 -12.01 -13.80
C SER B 264 -14.96 -13.01 -13.84
N ASP B 265 -15.54 -13.30 -12.68
CA ASP B 265 -16.67 -14.21 -12.57
C ASP B 265 -17.96 -13.51 -12.99
N SER B 266 -17.98 -12.19 -12.95
CA SER B 266 -19.13 -11.37 -13.30
C SER B 266 -18.64 -9.94 -13.27
N VAL B 267 -19.50 -9.03 -13.73
CA VAL B 267 -19.28 -7.60 -13.60
C VAL B 267 -20.02 -7.15 -12.34
N PRO B 268 -19.32 -6.68 -11.29
CA PRO B 268 -20.04 -6.24 -10.10
C PRO B 268 -20.96 -5.08 -10.39
N LEU B 269 -22.05 -5.01 -9.62
CA LEU B 269 -23.02 -3.93 -9.79
C LEU B 269 -22.33 -2.58 -9.64
N ILE B 270 -21.38 -2.48 -8.72
CA ILE B 270 -20.71 -1.21 -8.48
C ILE B 270 -19.87 -0.84 -9.70
N ALA B 271 -19.28 -1.84 -10.36
CA ALA B 271 -18.49 -1.59 -11.56
C ALA B 271 -19.38 -1.13 -12.70
N GLN B 272 -20.61 -1.65 -12.80
CA GLN B 272 -21.53 -1.14 -13.81
C GLN B 272 -21.88 0.32 -13.55
N TYR B 273 -22.15 0.67 -12.30
CA TYR B 273 -22.56 2.05 -12.02
C TYR B 273 -21.41 3.02 -12.29
N PHE B 274 -20.19 2.74 -11.80
CA PHE B 274 -19.08 3.64 -12.07
C PHE B 274 -18.69 3.63 -13.53
N ALA B 275 -18.73 2.46 -14.17
CA ALA B 275 -18.43 2.42 -15.60
C ALA B 275 -19.41 3.27 -16.38
N SER B 276 -20.69 3.23 -16.01
CA SER B 276 -21.69 4.02 -16.71
C SER B 276 -21.43 5.51 -16.49
N THR B 277 -21.15 5.89 -15.24
CA THR B 277 -20.78 7.26 -14.91
C THR B 277 -19.67 7.77 -15.83
N MET B 278 -18.63 6.97 -16.07
CA MET B 278 -17.55 7.41 -16.93
C MET B 278 -18.08 7.73 -18.32
N ILE B 279 -18.87 6.82 -18.89
CA ILE B 279 -19.41 7.01 -20.23
C ILE B 279 -20.23 8.29 -20.32
N ILE B 280 -21.09 8.52 -19.33
CA ILE B 280 -21.96 9.70 -19.37
C ILE B 280 -21.14 10.98 -19.28
N VAL B 281 -20.08 10.96 -18.45
CA VAL B 281 -19.25 12.16 -18.34
C VAL B 281 -18.40 12.29 -19.59
N GLY B 282 -17.95 11.18 -20.16
CA GLY B 282 -17.15 11.24 -21.37
C GLY B 282 -17.96 11.79 -22.53
N LEU B 283 -19.22 11.36 -22.62
CA LEU B 283 -20.09 11.80 -23.69
C LEU B 283 -20.48 13.24 -23.51
N SER B 284 -20.62 13.68 -22.25
CA SER B 284 -20.87 15.10 -21.99
C SER B 284 -19.77 15.96 -22.58
N VAL B 285 -18.51 15.55 -22.40
CA VAL B 285 -17.41 16.26 -23.03
C VAL B 285 -17.51 16.18 -24.55
N VAL B 286 -18.02 15.08 -25.09
CA VAL B 286 -18.21 14.96 -26.53
C VAL B 286 -19.24 15.96 -27.03
N VAL B 287 -20.42 15.98 -26.41
CA VAL B 287 -21.45 16.90 -26.87
C VAL B 287 -21.06 18.35 -26.59
N THR B 288 -20.22 18.58 -25.58
CA THR B 288 -19.72 19.93 -25.33
C THR B 288 -18.90 20.41 -26.51
N VAL B 289 -18.06 19.53 -27.06
CA VAL B 289 -17.26 19.88 -28.24
C VAL B 289 -18.16 20.16 -29.42
N ILE B 290 -19.23 19.38 -29.58
CA ILE B 290 -20.17 19.63 -30.66
C ILE B 290 -20.87 20.96 -30.45
N VAL B 291 -21.22 21.28 -29.20
CA VAL B 291 -21.86 22.57 -28.92
C VAL B 291 -20.94 23.71 -29.30
N LEU B 292 -19.65 23.59 -28.98
CA LEU B 292 -18.73 24.68 -29.28
C LEU B 292 -18.51 24.84 -30.77
N GLN B 293 -18.70 23.77 -31.55
CA GLN B 293 -18.59 23.91 -33.00
C GLN B 293 -19.73 24.75 -33.54
N TYR B 294 -20.91 24.61 -32.95
CA TYR B 294 -22.02 25.48 -33.31
C TYR B 294 -21.77 26.90 -32.83
N HIS B 295 -21.31 27.06 -31.59
CA HIS B 295 -21.13 28.40 -31.02
C HIS B 295 -20.05 29.18 -31.77
N HIS B 296 -18.98 28.51 -32.18
CA HIS B 296 -17.84 29.13 -32.82
C HIS B 296 -17.83 28.91 -34.33
N HIS B 297 -18.97 28.54 -34.91
CA HIS B 297 -19.04 28.30 -36.34
C HIS B 297 -18.71 29.58 -37.11
N ASP B 298 -17.94 29.41 -38.18
CA ASP B 298 -17.51 30.53 -39.01
C ASP B 298 -18.72 31.19 -39.67
N PRO B 299 -18.87 32.52 -39.57
CA PRO B 299 -20.00 33.16 -40.28
C PRO B 299 -19.96 32.97 -41.78
N ASP B 300 -18.79 32.70 -42.35
CA ASP B 300 -18.61 32.59 -43.79
C ASP B 300 -18.38 31.14 -44.21
N GLY B 301 -18.86 30.20 -43.41
CA GLY B 301 -18.81 28.79 -43.69
C GLY B 301 -20.08 28.29 -44.33
N GLY B 302 -20.39 27.03 -44.09
CA GLY B 302 -21.57 26.43 -44.69
C GLY B 302 -22.84 26.95 -44.04
N LYS B 303 -23.80 27.36 -44.86
CA LYS B 303 -25.07 27.86 -44.37
C LYS B 303 -25.79 26.78 -43.57
N MET B 304 -26.39 27.19 -42.45
CA MET B 304 -27.16 26.32 -41.57
C MET B 304 -28.10 25.45 -42.38
N PRO B 305 -27.92 24.10 -42.42
CA PRO B 305 -28.83 23.26 -43.21
C PRO B 305 -30.30 23.46 -42.88
N LYS B 306 -31.17 23.09 -43.82
CA LYS B 306 -32.59 23.19 -43.58
C LYS B 306 -32.99 22.34 -42.39
N TRP B 307 -32.50 21.11 -42.35
CA TRP B 307 -32.88 20.20 -41.28
C TRP B 307 -32.33 20.69 -39.93
N THR B 308 -31.10 21.23 -39.93
CA THR B 308 -30.57 21.84 -38.73
C THR B 308 -31.45 23.01 -38.30
N ARG B 309 -31.82 23.88 -39.25
CA ARG B 309 -32.68 25.00 -38.92
C ARG B 309 -34.05 24.53 -38.48
N VAL B 310 -34.55 23.45 -39.08
CA VAL B 310 -35.89 22.98 -38.77
C VAL B 310 -35.91 22.29 -37.42
N ILE B 311 -35.00 21.34 -37.23
CA ILE B 311 -34.96 20.57 -35.98
C ILE B 311 -34.72 21.47 -34.79
N LEU B 312 -33.65 22.26 -34.83
CA LEU B 312 -33.23 23.00 -33.64
C LEU B 312 -34.00 24.29 -33.45
N LEU B 313 -33.99 25.16 -34.45
CA LEU B 313 -34.48 26.52 -34.26
C LEU B 313 -36.00 26.61 -34.22
N ASN B 314 -36.72 25.59 -34.69
CA ASN B 314 -38.17 25.60 -34.73
C ASN B 314 -38.80 24.57 -33.81
N TRP B 315 -38.52 23.27 -34.01
CA TRP B 315 -39.21 22.26 -33.22
C TRP B 315 -38.67 22.22 -31.80
N CYS B 316 -37.38 21.88 -31.65
CA CYS B 316 -36.78 21.79 -30.33
C CYS B 316 -36.84 23.12 -29.58
N ALA B 317 -36.68 24.23 -30.30
CA ALA B 317 -36.72 25.53 -29.64
C ALA B 317 -38.14 25.91 -29.23
N TRP B 318 -39.15 25.25 -29.78
CA TRP B 318 -40.54 25.46 -29.37
C TRP B 318 -40.91 24.53 -28.23
N PHE B 319 -40.49 23.26 -28.33
CA PHE B 319 -40.73 22.30 -27.25
C PHE B 319 -40.18 22.81 -25.93
N LEU B 320 -38.96 23.35 -25.96
CA LEU B 320 -38.30 23.86 -24.77
C LEU B 320 -38.70 25.28 -24.42
N ARG B 321 -39.63 25.88 -25.16
CA ARG B 321 -40.04 27.27 -25.01
C ARG B 321 -38.86 28.21 -24.82
N MET B 322 -38.02 28.35 -25.85
CA MET B 322 -36.79 29.14 -25.76
C MET B 322 -36.84 30.39 -26.63
N LYS B 323 -37.04 30.23 -27.94
CA LYS B 323 -37.14 31.36 -28.85
C LYS B 323 -35.87 32.20 -28.86
N PRO B 479 -17.36 67.54 -56.34
CA PRO B 479 -16.14 66.78 -56.65
C PRO B 479 -15.57 66.10 -55.42
N ASP B 480 -15.00 66.89 -54.50
CA ASP B 480 -14.52 66.33 -53.24
C ASP B 480 -15.66 65.68 -52.47
N LEU B 481 -16.82 66.33 -52.45
CA LEU B 481 -17.94 65.85 -51.64
C LEU B 481 -18.43 64.49 -52.12
N ALA B 482 -18.36 64.23 -53.43
CA ALA B 482 -18.80 62.94 -53.93
C ALA B 482 -17.83 61.84 -53.50
N LYS B 483 -16.55 62.16 -53.42
CA LYS B 483 -15.61 61.14 -52.98
C LYS B 483 -15.74 60.90 -51.49
N ILE B 484 -16.08 61.95 -50.73
CA ILE B 484 -16.43 61.77 -49.32
C ILE B 484 -17.61 60.83 -49.19
N LEU B 485 -18.62 61.00 -50.05
CA LEU B 485 -19.74 60.08 -50.00
C LEU B 485 -19.27 58.65 -50.24
N GLU B 486 -18.33 58.47 -51.17
CA GLU B 486 -17.83 57.12 -51.44
C GLU B 486 -17.16 56.50 -50.22
N GLU B 487 -16.17 57.15 -49.63
CA GLU B 487 -15.51 56.66 -48.45
C GLU B 487 -16.44 56.42 -47.26
N VAL B 488 -17.32 57.37 -46.95
CA VAL B 488 -18.24 57.19 -45.82
C VAL B 488 -19.18 56.03 -46.07
N ARG B 489 -19.60 55.85 -47.31
CA ARG B 489 -20.48 54.76 -47.59
C ARG B 489 -19.74 53.47 -47.42
N TYR B 490 -18.48 53.40 -47.83
CA TYR B 490 -17.70 52.19 -47.59
C TYR B 490 -17.66 51.83 -46.11
N ILE B 491 -17.43 52.82 -45.25
CA ILE B 491 -17.39 52.56 -43.80
C ILE B 491 -18.73 52.01 -43.32
N ALA B 492 -19.82 52.63 -43.77
CA ALA B 492 -21.13 52.23 -43.27
C ALA B 492 -21.54 50.86 -43.81
N ASN B 493 -21.32 50.60 -45.10
CA ASN B 493 -21.64 49.30 -45.66
C ASN B 493 -20.74 48.21 -45.07
N ARG B 494 -19.52 48.56 -44.66
CA ARG B 494 -18.71 47.59 -43.94
C ARG B 494 -19.34 47.27 -42.59
N PHE B 495 -19.85 48.27 -41.89
CA PHE B 495 -20.56 47.98 -40.64
C PHE B 495 -21.80 47.13 -40.90
N ARG B 496 -22.44 47.32 -42.05
CA ARG B 496 -23.62 46.53 -42.37
C ARG B 496 -23.27 45.07 -42.60
N CYS B 497 -22.19 44.81 -43.33
CA CYS B 497 -21.73 43.44 -43.53
C CYS B 497 -21.31 42.80 -42.20
N GLN B 498 -20.59 43.55 -41.36
CA GLN B 498 -20.22 43.04 -40.04
C GLN B 498 -21.46 42.67 -39.23
N ASP B 499 -22.53 43.45 -39.33
CA ASP B 499 -23.75 43.11 -38.58
C ASP B 499 -24.47 41.92 -39.19
N GLU B 500 -24.41 41.74 -40.51
CA GLU B 500 -25.02 40.55 -41.08
C GLU B 500 -24.28 39.29 -40.65
N SER B 501 -22.96 39.37 -40.58
CA SER B 501 -22.19 38.22 -40.11
C SER B 501 -22.42 37.99 -38.63
N GLU B 502 -22.63 39.05 -37.86
CA GLU B 502 -22.94 38.88 -36.45
C GLU B 502 -24.30 38.23 -36.27
N ALA B 503 -25.25 38.50 -37.16
CA ALA B 503 -26.57 37.89 -37.03
C ALA B 503 -26.56 36.41 -37.41
N VAL B 504 -25.83 36.06 -38.47
CA VAL B 504 -25.63 34.64 -38.79
C VAL B 504 -24.97 33.93 -37.61
N CYS B 505 -23.99 34.58 -37.00
CA CYS B 505 -23.31 34.00 -35.85
C CYS B 505 -24.26 33.85 -34.68
N SER B 506 -25.13 34.84 -34.46
CA SER B 506 -26.13 34.74 -33.39
C SER B 506 -27.06 33.56 -33.62
N GLU B 507 -27.35 33.24 -34.88
CA GLU B 507 -28.24 32.11 -35.13
C GLU B 507 -27.54 30.79 -34.87
N TRP B 508 -26.24 30.71 -35.19
CA TRP B 508 -25.49 29.52 -34.81
C TRP B 508 -25.33 29.41 -33.30
N LYS B 509 -25.25 30.55 -32.61
CA LYS B 509 -25.07 30.55 -31.18
C LYS B 509 -26.34 30.12 -30.47
N PHE B 510 -27.48 30.52 -30.99
CA PHE B 510 -28.75 30.08 -30.43
C PHE B 510 -28.97 28.60 -30.73
N ALA B 511 -28.52 28.13 -31.89
CA ALA B 511 -28.57 26.69 -32.14
C ALA B 511 -27.74 25.94 -31.10
N ALA B 512 -26.61 26.52 -30.67
CA ALA B 512 -25.80 25.84 -29.67
C ALA B 512 -26.46 25.90 -28.29
N CYS B 513 -27.18 26.98 -27.99
CA CYS B 513 -27.92 27.03 -26.74
C CYS B 513 -29.02 26.00 -26.72
N VAL B 514 -29.64 25.74 -27.87
CA VAL B 514 -30.71 24.76 -27.95
C VAL B 514 -30.14 23.36 -27.78
N VAL B 515 -28.99 23.09 -28.41
CA VAL B 515 -28.36 21.80 -28.22
C VAL B 515 -27.93 21.62 -26.77
N ASP B 516 -27.54 22.71 -26.09
CA ASP B 516 -27.22 22.60 -24.67
C ASP B 516 -28.44 22.21 -23.85
N ARG B 517 -29.59 22.84 -24.09
CA ARG B 517 -30.77 22.49 -23.31
C ARG B 517 -31.22 21.06 -23.60
N LEU B 518 -31.08 20.61 -24.84
CA LEU B 518 -31.45 19.23 -25.15
C LEU B 518 -30.47 18.26 -24.51
N CYS B 519 -29.18 18.57 -24.55
CA CYS B 519 -28.21 17.67 -23.97
C CYS B 519 -28.38 17.63 -22.46
N LEU B 520 -28.81 18.75 -21.88
CA LEU B 520 -29.07 18.79 -20.45
C LEU B 520 -30.17 17.83 -20.09
N MET B 521 -31.30 17.93 -20.79
CA MET B 521 -32.42 17.04 -20.49
C MET B 521 -32.06 15.58 -20.75
N ALA B 522 -31.47 15.31 -21.92
CA ALA B 522 -31.13 13.93 -22.27
C ALA B 522 -30.18 13.31 -21.26
N PHE B 523 -29.17 14.07 -20.82
CA PHE B 523 -28.17 13.49 -19.95
C PHE B 523 -28.71 13.37 -18.53
N SER B 524 -29.52 14.34 -18.10
CA SER B 524 -30.11 14.23 -16.77
C SER B 524 -31.01 13.00 -16.69
N VAL B 525 -31.77 12.73 -17.74
CA VAL B 525 -32.66 11.57 -17.72
C VAL B 525 -31.83 10.29 -17.75
N PHE B 526 -30.87 10.21 -18.68
CA PHE B 526 -30.01 9.02 -18.74
C PHE B 526 -29.31 8.77 -17.40
N THR B 527 -28.81 9.84 -16.77
CA THR B 527 -28.14 9.72 -15.48
C THR B 527 -29.05 9.12 -14.43
N ILE B 528 -30.24 9.70 -14.26
CA ILE B 528 -31.18 9.20 -13.26
C ILE B 528 -31.57 7.74 -13.56
N ILE B 529 -31.92 7.44 -14.81
CA ILE B 529 -32.33 6.07 -15.12
C ILE B 529 -31.20 5.07 -14.94
N CYS B 530 -29.95 5.45 -15.20
CA CYS B 530 -28.87 4.51 -14.95
C CYS B 530 -28.55 4.37 -13.48
N THR B 531 -28.67 5.44 -12.70
CA THR B 531 -28.46 5.34 -11.28
C THR B 531 -29.52 4.48 -10.62
N ILE B 532 -30.79 4.86 -10.77
CA ILE B 532 -31.86 4.13 -10.11
C ILE B 532 -31.97 2.71 -10.68
N GLY B 533 -31.65 2.49 -11.95
CA GLY B 533 -31.81 1.19 -12.52
C GLY B 533 -30.72 0.24 -12.08
N ILE B 534 -29.45 0.65 -12.17
CA ILE B 534 -28.36 -0.19 -11.69
C ILE B 534 -28.53 -0.46 -10.20
N LEU B 535 -28.72 0.59 -9.40
CA LEU B 535 -28.80 0.38 -7.96
C LEU B 535 -29.98 -0.51 -7.56
N MET B 536 -31.19 -0.20 -8.04
CA MET B 536 -32.34 -1.00 -7.61
C MET B 536 -32.44 -2.34 -8.31
N SER B 537 -31.57 -2.63 -9.27
CA SER B 537 -31.50 -3.99 -9.82
C SER B 537 -31.16 -5.01 -8.74
N ALA B 538 -30.32 -4.64 -7.78
CA ALA B 538 -29.88 -5.56 -6.73
C ALA B 538 -31.08 -6.16 -6.00
N PRO B 539 -31.17 -7.50 -5.87
CA PRO B 539 -32.34 -8.08 -5.18
C PRO B 539 -32.49 -7.66 -3.74
N ASN B 540 -31.41 -7.25 -3.07
CA ASN B 540 -31.43 -6.84 -1.67
C ASN B 540 -31.39 -5.33 -1.50
N PHE B 541 -31.77 -4.55 -2.52
CA PHE B 541 -31.60 -3.12 -2.41
C PHE B 541 -32.49 -2.51 -1.33
N VAL B 542 -33.81 -2.74 -1.46
CA VAL B 542 -34.77 -2.11 -0.54
C VAL B 542 -34.48 -2.52 0.90
N GLU B 543 -34.22 -3.79 1.13
CA GLU B 543 -33.85 -4.24 2.45
C GLU B 543 -32.63 -3.55 2.91
N ALA B 544 -31.59 -3.55 2.09
CA ALA B 544 -30.31 -2.95 2.47
C ALA B 544 -30.49 -1.51 2.93
N VAL B 545 -31.16 -0.69 2.11
CA VAL B 545 -31.33 0.71 2.49
C VAL B 545 -32.19 0.82 3.74
N SER B 546 -33.15 -0.11 3.91
CA SER B 546 -34.03 -0.04 5.07
C SER B 546 -33.27 -0.33 6.36
N LYS B 547 -32.30 -1.24 6.31
CA LYS B 547 -31.56 -1.61 7.51
C LYS B 547 -30.34 -0.73 7.76
N ASP B 548 -29.74 -0.17 6.71
CA ASP B 548 -28.49 0.55 6.85
C ASP B 548 -28.65 2.06 6.88
N PHE B 549 -29.79 2.58 6.43
CA PHE B 549 -30.05 4.02 6.43
C PHE B 549 -31.30 4.30 7.25
N GLU C 1 -10.34 -52.77 23.86
CA GLU C 1 -9.67 -54.01 24.37
C GLU C 1 -8.91 -54.72 23.26
N PHE C 2 -9.62 -55.11 22.20
CA PHE C 2 -8.94 -55.64 21.02
C PHE C 2 -8.13 -54.55 20.35
N GLN C 3 -8.69 -53.34 20.30
CA GLN C 3 -7.96 -52.20 19.79
C GLN C 3 -6.71 -51.92 20.62
N ARG C 4 -6.85 -51.94 21.95
CA ARG C 4 -5.70 -51.67 22.81
C ARG C 4 -4.63 -52.73 22.63
N LYS C 5 -5.04 -54.00 22.55
CA LYS C 5 -4.09 -55.07 22.31
C LYS C 5 -3.38 -54.90 20.97
N LEU C 6 -4.12 -54.52 19.93
CA LEU C 6 -3.54 -54.37 18.60
C LEU C 6 -2.52 -53.25 18.55
N TYR C 7 -2.83 -52.08 19.13
CA TYR C 7 -1.90 -50.96 19.08
C TYR C 7 -0.61 -51.29 19.83
N LYS C 8 -0.73 -51.97 20.96
CA LYS C 8 0.45 -52.38 21.71
C LYS C 8 1.24 -53.39 20.89
N GLU C 9 0.55 -54.29 20.19
CA GLU C 9 1.23 -55.33 19.44
C GLU C 9 1.91 -54.77 18.20
N LEU C 10 1.30 -53.78 17.55
CA LEU C 10 1.86 -53.29 16.30
C LEU C 10 3.15 -52.51 16.51
N VAL C 11 3.27 -51.80 17.64
CA VAL C 11 4.45 -50.96 17.85
C VAL C 11 5.64 -51.73 18.38
N LYS C 12 5.43 -52.96 18.85
CA LYS C 12 6.51 -53.80 19.36
C LYS C 12 7.59 -54.00 18.30
N ASN C 13 8.79 -53.50 18.59
CA ASN C 13 9.97 -53.57 17.71
C ASN C 13 9.79 -52.83 16.40
N TYR C 14 8.89 -51.85 16.34
CA TYR C 14 8.66 -51.13 15.10
C TYR C 14 9.62 -49.96 15.09
N ASN C 15 10.32 -49.78 13.98
CA ASN C 15 11.27 -48.70 13.83
C ASN C 15 10.77 -47.75 12.74
N PRO C 16 10.37 -46.51 13.06
CA PRO C 16 9.91 -45.61 11.99
C PRO C 16 11.00 -45.20 11.03
N LEU C 17 12.27 -45.55 11.28
CA LEU C 17 13.35 -45.31 10.34
C LEU C 17 13.39 -46.35 9.22
N GLU C 18 12.70 -47.48 9.38
CA GLU C 18 12.79 -48.61 8.47
C GLU C 18 11.79 -48.46 7.34
N ARG C 19 12.29 -48.50 6.10
CA ARG C 19 11.42 -48.69 4.95
C ARG C 19 10.71 -50.04 5.07
N PRO C 20 9.37 -50.10 5.13
CA PRO C 20 8.71 -51.37 5.55
C PRO C 20 8.46 -52.39 4.44
N VAL C 21 9.52 -53.10 4.01
CA VAL C 21 9.47 -54.15 2.99
C VAL C 21 9.84 -55.47 3.64
N ALA C 22 9.23 -56.57 3.20
CA ALA C 22 9.58 -57.93 3.69
C ALA C 22 10.99 -58.26 3.19
N ASN C 23 11.33 -57.86 1.95
CA ASN C 23 12.66 -58.09 1.34
C ASN C 23 13.35 -56.73 1.20
N ASP C 24 14.53 -56.56 1.81
CA ASP C 24 15.24 -55.25 1.82
C ASP C 24 15.85 -54.95 0.46
N SER C 25 15.98 -55.94 -0.44
CA SER C 25 16.47 -55.67 -1.79
C SER C 25 15.35 -55.23 -2.71
N GLN C 26 14.14 -55.71 -2.51
CA GLN C 26 13.02 -55.33 -3.36
C GLN C 26 12.49 -53.93 -3.07
N PRO C 27 11.82 -53.30 -4.03
CA PRO C 27 11.39 -51.91 -3.85
C PRO C 27 10.08 -51.83 -3.10
N LEU C 28 9.76 -50.62 -2.69
CA LEU C 28 8.51 -50.32 -2.01
C LEU C 28 7.76 -49.36 -2.91
N THR C 29 6.58 -49.77 -3.36
CA THR C 29 5.80 -48.97 -4.26
C THR C 29 4.99 -47.95 -3.48
N VAL C 30 4.96 -46.71 -4.00
CA VAL C 30 4.20 -45.62 -3.41
C VAL C 30 3.37 -45.05 -4.54
N TYR C 31 2.06 -45.01 -4.35
CA TYR C 31 1.16 -44.42 -5.33
C TYR C 31 0.93 -42.98 -4.92
N PHE C 32 1.28 -42.05 -5.80
CA PHE C 32 1.22 -40.64 -5.48
C PHE C 32 0.21 -39.97 -6.39
N SER C 33 -0.68 -39.20 -5.80
CA SER C 33 -1.63 -38.38 -6.51
C SER C 33 -1.84 -37.14 -5.68
N LEU C 34 -2.58 -36.19 -6.23
CA LEU C 34 -2.99 -35.04 -5.48
C LEU C 34 -4.42 -34.68 -5.87
N SER C 35 -5.00 -33.78 -5.09
CA SER C 35 -6.34 -33.28 -5.31
C SER C 35 -6.25 -31.77 -5.20
N LEU C 36 -6.53 -31.08 -6.30
CA LEU C 36 -6.43 -29.64 -6.35
C LEU C 36 -7.78 -29.04 -5.98
N LEU C 37 -7.79 -28.25 -4.90
CA LEU C 37 -8.99 -27.59 -4.40
C LEU C 37 -9.09 -26.13 -4.80
N GLN C 38 -7.96 -25.45 -4.97
CA GLN C 38 -7.95 -24.02 -5.22
C GLN C 38 -6.62 -23.60 -5.81
N ILE C 39 -6.69 -22.60 -6.67
CA ILE C 39 -5.52 -21.85 -7.10
C ILE C 39 -5.62 -20.54 -6.35
N MET C 40 -4.66 -20.27 -5.47
CA MET C 40 -4.76 -19.17 -4.54
C MET C 40 -4.05 -17.91 -5.03
N ASP C 41 -2.86 -18.05 -5.62
CA ASP C 41 -2.13 -16.88 -6.07
C ASP C 41 -1.13 -17.28 -7.15
N VAL C 42 -0.96 -16.38 -8.13
CA VAL C 42 0.02 -16.52 -9.19
C VAL C 42 0.86 -15.25 -9.15
N ASP C 43 1.81 -15.23 -8.26
CA ASP C 43 2.54 -14.00 -8.04
C ASP C 43 3.64 -13.83 -9.09
N GLU C 44 3.53 -12.77 -9.89
CA GLU C 44 4.50 -12.53 -10.95
C GLU C 44 5.88 -12.18 -10.40
N LYS C 45 5.94 -11.19 -9.50
CA LYS C 45 7.22 -10.73 -8.97
C LYS C 45 7.98 -11.84 -8.26
N ASN C 46 7.33 -12.54 -7.33
CA ASN C 46 8.05 -13.56 -6.58
C ASN C 46 8.26 -14.83 -7.39
N GLN C 47 7.52 -14.99 -8.50
CA GLN C 47 7.62 -16.16 -9.37
C GLN C 47 7.15 -17.41 -8.61
N VAL C 48 6.02 -17.28 -7.92
CA VAL C 48 5.50 -18.31 -7.04
C VAL C 48 4.03 -18.56 -7.35
N LEU C 49 3.63 -19.83 -7.27
CA LEU C 49 2.25 -20.25 -7.37
C LEU C 49 1.80 -20.75 -6.00
N THR C 50 0.66 -20.25 -5.52
CA THR C 50 0.06 -20.67 -4.26
C THR C 50 -1.22 -21.44 -4.54
N THR C 51 -1.29 -22.67 -4.02
CA THR C 51 -2.40 -23.57 -4.28
C THR C 51 -2.82 -24.29 -3.01
N ASN C 52 -4.10 -24.61 -2.94
CA ASN C 52 -4.65 -25.47 -1.90
C ASN C 52 -4.76 -26.87 -2.50
N ILE C 53 -4.02 -27.82 -1.93
CA ILE C 53 -3.88 -29.15 -2.50
C ILE C 53 -3.87 -30.18 -1.38
N TRP C 54 -4.57 -31.28 -1.61
CA TRP C 54 -4.54 -32.44 -0.75
C TRP C 54 -3.71 -33.50 -1.48
N LEU C 55 -2.53 -33.79 -0.94
CA LEU C 55 -1.71 -34.87 -1.45
C LEU C 55 -2.29 -36.22 -1.05
N GLN C 56 -2.06 -37.22 -1.90
CA GLN C 56 -2.54 -38.57 -1.68
CA GLN C 56 -2.55 -38.58 -1.68
C GLN C 56 -1.39 -39.53 -1.88
N MET C 57 -1.08 -40.30 -0.84
CA MET C 57 -0.03 -41.31 -0.87
C MET C 57 -0.60 -42.63 -0.38
N SER C 58 -0.22 -43.70 -1.07
CA SER C 58 -0.62 -45.05 -0.68
C SER C 58 0.59 -45.95 -0.80
N TRP C 59 0.73 -46.87 0.16
CA TRP C 59 1.82 -47.83 0.15
C TRP C 59 1.45 -48.94 1.11
N THR C 60 2.28 -49.97 1.16
CA THR C 60 2.06 -51.14 2.01
C THR C 60 3.17 -51.24 3.05
N ASP C 61 2.78 -51.36 4.30
CA ASP C 61 3.69 -51.58 5.41
C ASP C 61 3.64 -53.05 5.76
N HIS C 62 4.78 -53.74 5.60
CA HIS C 62 4.81 -55.18 5.84
C HIS C 62 4.51 -55.52 7.30
N TYR C 63 4.75 -54.60 8.22
CA TYR C 63 4.68 -54.89 9.64
C TYR C 63 3.31 -54.58 10.24
N LEU C 64 2.53 -53.72 9.61
CA LEU C 64 1.25 -53.29 10.17
C LEU C 64 0.10 -54.14 9.62
N GLN C 65 0.18 -55.43 9.89
CA GLN C 65 -0.81 -56.40 9.45
C GLN C 65 -1.30 -57.23 10.63
N TRP C 66 -2.61 -57.53 10.57
CA TRP C 66 -3.23 -58.35 11.60
C TRP C 66 -4.44 -59.04 10.99
N ASN C 67 -4.85 -60.13 11.63
CA ASN C 67 -6.03 -60.88 11.23
C ASN C 67 -7.22 -60.30 12.00
N VAL C 68 -8.24 -59.84 11.26
CA VAL C 68 -9.37 -59.17 11.91
C VAL C 68 -10.26 -60.13 12.67
N SER C 69 -10.16 -61.43 12.42
CA SER C 69 -10.91 -62.37 13.24
C SER C 69 -10.37 -62.42 14.67
N GLU C 70 -9.08 -62.25 14.82
CA GLU C 70 -8.42 -62.21 16.12
C GLU C 70 -8.58 -60.86 16.82
N TYR C 71 -8.99 -59.83 16.09
CA TYR C 71 -9.21 -58.49 16.65
C TYR C 71 -10.57 -57.99 16.18
N PRO C 72 -11.66 -58.64 16.62
CA PRO C 72 -12.98 -58.30 16.08
C PRO C 72 -13.35 -56.86 16.33
N GLY C 73 -13.89 -56.23 15.28
CA GLY C 73 -14.27 -54.84 15.31
C GLY C 73 -13.16 -53.87 14.95
N VAL C 74 -11.91 -54.32 14.95
CA VAL C 74 -10.77 -53.44 14.73
C VAL C 74 -10.31 -53.68 13.30
N LYS C 75 -10.83 -52.88 12.36
CA LYS C 75 -10.48 -53.04 10.96
C LYS C 75 -9.42 -52.07 10.49
N THR C 76 -9.26 -50.94 11.17
CA THR C 76 -8.29 -49.93 10.78
C THR C 76 -7.67 -49.30 12.02
N VAL C 77 -6.40 -48.95 11.93
CA VAL C 77 -5.64 -48.26 12.97
C VAL C 77 -5.05 -47.00 12.38
N ARG C 78 -5.00 -45.93 13.14
CA ARG C 78 -4.36 -44.69 12.70
C ARG C 78 -3.12 -44.41 13.53
N PHE C 79 -2.14 -43.76 12.95
CA PHE C 79 -0.88 -43.43 13.61
C PHE C 79 -0.51 -41.99 13.33
N PRO C 80 -0.04 -41.23 14.33
CA PRO C 80 0.35 -39.83 14.09
C PRO C 80 1.80 -39.77 13.65
N ASP C 81 2.17 -38.61 13.12
CA ASP C 81 3.53 -38.31 12.67
C ASP C 81 4.61 -38.83 13.60
N GLY C 82 5.63 -39.45 13.02
CA GLY C 82 6.78 -39.92 13.75
C GLY C 82 6.64 -41.27 14.40
N GLN C 83 5.48 -41.91 14.33
CA GLN C 83 5.26 -43.20 14.94
C GLN C 83 5.46 -44.36 13.97
N ILE C 84 4.97 -44.26 12.74
CA ILE C 84 5.24 -45.25 11.72
C ILE C 84 6.08 -44.62 10.62
N TRP C 85 6.56 -45.46 9.72
CA TRP C 85 7.35 -44.96 8.60
C TRP C 85 6.43 -44.25 7.62
N LYS C 86 6.99 -43.27 6.94
CA LYS C 86 6.27 -42.46 5.98
C LYS C 86 7.19 -42.22 4.79
N PRO C 87 6.65 -42.15 3.56
CA PRO C 87 7.50 -41.72 2.44
C PRO C 87 7.91 -40.26 2.57
N ASP C 88 9.17 -39.99 2.28
CA ASP C 88 9.69 -38.62 2.33
C ASP C 88 9.48 -37.88 1.00
N ILE C 89 8.26 -37.94 0.48
CA ILE C 89 7.95 -37.28 -0.78
C ILE C 89 7.73 -35.80 -0.49
N LEU C 90 8.49 -34.95 -1.16
CA LEU C 90 8.44 -33.51 -0.98
C LEU C 90 8.28 -32.85 -2.34
N LEU C 91 7.72 -31.64 -2.32
CA LEU C 91 7.69 -30.78 -3.49
C LEU C 91 9.07 -30.19 -3.72
N TYR C 92 9.73 -30.59 -4.81
CA TYR C 92 11.11 -30.18 -5.05
C TYR C 92 11.19 -28.69 -5.31
N ASN C 93 10.30 -28.15 -6.15
CA ASN C 93 10.34 -26.72 -6.49
C ASN C 93 9.48 -25.91 -5.55
N SER C 94 9.63 -26.16 -4.26
CA SER C 94 8.90 -25.41 -3.25
C SER C 94 9.53 -24.05 -3.04
N ALA C 95 8.67 -23.04 -2.88
CA ALA C 95 9.08 -21.67 -2.60
C ALA C 95 8.59 -21.21 -1.23
N ASP C 96 8.29 -22.13 -0.33
CA ASP C 96 7.78 -21.82 0.98
C ASP C 96 8.93 -21.68 1.97
N GLU C 97 8.78 -20.73 2.91
CA GLU C 97 9.80 -20.53 3.94
C GLU C 97 10.00 -21.77 4.81
N ARG C 98 8.99 -22.63 4.91
CA ARG C 98 9.13 -23.90 5.61
C ARG C 98 9.57 -25.05 4.72
N PHE C 99 9.43 -24.90 3.41
CA PHE C 99 9.70 -25.91 2.37
C PHE C 99 8.73 -27.09 2.36
N ASP C 100 8.27 -27.53 3.54
CA ASP C 100 7.24 -28.55 3.68
C ASP C 100 5.96 -27.84 4.11
N ALA C 101 4.98 -27.77 3.20
CA ALA C 101 3.73 -27.09 3.49
C ALA C 101 2.67 -28.03 4.04
N THR C 102 2.94 -29.33 4.09
CA THR C 102 1.92 -30.28 4.47
C THR C 102 1.60 -30.23 5.95
N PHE C 103 0.33 -30.44 6.28
CA PHE C 103 -0.10 -30.67 7.65
C PHE C 103 -0.13 -32.17 7.88
N HIS C 104 0.69 -32.65 8.81
CA HIS C 104 0.93 -34.06 9.01
C HIS C 104 -0.27 -34.66 9.76
N THR C 105 -1.21 -35.23 9.02
CA THR C 105 -2.36 -35.88 9.59
C THR C 105 -2.00 -37.33 9.93
N ASN C 106 -2.98 -38.11 10.35
CA ASN C 106 -2.75 -39.51 10.67
C ASN C 106 -2.65 -40.32 9.39
N VAL C 107 -1.91 -41.42 9.47
CA VAL C 107 -1.80 -42.37 8.38
C VAL C 107 -2.78 -43.49 8.69
N LEU C 108 -3.67 -43.78 7.74
CA LEU C 108 -4.67 -44.84 7.87
C LEU C 108 -4.11 -46.14 7.33
N VAL C 109 -4.28 -47.21 8.10
CA VAL C 109 -3.81 -48.54 7.73
C VAL C 109 -4.93 -49.55 7.99
N ASN C 110 -5.14 -50.50 7.06
CA ASN C 110 -6.11 -51.55 7.36
C ASN C 110 -5.33 -52.81 7.73
N SER C 111 -6.09 -53.87 8.06
CA SER C 111 -5.53 -55.14 8.50
C SER C 111 -4.57 -55.77 7.50
N SER C 112 -4.68 -55.45 6.22
CA SER C 112 -3.75 -55.99 5.23
C SER C 112 -2.48 -55.17 5.09
N GLY C 113 -2.37 -54.04 5.79
CA GLY C 113 -1.18 -53.23 5.79
C GLY C 113 -1.17 -52.10 4.78
N HIS C 114 -2.28 -51.90 4.09
CA HIS C 114 -2.38 -50.82 3.12
CA HIS C 114 -2.41 -50.81 3.12
C HIS C 114 -2.47 -49.47 3.83
N CYS C 115 -1.41 -48.67 3.71
CA CYS C 115 -1.35 -47.36 4.33
C CYS C 115 -1.89 -46.28 3.40
N GLN C 116 -2.61 -45.32 3.99
CA GLN C 116 -3.21 -44.19 3.27
C GLN C 116 -2.89 -42.93 4.04
N TYR C 117 -2.13 -42.03 3.40
CA TYR C 117 -1.70 -40.77 3.99
C TYR C 117 -2.20 -39.63 3.11
N LEU C 118 -3.03 -38.75 3.68
CA LEU C 118 -3.69 -37.66 2.95
C LEU C 118 -3.30 -36.31 3.55
N PRO C 119 -2.05 -35.89 3.41
CA PRO C 119 -1.64 -34.61 3.98
C PRO C 119 -2.21 -33.43 3.19
N PRO C 120 -2.97 -32.53 3.82
CA PRO C 120 -3.35 -31.28 3.14
C PRO C 120 -2.24 -30.25 3.25
N GLY C 121 -2.35 -29.20 2.45
CA GLY C 121 -1.42 -28.10 2.56
C GLY C 121 -1.77 -26.94 1.66
N ILE C 122 -1.17 -25.79 1.96
CA ILE C 122 -1.21 -24.61 1.12
C ILE C 122 0.19 -24.49 0.54
N PHE C 123 0.41 -25.07 -0.63
CA PHE C 123 1.74 -25.17 -1.20
C PHE C 123 2.13 -23.90 -1.94
N LYS C 124 3.40 -23.55 -1.85
CA LYS C 124 4.01 -22.48 -2.63
C LYS C 124 5.11 -23.09 -3.49
N SER C 125 4.95 -23.01 -4.81
CA SER C 125 5.86 -23.62 -5.76
C SER C 125 6.51 -22.55 -6.61
N SER C 126 7.76 -22.80 -6.99
CA SER C 126 8.49 -21.89 -7.86
C SER C 126 8.04 -22.12 -9.30
N CYS C 127 7.53 -21.08 -9.94
CA CYS C 127 7.00 -21.17 -11.28
C CYS C 127 7.43 -19.95 -12.09
N TYR C 128 7.97 -20.18 -13.27
CA TYR C 128 8.25 -19.09 -14.18
C TYR C 128 6.96 -18.60 -14.80
N ILE C 129 6.61 -17.35 -14.55
CA ILE C 129 5.39 -16.75 -15.08
C ILE C 129 5.80 -15.92 -16.28
N ASP C 130 5.18 -16.21 -17.42
CA ASP C 130 5.45 -15.49 -18.66
C ASP C 130 4.33 -14.49 -18.88
N VAL C 131 4.63 -13.22 -18.70
CA VAL C 131 3.66 -12.14 -18.83
C VAL C 131 3.83 -11.40 -20.16
N ARG C 132 4.42 -12.05 -21.16
CA ARG C 132 4.52 -11.46 -22.50
C ARG C 132 3.15 -11.11 -23.05
N TRP C 133 2.18 -12.00 -22.87
CA TRP C 133 0.85 -11.86 -23.46
C TRP C 133 -0.19 -11.39 -22.46
N PHE C 134 0.24 -10.95 -21.28
CA PHE C 134 -0.65 -10.38 -20.29
C PHE C 134 -1.45 -9.23 -20.90
N PRO C 135 -2.78 -9.21 -20.76
CA PRO C 135 -3.65 -10.01 -19.86
C PRO C 135 -4.05 -11.37 -20.42
N PHE C 136 -3.72 -11.69 -21.68
CA PHE C 136 -4.14 -12.93 -22.31
C PHE C 136 -3.13 -14.04 -22.13
N ASP C 137 -2.41 -14.04 -21.03
CA ASP C 137 -1.34 -15.01 -20.88
C ASP C 137 -1.88 -16.32 -20.34
N VAL C 138 -1.07 -17.35 -20.52
CA VAL C 138 -1.39 -18.72 -20.11
C VAL C 138 -0.14 -19.23 -19.43
N GLN C 139 -0.31 -19.84 -18.26
CA GLN C 139 0.81 -20.29 -17.47
C GLN C 139 0.80 -21.80 -17.40
N HIS C 140 1.99 -22.37 -17.27
CA HIS C 140 2.19 -23.81 -17.15
C HIS C 140 3.15 -23.95 -15.99
N CYS C 141 2.62 -24.36 -14.85
CA CYS C 141 3.36 -24.41 -13.60
C CYS C 141 3.55 -25.86 -13.20
N LYS C 142 4.80 -26.24 -13.00
CA LYS C 142 5.16 -27.60 -12.68
C LYS C 142 5.16 -27.76 -11.17
N LEU C 143 4.65 -28.89 -10.70
CA LEU C 143 4.71 -29.29 -9.31
C LEU C 143 5.43 -30.63 -9.30
N LYS C 144 6.72 -30.58 -8.99
CA LYS C 144 7.59 -31.74 -9.10
C LYS C 144 7.71 -32.40 -7.73
N PHE C 145 7.23 -33.62 -7.61
CA PHE C 145 7.25 -34.38 -6.38
C PHE C 145 8.13 -35.61 -6.54
N GLY C 146 8.90 -35.90 -5.49
CA GLY C 146 9.71 -37.10 -5.45
C GLY C 146 10.21 -37.32 -4.04
N SER C 147 10.82 -38.47 -3.83
CA SER C 147 11.43 -38.79 -2.55
C SER C 147 12.79 -38.10 -2.42
N TRP C 148 13.01 -37.49 -1.26
CA TRP C 148 14.26 -36.78 -0.99
C TRP C 148 15.49 -37.68 -0.98
N SER C 149 15.36 -38.97 -0.62
CA SER C 149 16.53 -39.82 -0.44
C SER C 149 16.46 -41.24 -0.99
N TYR C 150 15.35 -41.69 -1.54
CA TYR C 150 15.18 -43.08 -1.96
C TYR C 150 15.11 -43.15 -3.48
N GLY C 151 16.05 -43.86 -4.08
CA GLY C 151 15.98 -44.11 -5.50
C GLY C 151 14.87 -45.09 -5.83
N GLY C 152 14.76 -45.41 -7.12
CA GLY C 152 13.68 -46.22 -7.62
C GLY C 152 13.72 -47.68 -7.22
N TRP C 153 14.89 -48.23 -6.89
CA TRP C 153 14.94 -49.59 -6.38
C TRP C 153 14.54 -49.68 -4.93
N SER C 154 14.42 -48.54 -4.24
CA SER C 154 14.01 -48.50 -2.84
C SER C 154 12.58 -47.99 -2.73
N LEU C 155 12.34 -46.78 -3.22
CA LEU C 155 11.00 -46.20 -3.28
C LEU C 155 10.63 -46.10 -4.76
N ASP C 156 9.81 -47.03 -5.22
CA ASP C 156 9.28 -47.01 -6.59
C ASP C 156 8.04 -46.13 -6.61
N LEU C 157 8.23 -44.88 -7.02
CA LEU C 157 7.15 -43.90 -7.04
C LEU C 157 6.32 -44.04 -8.30
N GLN C 158 5.06 -44.44 -8.15
CA GLN C 158 4.10 -44.54 -9.24
C GLN C 158 3.11 -43.40 -9.12
N MET C 159 2.44 -43.10 -10.24
CA MET C 159 1.56 -41.95 -10.35
C MET C 159 0.14 -42.40 -10.66
N GLN C 160 -0.81 -41.66 -10.08
CA GLN C 160 -2.23 -41.85 -10.30
C GLN C 160 -2.80 -40.51 -10.74
N GLU C 161 -3.83 -40.57 -11.57
CA GLU C 161 -4.38 -39.37 -12.19
C GLU C 161 -4.88 -38.40 -11.11
N ALA C 162 -4.58 -37.13 -11.28
CA ALA C 162 -4.95 -36.15 -10.27
C ALA C 162 -6.46 -35.94 -10.23
N ASP C 163 -6.96 -35.66 -9.03
CA ASP C 163 -8.38 -35.40 -8.82
C ASP C 163 -8.66 -33.90 -8.82
N ILE C 164 -9.74 -33.51 -9.48
CA ILE C 164 -10.23 -32.14 -9.47
C ILE C 164 -11.71 -32.10 -9.17
N SER C 165 -12.24 -33.17 -8.55
CA SER C 165 -13.66 -33.23 -8.25
C SER C 165 -14.08 -32.19 -7.23
N GLY C 166 -13.16 -31.79 -6.34
CA GLY C 166 -13.46 -30.80 -5.32
C GLY C 166 -12.78 -29.48 -5.59
N TYR C 167 -12.57 -29.17 -6.86
CA TYR C 167 -11.87 -27.95 -7.23
C TYR C 167 -12.84 -26.78 -7.18
N ILE C 168 -12.44 -25.70 -6.53
CA ILE C 168 -13.21 -24.47 -6.47
C ILE C 168 -12.75 -23.60 -7.63
N PRO C 169 -13.62 -23.23 -8.58
CA PRO C 169 -13.18 -22.33 -9.64
C PRO C 169 -12.72 -21.00 -9.07
N ASN C 170 -11.65 -20.48 -9.66
CA ASN C 170 -11.11 -19.19 -9.28
C ASN C 170 -11.83 -18.10 -10.04
N GLY C 171 -11.71 -16.88 -9.54
CA GLY C 171 -12.21 -15.72 -10.25
C GLY C 171 -11.20 -15.02 -11.12
N GLU C 172 -9.93 -15.42 -11.04
CA GLU C 172 -8.86 -14.80 -11.81
C GLU C 172 -8.29 -15.69 -12.90
N TRP C 173 -8.45 -17.01 -12.78
CA TRP C 173 -7.79 -17.97 -13.64
C TRP C 173 -8.73 -19.12 -13.99
N ASP C 174 -8.72 -19.53 -15.26
CA ASP C 174 -9.32 -20.80 -15.62
C ASP C 174 -8.34 -21.92 -15.32
N LEU C 175 -8.88 -23.10 -15.07
CA LEU C 175 -8.10 -24.32 -14.96
C LEU C 175 -8.28 -25.07 -16.26
N VAL C 176 -7.21 -25.15 -17.06
CA VAL C 176 -7.27 -25.94 -18.28
C VAL C 176 -7.15 -27.42 -17.96
N GLY C 177 -6.19 -27.76 -17.11
CA GLY C 177 -6.00 -29.14 -16.72
C GLY C 177 -4.81 -29.23 -15.79
N ILE C 178 -4.64 -30.41 -15.21
CA ILE C 178 -3.51 -30.71 -14.34
C ILE C 178 -2.98 -32.08 -14.70
N PRO C 179 -2.45 -32.28 -15.90
CA PRO C 179 -1.87 -33.59 -16.24
C PRO C 179 -0.59 -33.85 -15.47
N GLY C 180 -0.37 -35.12 -15.15
CA GLY C 180 0.85 -35.54 -14.49
C GLY C 180 1.68 -36.45 -15.36
N LYS C 181 2.96 -36.62 -15.01
CA LYS C 181 3.83 -37.49 -15.80
C LYS C 181 4.94 -38.01 -14.89
N ARG C 182 5.03 -39.33 -14.78
CA ARG C 182 6.13 -39.97 -14.07
C ARG C 182 7.35 -40.04 -14.97
N SER C 183 8.47 -39.45 -14.53
CA SER C 183 9.70 -39.39 -15.30
C SER C 183 10.83 -39.91 -14.44
N GLU C 184 11.69 -40.74 -15.04
CA GLU C 184 12.87 -41.26 -14.36
C GLU C 184 14.08 -40.39 -14.63
N ARG C 185 15.03 -40.44 -13.71
CA ARG C 185 16.28 -39.71 -13.79
C ARG C 185 17.39 -40.72 -13.66
N PHE C 186 18.55 -40.42 -14.25
CA PHE C 186 19.69 -41.32 -14.16
C PHE C 186 20.95 -40.56 -13.81
N TYR C 187 21.78 -41.20 -12.98
CA TYR C 187 23.11 -40.73 -12.64
C TYR C 187 24.12 -41.60 -13.38
N GLU C 188 25.19 -40.98 -13.86
CA GLU C 188 26.19 -41.72 -14.63
C GLU C 188 26.87 -42.81 -13.79
N CYS C 189 26.82 -42.71 -12.46
CA CYS C 189 27.37 -43.77 -11.62
C CYS C 189 26.67 -45.10 -11.86
N CYS C 190 25.34 -45.06 -11.96
CA CYS C 190 24.51 -46.21 -11.64
C CYS C 190 23.40 -46.32 -12.68
N LYS C 191 22.71 -47.46 -12.66
CA LYS C 191 21.62 -47.76 -13.57
C LYS C 191 20.25 -47.52 -12.94
N GLU C 192 20.21 -47.17 -11.65
CA GLU C 192 18.95 -47.09 -10.93
C GLU C 192 18.14 -45.88 -11.37
N PRO C 193 16.85 -46.02 -11.71
CA PRO C 193 16.06 -44.83 -11.98
C PRO C 193 15.79 -44.05 -10.70
N TYR C 194 15.59 -42.75 -10.88
CA TYR C 194 15.26 -41.84 -9.78
C TYR C 194 13.96 -41.15 -10.14
N PRO C 195 12.82 -41.72 -9.76
CA PRO C 195 11.55 -41.21 -10.28
C PRO C 195 11.09 -39.92 -9.62
N ASP C 196 10.30 -39.17 -10.36
CA ASP C 196 9.57 -38.02 -9.85
C ASP C 196 8.23 -37.99 -10.55
N VAL C 197 7.28 -37.30 -9.94
CA VAL C 197 5.94 -37.13 -10.50
C VAL C 197 5.71 -35.63 -10.57
N THR C 198 5.54 -35.12 -11.79
CA THR C 198 5.33 -33.71 -12.04
C THR C 198 3.91 -33.49 -12.52
N PHE C 199 3.14 -32.72 -11.76
CA PHE C 199 1.82 -32.27 -12.19
C PHE C 199 1.97 -30.85 -12.73
N THR C 200 1.72 -30.69 -14.02
CA THR C 200 1.81 -29.38 -14.67
C THR C 200 0.44 -28.73 -14.62
N VAL C 201 0.30 -27.71 -13.79
CA VAL C 201 -0.96 -26.99 -13.67
C VAL C 201 -0.99 -25.94 -14.78
N THR C 202 -1.94 -26.08 -15.70
CA THR C 202 -2.11 -25.18 -16.82
C THR C 202 -3.34 -24.32 -16.55
N MET C 203 -3.17 -23.01 -16.68
CA MET C 203 -4.20 -22.07 -16.25
C MET C 203 -4.19 -20.84 -17.13
N ARG C 204 -5.39 -20.39 -17.50
CA ARG C 204 -5.57 -19.26 -18.39
C ARG C 204 -6.09 -18.08 -17.59
N ARG C 205 -5.51 -16.91 -17.81
CA ARG C 205 -5.95 -15.73 -17.08
C ARG C 205 -7.30 -15.27 -17.61
N ARG C 206 -8.25 -15.07 -16.72
CA ARG C 206 -9.52 -14.50 -17.14
C ARG C 206 -9.30 -13.01 -17.40
N THR C 207 -9.96 -12.46 -18.41
CA THR C 207 -9.70 -11.12 -18.90
C THR C 207 -10.87 -10.15 -18.79
N LEU C 208 -11.99 -10.55 -18.18
CA LEU C 208 -13.10 -9.62 -18.03
C LEU C 208 -12.74 -8.44 -17.14
N TYR C 209 -12.04 -8.70 -16.03
CA TYR C 209 -11.63 -7.61 -15.16
C TYR C 209 -10.76 -6.62 -15.90
N TYR C 210 -9.87 -7.11 -16.74
CA TYR C 210 -8.92 -6.24 -17.42
C TYR C 210 -9.58 -5.53 -18.58
N GLY C 211 -10.56 -6.14 -19.24
CA GLY C 211 -11.31 -5.43 -20.26
C GLY C 211 -12.09 -4.26 -19.71
N LEU C 212 -12.80 -4.47 -18.61
CA LEU C 212 -13.71 -3.48 -18.06
C LEU C 212 -13.04 -2.40 -17.23
N ASN C 213 -11.95 -2.70 -16.54
CA ASN C 213 -11.27 -1.72 -15.72
C ASN C 213 -10.01 -1.14 -16.34
N LEU C 214 -9.63 -1.55 -17.56
CA LEU C 214 -8.47 -0.93 -18.21
C LEU C 214 -8.71 -0.48 -19.64
N LEU C 215 -9.07 -1.41 -20.55
CA LEU C 215 -9.33 -1.06 -21.94
C LEU C 215 -10.38 0.02 -22.09
N ILE C 216 -11.50 -0.11 -21.41
CA ILE C 216 -12.60 0.83 -21.59
C ILE C 216 -12.18 2.18 -21.00
N PRO C 217 -11.66 2.24 -19.77
CA PRO C 217 -11.13 3.53 -19.31
C PRO C 217 -9.98 4.05 -20.16
N CYS C 218 -9.23 3.16 -20.83
CA CYS C 218 -8.10 3.59 -21.62
C CYS C 218 -8.53 4.03 -23.02
N VAL C 219 -9.42 3.26 -23.66
CA VAL C 219 -9.95 3.65 -24.97
C VAL C 219 -10.70 4.97 -24.87
N LEU C 220 -11.57 5.09 -23.86
CA LEU C 220 -12.33 6.33 -23.69
C LEU C 220 -11.42 7.53 -23.50
N ILE C 221 -10.37 7.40 -22.70
CA ILE C 221 -9.47 8.53 -22.54
C ILE C 221 -8.70 8.76 -23.84
N SER C 222 -8.36 7.67 -24.55
CA SER C 222 -7.69 7.77 -25.83
C SER C 222 -8.58 8.38 -26.91
N ALA C 223 -9.90 8.28 -26.76
CA ALA C 223 -10.80 8.88 -27.72
C ALA C 223 -10.98 10.37 -27.46
N LEU C 224 -10.93 10.78 -26.19
CA LEU C 224 -11.08 12.20 -25.86
C LEU C 224 -9.91 13.00 -26.39
N ALA C 225 -8.73 12.38 -26.50
CA ALA C 225 -7.59 13.08 -27.05
C ALA C 225 -7.81 13.40 -28.52
N LEU C 226 -8.54 12.53 -29.23
CA LEU C 226 -8.86 12.77 -30.62
C LEU C 226 -9.95 13.83 -30.76
N LEU C 227 -10.73 14.05 -29.70
CA LEU C 227 -11.75 15.08 -29.69
C LEU C 227 -11.18 16.49 -29.83
N VAL C 228 -9.90 16.69 -29.51
CA VAL C 228 -9.26 18.00 -29.66
C VAL C 228 -9.34 18.48 -31.10
N PHE C 229 -9.30 17.55 -32.05
CA PHE C 229 -9.28 17.93 -33.45
C PHE C 229 -10.63 18.44 -33.92
N LEU C 230 -11.71 18.09 -33.23
CA LEU C 230 -13.00 18.65 -33.55
C LEU C 230 -13.28 19.95 -32.81
N LEU C 231 -12.51 20.27 -31.79
CA LEU C 231 -12.72 21.51 -31.03
C LEU C 231 -12.20 22.70 -31.81
N PRO C 232 -13.00 23.76 -32.00
CA PRO C 232 -12.47 24.96 -32.67
C PRO C 232 -11.26 25.54 -31.96
N ALA C 233 -10.44 26.25 -32.72
CA ALA C 233 -9.29 26.94 -32.15
C ALA C 233 -9.70 28.20 -31.39
N ASP C 234 -10.91 28.70 -31.60
CA ASP C 234 -11.35 29.91 -30.93
C ASP C 234 -11.91 29.64 -29.54
N SER C 235 -12.17 28.37 -29.20
CA SER C 235 -12.62 28.05 -27.85
C SER C 235 -11.60 28.46 -26.80
N GLY C 236 -10.32 28.47 -27.17
CA GLY C 236 -9.28 28.76 -26.22
C GLY C 236 -9.04 27.62 -25.25
N GLU C 237 -9.45 26.40 -25.60
CA GLU C 237 -9.39 25.27 -24.68
C GLU C 237 -8.78 24.01 -25.32
N LYS C 238 -8.11 24.14 -26.47
CA LYS C 238 -7.58 22.97 -27.15
C LYS C 238 -6.42 22.34 -26.38
N ILE C 239 -5.52 23.16 -25.86
CA ILE C 239 -4.44 22.64 -25.03
C ILE C 239 -5.01 22.15 -23.71
N SER C 240 -5.97 22.87 -23.15
CA SER C 240 -6.62 22.47 -21.91
C SER C 240 -7.16 21.04 -22.02
N LEU C 241 -7.88 20.75 -23.10
CA LEU C 241 -8.43 19.41 -23.29
C LEU C 241 -7.33 18.37 -23.42
N GLY C 242 -6.39 18.60 -24.33
CA GLY C 242 -5.38 17.60 -24.61
C GLY C 242 -4.45 17.35 -23.44
N ILE C 243 -3.99 18.42 -22.80
CA ILE C 243 -3.01 18.24 -21.73
C ILE C 243 -3.67 17.68 -20.48
N THR C 244 -4.96 17.98 -20.27
CA THR C 244 -5.66 17.39 -19.13
C THR C 244 -6.00 15.92 -19.40
N VAL C 245 -6.24 15.56 -20.66
CA VAL C 245 -6.41 14.16 -21.01
C VAL C 245 -5.13 13.40 -20.75
N LEU C 246 -3.98 14.01 -21.09
CA LEU C 246 -2.71 13.38 -20.78
C LEU C 246 -2.52 13.29 -19.28
N LEU C 247 -2.86 14.35 -18.54
CA LEU C 247 -2.80 14.32 -17.09
C LEU C 247 -3.67 13.19 -16.53
N SER C 248 -4.90 13.06 -17.05
CA SER C 248 -5.76 11.95 -16.64
C SER C 248 -5.08 10.61 -16.91
N LEU C 249 -4.41 10.50 -18.04
CA LEU C 249 -3.73 9.26 -18.38
C LEU C 249 -2.51 9.05 -17.50
N THR C 250 -1.85 10.14 -17.08
CA THR C 250 -0.79 10.00 -16.07
C THR C 250 -1.38 9.50 -14.76
N VAL C 251 -2.59 9.96 -14.41
CA VAL C 251 -3.24 9.52 -13.18
C VAL C 251 -3.68 8.07 -13.31
N PHE C 252 -4.14 7.71 -14.50
CA PHE C 252 -4.56 6.34 -14.75
C PHE C 252 -3.36 5.40 -14.75
N MET C 253 -2.18 5.90 -15.11
CA MET C 253 -0.97 5.10 -15.13
C MET C 253 -0.61 4.60 -13.76
N LEU C 254 -0.99 5.33 -12.71
CA LEU C 254 -0.78 4.88 -11.36
C LEU C 254 -1.62 3.64 -11.05
N LEU C 255 -2.91 3.59 -11.41
CA LEU C 255 -3.71 2.38 -11.26
C LEU C 255 -3.06 1.25 -12.05
N VAL C 256 -2.68 1.53 -13.30
CA VAL C 256 -2.04 0.52 -14.14
C VAL C 256 -0.78 -0.02 -13.47
N ALA C 257 -0.07 0.83 -12.72
CA ALA C 257 1.16 0.44 -12.06
C ALA C 257 0.97 -0.75 -11.14
N GLU C 258 0.02 -0.66 -10.22
CA GLU C 258 -0.25 -1.71 -9.24
C GLU C 258 -0.40 -3.09 -9.88
N ILE C 259 -1.27 -3.18 -10.88
CA ILE C 259 -1.61 -4.47 -11.49
C ILE C 259 -0.54 -4.97 -12.44
N MET C 260 0.15 -4.08 -13.15
CA MET C 260 1.18 -4.44 -14.13
C MET C 260 2.21 -5.34 -13.47
N PRO C 261 2.83 -6.30 -14.20
CA PRO C 261 3.92 -7.04 -13.58
C PRO C 261 5.13 -6.15 -13.41
N ALA C 262 6.25 -6.68 -12.95
CA ALA C 262 7.49 -5.90 -12.87
C ALA C 262 8.64 -6.82 -13.25
N THR C 263 8.80 -7.03 -14.55
CA THR C 263 9.86 -7.86 -15.11
C THR C 263 10.53 -7.15 -16.27
N SER C 264 11.65 -7.71 -16.70
CA SER C 264 12.38 -7.26 -17.87
C SER C 264 12.65 -8.43 -18.79
N ASP C 265 11.86 -9.49 -18.67
CA ASP C 265 11.97 -10.67 -19.50
C ASP C 265 11.37 -10.43 -20.88
N SER C 266 10.47 -9.46 -20.98
CA SER C 266 9.78 -9.10 -22.21
C SER C 266 9.00 -7.83 -21.91
N VAL C 267 8.44 -7.24 -22.95
CA VAL C 267 7.50 -6.14 -22.81
C VAL C 267 6.10 -6.74 -22.82
N PRO C 268 5.32 -6.66 -21.74
CA PRO C 268 3.98 -7.22 -21.77
C PRO C 268 3.11 -6.55 -22.82
N LEU C 269 2.16 -7.32 -23.36
CA LEU C 269 1.24 -6.78 -24.35
C LEU C 269 0.51 -5.58 -23.81
N ILE C 270 0.14 -5.61 -22.53
CA ILE C 270 -0.60 -4.51 -21.94
C ILE C 270 0.28 -3.26 -21.88
N ALA C 271 1.57 -3.45 -21.62
CA ALA C 271 2.50 -2.34 -21.59
C ALA C 271 2.68 -1.73 -22.98
N GLN C 272 2.65 -2.55 -24.03
CA GLN C 272 2.69 -1.99 -25.37
C GLN C 272 1.47 -1.15 -25.66
N TYR C 273 0.29 -1.64 -25.28
CA TYR C 273 -0.93 -0.90 -25.60
C TYR C 273 -0.99 0.43 -24.84
N PHE C 274 -0.71 0.42 -23.54
CA PHE C 274 -0.73 1.68 -22.79
C PHE C 274 0.42 2.59 -23.21
N ALA C 275 1.59 2.03 -23.47
CA ALA C 275 2.70 2.85 -23.95
C ALA C 275 2.32 3.53 -25.25
N SER C 276 1.67 2.81 -26.15
CA SER C 276 1.28 3.38 -27.44
C SER C 276 0.27 4.50 -27.22
N THR C 277 -0.73 4.24 -26.37
CA THR C 277 -1.72 5.25 -26.00
C THR C 277 -1.05 6.55 -25.57
N MET C 278 0.00 6.47 -24.74
CA MET C 278 0.68 7.68 -24.29
C MET C 278 1.24 8.44 -25.48
N ILE C 279 1.95 7.74 -26.38
CA ILE C 279 2.55 8.38 -27.54
C ILE C 279 1.50 9.08 -28.39
N ILE C 280 0.37 8.40 -28.65
CA ILE C 280 -0.66 8.98 -29.50
C ILE C 280 -1.27 10.22 -28.86
N VAL C 281 -1.46 10.19 -27.54
CA VAL C 281 -2.01 11.36 -26.87
C VAL C 281 -0.96 12.45 -26.78
N GLY C 282 0.31 12.07 -26.61
CA GLY C 282 1.36 13.06 -26.55
C GLY C 282 1.52 13.77 -27.87
N LEU C 283 1.42 13.00 -28.96
CA LEU C 283 1.57 13.55 -30.30
C LEU C 283 0.38 14.41 -30.65
N SER C 284 -0.81 14.03 -30.16
CA SER C 284 -1.99 14.87 -30.37
C SER C 284 -1.76 16.25 -29.79
N VAL C 285 -1.19 16.34 -28.59
CA VAL C 285 -0.83 17.64 -28.03
C VAL C 285 0.22 18.34 -28.89
N VAL C 286 1.12 17.58 -29.52
CA VAL C 286 2.12 18.17 -30.40
C VAL C 286 1.46 18.80 -31.63
N VAL C 287 0.61 18.03 -32.31
CA VAL C 287 -0.03 18.57 -33.51
C VAL C 287 -1.02 19.67 -33.15
N THR C 288 -1.57 19.64 -31.94
CA THR C 288 -2.43 20.73 -31.50
C THR C 288 -1.66 22.04 -31.44
N VAL C 289 -0.42 21.98 -30.92
CA VAL C 289 0.42 23.17 -30.88
C VAL C 289 0.75 23.66 -32.28
N ILE C 290 0.99 22.73 -33.20
CA ILE C 290 1.24 23.11 -34.59
C ILE C 290 -0.01 23.75 -35.19
N VAL C 291 -1.19 23.20 -34.88
CA VAL C 291 -2.43 23.78 -35.39
C VAL C 291 -2.60 25.21 -34.88
N LEU C 292 -2.28 25.45 -33.61
CA LEU C 292 -2.47 26.79 -33.07
C LEU C 292 -1.47 27.77 -33.66
N GLN C 293 -0.32 27.29 -34.13
CA GLN C 293 0.61 28.19 -34.80
C GLN C 293 0.03 28.68 -36.11
N TYR C 294 -0.69 27.81 -36.80
CA TYR C 294 -1.37 28.22 -38.01
C TYR C 294 -2.53 29.15 -37.67
N HIS C 295 -3.33 28.80 -36.66
CA HIS C 295 -4.50 29.59 -36.32
C HIS C 295 -4.13 30.99 -35.85
N HIS C 296 -3.06 31.11 -35.08
CA HIS C 296 -2.63 32.37 -34.49
C HIS C 296 -1.45 32.99 -35.25
N HIS C 297 -1.22 32.56 -36.49
CA HIS C 297 -0.11 33.11 -37.26
C HIS C 297 -0.28 34.61 -37.48
N ASP C 298 0.82 35.33 -37.35
CA ASP C 298 0.80 36.78 -37.50
C ASP C 298 0.40 37.16 -38.93
N PRO C 299 -0.57 38.06 -39.13
CA PRO C 299 -0.89 38.48 -40.51
C PRO C 299 0.26 39.13 -41.22
N ASP C 300 1.23 39.69 -40.50
CA ASP C 300 2.35 40.42 -41.07
C ASP C 300 3.65 39.63 -40.96
N GLY C 301 3.54 38.31 -40.88
CA GLY C 301 4.67 37.41 -40.87
C GLY C 301 4.98 36.87 -42.24
N GLY C 302 5.54 35.66 -42.27
CA GLY C 302 5.92 35.07 -43.55
C GLY C 302 4.71 34.63 -44.34
N LYS C 303 4.67 35.01 -45.61
CA LYS C 303 3.57 34.64 -46.49
C LYS C 303 3.47 33.12 -46.61
N MET C 304 2.23 32.60 -46.57
CA MET C 304 1.91 31.19 -46.72
C MET C 304 2.72 30.58 -47.87
N PRO C 305 3.67 29.65 -47.61
CA PRO C 305 4.45 29.07 -48.73
C PRO C 305 3.58 28.49 -49.83
N LYS C 306 4.16 28.35 -51.02
CA LYS C 306 3.44 27.76 -52.12
C LYS C 306 3.03 26.34 -51.78
N TRP C 307 3.98 25.57 -51.23
CA TRP C 307 3.71 24.18 -50.93
C TRP C 307 2.67 24.06 -49.82
N THR C 308 2.74 24.94 -48.82
CA THR C 308 1.70 24.99 -47.79
C THR C 308 0.35 25.31 -48.42
N ARG C 309 0.31 26.32 -49.29
CA ARG C 309 -0.94 26.66 -49.96
C ARG C 309 -1.41 25.54 -50.87
N VAL C 310 -0.47 24.84 -51.52
CA VAL C 310 -0.84 23.81 -52.46
C VAL C 310 -1.31 22.56 -51.73
N ILE C 311 -0.52 22.09 -50.76
CA ILE C 311 -0.86 20.88 -50.03
C ILE C 311 -2.17 21.03 -49.28
N LEU C 312 -2.29 22.06 -48.46
CA LEU C 312 -3.42 22.16 -47.55
C LEU C 312 -4.66 22.75 -48.22
N LEU C 313 -4.53 23.94 -48.80
CA LEU C 313 -5.72 24.68 -49.23
C LEU C 313 -6.33 24.14 -50.52
N ASN C 314 -5.59 23.33 -51.29
CA ASN C 314 -6.08 22.80 -52.56
C ASN C 314 -6.25 21.29 -52.53
N TRP C 315 -5.18 20.52 -52.29
CA TRP C 315 -5.30 19.08 -52.38
C TRP C 315 -6.05 18.51 -51.20
N CYS C 316 -5.50 18.67 -49.99
CA CYS C 316 -6.13 18.13 -48.79
C CYS C 316 -7.51 18.74 -48.58
N ALA C 317 -7.69 20.02 -48.90
CA ALA C 317 -8.98 20.64 -48.71
C ALA C 317 -10.01 20.17 -49.73
N TRP C 318 -9.55 19.55 -50.82
CA TRP C 318 -10.45 18.98 -51.81
C TRP C 318 -10.75 17.52 -51.47
N PHE C 319 -9.72 16.78 -51.06
CA PHE C 319 -9.92 15.39 -50.63
C PHE C 319 -10.95 15.31 -49.52
N LEU C 320 -10.86 16.20 -48.54
CA LEU C 320 -11.77 16.22 -47.41
C LEU C 320 -13.07 16.96 -47.70
N ARG C 321 -13.26 17.44 -48.92
CA ARG C 321 -14.41 18.26 -49.31
C ARG C 321 -14.74 19.33 -48.28
N MET C 322 -13.84 20.30 -48.10
CA MET C 322 -13.98 21.32 -47.07
C MET C 322 -14.22 22.71 -47.66
N LYS C 323 -13.29 23.20 -48.49
CA LYS C 323 -13.44 24.49 -49.14
C LYS C 323 -13.53 25.63 -48.13
N PRO C 479 -11.24 73.99 -49.35
CA PRO C 479 -10.11 74.06 -48.40
C PRO C 479 -10.32 73.13 -47.22
N ASP C 480 -11.26 73.47 -46.33
CA ASP C 480 -11.58 72.56 -45.23
C ASP C 480 -12.08 71.23 -45.75
N LEU C 481 -12.92 71.25 -46.79
CA LEU C 481 -13.55 70.03 -47.29
C LEU C 481 -12.51 69.06 -47.84
N ALA C 482 -11.43 69.58 -48.43
CA ALA C 482 -10.40 68.69 -48.95
C ALA C 482 -9.65 68.00 -47.82
N LYS C 483 -9.47 68.71 -46.70
CA LYS C 483 -8.79 68.06 -45.59
C LYS C 483 -9.69 67.06 -44.92
N ILE C 484 -11.01 67.32 -44.91
CA ILE C 484 -11.97 66.31 -44.47
C ILE C 484 -11.85 65.07 -45.33
N LEU C 485 -11.73 65.26 -46.65
CA LEU C 485 -11.56 64.10 -47.51
C LEU C 485 -10.31 63.33 -47.11
N GLU C 486 -9.24 64.04 -46.76
CA GLU C 486 -8.01 63.34 -46.37
C GLU C 486 -8.21 62.50 -45.11
N GLU C 487 -8.69 63.06 -44.03
CA GLU C 487 -8.94 62.33 -42.81
C GLU C 487 -9.92 61.17 -42.98
N VAL C 488 -11.05 61.38 -43.65
CA VAL C 488 -12.02 60.31 -43.83
C VAL C 488 -11.42 59.19 -44.68
N ARG C 489 -10.61 59.54 -45.65
CA ARG C 489 -10.03 58.51 -46.47
C ARG C 489 -9.05 57.73 -45.63
N TYR C 490 -8.30 58.39 -44.76
CA TYR C 490 -7.40 57.64 -43.87
C TYR C 490 -8.17 56.61 -43.05
N ILE C 491 -9.32 57.00 -42.49
CA ILE C 491 -10.11 56.06 -41.70
C ILE C 491 -10.55 54.88 -42.55
N ALA C 492 -11.02 55.15 -43.77
CA ALA C 492 -11.55 54.08 -44.60
C ALA C 492 -10.45 53.16 -45.11
N ASN C 493 -9.33 53.73 -45.55
CA ASN C 493 -8.21 52.91 -46.00
C ASN C 493 -7.61 52.12 -44.85
N ARG C 494 -7.69 52.64 -43.63
CA ARG C 494 -7.27 51.85 -42.48
C ARG C 494 -8.20 50.66 -42.29
N PHE C 495 -9.51 50.85 -42.46
CA PHE C 495 -10.40 49.71 -42.40
C PHE C 495 -10.11 48.71 -43.52
N ARG C 496 -9.67 49.22 -44.67
CA ARG C 496 -9.35 48.32 -45.79
C ARG C 496 -8.13 47.47 -45.48
N CYS C 497 -7.09 48.08 -44.90
CA CYS C 497 -5.91 47.31 -44.50
C CYS C 497 -6.27 46.29 -43.41
N GLN C 498 -7.07 46.70 -42.43
CA GLN C 498 -7.51 45.77 -41.40
C GLN C 498 -8.25 44.58 -42.00
N ASP C 499 -9.05 44.82 -43.04
CA ASP C 499 -9.76 43.70 -43.67
C ASP C 499 -8.84 42.82 -44.49
N GLU C 500 -7.80 43.40 -45.09
CA GLU C 500 -6.85 42.56 -45.82
C GLU C 500 -6.09 41.66 -44.86
N SER C 501 -5.72 42.20 -43.70
CA SER C 501 -5.04 41.38 -42.71
C SER C 501 -5.96 40.34 -42.12
N GLU C 502 -7.25 40.67 -42.00
CA GLU C 502 -8.21 39.68 -41.53
C GLU C 502 -8.39 38.57 -42.54
N ALA C 503 -8.27 38.87 -43.84
CA ALA C 503 -8.43 37.82 -44.85
C ALA C 503 -7.21 36.91 -44.90
N VAL C 504 -6.00 37.48 -44.80
CA VAL C 504 -4.81 36.65 -44.67
C VAL C 504 -4.93 35.74 -43.44
N CYS C 505 -5.42 36.30 -42.34
CA CYS C 505 -5.58 35.51 -41.13
C CYS C 505 -6.63 34.42 -41.33
N SER C 506 -7.72 34.73 -42.04
CA SER C 506 -8.71 33.70 -42.34
C SER C 506 -8.12 32.57 -43.15
N GLU C 507 -7.16 32.87 -44.02
CA GLU C 507 -6.57 31.79 -44.82
C GLU C 507 -5.65 30.93 -43.97
N TRP C 508 -4.94 31.54 -43.02
CA TRP C 508 -4.16 30.73 -42.09
C TRP C 508 -5.07 29.91 -41.17
N LYS C 509 -6.24 30.45 -40.84
CA LYS C 509 -7.15 29.78 -39.94
C LYS C 509 -7.80 28.58 -40.63
N PHE C 510 -8.10 28.72 -41.92
CA PHE C 510 -8.63 27.61 -42.67
C PHE C 510 -7.56 26.55 -42.89
N ALA C 511 -6.30 26.97 -43.07
CA ALA C 511 -5.21 26.00 -43.11
C ALA C 511 -5.15 25.19 -41.81
N ALA C 512 -5.43 25.85 -40.68
CA ALA C 512 -5.40 25.12 -39.42
C ALA C 512 -6.60 24.20 -39.27
N CYS C 513 -7.75 24.59 -39.82
CA CYS C 513 -8.89 23.68 -39.81
C CYS C 513 -8.62 22.45 -40.67
N VAL C 514 -7.88 22.63 -41.76
CA VAL C 514 -7.56 21.51 -42.63
C VAL C 514 -6.58 20.58 -41.95
N VAL C 515 -5.58 21.14 -41.26
CA VAL C 515 -4.66 20.31 -40.51
C VAL C 515 -5.39 19.59 -39.38
N ASP C 516 -6.41 20.21 -38.80
CA ASP C 516 -7.21 19.51 -37.78
C ASP C 516 -7.93 18.30 -38.38
N ARG C 517 -8.56 18.47 -39.53
CA ARG C 517 -9.28 17.34 -40.11
C ARG C 517 -8.33 16.23 -40.52
N LEU C 518 -7.14 16.59 -41.01
CA LEU C 518 -6.16 15.57 -41.36
C LEU C 518 -5.63 14.87 -40.13
N CYS C 519 -5.36 15.62 -39.06
CA CYS C 519 -4.84 15.01 -37.85
C CYS C 519 -5.89 14.13 -37.23
N LEU C 520 -7.17 14.50 -37.39
CA LEU C 520 -8.25 13.69 -36.89
C LEU C 520 -8.26 12.35 -37.56
N MET C 521 -8.24 12.35 -38.89
CA MET C 521 -8.26 11.08 -39.62
C MET C 521 -7.02 10.26 -39.32
N ALA C 522 -5.83 10.88 -39.39
CA ALA C 522 -4.59 10.15 -39.18
C ALA C 522 -4.55 9.52 -37.79
N PHE C 523 -4.98 10.26 -36.78
CA PHE C 523 -4.86 9.75 -35.42
C PHE C 523 -5.94 8.71 -35.15
N SER C 524 -7.14 8.90 -35.70
CA SER C 524 -8.18 7.90 -35.52
C SER C 524 -7.75 6.58 -36.13
N VAL C 525 -7.12 6.62 -37.31
CA VAL C 525 -6.69 5.39 -37.95
C VAL C 525 -5.56 4.75 -37.16
N PHE C 526 -4.55 5.55 -36.79
CA PHE C 526 -3.44 5.02 -35.99
C PHE C 526 -3.94 4.40 -34.69
N THR C 527 -4.89 5.07 -34.03
CA THR C 527 -5.45 4.57 -32.79
C THR C 527 -6.11 3.21 -32.98
N ILE C 528 -7.00 3.10 -33.96
CA ILE C 528 -7.68 1.83 -34.21
C ILE C 528 -6.68 0.73 -34.57
N ILE C 529 -5.74 1.02 -35.49
CA ILE C 529 -4.80 -0.03 -35.88
C ILE C 529 -3.88 -0.43 -34.74
N CYS C 530 -3.52 0.47 -33.84
CA CYS C 530 -2.70 0.04 -32.71
C CYS C 530 -3.51 -0.70 -31.67
N THR C 531 -4.77 -0.35 -31.47
CA THR C 531 -5.61 -1.08 -30.54
C THR C 531 -5.87 -2.49 -31.04
N ILE C 532 -6.45 -2.61 -32.23
CA ILE C 532 -6.78 -3.92 -32.74
C ILE C 532 -5.54 -4.75 -33.01
N GLY C 533 -4.41 -4.13 -33.37
CA GLY C 533 -3.24 -4.89 -33.69
C GLY C 533 -2.54 -5.41 -32.46
N ILE C 534 -2.31 -4.56 -31.46
CA ILE C 534 -1.73 -5.02 -30.21
C ILE C 534 -2.61 -6.07 -29.57
N LEU C 535 -3.91 -5.77 -29.40
CA LEU C 535 -4.79 -6.71 -28.71
C LEU C 535 -4.89 -8.05 -29.45
N MET C 536 -5.18 -8.04 -30.76
CA MET C 536 -5.35 -9.31 -31.45
C MET C 536 -4.04 -10.01 -31.78
N SER C 537 -2.90 -9.40 -31.50
CA SER C 537 -1.63 -10.10 -31.62
C SER C 537 -1.58 -11.31 -30.69
N ALA C 538 -2.19 -11.21 -29.51
CA ALA C 538 -2.16 -12.28 -28.52
C ALA C 538 -2.69 -13.59 -29.12
N PRO C 539 -1.93 -14.71 -29.01
CA PRO C 539 -2.43 -15.96 -29.61
C PRO C 539 -3.74 -16.45 -29.04
N ASN C 540 -4.08 -16.07 -27.81
CA ASN C 540 -5.31 -16.50 -27.14
C ASN C 540 -6.39 -15.43 -27.14
N PHE C 541 -6.33 -14.46 -28.06
CA PHE C 541 -7.27 -13.35 -27.97
C PHE C 541 -8.70 -13.81 -28.24
N VAL C 542 -8.94 -14.42 -29.40
CA VAL C 542 -10.30 -14.80 -29.80
C VAL C 542 -10.90 -15.75 -28.79
N GLU C 543 -10.15 -16.73 -28.34
CA GLU C 543 -10.63 -17.61 -27.31
C GLU C 543 -10.98 -16.86 -26.08
N ALA C 544 -10.06 -16.03 -25.63
CA ALA C 544 -10.26 -15.28 -24.39
C ALA C 544 -11.55 -14.50 -24.43
N VAL C 545 -11.77 -13.71 -25.48
CA VAL C 545 -12.98 -12.91 -25.56
C VAL C 545 -14.20 -13.82 -25.65
N SER C 546 -14.05 -14.98 -26.30
CA SER C 546 -15.19 -15.87 -26.47
C SER C 546 -15.62 -16.47 -25.15
N LYS C 547 -14.67 -16.76 -24.26
CA LYS C 547 -14.99 -17.38 -22.98
C LYS C 547 -15.31 -16.37 -21.89
N ASP C 548 -14.74 -15.17 -21.95
CA ASP C 548 -14.86 -14.20 -20.87
C ASP C 548 -15.92 -13.14 -21.12
N PHE C 549 -16.34 -12.94 -22.36
CA PHE C 549 -17.36 -11.96 -22.72
C PHE C 549 -18.53 -12.66 -23.38
N GLU D 1 14.26 -56.55 7.80
CA GLU D 1 14.94 -57.49 8.74
C GLU D 1 16.42 -57.16 8.86
N PHE D 2 17.15 -57.18 7.75
CA PHE D 2 18.52 -56.70 7.77
C PHE D 2 18.55 -55.20 8.03
N GLN D 3 17.62 -54.47 7.43
CA GLN D 3 17.48 -53.06 7.69
C GLN D 3 17.17 -52.79 9.15
N ARG D 4 16.23 -53.56 9.73
CA ARG D 4 15.87 -53.35 11.12
C ARG D 4 17.05 -53.65 12.03
N LYS D 5 17.78 -54.74 11.75
CA LYS D 5 18.97 -55.06 12.53
C LYS D 5 20.01 -53.95 12.43
N LEU D 6 20.21 -53.41 11.23
CA LEU D 6 21.22 -52.38 11.03
C LEU D 6 20.89 -51.09 11.79
N TYR D 7 19.64 -50.64 11.71
CA TYR D 7 19.26 -49.40 12.40
C TYR D 7 19.41 -49.55 13.91
N LYS D 8 19.03 -50.69 14.44
CA LYS D 8 19.21 -50.94 15.87
C LYS D 8 20.69 -50.97 16.22
N GLU D 9 21.50 -51.55 15.34
CA GLU D 9 22.92 -51.69 15.62
C GLU D 9 23.65 -50.35 15.52
N LEU D 10 23.24 -49.49 14.58
CA LEU D 10 23.97 -48.25 14.38
C LEU D 10 23.76 -47.27 15.52
N VAL D 11 22.58 -47.27 16.14
CA VAL D 11 22.29 -46.29 17.19
C VAL D 11 22.85 -46.70 18.54
N LYS D 12 23.25 -47.96 18.71
CA LYS D 12 23.82 -48.43 19.97
C LYS D 12 25.05 -47.62 20.36
N ASN D 13 24.94 -46.92 21.50
CA ASN D 13 25.99 -46.06 22.05
C ASN D 13 26.34 -44.88 21.17
N TYR D 14 25.44 -44.46 20.28
CA TYR D 14 25.74 -43.35 19.39
C TYR D 14 25.32 -42.09 20.10
N ASN D 15 26.21 -41.10 20.12
CA ASN D 15 25.94 -39.83 20.77
C ASN D 15 25.89 -38.74 19.70
N PRO D 16 24.74 -38.12 19.42
CA PRO D 16 24.72 -37.05 18.41
C PRO D 16 25.49 -35.81 18.81
N LEU D 17 25.99 -35.73 20.05
CA LEU D 17 26.85 -34.63 20.46
C LEU D 17 28.29 -34.81 20.02
N GLU D 18 28.67 -36.01 19.60
CA GLU D 18 30.06 -36.36 19.31
C GLU D 18 30.39 -36.04 17.85
N ARG D 19 31.43 -35.25 17.65
CA ARG D 19 32.02 -35.12 16.33
C ARG D 19 32.57 -36.49 15.91
N PRO D 20 32.10 -37.08 14.78
CA PRO D 20 32.42 -38.52 14.55
C PRO D 20 33.74 -38.82 13.85
N VAL D 21 34.86 -38.71 14.60
CA VAL D 21 36.20 -39.01 14.12
C VAL D 21 36.75 -40.19 14.88
N ALA D 22 37.55 -41.04 14.22
CA ALA D 22 38.21 -42.18 14.88
C ALA D 22 39.26 -41.62 15.85
N ASN D 23 39.96 -40.55 15.47
CA ASN D 23 40.99 -39.89 16.33
C ASN D 23 40.44 -38.52 16.74
N ASP D 24 40.33 -38.24 18.03
CA ASP D 24 39.72 -36.99 18.54
C ASP D 24 40.67 -35.80 18.33
N SER D 25 41.96 -36.04 18.07
CA SER D 25 42.87 -34.95 17.78
C SER D 25 42.83 -34.55 16.31
N GLN D 26 42.58 -35.50 15.40
CA GLN D 26 42.53 -35.19 13.99
C GLN D 26 41.24 -34.49 13.57
N PRO D 27 41.26 -33.77 12.45
CA PRO D 27 40.10 -32.98 12.07
C PRO D 27 39.07 -33.83 11.32
N LEU D 28 37.89 -33.23 11.16
CA LEU D 28 36.81 -33.85 10.41
C LEU D 28 36.55 -32.93 9.23
N THR D 29 36.71 -33.48 8.03
CA THR D 29 36.53 -32.70 6.82
C THR D 29 35.05 -32.65 6.45
N VAL D 30 34.60 -31.45 6.06
CA VAL D 30 33.24 -31.22 5.62
C VAL D 30 33.34 -30.51 4.29
N TYR D 31 32.74 -31.10 3.25
CA TYR D 31 32.72 -30.48 1.93
C TYR D 31 31.43 -29.70 1.84
N PHE D 32 31.54 -28.40 1.61
CA PHE D 32 30.39 -27.51 1.60
C PHE D 32 30.23 -26.91 0.21
N SER D 33 29.03 -27.00 -0.31
CA SER D 33 28.66 -26.37 -1.55
C SER D 33 27.22 -25.93 -1.40
N LEU D 34 26.72 -25.22 -2.40
CA LEU D 34 25.32 -24.89 -2.46
C LEU D 34 24.87 -24.97 -3.90
N SER D 35 23.55 -24.92 -4.08
CA SER D 35 22.91 -24.94 -5.38
C SER D 35 21.89 -23.83 -5.38
N LEU D 36 22.10 -22.84 -6.24
CA LEU D 36 21.23 -21.68 -6.30
C LEU D 36 20.13 -21.94 -7.30
N LEU D 37 18.88 -21.90 -6.82
CA LEU D 37 17.70 -22.13 -7.64
C LEU D 37 17.00 -20.85 -8.06
N GLN D 38 17.07 -19.81 -7.23
CA GLN D 38 16.31 -18.59 -7.48
C GLN D 38 16.91 -17.45 -6.68
N ILE D 39 16.83 -16.26 -7.26
CA ILE D 39 17.04 -15.02 -6.55
C ILE D 39 15.65 -14.45 -6.35
N MET D 40 15.22 -14.33 -5.11
CA MET D 40 13.82 -14.02 -4.81
C MET D 40 13.59 -12.54 -4.55
N ASP D 41 14.49 -11.87 -3.83
CA ASP D 41 14.31 -10.46 -3.53
C ASP D 41 15.64 -9.81 -3.20
N VAL D 42 15.78 -8.56 -3.63
CA VAL D 42 16.94 -7.73 -3.33
C VAL D 42 16.38 -6.46 -2.70
N ASP D 43 16.10 -6.54 -1.44
CA ASP D 43 15.40 -5.43 -0.79
C ASP D 43 16.38 -4.33 -0.40
N GLU D 44 16.21 -3.16 -0.99
CA GLU D 44 17.11 -2.04 -0.74
C GLU D 44 16.99 -1.54 0.69
N LYS D 45 15.77 -1.23 1.12
CA LYS D 45 15.54 -0.65 2.44
C LYS D 45 16.03 -1.57 3.57
N ASN D 46 15.63 -2.85 3.54
CA ASN D 46 16.03 -3.74 4.62
C ASN D 46 17.48 -4.18 4.49
N GLN D 47 18.08 -4.02 3.32
CA GLN D 47 19.46 -4.42 3.04
C GLN D 47 19.60 -5.94 3.13
N VAL D 48 18.64 -6.64 2.51
CA VAL D 48 18.52 -8.09 2.60
C VAL D 48 18.39 -8.69 1.21
N LEU D 49 19.01 -9.84 1.02
CA LEU D 49 18.88 -10.66 -0.19
C LEU D 49 18.12 -11.92 0.17
N THR D 50 17.07 -12.23 -0.59
CA THR D 50 16.27 -13.43 -0.42
C THR D 50 16.52 -14.37 -1.59
N THR D 51 16.94 -15.61 -1.29
CA THR D 51 17.31 -16.58 -2.30
C THR D 51 16.77 -17.95 -1.94
N ASN D 52 16.48 -18.74 -2.97
CA ASN D 52 16.14 -20.15 -2.84
C ASN D 52 17.41 -20.94 -3.11
N ILE D 53 17.89 -21.68 -2.11
CA ILE D 53 19.20 -22.32 -2.17
C ILE D 53 19.09 -23.68 -1.52
N TRP D 54 19.71 -24.68 -2.14
CA TRP D 54 19.90 -26.00 -1.57
C TRP D 54 21.35 -26.10 -1.14
N LEU D 55 21.59 -26.15 0.16
CA LEU D 55 22.92 -26.37 0.69
C LEU D 55 23.32 -27.84 0.51
N GLN D 56 24.62 -28.06 0.35
CA GLN D 56 25.17 -29.40 0.16
CA GLN D 56 25.18 -29.39 0.15
C GLN D 56 26.32 -29.56 1.14
N MET D 57 26.23 -30.58 1.99
CA MET D 57 27.25 -30.91 2.96
C MET D 57 27.58 -32.39 2.83
N SER D 58 28.87 -32.70 2.88
CA SER D 58 29.34 -34.08 2.86
C SER D 58 30.43 -34.24 3.91
N TRP D 59 30.42 -35.37 4.59
CA TRP D 59 31.42 -35.69 5.59
C TRP D 59 31.35 -37.18 5.87
N THR D 60 32.28 -37.66 6.69
CA THR D 60 32.37 -39.07 7.04
C THR D 60 32.12 -39.25 8.52
N ASP D 61 31.19 -40.15 8.84
CA ASP D 61 30.90 -40.55 10.21
C ASP D 61 31.61 -41.88 10.47
N HIS D 62 32.55 -41.87 11.42
CA HIS D 62 33.32 -43.08 11.69
C HIS D 62 32.45 -44.22 12.21
N TYR D 63 31.31 -43.91 12.81
CA TYR D 63 30.51 -44.90 13.49
C TYR D 63 29.42 -45.50 12.62
N LEU D 64 29.02 -44.83 11.55
CA LEU D 64 27.92 -45.28 10.71
C LEU D 64 28.44 -46.08 9.51
N GLN D 65 29.12 -47.18 9.83
CA GLN D 65 29.71 -48.07 8.84
C GLN D 65 29.26 -49.50 9.08
N TRP D 66 29.05 -50.21 7.96
CA TRP D 66 28.67 -51.61 8.03
C TRP D 66 29.10 -52.29 6.75
N ASN D 67 29.23 -53.60 6.81
CA ASN D 67 29.58 -54.43 5.67
C ASN D 67 28.27 -54.84 4.99
N VAL D 68 28.12 -54.50 3.70
CA VAL D 68 26.86 -54.78 3.02
C VAL D 68 26.65 -56.25 2.72
N SER D 69 27.69 -57.07 2.80
CA SER D 69 27.48 -58.50 2.65
C SER D 69 26.73 -59.08 3.85
N GLU D 70 26.96 -58.52 5.02
CA GLU D 70 26.28 -58.92 6.24
C GLU D 70 24.88 -58.32 6.36
N TYR D 71 24.56 -57.31 5.55
CA TYR D 71 23.25 -56.67 5.53
C TYR D 71 22.78 -56.58 4.08
N PRO D 72 22.52 -57.72 3.44
CA PRO D 72 22.21 -57.71 2.01
C PRO D 72 20.98 -56.87 1.69
N GLY D 73 21.10 -56.06 0.64
CA GLY D 73 20.05 -55.17 0.21
C GLY D 73 20.05 -53.82 0.90
N VAL D 74 20.77 -53.67 2.01
CA VAL D 74 20.75 -52.44 2.80
C VAL D 74 22.04 -51.70 2.47
N LYS D 75 21.99 -50.80 1.49
CA LYS D 75 23.17 -50.06 1.08
C LYS D 75 23.22 -48.66 1.65
N THR D 76 22.08 -48.10 2.05
CA THR D 76 22.03 -46.75 2.60
C THR D 76 21.00 -46.69 3.71
N VAL D 77 21.28 -45.88 4.72
CA VAL D 77 20.38 -45.60 5.85
C VAL D 77 20.18 -44.10 5.95
N ARG D 78 18.99 -43.67 6.29
CA ARG D 78 18.71 -42.26 6.49
C ARG D 78 18.39 -41.99 7.96
N PHE D 79 18.70 -40.82 8.45
CA PHE D 79 18.48 -40.42 9.84
C PHE D 79 17.87 -39.03 9.90
N PRO D 80 16.86 -38.81 10.74
CA PRO D 80 16.26 -37.47 10.83
C PRO D 80 17.01 -36.63 11.84
N ASP D 81 16.75 -35.33 11.80
CA ASP D 81 17.34 -34.34 12.69
C ASP D 81 17.41 -34.80 14.14
N GLY D 82 18.57 -34.57 14.76
CA GLY D 82 18.77 -34.86 16.16
C GLY D 82 19.14 -36.28 16.48
N GLN D 83 19.21 -37.17 15.50
CA GLN D 83 19.56 -38.57 15.74
C GLN D 83 21.03 -38.86 15.51
N ILE D 84 21.63 -38.33 14.45
CA ILE D 84 23.06 -38.45 14.24
C ILE D 84 23.69 -37.07 14.35
N TRP D 85 25.02 -37.05 14.37
CA TRP D 85 25.73 -35.78 14.42
C TRP D 85 25.61 -35.09 13.07
N LYS D 86 25.64 -33.77 13.13
CA LYS D 86 25.53 -32.93 11.96
C LYS D 86 26.50 -31.77 12.11
N PRO D 87 27.09 -31.28 11.01
CA PRO D 87 27.88 -30.04 11.12
C PRO D 87 26.98 -28.85 11.42
N ASP D 88 27.46 -27.99 12.32
CA ASP D 88 26.71 -26.78 12.67
C ASP D 88 27.06 -25.61 11.76
N ILE D 89 27.03 -25.85 10.45
CA ILE D 89 27.36 -24.80 9.48
C ILE D 89 26.13 -23.93 9.32
N LEU D 90 26.30 -22.63 9.56
CA LEU D 90 25.24 -21.65 9.48
C LEU D 90 25.67 -20.50 8.60
N LEU D 91 24.69 -19.82 8.02
CA LEU D 91 24.92 -18.56 7.33
C LEU D 91 25.18 -17.45 8.35
N TYR D 92 26.41 -16.94 8.38
CA TYR D 92 26.77 -15.96 9.40
C TYR D 92 26.01 -14.66 9.21
N ASN D 93 25.93 -14.17 7.98
CA ASN D 93 25.26 -12.89 7.72
C ASN D 93 23.79 -13.10 7.39
N SER D 94 23.13 -13.90 8.22
CA SER D 94 21.71 -14.14 8.04
C SER D 94 20.89 -12.98 8.57
N ALA D 95 19.84 -12.62 7.84
CA ALA D 95 18.91 -11.57 8.22
C ALA D 95 17.51 -12.12 8.46
N ASP D 96 17.40 -13.41 8.75
CA ASP D 96 16.11 -14.06 8.96
C ASP D 96 15.75 -14.01 10.44
N GLU D 97 14.45 -13.85 10.72
CA GLU D 97 13.98 -13.84 12.10
C GLU D 97 14.26 -15.16 12.81
N ARG D 98 14.40 -16.26 12.09
CA ARG D 98 14.78 -17.54 12.67
C ARG D 98 16.28 -17.77 12.68
N PHE D 99 17.03 -17.03 11.87
CA PHE D 99 18.48 -17.15 11.65
C PHE D 99 18.90 -18.42 10.91
N ASP D 100 18.24 -19.54 11.17
CA ASP D 100 18.45 -20.78 10.45
C ASP D 100 17.26 -20.97 9.51
N ALA D 101 17.47 -20.81 8.21
CA ALA D 101 16.42 -20.94 7.22
C ALA D 101 16.28 -22.35 6.68
N THR D 102 17.17 -23.26 7.05
CA THR D 102 17.18 -24.58 6.44
C THR D 102 16.02 -25.44 6.94
N PHE D 103 15.50 -26.26 6.03
CA PHE D 103 14.56 -27.32 6.39
C PHE D 103 15.37 -28.59 6.60
N HIS D 104 15.33 -29.12 7.82
CA HIS D 104 16.19 -30.21 8.24
C HIS D 104 15.65 -31.52 7.66
N THR D 105 16.19 -31.93 6.52
CA THR D 105 15.82 -33.17 5.88
C THR D 105 16.66 -34.30 6.49
N ASN D 106 16.53 -35.50 5.92
CA ASN D 106 17.30 -36.64 6.40
C ASN D 106 18.73 -36.54 5.91
N VAL D 107 19.64 -37.13 6.67
CA VAL D 107 21.04 -37.25 6.27
C VAL D 107 21.21 -38.64 5.69
N LEU D 108 21.73 -38.70 4.47
CA LEU D 108 21.98 -39.96 3.77
C LEU D 108 23.38 -40.45 4.08
N VAL D 109 23.49 -41.73 4.42
CA VAL D 109 24.77 -42.38 4.74
C VAL D 109 24.85 -43.70 4.00
N ASN D 110 26.02 -44.03 3.42
CA ASN D 110 26.17 -45.35 2.83
C ASN D 110 27.00 -46.20 3.79
N SER D 111 27.19 -47.47 3.41
CA SER D 111 27.91 -48.45 4.21
C SER D 111 29.33 -48.04 4.57
N SER D 112 29.96 -47.16 3.79
CA SER D 112 31.30 -46.69 4.12
C SER D 112 31.30 -45.51 5.07
N GLY D 113 30.13 -44.97 5.43
CA GLY D 113 30.03 -43.89 6.38
C GLY D 113 29.99 -42.51 5.77
N HIS D 114 29.94 -42.42 4.46
CA HIS D 114 29.87 -41.13 3.79
CA HIS D 114 29.85 -41.14 3.76
C HIS D 114 28.48 -40.52 3.97
N CYS D 115 28.42 -39.44 4.73
CA CYS D 115 27.17 -38.74 4.99
C CYS D 115 26.91 -37.64 3.97
N GLN D 116 25.65 -37.50 3.57
CA GLN D 116 25.21 -36.50 2.61
C GLN D 116 23.97 -35.82 3.17
N TYR D 117 24.09 -34.52 3.42
CA TYR D 117 23.02 -33.70 3.98
C TYR D 117 22.72 -32.57 3.00
N LEU D 118 21.48 -32.51 2.52
CA LEU D 118 21.04 -31.57 1.49
C LEU D 118 19.89 -30.70 2.02
N PRO D 119 20.15 -29.83 2.98
CA PRO D 119 19.07 -28.98 3.51
C PRO D 119 18.65 -27.90 2.52
N PRO D 120 17.38 -27.84 2.12
CA PRO D 120 16.91 -26.69 1.35
C PRO D 120 16.54 -25.53 2.26
N GLY D 121 16.38 -24.36 1.67
CA GLY D 121 15.91 -23.22 2.43
C GLY D 121 15.65 -22.00 1.57
N ILE D 122 14.92 -21.06 2.15
CA ILE D 122 14.73 -19.74 1.58
C ILE D 122 15.52 -18.80 2.47
N PHE D 123 16.76 -18.53 2.10
CA PHE D 123 17.67 -17.81 2.96
C PHE D 123 17.50 -16.30 2.80
N LYS D 124 17.66 -15.59 3.91
CA LYS D 124 17.71 -14.14 3.94
C LYS D 124 19.06 -13.73 4.49
N SER D 125 19.85 -13.03 3.66
CA SER D 125 21.21 -12.66 4.01
C SER D 125 21.33 -11.14 4.04
N SER D 126 22.17 -10.65 4.94
CA SER D 126 22.44 -9.22 5.03
C SER D 126 23.40 -8.82 3.93
N CYS D 127 22.99 -7.89 3.08
CA CYS D 127 23.77 -7.45 1.94
C CYS D 127 23.68 -5.94 1.79
N TYR D 128 24.83 -5.29 1.68
CA TYR D 128 24.84 -3.87 1.36
C TYR D 128 24.51 -3.69 -0.11
N ILE D 129 23.41 -2.99 -0.39
CA ILE D 129 22.96 -2.74 -1.74
C ILE D 129 23.38 -1.33 -2.08
N ASP D 130 24.13 -1.18 -3.18
CA ASP D 130 24.60 0.11 -3.64
C ASP D 130 23.72 0.55 -4.80
N VAL D 131 22.87 1.54 -4.54
CA VAL D 131 21.94 2.05 -5.53
C VAL D 131 22.42 3.37 -6.13
N ARG D 132 23.72 3.63 -6.09
CA ARG D 132 24.28 4.81 -6.73
C ARG D 132 23.95 4.84 -8.22
N TRP D 133 24.08 3.70 -8.89
CA TRP D 133 23.93 3.59 -10.33
C TRP D 133 22.58 3.01 -10.74
N PHE D 134 21.66 2.91 -9.80
CA PHE D 134 20.30 2.48 -10.10
C PHE D 134 19.69 3.36 -11.20
N PRO D 135 19.12 2.78 -12.26
CA PRO D 135 18.72 1.38 -12.48
C PRO D 135 19.85 0.48 -13.00
N PHE D 136 21.03 1.01 -13.33
CA PHE D 136 22.10 0.24 -13.92
C PHE D 136 23.05 -0.30 -12.86
N ASP D 137 22.56 -0.60 -11.68
CA ASP D 137 23.44 -1.00 -10.60
C ASP D 137 23.74 -2.48 -10.68
N VAL D 138 24.81 -2.86 -10.00
CA VAL D 138 25.30 -4.23 -9.95
C VAL D 138 25.60 -4.50 -8.49
N GLN D 139 25.14 -5.63 -7.99
CA GLN D 139 25.28 -5.96 -6.59
C GLN D 139 26.20 -7.15 -6.43
N HIS D 140 26.89 -7.18 -5.30
CA HIS D 140 27.81 -8.26 -4.95
C HIS D 140 27.45 -8.60 -3.53
N CYS D 141 26.75 -9.71 -3.36
CA CYS D 141 26.20 -10.12 -2.08
C CYS D 141 26.92 -11.36 -1.60
N LYS D 142 27.47 -11.27 -0.40
CA LYS D 142 28.25 -12.33 0.19
C LYS D 142 27.32 -13.24 0.98
N LEU D 143 27.56 -14.54 0.87
CA LEU D 143 26.88 -15.54 1.67
C LEU D 143 27.99 -16.29 2.41
N LYS D 144 28.20 -15.91 3.66
CA LYS D 144 29.32 -16.39 4.45
C LYS D 144 28.85 -17.56 5.31
N PHE D 145 29.41 -18.74 5.05
CA PHE D 145 29.06 -19.96 5.77
C PHE D 145 30.26 -20.46 6.55
N GLY D 146 30.01 -20.93 7.76
CA GLY D 146 31.04 -21.55 8.57
C GLY D 146 30.39 -22.25 9.74
N SER D 147 31.20 -23.00 10.46
CA SER D 147 30.74 -23.67 11.67
C SER D 147 30.67 -22.70 12.84
N TRP D 148 29.57 -22.75 13.58
CA TRP D 148 29.37 -21.87 14.72
C TRP D 148 30.37 -22.08 15.85
N SER D 149 30.91 -23.30 16.04
CA SER D 149 31.74 -23.58 17.20
C SER D 149 33.00 -24.41 16.98
N TYR D 150 33.28 -24.89 15.78
CA TYR D 150 34.41 -25.78 15.54
C TYR D 150 35.47 -25.07 14.70
N GLY D 151 36.66 -24.93 15.26
CA GLY D 151 37.76 -24.41 14.49
C GLY D 151 38.24 -25.42 13.46
N GLY D 152 39.28 -25.02 12.73
CA GLY D 152 39.77 -25.80 11.61
C GLY D 152 40.46 -27.10 11.97
N TRP D 153 41.00 -27.23 13.18
CA TRP D 153 41.55 -28.51 13.60
C TRP D 153 40.47 -29.50 14.01
N SER D 154 39.23 -29.04 14.17
CA SER D 154 38.10 -29.90 14.53
C SER D 154 37.21 -30.12 13.32
N LEU D 155 36.66 -29.05 12.78
CA LEU D 155 35.89 -29.09 11.55
C LEU D 155 36.69 -28.38 10.46
N ASP D 156 37.32 -29.17 9.60
CA ASP D 156 38.05 -28.65 8.46
C ASP D 156 37.08 -28.44 7.30
N LEU D 157 36.62 -27.21 7.14
CA LEU D 157 35.61 -26.88 6.14
C LEU D 157 36.29 -26.64 4.79
N GLN D 158 36.00 -27.52 3.83
CA GLN D 158 36.48 -27.40 2.46
C GLN D 158 35.32 -26.97 1.57
N MET D 159 35.65 -26.43 0.41
CA MET D 159 34.68 -25.83 -0.50
C MET D 159 34.68 -26.56 -1.84
N GLN D 160 33.49 -26.67 -2.41
CA GLN D 160 33.26 -27.25 -3.71
C GLN D 160 32.51 -26.22 -4.54
N GLU D 161 32.75 -26.23 -5.85
CA GLU D 161 32.20 -25.20 -6.73
C GLU D 161 30.68 -25.24 -6.68
N ALA D 162 30.07 -24.06 -6.61
CA ALA D 162 28.62 -23.99 -6.49
C ALA D 162 27.94 -24.45 -7.78
N ASP D 163 26.77 -25.05 -7.62
CA ASP D 163 25.97 -25.51 -8.74
C ASP D 163 24.91 -24.48 -9.10
N ILE D 164 24.73 -24.26 -10.41
CA ILE D 164 23.66 -23.41 -10.92
C ILE D 164 22.92 -24.12 -12.05
N SER D 165 23.00 -25.45 -12.09
CA SER D 165 22.35 -26.20 -13.15
C SER D 165 20.83 -26.12 -13.06
N GLY D 166 20.28 -25.92 -11.86
CA GLY D 166 18.85 -25.82 -11.67
C GLY D 166 18.41 -24.41 -11.35
N TYR D 167 19.16 -23.43 -11.83
CA TYR D 167 18.86 -22.04 -11.54
C TYR D 167 17.75 -21.54 -12.44
N ILE D 168 16.74 -20.92 -11.84
CA ILE D 168 15.64 -20.32 -12.58
C ILE D 168 16.03 -18.87 -12.85
N PRO D 169 16.13 -18.44 -14.11
CA PRO D 169 16.43 -17.02 -14.35
C PRO D 169 15.35 -16.13 -13.78
N ASN D 170 15.77 -15.02 -13.21
CA ASN D 170 14.87 -14.03 -12.66
C ASN D 170 14.44 -13.08 -13.75
N GLY D 171 13.34 -12.37 -13.50
CA GLY D 171 12.90 -11.31 -14.39
C GLY D 171 13.40 -9.93 -14.02
N GLU D 172 14.05 -9.78 -12.87
CA GLU D 172 14.53 -8.49 -12.40
C GLU D 172 16.05 -8.38 -12.41
N TRP D 173 16.76 -9.51 -12.37
CA TRP D 173 18.20 -9.53 -12.16
C TRP D 173 18.85 -10.59 -13.05
N ASP D 174 19.99 -10.24 -13.66
CA ASP D 174 20.84 -11.25 -14.25
C ASP D 174 21.70 -11.87 -13.17
N LEU D 175 22.11 -13.10 -13.41
CA LEU D 175 23.08 -13.78 -12.58
C LEU D 175 24.40 -13.74 -13.34
N VAL D 176 25.36 -12.98 -12.83
CA VAL D 176 26.68 -12.96 -13.44
C VAL D 176 27.46 -14.20 -13.04
N GLY D 177 27.44 -14.53 -11.76
CA GLY D 177 28.13 -15.71 -11.28
C GLY D 177 27.96 -15.81 -9.79
N ILE D 178 28.39 -16.93 -9.25
CA ILE D 178 28.39 -17.16 -7.81
C ILE D 178 29.70 -17.83 -7.43
N PRO D 179 30.82 -17.15 -7.57
CA PRO D 179 32.10 -17.73 -7.14
C PRO D 179 32.18 -17.85 -5.63
N GLY D 180 32.86 -18.89 -5.18
CA GLY D 180 33.11 -19.09 -3.77
C GLY D 180 34.57 -18.98 -3.42
N LYS D 181 34.89 -18.80 -2.15
CA LYS D 181 36.29 -18.71 -1.73
C LYS D 181 36.40 -19.16 -0.28
N ARG D 182 37.21 -20.18 -0.03
CA ARG D 182 37.52 -20.61 1.33
C ARG D 182 38.60 -19.71 1.92
N SER D 183 38.30 -19.06 3.04
CA SER D 183 39.21 -18.15 3.70
C SER D 183 39.36 -18.55 5.16
N GLU D 184 40.59 -18.52 5.65
CA GLU D 184 40.88 -18.82 7.04
C GLU D 184 40.92 -17.55 7.86
N ARG D 185 40.65 -17.71 9.16
CA ARG D 185 40.68 -16.62 10.12
C ARG D 185 41.62 -17.03 11.22
N PHE D 186 42.23 -16.05 11.88
CA PHE D 186 43.14 -16.33 12.98
C PHE D 186 42.86 -15.45 14.17
N TYR D 187 42.98 -16.04 15.36
CA TYR D 187 42.91 -15.36 16.64
C TYR D 187 44.32 -15.23 17.19
N GLU D 188 44.62 -14.09 17.82
CA GLU D 188 45.97 -13.87 18.33
C GLU D 188 46.34 -14.86 19.43
N CYS D 189 45.36 -15.51 20.06
CA CYS D 189 45.65 -16.54 21.05
C CYS D 189 46.43 -17.70 20.43
N CYS D 190 46.01 -18.13 19.25
CA CYS D 190 46.26 -19.49 18.79
C CYS D 190 46.65 -19.47 17.32
N LYS D 191 47.13 -20.61 16.85
CA LYS D 191 47.56 -20.77 15.47
C LYS D 191 46.51 -21.46 14.61
N GLU D 192 45.39 -21.89 15.19
CA GLU D 192 44.42 -22.68 14.48
C GLU D 192 43.66 -21.85 13.46
N PRO D 193 43.53 -22.28 12.21
CA PRO D 193 42.67 -21.55 11.28
C PRO D 193 41.21 -21.72 11.65
N TYR D 194 40.41 -20.72 11.28
CA TYR D 194 38.96 -20.73 11.49
C TYR D 194 38.31 -20.53 10.12
N PRO D 195 38.02 -21.60 9.40
CA PRO D 195 37.61 -21.43 8.00
C PRO D 195 36.17 -20.99 7.85
N ASP D 196 35.92 -20.31 6.73
CA ASP D 196 34.57 -20.00 6.27
C ASP D 196 34.57 -20.13 4.76
N VAL D 197 33.38 -20.30 4.20
CA VAL D 197 33.18 -20.39 2.77
C VAL D 197 32.19 -19.31 2.41
N THR D 198 32.63 -18.35 1.59
CA THR D 198 31.81 -17.23 1.17
C THR D 198 31.50 -17.35 -0.31
N PHE D 199 30.23 -17.47 -0.64
CA PHE D 199 29.77 -17.42 -2.02
C PHE D 199 29.28 -16.01 -2.29
N THR D 200 29.96 -15.30 -3.19
CA THR D 200 29.59 -13.94 -3.55
C THR D 200 28.67 -13.99 -4.75
N VAL D 201 27.38 -13.71 -4.53
CA VAL D 201 26.41 -13.71 -5.61
C VAL D 201 26.47 -12.35 -6.28
N THR D 202 26.85 -12.35 -7.55
CA THR D 202 26.98 -11.14 -8.34
C THR D 202 25.82 -11.09 -9.33
N MET D 203 25.12 -9.97 -9.37
CA MET D 203 23.86 -9.89 -10.10
C MET D 203 23.66 -8.48 -10.64
N ARG D 204 23.22 -8.42 -11.89
CA ARG D 204 23.04 -7.16 -12.61
C ARG D 204 21.54 -6.89 -12.72
N ARG D 205 21.14 -5.67 -12.44
CA ARG D 205 19.73 -5.33 -12.55
C ARG D 205 19.33 -5.21 -14.01
N ARG D 206 18.26 -5.90 -14.38
CA ARG D 206 17.74 -5.74 -15.72
C ARG D 206 17.04 -4.39 -15.80
N THR D 207 17.12 -3.70 -16.92
CA THR D 207 16.69 -2.32 -17.06
C THR D 207 15.59 -2.10 -18.09
N LEU D 208 15.04 -3.15 -18.70
CA LEU D 208 13.96 -2.97 -19.65
C LEU D 208 12.71 -2.39 -18.98
N TYR D 209 12.36 -2.90 -17.80
CA TYR D 209 11.21 -2.37 -17.08
C TYR D 209 11.38 -0.88 -16.80
N TYR D 210 12.58 -0.48 -16.44
CA TYR D 210 12.80 0.91 -16.04
C TYR D 210 12.91 1.81 -17.26
N GLY D 211 13.41 1.30 -18.38
CA GLY D 211 13.40 2.09 -19.60
C GLY D 211 11.98 2.38 -20.09
N LEU D 212 11.13 1.36 -20.12
CA LEU D 212 9.80 1.49 -20.70
C LEU D 212 8.77 2.12 -19.79
N ASN D 213 8.88 1.96 -18.48
CA ASN D 213 7.92 2.54 -17.56
C ASN D 213 8.41 3.80 -16.85
N LEU D 214 9.63 4.27 -17.12
CA LEU D 214 10.08 5.53 -16.51
C LEU D 214 10.67 6.52 -17.49
N LEU D 215 11.77 6.15 -18.17
CA LEU D 215 12.40 7.05 -19.14
C LEU D 215 11.44 7.55 -20.21
N ILE D 216 10.67 6.64 -20.80
CA ILE D 216 9.80 7.02 -21.91
C ILE D 216 8.68 7.90 -21.36
N PRO D 217 7.98 7.52 -20.29
CA PRO D 217 7.02 8.46 -19.71
C PRO D 217 7.67 9.74 -19.21
N CYS D 218 8.95 9.70 -18.84
CA CYS D 218 9.61 10.89 -18.31
C CYS D 218 10.11 11.78 -19.44
N VAL D 219 10.74 11.19 -20.46
CA VAL D 219 11.21 11.96 -21.62
C VAL D 219 10.03 12.62 -22.32
N LEU D 220 8.96 11.86 -22.55
CA LEU D 220 7.78 12.40 -23.22
C LEU D 220 7.19 13.58 -22.44
N ILE D 221 7.10 13.46 -21.12
CA ILE D 221 6.56 14.59 -20.36
C ILE D 221 7.57 15.73 -20.40
N SER D 222 8.88 15.41 -20.38
CA SER D 222 9.92 16.41 -20.47
C SER D 222 9.95 17.11 -21.83
N ALA D 223 9.45 16.44 -22.87
CA ALA D 223 9.40 17.06 -24.19
C ALA D 223 8.20 17.97 -24.33
N LEU D 224 7.09 17.64 -23.68
CA LEU D 224 5.91 18.48 -23.76
C LEU D 224 6.15 19.83 -23.09
N ALA D 225 7.02 19.86 -22.09
CA ALA D 225 7.35 21.13 -21.45
C ALA D 225 8.07 22.04 -22.42
N LEU D 226 8.85 21.48 -23.33
CA LEU D 226 9.54 22.27 -24.35
C LEU D 226 8.58 22.72 -25.44
N LEU D 227 7.45 22.04 -25.57
CA LEU D 227 6.41 22.41 -26.52
C LEU D 227 5.80 23.77 -26.23
N VAL D 228 5.89 24.26 -24.98
CA VAL D 228 5.38 25.58 -24.62
C VAL D 228 6.01 26.66 -25.47
N PHE D 229 7.28 26.47 -25.85
CA PHE D 229 7.99 27.49 -26.58
C PHE D 229 7.51 27.61 -28.02
N LEU D 230 6.89 26.56 -28.57
CA LEU D 230 6.29 26.66 -29.89
C LEU D 230 4.86 27.15 -29.85
N LEU D 231 4.23 27.17 -28.68
CA LEU D 231 2.84 27.62 -28.58
C LEU D 231 2.79 29.15 -28.64
N PRO D 232 1.95 29.73 -29.51
CA PRO D 232 1.81 31.19 -29.49
C PRO D 232 1.37 31.72 -28.14
N ALA D 233 1.72 32.98 -27.89
CA ALA D 233 1.28 33.65 -26.67
C ALA D 233 -0.18 34.06 -26.73
N ASP D 234 -0.79 34.07 -27.92
CA ASP D 234 -2.17 34.47 -28.05
C ASP D 234 -3.14 33.32 -27.81
N SER D 235 -2.65 32.08 -27.74
CA SER D 235 -3.51 30.96 -27.41
C SER D 235 -4.14 31.12 -26.03
N GLY D 236 -3.45 31.82 -25.12
CA GLY D 236 -3.92 31.94 -23.77
C GLY D 236 -3.76 30.66 -22.97
N GLU D 237 -2.88 29.76 -23.40
CA GLU D 237 -2.75 28.45 -22.79
C GLU D 237 -1.30 28.06 -22.49
N LYS D 238 -0.37 29.02 -22.51
CA LYS D 238 1.04 28.69 -22.31
C LYS D 238 1.32 28.26 -20.88
N ILE D 239 0.75 28.96 -19.91
CA ILE D 239 0.90 28.55 -18.52
C ILE D 239 0.11 27.27 -18.29
N SER D 240 -1.07 27.15 -18.89
CA SER D 240 -1.87 25.94 -18.77
C SER D 240 -1.07 24.70 -19.16
N LEU D 241 -0.39 24.77 -20.31
CA LEU D 241 0.41 23.64 -20.77
C LEU D 241 1.55 23.35 -19.81
N GLY D 242 2.35 24.37 -19.50
CA GLY D 242 3.54 24.13 -18.69
C GLY D 242 3.23 23.70 -17.27
N ILE D 243 2.26 24.36 -16.64
CA ILE D 243 1.98 24.04 -15.24
C ILE D 243 1.26 22.71 -15.12
N THR D 244 0.48 22.32 -16.13
CA THR D 244 -0.15 21.01 -16.10
C THR D 244 0.85 19.90 -16.40
N VAL D 245 1.87 20.20 -17.22
CA VAL D 245 2.94 19.25 -17.43
C VAL D 245 3.71 19.03 -16.15
N LEU D 246 3.95 20.11 -15.40
CA LEU D 246 4.57 19.97 -14.09
C LEU D 246 3.68 19.19 -13.15
N LEU D 247 2.37 19.48 -13.14
CA LEU D 247 1.43 18.71 -12.36
C LEU D 247 1.47 17.23 -12.72
N SER D 248 1.49 16.93 -14.02
CA SER D 248 1.63 15.54 -14.45
C SER D 248 2.90 14.92 -13.90
N LEU D 249 3.99 15.69 -13.90
CA LEU D 249 5.25 15.18 -13.39
C LEU D 249 5.21 15.04 -11.88
N THR D 250 4.46 15.91 -11.19
CA THR D 250 4.22 15.68 -9.76
C THR D 250 3.44 14.39 -9.55
N VAL D 251 2.49 14.10 -10.43
CA VAL D 251 1.72 12.86 -10.32
C VAL D 251 2.59 11.66 -10.65
N PHE D 252 3.48 11.83 -11.62
CA PHE D 252 4.38 10.76 -11.99
C PHE D 252 5.40 10.51 -10.89
N MET D 253 5.73 11.53 -10.11
CA MET D 253 6.69 11.40 -9.02
C MET D 253 6.19 10.45 -7.96
N LEU D 254 4.88 10.31 -7.82
CA LEU D 254 4.32 9.34 -6.90
C LEU D 254 4.63 7.91 -7.36
N LEU D 255 4.44 7.56 -8.63
CA LEU D 255 4.85 6.26 -9.14
C LEU D 255 6.34 6.06 -8.91
N VAL D 256 7.14 7.07 -9.24
CA VAL D 256 8.60 7.00 -9.03
C VAL D 256 8.92 6.72 -7.58
N ALA D 257 8.10 7.25 -6.66
CA ALA D 257 8.33 7.09 -5.23
C ALA D 257 8.41 5.62 -4.82
N GLU D 258 7.39 4.85 -5.17
CA GLU D 258 7.32 3.44 -4.81
C GLU D 258 8.59 2.68 -5.16
N ILE D 259 9.03 2.78 -6.41
CA ILE D 259 10.16 1.99 -6.91
C ILE D 259 11.50 2.52 -6.43
N MET D 260 11.65 3.85 -6.29
CA MET D 260 12.90 4.47 -5.88
C MET D 260 13.40 3.84 -4.59
N PRO D 261 14.71 3.75 -4.35
CA PRO D 261 15.15 3.27 -3.04
C PRO D 261 14.88 4.34 -1.99
N ALA D 262 15.29 4.12 -0.75
CA ALA D 262 15.17 5.16 0.27
C ALA D 262 16.42 5.09 1.14
N THR D 263 17.50 5.69 0.63
CA THR D 263 18.78 5.75 1.32
C THR D 263 19.34 7.17 1.23
N SER D 264 20.38 7.40 2.03
CA SER D 264 21.14 8.63 2.00
C SER D 264 22.63 8.33 1.86
N ASP D 265 22.95 7.15 1.33
CA ASP D 265 24.32 6.74 1.10
C ASP D 265 24.89 7.40 -0.15
N SER D 266 24.03 7.85 -1.03
CA SER D 266 24.39 8.50 -2.28
C SER D 266 23.09 8.99 -2.90
N VAL D 267 23.22 9.77 -3.97
CA VAL D 267 22.09 10.18 -4.79
C VAL D 267 22.01 9.18 -5.95
N PRO D 268 20.95 8.37 -6.06
CA PRO D 268 20.87 7.44 -7.17
C PRO D 268 20.84 8.16 -8.51
N LEU D 269 21.38 7.49 -9.54
CA LEU D 269 21.40 8.06 -10.87
C LEU D 269 19.99 8.42 -11.33
N ILE D 270 19.02 7.58 -10.98
CA ILE D 270 17.65 7.81 -11.40
C ILE D 270 17.10 9.06 -10.72
N ALA D 271 17.50 9.29 -9.47
CA ALA D 271 17.09 10.49 -8.75
C ALA D 271 17.68 11.74 -9.37
N GLN D 272 18.93 11.66 -9.86
CA GLN D 272 19.50 12.80 -10.56
C GLN D 272 18.73 13.11 -11.82
N TYR D 273 18.38 12.08 -12.60
CA TYR D 273 17.70 12.33 -13.86
C TYR D 273 16.31 12.93 -13.63
N PHE D 274 15.52 12.35 -12.72
CA PHE D 274 14.19 12.91 -12.46
C PHE D 274 14.28 14.25 -11.77
N ALA D 275 15.23 14.42 -10.86
CA ALA D 275 15.40 15.73 -10.22
C ALA D 275 15.72 16.78 -11.26
N SER D 276 16.58 16.44 -12.23
CA SER D 276 16.94 17.40 -13.27
C SER D 276 15.73 17.75 -14.11
N THR D 277 14.97 16.73 -14.52
CA THR D 277 13.72 16.91 -15.25
C THR D 277 12.83 17.93 -14.56
N MET D 278 12.67 17.84 -13.23
CA MET D 278 11.82 18.79 -12.53
C MET D 278 12.33 20.21 -12.73
N ILE D 279 13.64 20.42 -12.52
CA ILE D 279 14.23 21.75 -12.66
C ILE D 279 13.99 22.31 -14.05
N ILE D 280 14.21 21.49 -15.09
CA ILE D 280 14.07 21.98 -16.45
C ILE D 280 12.62 22.35 -16.73
N VAL D 281 11.67 21.57 -16.23
CA VAL D 281 10.27 21.88 -16.45
C VAL D 281 9.87 23.08 -15.59
N GLY D 282 10.43 23.19 -14.39
CA GLY D 282 10.12 24.32 -13.54
C GLY D 282 10.62 25.61 -14.16
N LEU D 283 11.82 25.57 -14.73
CA LEU D 283 12.42 26.74 -15.33
C LEU D 283 11.70 27.12 -16.61
N SER D 284 11.20 26.11 -17.34
CA SER D 284 10.40 26.39 -18.52
C SER D 284 9.18 27.23 -18.14
N VAL D 285 8.51 26.89 -17.04
CA VAL D 285 7.41 27.73 -16.56
C VAL D 285 7.91 29.11 -16.16
N VAL D 286 9.14 29.21 -15.65
CA VAL D 286 9.71 30.51 -15.30
C VAL D 286 9.92 31.37 -16.55
N VAL D 287 10.58 30.81 -17.56
CA VAL D 287 10.82 31.60 -18.77
C VAL D 287 9.52 31.87 -19.52
N THR D 288 8.52 31.00 -19.36
CA THR D 288 7.22 31.26 -19.96
C THR D 288 6.61 32.52 -19.38
N VAL D 289 6.72 32.69 -18.07
CA VAL D 289 6.22 33.89 -17.42
C VAL D 289 6.97 35.12 -17.89
N ILE D 290 8.28 35.00 -18.08
CA ILE D 290 9.07 36.11 -18.62
C ILE D 290 8.63 36.42 -20.04
N VAL D 291 8.36 35.39 -20.84
CA VAL D 291 7.90 35.60 -22.21
C VAL D 291 6.59 36.37 -22.21
N LEU D 292 5.67 36.00 -21.31
CA LEU D 292 4.37 36.67 -21.30
C LEU D 292 4.48 38.11 -20.84
N GLN D 293 5.51 38.44 -20.07
CA GLN D 293 5.71 39.82 -19.68
C GLN D 293 6.08 40.66 -20.88
N TYR D 294 6.87 40.09 -21.78
CA TYR D 294 7.18 40.77 -23.03
C TYR D 294 5.95 40.85 -23.92
N HIS D 295 5.22 39.74 -24.05
CA HIS D 295 4.07 39.70 -24.95
C HIS D 295 2.98 40.66 -24.51
N HIS D 296 2.75 40.77 -23.20
CA HIS D 296 1.69 41.58 -22.63
C HIS D 296 2.20 42.90 -22.07
N HIS D 297 3.40 43.32 -22.47
CA HIS D 297 3.95 44.57 -21.97
C HIS D 297 3.08 45.75 -22.35
N ASP D 298 2.90 46.67 -21.41
CA ASP D 298 2.07 47.84 -21.62
C ASP D 298 2.66 48.73 -22.72
N PRO D 299 1.87 49.13 -23.73
CA PRO D 299 2.43 50.03 -24.75
C PRO D 299 2.89 51.37 -24.18
N ASP D 300 2.38 51.77 -23.02
CA ASP D 300 2.69 53.06 -22.43
C ASP D 300 3.57 52.91 -21.19
N GLY D 301 4.33 51.83 -21.14
CA GLY D 301 5.29 51.57 -20.09
C GLY D 301 6.69 52.00 -20.48
N GLY D 302 7.68 51.32 -19.93
CA GLY D 302 9.06 51.69 -20.20
C GLY D 302 9.47 51.29 -21.62
N LYS D 303 10.07 52.24 -22.33
CA LYS D 303 10.53 51.98 -23.69
C LYS D 303 11.55 50.85 -23.70
N MET D 304 11.44 49.97 -24.70
CA MET D 304 12.34 48.84 -24.93
C MET D 304 13.79 49.30 -24.78
N PRO D 305 14.55 48.83 -23.76
CA PRO D 305 15.94 49.27 -23.63
C PRO D 305 16.78 49.07 -24.87
N LYS D 306 17.87 49.82 -24.98
CA LYS D 306 18.76 49.65 -26.13
C LYS D 306 19.31 48.24 -26.17
N TRP D 307 19.75 47.73 -25.03
CA TRP D 307 20.36 46.41 -24.98
C TRP D 307 19.31 45.34 -25.30
N THR D 308 18.09 45.51 -24.78
CA THR D 308 17.01 44.62 -25.15
C THR D 308 16.76 44.65 -26.65
N ARG D 309 16.69 45.86 -27.22
CA ARG D 309 16.48 45.99 -28.65
C ARG D 309 17.67 45.44 -29.43
N VAL D 310 18.87 45.61 -28.91
CA VAL D 310 20.06 45.18 -29.62
C VAL D 310 20.20 43.67 -29.55
N ILE D 311 20.12 43.11 -28.34
CA ILE D 311 20.30 41.67 -28.15
C ILE D 311 19.23 40.89 -28.90
N LEU D 312 17.95 41.20 -28.65
CA LEU D 312 16.88 40.36 -29.17
C LEU D 312 16.54 40.67 -30.61
N LEU D 313 16.20 41.93 -30.91
CA LEU D 313 15.61 42.26 -32.20
C LEU D 313 16.62 42.28 -33.34
N ASN D 314 17.92 42.36 -33.04
CA ASN D 314 18.96 42.43 -34.06
C ASN D 314 19.86 41.20 -34.06
N TRP D 315 20.55 40.91 -32.97
CA TRP D 315 21.52 39.81 -32.99
C TRP D 315 20.81 38.46 -32.99
N CYS D 316 20.08 38.18 -31.91
CA CYS D 316 19.39 36.90 -31.78
C CYS D 316 18.37 36.70 -32.91
N ALA D 317 17.72 37.77 -33.33
CA ALA D 317 16.72 37.65 -34.39
C ALA D 317 17.38 37.43 -35.74
N TRP D 318 18.68 37.71 -35.87
CA TRP D 318 19.41 37.43 -37.09
C TRP D 318 20.01 36.04 -37.06
N PHE D 319 20.56 35.65 -35.91
CA PHE D 319 21.10 34.31 -35.74
C PHE D 319 20.04 33.25 -36.04
N LEU D 320 18.83 33.46 -35.54
CA LEU D 320 17.73 32.53 -35.73
C LEU D 320 17.00 32.73 -37.06
N ARG D 321 17.46 33.67 -37.89
CA ARG D 321 16.80 34.05 -39.14
C ARG D 321 15.29 34.20 -38.97
N MET D 322 14.85 35.19 -38.20
CA MET D 322 13.44 35.37 -37.87
C MET D 322 12.87 36.64 -38.48
N LYS D 323 13.44 37.80 -38.17
CA LYS D 323 12.99 39.07 -38.73
C LYS D 323 11.54 39.37 -38.39
N PRO D 479 -18.06 77.61 -41.07
CA PRO D 479 -18.36 77.61 -39.63
C PRO D 479 -18.63 76.20 -39.12
N ASP D 480 -19.78 75.63 -39.49
CA ASP D 480 -20.05 74.24 -39.13
C ASP D 480 -19.01 73.30 -39.72
N LEU D 481 -18.61 73.55 -40.96
CA LEU D 481 -17.71 72.64 -41.65
C LEU D 481 -16.34 72.59 -40.98
N ALA D 482 -15.90 73.70 -40.39
CA ALA D 482 -14.62 73.70 -39.71
C ALA D 482 -14.68 72.88 -38.43
N LYS D 483 -15.84 72.90 -37.76
CA LYS D 483 -15.94 72.11 -36.56
C LYS D 483 -16.06 70.63 -36.90
N ILE D 484 -16.70 70.31 -38.04
CA ILE D 484 -16.68 68.95 -38.55
C ILE D 484 -15.24 68.50 -38.80
N LEU D 485 -14.43 69.38 -39.38
CA LEU D 485 -13.03 69.02 -39.58
C LEU D 485 -12.38 68.70 -38.24
N GLU D 486 -12.70 69.48 -37.21
CA GLU D 486 -12.09 69.22 -35.90
C GLU D 486 -12.48 67.84 -35.35
N GLU D 487 -13.74 67.52 -35.25
CA GLU D 487 -14.18 66.24 -34.79
C GLU D 487 -13.66 65.06 -35.62
N VAL D 488 -13.74 65.13 -36.93
CA VAL D 488 -13.25 64.03 -37.77
C VAL D 488 -11.76 63.86 -37.60
N ARG D 489 -11.02 64.96 -37.44
CA ARG D 489 -9.61 64.82 -37.27
C ARG D 489 -9.34 64.17 -35.94
N TYR D 490 -10.09 64.50 -34.90
CA TYR D 490 -9.91 63.83 -33.62
C TYR D 490 -10.06 62.32 -33.76
N ILE D 491 -11.09 61.87 -34.50
CA ILE D 491 -11.31 60.43 -34.69
C ILE D 491 -10.11 59.81 -35.41
N ALA D 492 -9.62 60.47 -36.46
CA ALA D 492 -8.55 59.88 -37.25
C ALA D 492 -7.23 59.89 -36.48
N ASN D 493 -6.91 60.98 -35.81
CA ASN D 493 -5.68 61.03 -35.01
C ASN D 493 -5.75 60.06 -33.84
N ARG D 494 -6.95 59.79 -33.32
CA ARG D 494 -7.07 58.74 -32.32
C ARG D 494 -6.74 57.39 -32.91
N PHE D 495 -7.21 57.12 -34.14
CA PHE D 495 -6.82 55.86 -34.78
C PHE D 495 -5.32 55.81 -35.02
N ARG D 496 -4.70 56.96 -35.27
CA ARG D 496 -3.26 56.99 -35.50
C ARG D 496 -2.50 56.66 -34.22
N CYS D 497 -2.92 57.22 -33.09
CA CYS D 497 -2.29 56.88 -31.82
C CYS D 497 -2.50 55.41 -31.48
N GLN D 498 -3.71 54.89 -31.68
CA GLN D 498 -3.97 53.47 -31.46
C GLN D 498 -3.04 52.60 -32.30
N ASP D 499 -2.76 53.01 -33.55
CA ASP D 499 -1.87 52.21 -34.38
C ASP D 499 -0.41 52.34 -33.93
N GLU D 500 -0.02 53.50 -33.41
CA GLU D 500 1.35 53.62 -32.90
C GLU D 500 1.54 52.72 -31.68
N SER D 501 0.53 52.66 -30.82
CA SER D 501 0.62 51.79 -29.65
C SER D 501 0.57 50.33 -30.07
N GLU D 502 -0.17 50.02 -31.12
CA GLU D 502 -0.19 48.66 -31.62
C GLU D 502 1.17 48.26 -32.20
N ALA D 503 1.90 49.22 -32.79
CA ALA D 503 3.20 48.89 -33.35
C ALA D 503 4.25 48.69 -32.26
N VAL D 504 4.23 49.54 -31.23
CA VAL D 504 5.10 49.30 -30.08
C VAL D 504 4.79 47.94 -29.48
N CYS D 505 3.52 47.59 -29.39
CA CYS D 505 3.14 46.30 -28.83
C CYS D 505 3.63 45.17 -29.73
N SER D 506 3.54 45.34 -31.05
CA SER D 506 4.06 44.34 -31.97
C SER D 506 5.55 44.13 -31.79
N GLU D 507 6.28 45.18 -31.44
CA GLU D 507 7.72 45.01 -31.26
C GLU D 507 8.02 44.27 -29.96
N TRP D 508 7.22 44.52 -28.92
CA TRP D 508 7.38 43.71 -27.71
C TRP D 508 6.97 42.26 -27.95
N LYS D 509 5.98 42.05 -28.82
CA LYS D 509 5.49 40.71 -29.08
C LYS D 509 6.51 39.91 -29.89
N PHE D 510 7.19 40.58 -30.82
CA PHE D 510 8.24 39.93 -31.56
C PHE D 510 9.45 39.64 -30.67
N ALA D 511 9.73 40.55 -29.73
CA ALA D 511 10.76 40.25 -28.73
C ALA D 511 10.41 38.99 -27.95
N ALA D 512 9.13 38.79 -27.67
CA ALA D 512 8.75 37.59 -26.93
C ALA D 512 8.84 36.35 -27.80
N CYS D 513 8.56 36.47 -29.10
CA CYS D 513 8.74 35.34 -30.00
C CYS D 513 10.21 34.96 -30.10
N VAL D 514 11.09 35.95 -30.04
CA VAL D 514 12.52 35.68 -30.12
C VAL D 514 12.99 35.00 -28.85
N VAL D 515 12.50 35.46 -27.70
CA VAL D 515 12.86 34.79 -26.45
C VAL D 515 12.31 33.36 -26.44
N ASP D 516 11.16 33.13 -27.07
CA ASP D 516 10.64 31.77 -27.17
C ASP D 516 11.56 30.88 -27.99
N ARG D 517 12.03 31.37 -29.14
CA ARG D 517 12.91 30.53 -29.96
C ARG D 517 14.24 30.27 -29.26
N LEU D 518 14.74 31.26 -28.52
CA LEU D 518 15.99 31.05 -27.79
C LEU D 518 15.78 30.08 -26.65
N CYS D 519 14.65 30.21 -25.93
CA CYS D 519 14.41 29.31 -24.81
C CYS D 519 14.19 27.91 -25.31
N LEU D 520 13.62 27.78 -26.51
CA LEU D 520 13.42 26.47 -27.12
C LEU D 520 14.75 25.80 -27.36
N MET D 521 15.66 26.51 -28.02
CA MET D 521 16.96 25.93 -28.31
C MET D 521 17.72 25.62 -27.02
N ALA D 522 17.78 26.60 -26.10
CA ALA D 522 18.54 26.42 -24.87
C ALA D 522 18.01 25.23 -24.07
N PHE D 523 16.69 25.08 -23.99
CA PHE D 523 16.15 24.03 -23.14
C PHE D 523 16.25 22.69 -23.83
N SER D 524 16.09 22.65 -25.16
CA SER D 524 16.25 21.39 -25.87
C SER D 524 17.68 20.87 -25.71
N VAL D 525 18.66 21.77 -25.78
CA VAL D 525 20.04 21.35 -25.64
C VAL D 525 20.31 20.88 -24.22
N PHE D 526 19.91 21.68 -23.23
CA PHE D 526 20.08 21.30 -21.83
C PHE D 526 19.42 19.95 -21.55
N THR D 527 18.22 19.74 -22.06
CA THR D 527 17.49 18.49 -21.87
C THR D 527 18.28 17.31 -22.40
N ILE D 528 18.70 17.39 -23.67
CA ILE D 528 19.46 16.29 -24.27
C ILE D 528 20.76 16.04 -23.52
N ILE D 529 21.51 17.10 -23.21
CA ILE D 529 22.79 16.88 -22.52
C ILE D 529 22.59 16.32 -21.11
N CYS D 530 21.52 16.68 -20.41
CA CYS D 530 21.31 16.09 -19.10
C CYS D 530 20.81 14.66 -19.19
N THR D 531 20.00 14.34 -20.20
CA THR D 531 19.55 12.97 -20.37
C THR D 531 20.71 12.05 -20.73
N ILE D 532 21.40 12.37 -21.84
CA ILE D 532 22.49 11.50 -22.28
C ILE D 532 23.64 11.50 -21.28
N GLY D 533 23.86 12.60 -20.56
CA GLY D 533 24.98 12.65 -19.65
C GLY D 533 24.72 11.87 -18.38
N ILE D 534 23.56 12.10 -17.74
CA ILE D 534 23.22 11.32 -16.56
C ILE D 534 23.15 9.84 -16.92
N LEU D 535 22.39 9.47 -17.96
CA LEU D 535 22.23 8.06 -18.27
C LEU D 535 23.56 7.39 -18.62
N MET D 536 24.34 7.97 -19.54
CA MET D 536 25.57 7.30 -19.95
C MET D 536 26.70 7.45 -18.94
N SER D 537 26.52 8.21 -17.87
CA SER D 537 27.49 8.23 -16.79
C SER D 537 27.66 6.83 -16.17
N ALA D 538 26.57 6.07 -16.09
CA ALA D 538 26.60 4.75 -15.47
C ALA D 538 27.67 3.87 -16.11
N PRO D 539 28.58 3.25 -15.33
CA PRO D 539 29.63 2.42 -15.96
C PRO D 539 29.11 1.24 -16.73
N ASN D 540 27.90 0.75 -16.43
CA ASN D 540 27.30 -0.40 -17.10
C ASN D 540 26.23 0.00 -18.11
N PHE D 541 26.25 1.24 -18.60
CA PHE D 541 25.15 1.67 -19.47
C PHE D 541 25.13 0.91 -20.79
N VAL D 542 26.24 0.96 -21.53
CA VAL D 542 26.28 0.36 -22.86
C VAL D 542 25.99 -1.14 -22.78
N GLU D 543 26.58 -1.82 -21.84
CA GLU D 543 26.30 -3.22 -21.64
C GLU D 543 24.84 -3.42 -21.37
N ALA D 544 24.31 -2.68 -20.41
CA ALA D 544 22.92 -2.83 -20.01
C ALA D 544 21.99 -2.72 -21.20
N VAL D 545 22.13 -1.64 -21.99
CA VAL D 545 21.24 -1.48 -23.14
C VAL D 545 21.48 -2.59 -24.15
N SER D 546 22.72 -3.06 -24.27
CA SER D 546 23.02 -4.11 -25.24
C SER D 546 22.35 -5.42 -24.88
N LYS D 547 22.27 -5.73 -23.58
CA LYS D 547 21.68 -7.00 -23.16
C LYS D 547 20.18 -6.92 -22.95
N ASP D 548 19.64 -5.76 -22.60
CA ASP D 548 18.24 -5.64 -22.23
C ASP D 548 17.35 -5.10 -23.35
N PHE D 549 17.94 -4.47 -24.36
CA PHE D 549 17.18 -3.93 -25.50
C PHE D 549 17.68 -4.58 -26.78
N GLU E 1 36.12 -41.48 20.88
CA GLU E 1 36.32 -42.43 22.02
C GLU E 1 36.54 -41.66 23.32
N PHE E 2 37.56 -40.82 23.37
CA PHE E 2 37.70 -39.93 24.51
C PHE E 2 36.57 -38.92 24.56
N GLN E 3 36.19 -38.41 23.38
CA GLN E 3 35.05 -37.53 23.29
C GLN E 3 33.78 -38.21 23.75
N ARG E 4 33.57 -39.46 23.30
CA ARG E 4 32.35 -40.17 23.69
C ARG E 4 32.34 -40.42 25.19
N LYS E 5 33.48 -40.81 25.77
CA LYS E 5 33.57 -41.00 27.21
C LYS E 5 33.28 -39.70 27.95
N LEU E 6 33.82 -38.59 27.47
CA LEU E 6 33.63 -37.31 28.14
C LEU E 6 32.17 -36.86 28.14
N TYR E 7 31.49 -36.96 26.99
CA TYR E 7 30.11 -36.53 26.92
C TYR E 7 29.22 -37.37 27.83
N LYS E 8 29.47 -38.67 27.88
CA LYS E 8 28.71 -39.53 28.78
C LYS E 8 29.01 -39.16 30.22
N GLU E 9 30.26 -38.83 30.51
CA GLU E 9 30.65 -38.53 31.89
C GLU E 9 30.10 -37.18 32.34
N LEU E 10 30.05 -36.20 31.45
CA LEU E 10 29.64 -34.86 31.85
C LEU E 10 28.16 -34.79 32.18
N VAL E 11 27.33 -35.58 31.50
CA VAL E 11 25.89 -35.49 31.71
C VAL E 11 25.41 -36.29 32.91
N LYS E 12 26.25 -37.18 33.44
CA LYS E 12 25.90 -37.98 34.61
C LYS E 12 25.53 -37.09 35.80
N ASN E 13 24.27 -37.20 36.23
CA ASN E 13 23.70 -36.43 37.34
C ASN E 13 23.67 -34.93 37.09
N TYR E 14 23.69 -34.50 35.83
CA TYR E 14 23.68 -33.07 35.54
C TYR E 14 22.23 -32.65 35.44
N ASN E 15 21.89 -31.57 36.12
CA ASN E 15 20.54 -31.04 36.12
C ASN E 15 20.54 -29.68 35.44
N PRO E 16 19.93 -29.51 34.26
CA PRO E 16 19.94 -28.17 33.64
C PRO E 16 19.11 -27.14 34.40
N LEU E 17 18.39 -27.54 35.45
CA LEU E 17 17.70 -26.59 36.31
C LEU E 17 18.62 -25.93 37.33
N GLU E 18 19.81 -26.48 37.54
CA GLU E 18 20.72 -26.05 38.60
C GLU E 18 21.61 -24.92 38.11
N ARG E 19 21.60 -23.81 38.83
CA ARG E 19 22.62 -22.79 38.65
C ARG E 19 23.98 -23.40 39.02
N PRO E 20 24.97 -23.44 38.09
CA PRO E 20 26.16 -24.29 38.36
C PRO E 20 27.29 -23.63 39.15
N VAL E 21 27.10 -23.51 40.48
CA VAL E 21 28.08 -22.96 41.41
C VAL E 21 28.52 -24.06 42.37
N ALA E 22 29.79 -24.04 42.79
CA ALA E 22 30.31 -24.99 43.78
C ALA E 22 29.65 -24.68 45.14
N ASN E 23 29.45 -23.39 45.45
CA ASN E 23 28.80 -22.94 46.70
C ASN E 23 27.45 -22.33 46.33
N ASP E 24 26.34 -22.83 46.88
CA ASP E 24 24.98 -22.38 46.51
C ASP E 24 24.69 -21.01 47.11
N SER E 25 25.46 -20.55 48.11
CA SER E 25 25.27 -19.21 48.65
C SER E 25 26.01 -18.15 47.83
N GLN E 26 27.15 -18.50 47.23
CA GLN E 26 27.89 -17.55 46.43
C GLN E 26 27.28 -17.30 45.07
N PRO E 27 27.58 -16.16 44.45
CA PRO E 27 26.93 -15.81 43.18
C PRO E 27 27.63 -16.46 42.00
N LEU E 28 26.96 -16.38 40.87
CA LEU E 28 27.48 -16.87 39.60
C LEU E 28 27.62 -15.67 38.70
N THR E 29 28.83 -15.39 38.26
CA THR E 29 29.08 -14.24 37.42
C THR E 29 28.79 -14.58 35.97
N VAL E 30 28.13 -13.63 35.28
CA VAL E 30 27.82 -13.76 33.87
C VAL E 30 28.31 -12.48 33.22
N TYR E 31 29.18 -12.62 32.22
CA TYR E 31 29.66 -11.48 31.48
C TYR E 31 28.77 -11.33 30.26
N PHE E 32 28.14 -10.18 30.13
CA PHE E 32 27.17 -9.94 29.07
C PHE E 32 27.69 -8.83 28.18
N SER E 33 27.67 -9.09 26.88
CA SER E 33 27.99 -8.10 25.88
C SER E 33 27.10 -8.41 24.69
N LEU E 34 27.15 -7.54 23.70
CA LEU E 34 26.49 -7.80 22.43
C LEU E 34 27.37 -7.28 21.32
N SER E 35 27.00 -7.66 20.10
CA SER E 35 27.68 -7.24 18.89
C SER E 35 26.61 -6.80 17.93
N LEU E 36 26.62 -5.51 17.58
CA LEU E 36 25.61 -4.94 16.71
C LEU E 36 26.09 -5.04 15.27
N LEU E 37 25.31 -5.74 14.45
CA LEU E 37 25.61 -5.95 13.04
C LEU E 37 24.82 -5.03 12.12
N GLN E 38 23.61 -4.64 12.51
CA GLN E 38 22.73 -3.88 11.65
C GLN E 38 21.65 -3.20 12.47
N ILE E 39 21.25 -2.03 12.01
CA ILE E 39 20.04 -1.38 12.44
C ILE E 39 19.07 -1.59 11.31
N MET E 40 17.99 -2.32 11.57
CA MET E 40 17.10 -2.78 10.51
C MET E 40 15.89 -1.88 10.32
N ASP E 41 15.28 -1.40 11.40
CA ASP E 41 14.09 -0.56 11.28
C ASP E 41 13.92 0.29 12.53
N VAL E 42 13.44 1.52 12.33
CA VAL E 42 13.10 2.44 13.41
C VAL E 42 11.66 2.85 13.14
N ASP E 43 10.76 2.02 13.56
CA ASP E 43 9.37 2.25 13.21
C ASP E 43 8.73 3.27 14.15
N GLU E 44 8.32 4.40 13.59
CA GLU E 44 7.74 5.47 14.41
C GLU E 44 6.39 5.05 14.99
N LYS E 45 5.48 4.59 14.14
CA LYS E 45 4.12 4.25 14.58
C LYS E 45 4.13 3.16 15.66
N ASN E 46 4.83 2.04 15.40
CA ASN E 46 4.81 0.96 16.37
C ASN E 46 5.67 1.25 17.58
N GLN E 47 6.58 2.22 17.48
CA GLN E 47 7.51 2.60 18.54
C GLN E 47 8.47 1.45 18.84
N VAL E 48 9.02 0.87 17.76
CA VAL E 48 9.85 -0.32 17.83
C VAL E 48 11.13 -0.11 17.05
N LEU E 49 12.23 -0.64 17.59
CA LEU E 49 13.53 -0.68 16.92
C LEU E 49 13.83 -2.12 16.55
N THR E 50 14.19 -2.36 15.29
CA THR E 50 14.57 -3.67 14.80
C THR E 50 16.07 -3.68 14.49
N THR E 51 16.80 -4.62 15.10
CA THR E 51 18.25 -4.67 14.99
C THR E 51 18.70 -6.12 14.82
N ASN E 52 19.81 -6.29 14.11
CA ASN E 52 20.52 -7.56 14.01
C ASN E 52 21.65 -7.52 15.02
N ILE E 53 21.62 -8.42 16.00
CA ILE E 53 22.52 -8.37 17.14
C ILE E 53 22.92 -9.79 17.50
N TRP E 54 24.20 -9.98 17.79
CA TRP E 54 24.73 -11.21 18.35
C TRP E 54 25.01 -10.94 19.83
N LEU E 55 24.23 -11.57 20.70
CA LEU E 55 24.48 -11.50 22.13
C LEU E 55 25.68 -12.36 22.49
N GLN E 56 26.38 -11.95 23.54
CA GLN E 56 27.57 -12.65 24.03
CA GLN E 56 27.57 -12.63 24.03
C GLN E 56 27.41 -12.84 25.53
N MET E 57 27.45 -14.09 25.97
CA MET E 57 27.36 -14.45 27.37
C MET E 57 28.51 -15.38 27.71
N SER E 58 29.13 -15.15 28.85
CA SER E 58 30.20 -16.00 29.36
C SER E 58 29.96 -16.25 30.84
N TRP E 59 30.23 -17.47 31.28
CA TRP E 59 30.08 -17.84 32.68
C TRP E 59 30.84 -19.14 32.88
N THR E 60 30.91 -19.59 34.13
CA THR E 60 31.61 -20.80 34.51
C THR E 60 30.64 -21.81 35.07
N ASP E 61 30.68 -23.03 34.53
CA ASP E 61 29.91 -24.15 35.00
C ASP E 61 30.82 -25.02 35.85
N HIS E 62 30.51 -25.14 37.14
CA HIS E 62 31.37 -25.91 38.04
C HIS E 62 31.45 -27.38 37.66
N TYR E 63 30.45 -27.90 36.96
CA TYR E 63 30.34 -29.32 36.71
C TYR E 63 30.95 -29.75 35.38
N LEU E 64 31.10 -28.82 34.44
CA LEU E 64 31.59 -29.15 33.10
C LEU E 64 33.10 -28.93 33.01
N GLN E 65 33.83 -29.67 33.84
CA GLN E 65 35.28 -29.61 33.91
C GLN E 65 35.88 -30.99 33.77
N TRP E 66 37.03 -31.03 33.08
CA TRP E 66 37.76 -32.28 32.90
C TRP E 66 39.22 -31.95 32.67
N ASN E 67 40.07 -32.93 32.93
CA ASN E 67 41.50 -32.82 32.69
C ASN E 67 41.78 -33.29 31.27
N VAL E 68 42.39 -32.42 30.46
CA VAL E 68 42.59 -32.76 29.05
C VAL E 68 43.66 -33.80 28.84
N SER E 69 44.51 -34.05 29.84
CA SER E 69 45.46 -35.16 29.71
C SER E 69 44.76 -36.51 29.73
N GLU E 70 43.68 -36.60 30.47
CA GLU E 70 42.88 -37.81 30.55
C GLU E 70 41.92 -37.95 29.36
N TYR E 71 41.71 -36.89 28.60
CA TYR E 71 40.86 -36.91 27.41
C TYR E 71 41.61 -36.27 26.26
N PRO E 72 42.71 -36.89 25.80
CA PRO E 72 43.57 -36.25 24.80
C PRO E 72 42.81 -35.93 23.52
N GLY E 73 43.04 -34.72 23.02
CA GLY E 73 42.39 -34.23 21.82
C GLY E 73 41.06 -33.56 22.06
N VAL E 74 40.46 -33.75 23.23
CA VAL E 74 39.11 -33.24 23.52
C VAL E 74 39.31 -32.00 24.39
N LYS E 75 39.39 -30.82 23.77
CA LYS E 75 39.59 -29.59 24.50
C LYS E 75 38.31 -28.81 24.73
N THR E 76 37.29 -29.03 23.91
CA THR E 76 36.03 -28.32 24.04
C THR E 76 34.87 -29.25 23.72
N VAL E 77 33.76 -29.05 24.41
CA VAL E 77 32.50 -29.78 24.20
C VAL E 77 31.40 -28.77 23.95
N ARG E 78 30.47 -29.09 23.07
CA ARG E 78 29.32 -28.23 22.82
C ARG E 78 28.05 -28.92 23.29
N PHE E 79 27.06 -28.16 23.70
CA PHE E 79 25.78 -28.67 24.19
C PHE E 79 24.64 -27.89 23.58
N PRO E 80 23.56 -28.54 23.13
CA PRO E 80 22.43 -27.81 22.55
C PRO E 80 21.46 -27.41 23.65
N ASP E 81 20.56 -26.50 23.29
CA ASP E 81 19.52 -25.98 24.17
C ASP E 81 18.85 -27.07 25.01
N GLY E 82 18.68 -26.77 26.30
CA GLY E 82 17.98 -27.65 27.21
C GLY E 82 18.81 -28.75 27.82
N GLN E 83 20.08 -28.89 27.44
CA GLN E 83 20.94 -29.94 27.98
C GLN E 83 21.80 -29.47 29.14
N ILE E 84 22.38 -28.27 29.07
CA ILE E 84 23.09 -27.70 30.20
C ILE E 84 22.35 -26.46 30.68
N TRP E 85 22.77 -25.94 31.82
CA TRP E 85 22.17 -24.74 32.35
C TRP E 85 22.59 -23.55 31.51
N LYS E 86 21.72 -22.56 31.44
CA LYS E 86 21.94 -21.36 30.68
C LYS E 86 21.42 -20.18 31.48
N PRO E 87 22.06 -19.01 31.40
CA PRO E 87 21.46 -17.82 32.01
C PRO E 87 20.17 -17.41 31.31
N ASP E 88 19.17 -17.05 32.10
CA ASP E 88 17.89 -16.60 31.55
C ASP E 88 17.88 -15.11 31.27
N ILE E 89 18.91 -14.61 30.61
CA ILE E 89 19.02 -13.19 30.29
C ILE E 89 18.13 -12.91 29.09
N LEU E 90 17.18 -11.99 29.26
CA LEU E 90 16.24 -11.62 28.22
C LEU E 90 16.25 -10.11 28.04
N LEU E 91 15.86 -9.68 26.85
CA LEU E 91 15.61 -8.27 26.59
C LEU E 91 14.28 -7.86 27.24
N TYR E 92 14.35 -7.02 28.26
CA TYR E 92 13.16 -6.65 29.02
C TYR E 92 12.18 -5.85 28.17
N ASN E 93 12.67 -4.88 27.43
CA ASN E 93 11.80 -4.03 26.61
C ASN E 93 11.65 -4.58 25.21
N SER E 94 11.36 -5.89 25.12
CA SER E 94 11.16 -6.53 23.84
C SER E 94 9.76 -6.24 23.32
N ALA E 95 9.67 -5.99 22.02
CA ALA E 95 8.40 -5.76 21.33
C ALA E 95 8.11 -6.84 20.30
N ASP E 96 8.71 -8.02 20.46
CA ASP E 96 8.54 -9.12 19.53
C ASP E 96 7.38 -10.00 19.97
N GLU E 97 6.64 -10.52 18.99
CA GLU E 97 5.53 -11.42 19.29
C GLU E 97 5.98 -12.69 20.01
N ARG E 98 7.24 -13.09 19.84
CA ARG E 98 7.80 -14.21 20.58
C ARG E 98 8.46 -13.82 21.88
N PHE E 99 8.79 -12.53 22.06
CA PHE E 99 9.53 -11.95 23.19
C PHE E 99 10.99 -12.37 23.27
N ASP E 100 11.31 -13.61 22.93
CA ASP E 100 12.69 -14.09 22.84
C ASP E 100 13.02 -14.21 21.36
N ALA E 101 13.89 -13.32 20.86
CA ALA E 101 14.27 -13.32 19.47
C ALA E 101 15.51 -14.15 19.19
N THR E 102 16.15 -14.69 20.22
CA THR E 102 17.42 -15.38 20.02
C THR E 102 17.24 -16.73 19.35
N PHE E 103 18.20 -17.09 18.51
CA PHE E 103 18.32 -18.44 17.98
C PHE E 103 19.27 -19.20 18.89
N HIS E 104 18.77 -20.25 19.53
CA HIS E 104 19.49 -20.97 20.56
C HIS E 104 20.54 -21.86 19.92
N THR E 105 21.76 -21.38 19.83
CA THR E 105 22.88 -22.12 19.29
C THR E 105 23.49 -22.98 20.40
N ASN E 106 24.59 -23.65 20.11
CA ASN E 106 25.26 -24.46 21.10
C ASN E 106 26.04 -23.57 22.07
N VAL E 107 26.22 -24.07 23.28
CA VAL E 107 27.04 -23.41 24.28
C VAL E 107 28.40 -24.10 24.24
N LEU E 108 29.45 -23.30 24.08
CA LEU E 108 30.82 -23.79 24.04
C LEU E 108 31.42 -23.79 25.43
N VAL E 109 32.05 -24.88 25.81
CA VAL E 109 32.68 -25.05 27.11
C VAL E 109 34.08 -25.64 26.91
N ASN E 110 35.09 -25.13 27.64
CA ASN E 110 36.39 -25.77 27.57
C ASN E 110 36.57 -26.60 28.85
N SER E 111 37.72 -27.29 28.92
CA SER E 111 38.05 -28.17 30.03
C SER E 111 38.04 -27.49 31.39
N SER E 112 38.22 -26.18 31.46
CA SER E 112 38.15 -25.47 32.73
C SER E 112 36.74 -25.07 33.12
N GLY E 113 35.75 -25.31 32.26
CA GLY E 113 34.37 -25.02 32.57
C GLY E 113 33.87 -23.67 32.12
N HIS E 114 34.70 -22.94 31.39
CA HIS E 114 34.30 -21.64 30.87
CA HIS E 114 34.31 -21.63 30.85
C HIS E 114 33.30 -21.80 29.74
N CYS E 115 32.06 -21.41 29.98
CA CYS E 115 30.99 -21.49 28.99
C CYS E 115 30.89 -20.23 28.16
N GLN E 116 30.64 -20.40 26.86
CA GLN E 116 30.50 -19.31 25.90
C GLN E 116 29.24 -19.56 25.08
N TYR E 117 28.27 -18.66 25.20
CA TYR E 117 27.00 -18.74 24.51
C TYR E 117 26.83 -17.50 23.65
N LEU E 118 26.69 -17.68 22.33
CA LEU E 118 26.64 -16.59 21.36
C LEU E 118 25.33 -16.65 20.58
N PRO E 119 24.19 -16.40 21.22
CA PRO E 119 22.91 -16.45 20.51
C PRO E 119 22.74 -15.27 19.55
N PRO E 120 22.53 -15.52 18.24
CA PRO E 120 22.15 -14.42 17.35
C PRO E 120 20.66 -14.16 17.42
N GLY E 121 20.25 -13.02 16.87
CA GLY E 121 18.83 -12.74 16.77
C GLY E 121 18.54 -11.46 16.01
N ILE E 122 17.29 -11.33 15.59
CA ILE E 122 16.75 -10.11 15.03
C ILE E 122 15.81 -9.55 16.09
N PHE E 123 16.32 -8.68 16.93
CA PHE E 123 15.59 -8.21 18.10
C PHE E 123 14.66 -7.06 17.74
N LYS E 124 13.50 -7.04 18.38
CA LYS E 124 12.56 -5.93 18.32
C LYS E 124 12.38 -5.38 19.73
N SER E 125 12.77 -4.12 19.92
CA SER E 125 12.77 -3.49 21.22
C SER E 125 11.81 -2.30 21.22
N SER E 126 11.17 -2.07 22.36
CA SER E 126 10.28 -0.94 22.52
C SER E 126 11.11 0.32 22.74
N CYS E 127 10.93 1.31 21.87
CA CYS E 127 11.70 2.54 21.92
C CYS E 127 10.80 3.72 21.65
N TYR E 128 10.86 4.73 22.51
CA TYR E 128 10.16 5.98 22.24
C TYR E 128 10.92 6.75 21.18
N ILE E 129 10.28 7.00 20.06
CA ILE E 129 10.90 7.73 18.95
C ILE E 129 10.36 9.14 19.01
N ASP E 130 11.26 10.11 19.07
CA ASP E 130 10.91 11.51 19.14
C ASP E 130 11.10 12.11 17.75
N VAL E 131 10.00 12.41 17.08
CA VAL E 131 10.02 12.95 15.73
C VAL E 131 9.74 14.45 15.72
N ARG E 132 10.00 15.13 16.83
CA ARG E 132 9.86 16.58 16.90
C ARG E 132 10.75 17.25 15.85
N TRP E 133 11.98 16.79 15.71
CA TRP E 133 12.98 17.40 14.85
C TRP E 133 13.17 16.66 13.54
N PHE E 134 12.28 15.72 13.23
CA PHE E 134 12.29 15.03 11.95
C PHE E 134 12.26 16.03 10.81
N PRO E 135 13.16 15.93 9.81
CA PRO E 135 14.08 14.83 9.48
C PRO E 135 15.40 14.85 10.25
N PHE E 136 15.68 15.88 11.04
CA PHE E 136 16.96 16.02 11.73
C PHE E 136 16.93 15.43 13.12
N ASP E 137 16.13 14.39 13.33
CA ASP E 137 15.97 13.87 14.67
C ASP E 137 17.08 12.91 15.01
N VAL E 138 17.23 12.67 16.30
CA VAL E 138 18.25 11.80 16.86
C VAL E 138 17.53 10.95 17.89
N GLN E 139 17.77 9.64 17.84
CA GLN E 139 17.06 8.72 18.71
C GLN E 139 18.06 8.09 19.67
N HIS E 140 17.54 7.74 20.85
CA HIS E 140 18.33 7.10 21.91
C HIS E 140 17.45 5.95 22.35
N CYS E 141 17.81 4.75 21.93
CA CYS E 141 17.01 3.55 22.15
C CYS E 141 17.73 2.64 23.12
N LYS E 142 17.04 2.30 24.19
CA LYS E 142 17.59 1.49 25.25
C LYS E 142 17.32 0.03 24.94
N LEU E 143 18.31 -0.81 25.20
CA LEU E 143 18.19 -2.26 25.12
C LEU E 143 18.55 -2.78 26.49
N LYS E 144 17.53 -3.06 27.30
CA LYS E 144 17.68 -3.41 28.69
C LYS E 144 17.69 -4.93 28.82
N PHE E 145 18.82 -5.48 29.27
CA PHE E 145 18.99 -6.91 29.44
C PHE E 145 19.21 -7.24 30.91
N GLY E 146 18.60 -8.32 31.35
CA GLY E 146 18.80 -8.82 32.70
C GLY E 146 18.24 -10.22 32.80
N SER E 147 18.51 -10.85 33.94
CA SER E 147 17.96 -12.16 34.21
C SER E 147 16.51 -12.07 34.68
N TRP E 148 15.66 -12.92 34.12
CA TRP E 148 14.24 -12.93 34.46
C TRP E 148 13.95 -13.28 35.91
N SER E 149 14.81 -14.10 36.56
CA SER E 149 14.48 -14.60 37.90
C SER E 149 15.60 -14.62 38.93
N TYR E 150 16.83 -14.25 38.59
CA TYR E 150 17.96 -14.37 39.51
C TYR E 150 18.44 -12.99 39.93
N GLY E 151 18.38 -12.71 41.22
CA GLY E 151 18.95 -11.48 41.73
C GLY E 151 20.47 -11.51 41.68
N GLY E 152 21.06 -10.42 42.17
CA GLY E 152 22.50 -10.24 42.07
C GLY E 152 23.34 -11.16 42.95
N TRP E 153 22.77 -11.68 44.04
CA TRP E 153 23.51 -12.66 44.83
C TRP E 153 23.49 -14.04 44.21
N SER E 154 22.66 -14.25 43.19
CA SER E 154 22.57 -15.53 42.49
C SER E 154 23.23 -15.41 41.13
N LEU E 155 22.73 -14.52 40.29
CA LEU E 155 23.32 -14.21 38.99
C LEU E 155 23.88 -12.80 39.07
N ASP E 156 25.19 -12.71 39.22
CA ASP E 156 25.89 -11.42 39.23
C ASP E 156 26.20 -11.04 37.78
N LEU E 157 25.36 -10.21 37.21
CA LEU E 157 25.48 -9.81 35.81
C LEU E 157 26.48 -8.67 35.67
N GLN E 158 27.60 -8.94 35.01
CA GLN E 158 28.61 -7.95 34.70
C GLN E 158 28.54 -7.61 33.21
N MET E 159 29.09 -6.46 32.86
CA MET E 159 29.01 -5.92 31.52
C MET E 159 30.38 -5.76 30.89
N GLN E 160 30.43 -6.02 29.59
CA GLN E 160 31.61 -5.85 28.78
C GLN E 160 31.26 -4.93 27.62
N GLU E 161 32.23 -4.16 27.16
CA GLU E 161 31.99 -3.15 26.15
C GLU E 161 31.45 -3.78 24.87
N ALA E 162 30.43 -3.16 24.30
CA ALA E 162 29.80 -3.73 23.12
C ALA E 162 30.73 -3.66 21.91
N ASP E 163 30.61 -4.66 21.04
CA ASP E 163 31.39 -4.73 19.82
C ASP E 163 30.61 -4.18 18.64
N ILE E 164 31.29 -3.39 17.80
CA ILE E 164 30.73 -2.89 16.56
C ILE E 164 31.69 -3.14 15.40
N SER E 165 32.61 -4.09 15.57
CA SER E 165 33.59 -4.37 14.53
C SER E 165 32.96 -4.93 13.27
N GLY E 166 31.82 -5.61 13.40
CA GLY E 166 31.14 -6.20 12.27
C GLY E 166 29.85 -5.47 11.95
N TYR E 167 29.80 -4.18 12.25
CA TYR E 167 28.61 -3.39 12.03
C TYR E 167 28.51 -2.99 10.57
N ILE E 168 27.35 -3.20 9.97
CA ILE E 168 27.09 -2.79 8.60
C ILE E 168 26.47 -1.40 8.66
N PRO E 169 27.08 -0.37 8.08
CA PRO E 169 26.44 0.95 8.09
C PRO E 169 25.11 0.90 7.38
N ASN E 170 24.14 1.61 7.94
CA ASN E 170 22.81 1.72 7.37
C ASN E 170 22.80 2.85 6.36
N GLY E 171 21.79 2.84 5.50
CA GLY E 171 21.55 3.94 4.59
C GLY E 171 20.58 4.99 5.08
N GLU E 172 19.93 4.75 6.22
CA GLU E 172 18.95 5.66 6.76
C GLU E 172 19.41 6.34 8.04
N TRP E 173 20.35 5.74 8.76
CA TRP E 173 20.72 6.17 10.10
C TRP E 173 22.23 6.09 10.29
N ASP E 174 22.81 7.12 10.92
CA ASP E 174 24.16 6.99 11.43
C ASP E 174 24.13 6.28 12.77
N LEU E 175 25.23 5.63 13.10
CA LEU E 175 25.44 5.06 14.41
C LEU E 175 26.38 5.99 15.14
N VAL E 176 25.87 6.69 16.17
CA VAL E 176 26.73 7.53 16.98
C VAL E 176 27.53 6.67 17.94
N GLY E 177 26.87 5.75 18.62
CA GLY E 177 27.54 4.87 19.55
C GLY E 177 26.53 3.95 20.18
N ILE E 178 27.05 2.98 20.92
CA ILE E 178 26.21 2.05 21.67
C ILE E 178 26.83 1.86 23.05
N PRO E 179 26.88 2.89 23.88
CA PRO E 179 27.41 2.70 25.24
C PRO E 179 26.48 1.87 26.09
N GLY E 180 27.08 1.10 26.99
CA GLY E 180 26.33 0.31 27.94
C GLY E 180 26.53 0.78 29.36
N LYS E 181 25.66 0.37 30.28
CA LYS E 181 25.79 0.76 31.67
C LYS E 181 25.13 -0.29 32.54
N ARG E 182 25.91 -0.89 33.45
CA ARG E 182 25.37 -1.81 34.44
C ARG E 182 24.76 -1.01 35.60
N SER E 183 23.47 -1.23 35.87
CA SER E 183 22.75 -0.52 36.91
C SER E 183 22.06 -1.53 37.81
N GLU E 184 22.15 -1.29 39.12
CA GLU E 184 21.48 -2.14 40.10
C GLU E 184 20.11 -1.58 40.45
N ARG E 185 19.25 -2.48 40.89
CA ARG E 185 17.90 -2.15 41.31
C ARG E 185 17.74 -2.67 42.73
N PHE E 186 16.87 -2.04 43.50
CA PHE E 186 16.63 -2.47 44.88
C PHE E 186 15.14 -2.53 45.16
N TYR E 187 14.76 -3.56 45.93
CA TYR E 187 13.42 -3.73 46.47
C TYR E 187 13.45 -3.38 47.95
N GLU E 188 12.39 -2.72 48.42
CA GLU E 188 12.36 -2.30 49.83
C GLU E 188 12.39 -3.48 50.79
N CYS E 189 12.04 -4.69 50.32
CA CYS E 189 12.13 -5.87 51.17
C CYS E 189 13.56 -6.12 51.62
N CYS E 190 14.50 -6.00 50.69
CA CYS E 190 15.78 -6.69 50.78
C CYS E 190 16.89 -5.76 50.35
N LYS E 191 18.12 -6.19 50.62
CA LYS E 191 19.32 -5.43 50.30
C LYS E 191 19.98 -5.90 49.00
N GLU E 192 19.47 -6.97 48.39
CA GLU E 192 20.14 -7.59 47.26
C GLU E 192 20.03 -6.71 46.02
N PRO E 193 21.12 -6.43 45.30
CA PRO E 193 20.97 -5.72 44.03
C PRO E 193 20.33 -6.61 42.98
N TYR E 194 19.66 -5.97 42.03
CA TYR E 194 19.03 -6.65 40.91
C TYR E 194 19.59 -6.04 39.63
N PRO E 195 20.69 -6.57 39.09
CA PRO E 195 21.38 -5.88 38.01
C PRO E 195 20.71 -6.02 36.67
N ASP E 196 20.95 -5.02 35.82
CA ASP E 196 20.58 -5.06 34.42
C ASP E 196 21.70 -4.37 33.65
N VAL E 197 21.77 -4.67 32.36
CA VAL E 197 22.74 -4.07 31.46
C VAL E 197 21.95 -3.45 30.34
N THR E 198 22.04 -2.12 30.22
CA THR E 198 21.32 -1.37 29.21
C THR E 198 22.31 -0.81 28.20
N PHE E 199 22.16 -1.22 26.95
CA PHE E 199 22.91 -0.63 25.85
C PHE E 199 22.01 0.39 25.17
N THR E 200 22.40 1.65 25.22
CA THR E 200 21.64 2.74 24.62
C THR E 200 22.18 2.97 23.22
N VAL E 201 21.39 2.58 22.22
CA VAL E 201 21.80 2.76 20.83
C VAL E 201 21.40 4.17 20.42
N THR E 202 22.39 4.98 20.10
CA THR E 202 22.19 6.36 19.69
C THR E 202 22.44 6.46 18.19
N MET E 203 21.49 7.06 17.48
CA MET E 203 21.51 7.02 16.03
C MET E 203 20.90 8.29 15.47
N ARG E 204 21.55 8.83 14.44
CA ARG E 204 21.17 10.07 13.81
C ARG E 204 20.56 9.77 12.45
N ARG E 205 19.44 10.40 12.15
CA ARG E 205 18.81 10.16 10.86
C ARG E 205 19.58 10.86 9.76
N ARG E 206 19.90 10.11 8.72
CA ARG E 206 20.54 10.73 7.57
C ARG E 206 19.48 11.52 6.82
N THR E 207 19.83 12.67 6.26
CA THR E 207 18.89 13.63 5.71
C THR E 207 19.06 13.90 4.21
N LEU E 208 19.97 13.21 3.52
CA LEU E 208 20.12 13.43 2.09
C LEU E 208 18.86 13.04 1.32
N TYR E 209 18.26 11.89 1.68
CA TYR E 209 17.03 11.48 1.02
C TYR E 209 15.95 12.52 1.17
N TYR E 210 15.83 13.10 2.35
CA TYR E 210 14.76 14.04 2.63
C TYR E 210 15.05 15.40 2.02
N GLY E 211 16.32 15.79 1.91
CA GLY E 211 16.62 17.02 1.22
C GLY E 211 16.28 16.95 -0.27
N LEU E 212 16.67 15.87 -0.92
CA LEU E 212 16.52 15.74 -2.37
C LEU E 212 15.13 15.35 -2.83
N ASN E 213 14.38 14.59 -2.05
CA ASN E 213 13.05 14.17 -2.45
C ASN E 213 11.92 14.95 -1.78
N LEU E 214 12.22 15.92 -0.90
CA LEU E 214 11.15 16.73 -0.32
C LEU E 214 11.39 18.23 -0.39
N LEU E 215 12.47 18.73 0.22
CA LEU E 215 12.76 20.16 0.19
C LEU E 215 12.85 20.73 -1.22
N ILE E 216 13.56 20.05 -2.11
CA ILE E 216 13.77 20.59 -3.45
C ILE E 216 12.44 20.53 -4.20
N PRO E 217 11.71 19.41 -4.21
CA PRO E 217 10.38 19.45 -4.82
C PRO E 217 9.43 20.41 -4.12
N CYS E 218 9.66 20.69 -2.82
CA CYS E 218 8.76 21.56 -2.09
C CYS E 218 9.12 23.03 -2.31
N VAL E 219 10.41 23.36 -2.24
CA VAL E 219 10.87 24.73 -2.50
C VAL E 219 10.52 25.14 -3.93
N LEU E 220 10.80 24.26 -4.90
CA LEU E 220 10.49 24.57 -6.29
C LEU E 220 9.00 24.82 -6.50
N ILE E 221 8.13 24.01 -5.89
CA ILE E 221 6.71 24.26 -6.05
C ILE E 221 6.34 25.54 -5.29
N SER E 222 6.99 25.79 -4.16
CA SER E 222 6.77 27.01 -3.39
C SER E 222 7.26 28.25 -4.12
N ALA E 223 8.23 28.10 -5.02
CA ALA E 223 8.71 29.24 -5.79
C ALA E 223 7.80 29.54 -6.97
N LEU E 224 7.18 28.52 -7.55
CA LEU E 224 6.28 28.74 -8.68
C LEU E 224 5.05 29.51 -8.24
N ALA E 225 4.64 29.35 -6.98
CA ALA E 225 3.50 30.10 -6.48
C ALA E 225 3.82 31.58 -6.44
N LEU E 226 5.07 31.94 -6.19
CA LEU E 226 5.50 33.33 -6.19
C LEU E 226 5.61 33.87 -7.61
N LEU E 227 5.75 32.98 -8.59
CA LEU E 227 5.81 33.37 -9.99
C LEU E 227 4.51 34.01 -10.48
N VAL E 228 3.38 33.76 -9.79
CA VAL E 228 2.11 34.37 -10.16
C VAL E 228 2.21 35.89 -10.14
N PHE E 229 3.02 36.43 -9.24
CA PHE E 229 3.12 37.87 -9.10
C PHE E 229 3.85 38.52 -10.25
N LEU E 230 4.67 37.77 -10.97
CA LEU E 230 5.31 38.31 -12.16
C LEU E 230 4.47 38.10 -13.41
N LEU E 231 3.44 37.25 -13.36
CA LEU E 231 2.61 37.01 -14.52
C LEU E 231 1.64 38.18 -14.73
N PRO E 232 1.57 38.76 -15.94
CA PRO E 232 0.57 39.80 -16.18
C PRO E 232 -0.85 39.33 -15.90
N ALA E 233 -1.71 40.29 -15.58
CA ALA E 233 -3.12 39.98 -15.39
C ALA E 233 -3.85 39.76 -16.71
N ASP E 234 -3.26 40.15 -17.82
CA ASP E 234 -3.91 39.99 -19.12
C ASP E 234 -3.67 38.61 -19.72
N SER E 235 -2.74 37.83 -19.16
CA SER E 235 -2.55 36.47 -19.63
C SER E 235 -3.80 35.63 -19.47
N GLY E 236 -4.63 35.95 -18.48
CA GLY E 236 -5.80 35.15 -18.20
C GLY E 236 -5.46 33.82 -17.55
N GLU E 237 -4.28 33.72 -16.94
CA GLU E 237 -3.81 32.44 -16.40
C GLU E 237 -3.25 32.56 -14.98
N LYS E 238 -3.53 33.65 -14.28
CA LYS E 238 -2.97 33.85 -12.94
C LYS E 238 -3.58 32.88 -11.92
N ILE E 239 -4.88 32.68 -11.98
CA ILE E 239 -5.51 31.70 -11.11
C ILE E 239 -5.11 30.31 -11.55
N SER E 240 -5.04 30.08 -12.86
CA SER E 240 -4.62 28.78 -13.39
C SER E 240 -3.27 28.36 -12.80
N LEU E 241 -2.30 29.27 -12.81
CA LEU E 241 -0.98 28.96 -12.27
C LEU E 241 -1.05 28.68 -10.78
N GLY E 242 -1.65 29.60 -10.02
CA GLY E 242 -1.63 29.46 -8.58
C GLY E 242 -2.43 28.27 -8.08
N ILE E 243 -3.62 28.06 -8.63
CA ILE E 243 -4.46 26.98 -8.13
C ILE E 243 -3.94 25.63 -8.57
N THR E 244 -3.27 25.56 -9.72
CA THR E 244 -2.66 24.31 -10.13
C THR E 244 -1.39 24.02 -9.34
N VAL E 245 -0.67 25.06 -8.93
CA VAL E 245 0.46 24.87 -8.03
C VAL E 245 -0.01 24.33 -6.70
N LEU E 246 -1.14 24.85 -6.20
CA LEU E 246 -1.73 24.30 -4.98
C LEU E 246 -2.17 22.86 -5.19
N LEU E 247 -2.81 22.58 -6.34
CA LEU E 247 -3.18 21.22 -6.67
C LEU E 247 -1.96 20.31 -6.71
N SER E 248 -0.87 20.75 -7.33
CA SER E 248 0.36 19.98 -7.32
C SER E 248 0.83 19.72 -5.89
N LEU E 249 0.71 20.72 -5.03
CA LEU E 249 1.13 20.56 -3.65
C LEU E 249 0.17 19.64 -2.90
N THR E 250 -1.12 19.65 -3.26
CA THR E 250 -2.03 18.64 -2.71
C THR E 250 -1.61 17.25 -3.15
N VAL E 251 -1.14 17.12 -4.39
CA VAL E 251 -0.69 15.82 -4.90
C VAL E 251 0.60 15.42 -4.23
N PHE E 252 1.47 16.40 -3.98
CA PHE E 252 2.72 16.13 -3.31
C PHE E 252 2.50 15.77 -1.85
N MET E 253 1.41 16.26 -1.25
CA MET E 253 1.08 15.96 0.14
C MET E 253 0.82 14.50 0.34
N LEU E 254 0.35 13.80 -0.70
CA LEU E 254 0.16 12.37 -0.63
C LEU E 254 1.49 11.65 -0.48
N LEU E 255 2.53 11.98 -1.26
CA LEU E 255 3.85 11.41 -1.07
C LEU E 255 4.34 11.72 0.34
N VAL E 256 4.19 12.96 0.77
CA VAL E 256 4.60 13.36 2.12
C VAL E 256 3.90 12.52 3.17
N ALA E 257 2.65 12.12 2.90
CA ALA E 257 1.86 11.34 3.84
C ALA E 257 2.55 10.05 4.24
N GLU E 258 2.95 9.25 3.25
CA GLU E 258 3.58 7.96 3.50
C GLU E 258 4.75 8.06 4.47
N ILE E 259 5.69 8.96 4.19
CA ILE E 259 6.92 9.06 4.97
C ILE E 259 6.73 9.73 6.32
N MET E 260 5.82 10.72 6.41
CA MET E 260 5.58 11.46 7.64
C MET E 260 5.27 10.51 8.77
N PRO E 261 5.63 10.82 10.03
CA PRO E 261 5.19 9.94 11.12
C PRO E 261 3.69 10.10 11.32
N ALA E 262 3.13 9.45 12.34
CA ALA E 262 1.72 9.65 12.67
C ALA E 262 1.61 9.64 14.19
N THR E 263 1.94 10.77 14.80
CA THR E 263 1.87 10.95 16.23
C THR E 263 1.23 12.28 16.56
N SER E 264 0.89 12.45 17.84
CA SER E 264 0.37 13.70 18.37
C SER E 264 1.18 14.11 19.59
N ASP E 265 2.41 13.63 19.69
CA ASP E 265 3.30 13.97 20.78
C ASP E 265 3.92 15.33 20.57
N SER E 266 3.94 15.81 19.34
CA SER E 266 4.50 17.10 18.95
C SER E 266 4.15 17.29 17.49
N VAL E 267 4.41 18.50 17.00
CA VAL E 267 4.32 18.79 15.57
C VAL E 267 5.73 18.61 14.99
N PRO E 268 5.95 17.64 14.10
CA PRO E 268 7.29 17.48 13.53
C PRO E 268 7.74 18.72 12.76
N LEU E 269 9.05 18.95 12.76
CA LEU E 269 9.60 20.10 12.03
C LEU E 269 9.19 20.05 10.57
N ILE E 270 9.16 18.85 9.99
CA ILE E 270 8.81 18.73 8.58
C ILE E 270 7.36 19.12 8.36
N ALA E 271 6.49 18.78 9.32
CA ALA E 271 5.09 19.15 9.23
C ALA E 271 4.91 20.66 9.33
N GLN E 272 5.72 21.33 10.14
CA GLN E 272 5.67 22.79 10.18
C GLN E 272 6.06 23.39 8.84
N TYR E 273 7.13 22.88 8.23
CA TYR E 273 7.59 23.47 6.98
C TYR E 273 6.57 23.26 5.87
N PHE E 274 6.05 22.03 5.71
CA PHE E 274 5.05 21.81 4.66
C PHE E 274 3.74 22.50 4.97
N ALA E 275 3.35 22.53 6.25
CA ALA E 275 2.13 23.25 6.60
C ALA E 275 2.27 24.72 6.26
N SER E 276 3.44 25.30 6.52
CA SER E 276 3.65 26.71 6.22
C SER E 276 3.58 26.95 4.72
N THR E 277 4.26 26.09 3.95
CA THR E 277 4.21 26.12 2.50
C THR E 277 2.77 26.19 2.00
N MET E 278 1.88 25.37 2.55
CA MET E 278 0.48 25.39 2.11
C MET E 278 -0.12 26.77 2.32
N ILE E 279 0.05 27.33 3.53
CA ILE E 279 -0.51 28.65 3.85
C ILE E 279 -0.01 29.70 2.89
N ILE E 280 1.31 29.71 2.62
CA ILE E 280 1.87 30.73 1.74
C ILE E 280 1.33 30.60 0.33
N VAL E 281 1.15 29.38 -0.15
CA VAL E 281 0.62 29.19 -1.49
C VAL E 281 -0.87 29.50 -1.49
N GLY E 282 -1.56 29.17 -0.40
CA GLY E 282 -2.98 29.46 -0.33
C GLY E 282 -3.23 30.96 -0.32
N LEU E 283 -2.39 31.69 0.42
CA LEU E 283 -2.53 33.13 0.53
C LEU E 283 -2.16 33.79 -0.78
N SER E 284 -1.19 33.23 -1.50
CA SER E 284 -0.84 33.74 -2.81
C SER E 284 -2.06 33.72 -3.73
N VAL E 285 -2.82 32.62 -3.70
CA VAL E 285 -4.06 32.58 -4.48
C VAL E 285 -5.06 33.62 -3.95
N VAL E 286 -5.04 33.90 -2.65
CA VAL E 286 -5.93 34.92 -2.10
C VAL E 286 -5.56 36.30 -2.63
N VAL E 287 -4.28 36.68 -2.53
CA VAL E 287 -3.88 37.99 -3.01
C VAL E 287 -3.99 38.09 -4.53
N THR E 288 -3.89 36.96 -5.22
CA THR E 288 -4.10 36.97 -6.67
C THR E 288 -5.52 37.38 -7.00
N VAL E 289 -6.48 36.87 -6.24
CA VAL E 289 -7.88 37.24 -6.44
C VAL E 289 -8.08 38.72 -6.15
N ILE E 290 -7.42 39.23 -5.11
CA ILE E 290 -7.50 40.66 -4.81
C ILE E 290 -6.88 41.47 -5.93
N VAL E 291 -5.76 41.00 -6.50
CA VAL E 291 -5.13 41.71 -7.60
C VAL E 291 -6.08 41.77 -8.79
N LEU E 292 -6.77 40.67 -9.09
CA LEU E 292 -7.66 40.66 -10.24
C LEU E 292 -8.86 41.56 -10.04
N GLN E 293 -9.25 41.80 -8.78
CA GLN E 293 -10.34 42.73 -8.53
C GLN E 293 -9.93 44.14 -8.90
N TYR E 294 -8.68 44.49 -8.63
CA TYR E 294 -8.15 45.77 -9.06
C TYR E 294 -8.03 45.82 -10.58
N HIS E 295 -7.48 44.77 -11.19
CA HIS E 295 -7.24 44.76 -12.62
C HIS E 295 -8.54 44.84 -13.41
N HIS E 296 -9.58 44.15 -12.94
CA HIS E 296 -10.86 44.05 -13.62
C HIS E 296 -11.92 44.96 -13.00
N HIS E 297 -11.50 45.95 -12.23
CA HIS E 297 -12.46 46.85 -11.59
C HIS E 297 -13.25 47.61 -12.64
N ASP E 298 -14.55 47.75 -12.38
CA ASP E 298 -15.45 48.42 -13.30
C ASP E 298 -15.07 49.90 -13.44
N PRO E 299 -14.91 50.42 -14.66
CA PRO E 299 -14.62 51.86 -14.78
C PRO E 299 -15.70 52.76 -14.20
N ASP E 300 -16.92 52.26 -14.08
CA ASP E 300 -18.06 53.05 -13.62
C ASP E 300 -18.50 52.63 -12.22
N GLY E 301 -17.57 52.08 -11.45
CA GLY E 301 -17.79 51.70 -10.08
C GLY E 301 -17.32 52.78 -9.12
N GLY E 302 -16.91 52.36 -7.93
CA GLY E 302 -16.48 53.31 -6.92
C GLY E 302 -15.12 53.91 -7.26
N LYS E 303 -15.04 55.23 -7.19
CA LYS E 303 -13.79 55.92 -7.48
C LYS E 303 -12.69 55.47 -6.51
N MET E 304 -11.48 55.28 -7.05
CA MET E 304 -10.30 54.89 -6.30
C MET E 304 -10.18 55.72 -5.03
N PRO E 305 -10.32 55.12 -3.81
CA PRO E 305 -10.22 55.93 -2.59
C PRO E 305 -8.94 56.76 -2.50
N LYS E 306 -8.98 57.80 -1.69
CA LYS E 306 -7.79 58.63 -1.50
C LYS E 306 -6.65 57.78 -0.94
N TRP E 307 -6.95 56.98 0.08
CA TRP E 307 -5.92 56.19 0.72
C TRP E 307 -5.38 55.14 -0.24
N THR E 308 -6.26 54.52 -1.04
CA THR E 308 -5.80 53.61 -2.09
C THR E 308 -4.89 54.33 -3.06
N ARG E 309 -5.31 55.52 -3.51
CA ARG E 309 -4.48 56.28 -4.44
C ARG E 309 -3.19 56.72 -3.78
N VAL E 310 -3.24 57.06 -2.49
CA VAL E 310 -2.06 57.55 -1.80
C VAL E 310 -1.09 56.42 -1.52
N ILE E 311 -1.59 55.34 -0.93
CA ILE E 311 -0.72 54.21 -0.56
C ILE E 311 -0.07 53.60 -1.79
N LEU E 312 -0.88 53.22 -2.77
CA LEU E 312 -0.36 52.43 -3.89
C LEU E 312 0.30 53.29 -4.96
N LEU E 313 -0.42 54.27 -5.49
CA LEU E 313 0.04 54.97 -6.68
C LEU E 313 1.15 55.97 -6.40
N ASN E 314 1.34 56.38 -5.15
CA ASN E 314 2.35 57.36 -4.79
C ASN E 314 3.46 56.79 -3.93
N TRP E 315 3.14 56.26 -2.74
CA TRP E 315 4.20 55.81 -1.84
C TRP E 315 4.83 54.52 -2.34
N CYS E 316 4.02 53.45 -2.38
CA CYS E 316 4.52 52.15 -2.80
C CYS E 316 5.06 52.19 -4.22
N ALA E 317 4.43 52.97 -5.10
CA ALA E 317 4.89 53.04 -6.47
C ALA E 317 6.18 53.83 -6.60
N TRP E 318 6.53 54.62 -5.58
CA TRP E 318 7.80 55.34 -5.55
C TRP E 318 8.88 54.49 -4.91
N PHE E 319 8.54 53.81 -3.80
CA PHE E 319 9.48 52.91 -3.15
C PHE E 319 10.00 51.86 -4.12
N LEU E 320 9.11 51.28 -4.91
CA LEU E 320 9.46 50.25 -5.88
C LEU E 320 9.98 50.81 -7.20
N ARG E 321 10.09 52.14 -7.32
CA ARG E 321 10.47 52.82 -8.55
C ARG E 321 9.74 52.26 -9.77
N MET E 322 8.42 52.45 -9.83
CA MET E 322 7.60 51.86 -10.88
C MET E 322 6.99 52.93 -11.79
N LYS E 323 6.23 53.86 -11.24
CA LYS E 323 5.64 54.95 -12.00
C LYS E 323 4.71 54.43 -13.11
N PRO E 479 -28.39 73.39 -42.95
CA PRO E 479 -29.47 72.53 -42.46
C PRO E 479 -29.00 71.07 -42.32
N ASP E 480 -28.77 70.40 -43.44
CA ASP E 480 -28.23 69.04 -43.38
C ASP E 480 -26.86 69.05 -42.71
N LEU E 481 -26.03 70.04 -43.04
CA LEU E 481 -24.66 70.05 -42.54
C LEU E 481 -24.62 70.19 -41.01
N ALA E 482 -25.58 70.91 -40.43
CA ALA E 482 -25.60 71.06 -38.98
C ALA E 482 -25.97 69.74 -38.32
N LYS E 483 -26.83 68.95 -38.96
CA LYS E 483 -27.17 67.67 -38.37
C LYS E 483 -26.02 66.70 -38.52
N ILE E 484 -25.26 66.80 -39.62
CA ILE E 484 -24.03 66.03 -39.76
C ILE E 484 -23.08 66.37 -38.62
N LEU E 485 -22.97 67.67 -38.29
CA LEU E 485 -22.12 68.04 -37.17
C LEU E 485 -22.59 67.35 -35.90
N GLU E 486 -23.91 67.27 -35.72
CA GLU E 486 -24.42 66.62 -34.51
C GLU E 486 -24.05 65.15 -34.43
N GLU E 487 -24.34 64.36 -35.44
CA GLU E 487 -23.99 62.97 -35.47
C GLU E 487 -22.48 62.72 -35.34
N VAL E 488 -21.65 63.43 -36.09
CA VAL E 488 -20.20 63.23 -36.01
C VAL E 488 -19.69 63.59 -34.63
N ARG E 489 -20.26 64.61 -34.02
CA ARG E 489 -19.80 64.98 -32.72
C ARG E 489 -20.19 63.89 -31.74
N TYR E 490 -21.37 63.30 -31.89
CA TYR E 490 -21.74 62.19 -31.01
C TYR E 490 -20.72 61.06 -31.10
N ILE E 491 -20.29 60.71 -32.32
CA ILE E 491 -19.30 59.63 -32.48
C ILE E 491 -18.01 60.00 -31.77
N ALA E 492 -17.55 61.23 -31.95
CA ALA E 492 -16.26 61.62 -31.39
C ALA E 492 -16.32 61.74 -29.87
N ASN E 493 -17.38 62.34 -29.33
CA ASN E 493 -17.53 62.44 -27.89
C ASN E 493 -17.72 61.06 -27.26
N ARG E 494 -18.32 60.12 -28.00
CA ARG E 494 -18.37 58.75 -27.50
C ARG E 494 -16.97 58.16 -27.42
N PHE E 495 -16.13 58.42 -28.42
CA PHE E 495 -14.75 57.95 -28.31
C PHE E 495 -14.03 58.61 -27.15
N ARG E 496 -14.39 59.87 -26.84
CA ARG E 496 -13.75 60.56 -25.73
C ARG E 496 -14.14 59.94 -24.39
N CYS E 497 -15.42 59.61 -24.22
CA CYS E 497 -15.85 58.93 -23.00
C CYS E 497 -15.20 57.56 -22.89
N GLN E 498 -15.15 56.80 -23.98
CA GLN E 498 -14.48 55.50 -23.97
C GLN E 498 -13.02 55.64 -23.54
N ASP E 499 -12.34 56.71 -23.97
CA ASP E 499 -10.95 56.89 -23.56
C ASP E 499 -10.82 57.32 -22.11
N GLU E 500 -11.79 58.08 -21.60
CA GLU E 500 -11.74 58.43 -20.18
C GLU E 500 -11.93 57.18 -19.32
N SER E 501 -12.84 56.30 -19.73
CA SER E 501 -13.03 55.06 -18.99
C SER E 501 -11.83 54.15 -19.12
N GLU E 502 -11.15 54.18 -20.27
CA GLU E 502 -9.95 53.40 -20.43
C GLU E 502 -8.84 53.93 -19.53
N ALA E 503 -8.80 55.24 -19.29
CA ALA E 503 -7.75 55.79 -18.44
C ALA E 503 -8.00 55.48 -16.96
N VAL E 504 -9.26 55.58 -16.53
CA VAL E 504 -9.59 55.13 -15.17
C VAL E 504 -9.22 53.66 -15.01
N CYS E 505 -9.51 52.85 -16.02
CA CYS E 505 -9.17 51.44 -15.95
C CYS E 505 -7.67 51.24 -15.90
N SER E 506 -6.91 52.03 -16.67
CA SER E 506 -5.46 51.94 -16.62
C SER E 506 -4.93 52.27 -15.23
N GLU E 507 -5.60 53.17 -14.52
CA GLU E 507 -5.11 53.51 -13.18
C GLU E 507 -5.41 52.38 -12.20
N TRP E 508 -6.56 51.71 -12.36
CA TRP E 508 -6.81 50.53 -11.54
C TRP E 508 -5.85 49.39 -11.89
N LYS E 509 -5.46 49.31 -13.16
CA LYS E 509 -4.58 48.24 -13.61
C LYS E 509 -3.17 48.45 -13.09
N PHE E 510 -2.73 49.70 -13.03
CA PHE E 510 -1.43 50.01 -12.46
C PHE E 510 -1.44 49.79 -10.96
N ALA E 511 -2.58 50.09 -10.30
CA ALA E 511 -2.70 49.75 -8.89
C ALA E 511 -2.54 48.25 -8.68
N ALA E 512 -3.05 47.44 -9.61
CA ALA E 512 -2.91 46.00 -9.46
C ALA E 512 -1.48 45.55 -9.74
N CYS E 513 -0.78 46.22 -10.64
CA CYS E 513 0.63 45.90 -10.86
C CYS E 513 1.46 46.23 -9.62
N VAL E 514 1.08 47.29 -8.91
CA VAL E 514 1.80 47.69 -7.72
C VAL E 514 1.54 46.69 -6.60
N VAL E 515 0.29 46.25 -6.46
CA VAL E 515 0.00 45.22 -5.47
C VAL E 515 0.72 43.92 -5.82
N ASP E 516 0.90 43.63 -7.10
CA ASP E 516 1.68 42.45 -7.48
C ASP E 516 3.12 42.56 -7.04
N ARG E 517 3.75 43.71 -7.27
CA ARG E 517 5.15 43.85 -6.88
C ARG E 517 5.30 43.80 -5.36
N LEU E 518 4.33 44.36 -4.63
CA LEU E 518 4.40 44.30 -3.17
C LEU E 518 4.18 42.88 -2.68
N CYS E 519 3.22 42.17 -3.29
CA CYS E 519 2.94 40.81 -2.85
C CYS E 519 4.12 39.92 -3.18
N LEU E 520 4.83 40.23 -4.27
CA LEU E 520 6.01 39.48 -4.65
C LEU E 520 7.07 39.61 -3.57
N MET E 521 7.37 40.84 -3.19
CA MET E 521 8.40 41.06 -2.18
C MET E 521 7.99 40.45 -0.84
N ALA E 522 6.75 40.73 -0.41
CA ALA E 522 6.28 40.23 0.89
C ALA E 522 6.33 38.71 0.95
N PHE E 523 5.90 38.05 -0.12
CA PHE E 523 5.82 36.60 -0.07
C PHE E 523 7.19 35.98 -0.23
N SER E 524 8.07 36.58 -1.04
CA SER E 524 9.42 36.06 -1.16
C SER E 524 10.14 36.14 0.18
N VAL E 525 9.95 37.24 0.91
CA VAL E 525 10.61 37.37 2.20
C VAL E 525 10.03 36.39 3.19
N PHE E 526 8.70 36.32 3.29
CA PHE E 526 8.06 35.35 4.19
C PHE E 526 8.50 33.93 3.89
N THR E 527 8.57 33.58 2.60
CA THR E 527 8.99 32.24 2.19
C THR E 527 10.40 31.94 2.69
N ILE E 528 11.35 32.83 2.39
CA ILE E 528 12.73 32.60 2.82
C ILE E 528 12.83 32.51 4.35
N ILE E 529 12.20 33.45 5.06
CA ILE E 529 12.31 33.41 6.51
C ILE E 529 11.64 32.18 7.12
N CYS E 530 10.57 31.67 6.53
CA CYS E 530 9.98 30.46 7.07
C CYS E 530 10.79 29.22 6.71
N THR E 531 11.41 29.20 5.53
CA THR E 531 12.25 28.07 5.17
C THR E 531 13.50 28.02 6.06
N ILE E 532 14.28 29.09 6.06
CA ILE E 532 15.51 29.09 6.83
C ILE E 532 15.23 29.02 8.32
N GLY E 533 14.12 29.57 8.79
CA GLY E 533 13.84 29.56 10.21
C GLY E 533 13.39 28.21 10.70
N ILE E 534 12.42 27.59 10.02
CA ILE E 534 12.00 26.24 10.40
C ILE E 534 13.16 25.27 10.29
N LEU E 535 13.85 25.26 9.14
CA LEU E 535 14.92 24.28 8.96
C LEU E 535 16.05 24.48 9.96
N MET E 536 16.57 25.70 10.12
CA MET E 536 17.71 25.89 11.01
C MET E 536 17.32 25.91 12.48
N SER E 537 16.03 25.85 12.80
CA SER E 537 15.62 25.67 14.20
C SER E 537 16.15 24.36 14.77
N ALA E 538 16.22 23.31 13.95
CA ALA E 538 16.67 22.00 14.40
C ALA E 538 18.04 22.08 15.07
N PRO E 539 18.22 21.56 16.29
CA PRO E 539 19.54 21.66 16.93
C PRO E 539 20.66 20.96 16.18
N ASN E 540 20.35 19.97 15.35
CA ASN E 540 21.34 19.22 14.58
C ASN E 540 21.39 19.63 13.12
N PHE E 541 20.94 20.84 12.78
CA PHE E 541 20.87 21.19 11.36
C PHE E 541 22.25 21.29 10.74
N VAL E 542 23.10 22.15 11.29
CA VAL E 542 24.42 22.41 10.70
C VAL E 542 25.23 21.12 10.62
N GLU E 543 25.23 20.34 11.67
CA GLU E 543 25.90 19.06 11.63
C GLU E 543 25.35 18.21 10.55
N ALA E 544 24.03 18.07 10.53
CA ALA E 544 23.38 17.20 9.56
C ALA E 544 23.80 17.54 8.14
N VAL E 545 23.69 18.82 7.76
CA VAL E 545 24.05 19.21 6.40
C VAL E 545 25.53 18.99 6.18
N SER E 546 26.35 19.16 7.22
CA SER E 546 27.79 19.00 7.06
C SER E 546 28.16 17.55 6.78
N LYS E 547 27.46 16.61 7.41
CA LYS E 547 27.78 15.20 7.23
C LYS E 547 27.07 14.56 6.04
N ASP E 548 25.89 15.06 5.67
CA ASP E 548 25.08 14.41 4.65
C ASP E 548 25.19 15.05 3.28
N PHE E 549 25.68 16.29 3.20
CA PHE E 549 25.83 17.00 1.93
C PHE E 549 27.30 17.37 1.74
C1 NAG F . -11.26 -30.59 53.01
C2 NAG F . -11.23 -31.47 54.25
C3 NAG F . -12.65 -31.90 54.61
C4 NAG F . -13.64 -30.75 54.57
C5 NAG F . -13.49 -29.93 53.30
C6 NAG F . -14.32 -28.67 53.29
C7 NAG F . -9.38 -32.99 54.79
C8 NAG F . -8.45 -33.99 54.18
N2 NAG F . -10.42 -32.65 54.05
O3 NAG F . -12.62 -32.49 55.90
O4 NAG F . -14.94 -31.31 54.59
O5 NAG F . -12.12 -29.49 53.21
O6 NAG F . -14.06 -27.91 52.12
O7 NAG F . -9.18 -32.52 55.91
H2 NAG F . -10.87 -30.94 55.00
H3 NAG F . -12.94 -32.59 53.96
H4 NAG F . -13.52 -30.17 55.37
H5 NAG F . -13.71 -30.48 52.52
H61 NAG F . -14.12 -28.14 54.08
H62 NAG F . -15.27 -28.91 53.30
H81 NAG F . -7.72 -34.19 54.79
H82 NAG F . -8.08 -33.64 53.35
H83 NAG F . -8.94 -34.81 53.98
HN2 NAG F . -10.64 -33.18 53.39
HO3 NAG F . -12.15 -33.19 55.88
HO6 NAG F . -14.15 -28.40 51.44
C1 NAG F . -15.50 -30.97 55.83
C2 NAG F . -16.98 -30.69 55.63
C3 NAG F . -17.65 -30.43 56.97
C4 NAG F . -17.33 -31.55 57.96
C5 NAG F . -15.82 -31.70 58.07
C6 NAG F . -15.38 -32.81 58.99
C7 NAG F . -17.91 -29.67 53.60
C8 NAG F . -17.31 -30.50 52.50
N2 NAG F . -17.21 -29.57 54.73
O3 NAG F . -19.06 -30.32 56.78
O4 NAG F . -17.87 -31.22 59.23
O5 NAG F . -15.29 -32.01 56.77
O6 NAG F . -15.66 -34.08 58.40
O7 NAG F . -19.00 -29.11 53.47
H2 NAG F . -17.39 -31.50 55.23
H3 NAG F . -17.31 -29.58 57.33
H4 NAG F . -17.72 -32.41 57.64
H5 NAG F . -15.43 -30.84 58.38
H61 NAG F . -15.86 -32.73 59.84
H62 NAG F . -14.42 -32.74 59.17
H81 NAG F . -17.19 -29.95 51.71
H82 NAG F . -17.90 -31.25 52.30
H83 NAG F . -16.45 -30.84 52.78
HN2 NAG F . -16.86 -28.80 54.94
HO3 NAG F . -19.33 -31.04 56.43
HO4 NAG F . -17.53 -30.50 59.50
HO6 NAG F . -15.26 -34.13 57.65
C1 NAG G . 7.72 -16.54 49.74
C2 NAG G . 8.08 -16.21 51.20
C3 NAG G . 6.83 -15.94 52.00
C4 NAG G . 6.04 -14.82 51.34
C5 NAG G . 5.73 -15.19 49.90
C6 NAG G . 5.02 -14.09 49.15
C7 NAG G . 9.91 -17.07 52.60
C8 NAG G . 10.57 -18.29 53.15
N2 NAG G . 8.85 -17.29 51.81
O3 NAG G . 7.18 -15.58 53.33
O4 NAG G . 4.81 -14.63 52.04
O5 NAG G . 6.96 -15.45 49.19
O6 NAG G . 5.94 -13.16 48.61
O7 NAG G . 10.31 -15.94 52.85
H2 NAG G . 8.65 -15.42 51.20
H3 NAG G . 6.28 -16.74 52.02
H4 NAG G . 6.56 -14.00 51.37
H5 NAG G . 5.16 -15.98 49.93
H61 NAG G . 4.41 -13.64 49.74
H62 NAG G . 4.49 -14.48 48.43
H81 NAG G . 11.32 -18.03 53.70
H82 NAG G . 10.89 -18.84 52.41
H83 NAG G . 9.93 -18.79 53.68
HN2 NAG G . 8.62 -18.09 51.65
HO3 NAG G . 7.62 -16.19 53.69
HO6 NAG G . 5.52 -12.56 48.20
C1 NAG G . 4.62 -13.23 52.29
C2 NAG G . 3.16 -12.97 52.62
C3 NAG G . 2.95 -11.50 52.94
C4 NAG G . 3.88 -11.08 54.07
C5 NAG G . 5.32 -11.40 53.70
C6 NAG G . 6.30 -11.12 54.81
C7 NAG G . 1.65 -14.54 51.50
C8 NAG G . 0.80 -14.81 50.29
N2 NAG G . 2.30 -13.38 51.53
O3 NAG G . 1.60 -11.28 53.33
O4 NAG G . 3.77 -9.69 54.31
O5 NAG G . 5.45 -12.80 53.39
O6 NAG G . 6.37 -12.20 55.73
O7 NAG G . 1.73 -15.36 52.42
H2 NAG G . 2.92 -13.50 53.40
H3 NAG G . 3.15 -10.96 52.16
H4 NAG G . 3.64 -11.57 54.88
H5 NAG G . 5.53 -10.83 52.94
H61 NAG G . 6.04 -10.30 55.28
H62 NAG G . 7.19 -10.95 54.44
H81 NAG G . 0.39 -15.68 50.37
H82 NAG G . 1.38 -14.79 49.50
H83 NAG G . 0.13 -14.11 50.21
HN2 NAG G . 2.21 -12.84 50.86
HO3 NAG G . 1.08 -11.51 52.70
HO4 NAG G . 2.97 -9.50 54.52
HO6 NAG G . 6.92 -12.02 56.34
C1 NAG H . -20.24 -55.30 20.12
C2 NAG H . -20.51 -56.61 20.86
C3 NAG H . -20.97 -57.68 19.87
C4 NAG H . -22.02 -57.16 18.91
C5 NAG H . -21.64 -55.81 18.32
C6 NAG H . -22.73 -55.18 17.49
C7 NAG H . -19.25 -57.33 22.85
C8 NAG H . -17.86 -57.40 23.41
N2 NAG H . -19.33 -57.09 21.54
O3 NAG H . -21.46 -58.79 20.61
O4 NAG H . -22.12 -58.09 17.85
O5 NAG H . -21.39 -54.90 19.40
O6 NAG H . -22.33 -53.89 17.06
O7 NAG H . -20.25 -57.47 23.56
H2 NAG H . -21.23 -56.46 21.51
H3 NAG H . -20.18 -57.97 19.34
H4 NAG H . -22.90 -57.08 19.37
H5 NAG H . -20.83 -55.92 17.77
H61 NAG H . -23.55 -55.11 18.03
H62 NAG H . -22.91 -55.74 16.72
H81 NAG H . -17.90 -57.60 24.36
H82 NAG H . -17.40 -56.56 23.27
H83 NAG H . -17.37 -58.11 22.96
HN2 NAG H . -18.61 -57.23 21.06
HO3 NAG H . -20.83 -59.12 21.04
HO6 NAG H . -21.58 -53.94 16.67
C1 NAG H . -23.39 -58.72 17.98
C2 NAG H . -23.94 -58.97 16.59
C3 NAG H . -25.25 -59.74 16.68
C4 NAG H . -25.09 -60.97 17.56
C5 NAG H . -24.55 -60.55 18.93
C6 NAG H . -24.30 -61.72 19.85
C7 NAG H . -23.54 -57.49 14.67
C8 NAG H . -22.05 -57.32 14.69
N2 NAG H . -24.12 -57.74 15.84
O3 NAG H . -25.67 -60.09 15.38
O4 NAG H . -26.36 -61.59 17.71
O5 NAG H . -23.28 -59.91 18.74
O6 NAG H . -23.18 -62.48 19.42
O7 NAG H . -24.18 -57.42 13.63
H2 NAG H . -23.29 -59.53 16.10
H3 NAG H . -25.93 -59.14 17.09
H4 NAG H . -24.46 -61.60 17.13
H5 NAG H . -25.18 -59.92 19.34
H61 NAG H . -25.09 -62.29 19.87
H62 NAG H . -24.14 -61.37 20.76
H81 NAG H . -21.82 -56.44 14.34
H82 NAG H . -21.63 -58.00 14.14
H83 NAG H . -21.72 -57.39 15.60
HN2 NAG H . -24.64 -57.12 16.19
HO3 NAG H . -25.07 -60.56 15.02
HO4 NAG H . -26.89 -61.06 18.09
HO6 NAG H . -22.50 -61.97 19.37
C1 NAG I . -20.53 -35.56 33.50
C2 NAG I . -21.59 -35.93 34.52
C3 NAG I . -22.75 -36.64 33.84
C4 NAG I . -23.31 -35.75 32.74
C5 NAG I . -22.18 -35.40 31.76
C6 NAG I . -22.63 -34.45 30.68
C7 NAG I . -21.36 -36.61 36.87
C8 NAG I . -20.72 -37.57 37.82
N2 NAG I . -21.05 -36.77 35.59
O3 NAG I . -23.77 -36.92 34.79
O4 NAG I . -24.33 -36.44 32.03
O5 NAG I . -21.12 -34.75 32.47
O6 NAG I . -22.55 -33.09 31.12
O7 NAG I . -22.12 -35.74 37.26
H2 NAG I . -21.92 -35.12 34.93
H3 NAG I . -22.44 -37.46 33.45
H4 NAG I . -23.67 -34.94 33.12
H5 NAG I . -21.90 -36.23 31.36
H61 NAG I . -23.54 -34.65 30.42
H62 NAG I . -22.07 -34.57 29.89
H81 NAG I . -21.01 -37.37 38.72
H82 NAG I . -19.76 -37.48 37.76
H83 NAG I . -20.98 -38.47 37.59
HN2 NAG I . -20.50 -37.40 35.37
HO3 NAG I . -23.46 -37.41 35.40
HO6 NAG I . -22.80 -32.59 30.50
C1 NAG I . -25.47 -35.59 31.89
C2 NAG I . -26.37 -36.14 30.78
C3 NAG I . -27.61 -35.26 30.64
C4 NAG I . -28.32 -35.18 31.98
C5 NAG I . -27.36 -34.67 33.05
C6 NAG I . -27.97 -34.65 34.44
C7 NAG I . -25.10 -37.33 29.04
C8 NAG I . -24.40 -37.21 27.72
N2 NAG I . -25.65 -36.20 29.51
O3 NAG I . -28.48 -35.82 29.67
O4 NAG I . -29.43 -34.28 31.89
O5 NAG I . -26.20 -35.52 33.11
O6 NAG I . -27.87 -35.93 35.06
O7 NAG I . -25.17 -38.39 29.65
H2 NAG I . -26.63 -37.04 31.01
H3 NAG I . -27.35 -34.38 30.37
H4 NAG I . -28.64 -36.06 32.22
H5 NAG I . -27.14 -33.76 32.79
H61 NAG I . -28.89 -34.39 34.38
H62 NAG I . -27.51 -33.99 34.99
H81 NAG I . -24.05 -38.08 27.48
H82 NAG I . -23.68 -36.56 27.81
H83 NAG I . -25.03 -36.91 27.05
HN2 NAG I . -25.58 -35.48 29.04
HO3 NAG I . -28.08 -35.86 28.93
HO4 NAG I . -29.96 -34.56 31.30
HO6 NAG I . -28.21 -35.90 35.82
C1 NAG J . 14.99 -60.34 -2.37
C2 NAG J . 15.26 -61.83 -2.11
C3 NAG J . 16.45 -62.30 -2.92
C4 NAG J . 16.41 -61.82 -4.36
C5 NAG J . 16.07 -60.33 -4.45
C6 NAG J . 15.85 -59.84 -5.85
C7 NAG J . 14.78 -62.92 0.05
C8 NAG J . 14.94 -62.74 1.52
N2 NAG J . 15.50 -62.09 -0.71
O3 NAG J . 16.50 -63.72 -2.87
O4 NAG J . 17.71 -62.01 -4.90
O5 NAG J . 14.84 -60.11 -3.75
O6 NAG J . 15.45 -58.48 -5.84
O7 NAG J . 14.07 -63.79 -0.43
H2 NAG J . 14.46 -62.33 -2.41
H3 NAG J . 17.27 -61.94 -2.49
H4 NAG J . 15.75 -62.34 -4.87
H5 NAG J . 16.80 -59.81 -4.02
H61 NAG J . 15.17 -60.39 -6.29
H62 NAG J . 16.68 -59.93 -6.36
H81 NAG J . 14.41 -63.40 1.99
H82 NAG J . 14.65 -61.85 1.77
H83 NAG J . 15.88 -62.85 1.77
HN2 NAG J . 16.17 -61.67 -0.33
HO3 NAG J . 16.63 -63.96 -2.07
HO6 NAG J . 16.01 -58.02 -5.40
C1 NAG J . 17.57 -63.04 -5.87
C2 NAG J . 18.50 -62.71 -7.04
C3 NAG J . 18.47 -63.86 -8.05
C4 NAG J . 18.73 -65.19 -7.36
C5 NAG J . 17.72 -65.38 -6.23
C6 NAG J . 17.92 -66.65 -5.44
C7 NAG J . 18.99 -60.43 -7.80
C8 NAG J . 19.37 -59.73 -6.53
N2 NAG J . 18.15 -61.46 -7.68
O3 NAG J . 19.45 -63.61 -9.04
O4 NAG J . 18.58 -66.24 -8.30
O5 NAG J . 17.87 -64.29 -5.29
O6 NAG J . 19.09 -66.57 -4.64
O7 NAG J . 19.43 -60.09 -8.89
H2 NAG J . 19.42 -62.63 -6.68
H3 NAG J . 17.58 -63.88 -8.46
H4 NAG J . 19.65 -65.21 -6.98
H5 NAG J . 16.81 -65.36 -6.60
H61 NAG J . 18.00 -67.40 -6.06
H62 NAG J . 17.15 -66.80 -4.86
H81 NAG J . 19.13 -58.80 -6.59
H82 NAG J . 20.33 -59.80 -6.40
H83 NAG J . 18.92 -60.14 -5.78
HN2 NAG J . 17.34 -61.37 -7.99
HO3 NAG J . 20.19 -63.55 -8.66
HO4 NAG J . 17.80 -66.23 -8.61
HO6 NAG J . 19.03 -65.90 -4.13
C1 NAG K . -6.95 -52.46 2.60
C2 NAG K . -7.79 -53.70 2.25
C3 NAG K . -7.26 -54.33 0.96
C4 NAG K . -7.28 -53.29 -0.15
C5 NAG K . -6.45 -52.07 0.29
C6 NAG K . -6.48 -50.97 -0.73
C7 NAG K . -8.86 -55.36 3.70
C8 NAG K . -8.66 -56.33 4.82
N2 NAG K . -7.77 -54.68 3.33
O3 NAG K . -8.07 -55.43 0.60
O4 NAG K . -6.69 -53.84 -1.32
O5 NAG K . -6.99 -51.54 1.51
O6 NAG K . -7.62 -50.13 -0.55
O7 NAG K . -9.95 -55.18 3.18
H2 NAG K . -8.71 -53.42 2.11
H3 NAG K . -6.35 -54.63 1.10
H4 NAG K . -8.18 -53.02 -0.33
H5 NAG K . -5.54 -52.39 0.39
H61 NAG K . -6.48 -51.33 -1.63
H62 NAG K . -5.67 -50.42 -0.65
H81 NAG K . -9.51 -56.76 5.02
H82 NAG K . -8.35 -55.85 5.60
H83 NAG K . -8.01 -56.99 4.56
HN2 NAG K . -7.03 -54.83 3.73
HO3 NAG K . -8.07 -56.01 1.22
HO6 NAG K . -7.61 -49.52 -1.12
C1 NAG K . -7.54 -53.56 -2.44
C2 NAG K . -6.74 -53.75 -3.73
C3 NAG K . -7.65 -53.49 -4.94
C4 NAG K . -8.87 -54.41 -4.86
C5 NAG K . -9.58 -54.20 -3.54
C6 NAG K . -10.75 -55.15 -3.35
C7 NAG K . -4.36 -53.26 -3.45
C8 NAG K . -3.29 -52.20 -3.54
N2 NAG K . -5.59 -52.86 -3.77
O3 NAG K . -6.92 -53.74 -6.13
O4 NAG K . -9.75 -54.10 -5.93
O5 NAG K . -8.68 -54.44 -2.45
O6 NAG K . -10.31 -56.40 -2.85
O7 NAG K . -4.11 -54.40 -3.10
H2 NAG K . -6.42 -54.66 -3.77
H3 NAG K . -7.94 -52.57 -4.93
H4 NAG K . -8.57 -55.33 -4.94
H5 NAG K . -9.92 -53.30 -3.56
H61 NAG K . -11.21 -55.28 -4.20
H62 NAG K . -11.39 -54.76 -2.74
H81 NAG K . -2.44 -52.59 -3.28
H82 NAG K . -3.52 -51.48 -2.93
H83 NAG K . -3.25 -51.87 -4.45
HN2 NAG K . -5.72 -52.04 -4.01
HO3 NAG K . -6.25 -53.23 -6.17
HO4 NAG K . -9.37 -54.22 -6.67
HO6 NAG K . -10.97 -56.91 -2.74
C1 NAG L . 45.77 -38.76 16.60
C2 NAG L . 46.64 -39.91 17.08
C3 NAG L . 47.91 -39.39 17.72
C4 NAG L . 48.57 -38.28 16.91
C5 NAG L . 47.55 -37.24 16.46
C6 NAG L . 48.11 -36.22 15.51
C7 NAG L . 45.72 -42.06 17.87
C8 NAG L . 44.65 -42.63 18.75
N2 NAG L . 45.95 -40.75 18.02
O3 NAG L . 48.81 -40.48 17.91
O4 NAG L . 49.51 -37.65 17.75
O5 NAG L . 46.51 -37.91 15.74
O6 NAG L . 47.09 -35.35 15.05
O7 NAG L . 46.36 -42.75 17.09
H2 NAG L . 46.89 -40.45 16.28
H3 NAG L . 47.67 -39.02 18.62
H4 NAG L . 49.03 -38.67 16.12
H5 NAG L . 47.17 -36.79 17.24
H61 NAG L . 48.52 -36.67 14.74
H62 NAG L . 48.80 -35.70 15.96
H81 NAG L . 44.57 -43.59 18.59
H82 NAG L . 43.80 -42.19 18.56
H83 NAG L . 44.88 -42.48 19.68
HN2 NAG L . 45.64 -40.38 18.76
HO3 NAG L . 48.47 -41.02 18.45
HO6 NAG L . 46.69 -35.02 15.72
C1 NAG L . 50.79 -37.97 17.23
C2 NAG L . 51.69 -36.76 17.39
C3 NAG L . 53.11 -37.11 16.95
C4 NAG L . 53.59 -38.38 17.63
C5 NAG L . 52.59 -39.50 17.37
C6 NAG L . 52.94 -40.80 18.04
C7 NAG L . 50.90 -34.44 17.23
C8 NAG L . 49.73 -34.42 18.15
N2 NAG L . 51.20 -35.61 16.66
O3 NAG L . 53.97 -36.01 17.25
O4 NAG L . 54.86 -38.74 17.11
O5 NAG L . 51.31 -39.11 17.88
O6 NAG L . 52.75 -40.70 19.45
O7 NAG L . 51.57 -33.43 17.02
H2 NAG L . 51.71 -36.53 18.35
H3 NAG L . 53.10 -37.26 15.98
H4 NAG L . 53.66 -38.24 18.61
H5 NAG L . 52.52 -39.65 16.39
H61 NAG L . 53.88 -41.02 17.86
H62 NAG L . 52.38 -41.52 17.69
H81 NAG L . 49.08 -33.77 17.84
H82 NAG L . 50.02 -34.17 19.05
H83 NAG L . 49.32 -35.29 18.18
HN2 NAG L . 51.08 -35.69 15.80
HO3 NAG L . 53.92 -35.88 18.08
HO4 NAG L . 54.79 -38.87 16.28
HO6 NAG L . 51.95 -40.49 19.61
C1 NAG M . 29.70 -43.89 -0.25
C2 NAG M . 30.45 -44.96 -1.04
C3 NAG M . 31.91 -44.56 -1.20
C4 NAG M . 31.99 -43.19 -1.87
C5 NAG M . 31.20 -42.18 -1.04
C6 NAG M . 31.16 -40.82 -1.68
C7 NAG M . 30.16 -47.40 -1.07
C8 NAG M . 30.09 -48.65 -0.25
N2 NAG M . 30.36 -46.26 -0.39
O3 NAG M . 32.59 -45.53 -1.99
O4 NAG M . 33.36 -42.78 -1.93
O5 NAG M . 29.84 -42.63 -0.92
O6 NAG M . 30.11 -40.73 -2.63
O7 NAG M . 30.02 -47.41 -2.29
H2 NAG M . 30.04 -45.04 -1.92
H3 NAG M . 32.33 -44.51 -0.33
H4 NAG M . 31.63 -43.25 -2.76
H5 NAG M . 31.65 -42.12 -0.18
H61 NAG M . 32.01 -40.64 -2.11
H62 NAG M . 31.04 -40.14 -1.00
H81 NAG M . 29.94 -49.40 -0.84
H82 NAG M . 29.36 -48.57 0.38
H83 NAG M . 30.93 -48.75 0.23
HN2 NAG M . 30.43 -46.30 0.46
HO3 NAG M . 32.54 -46.27 -1.62
HO6 NAG M . 30.11 -39.95 -2.97
C1 NAG M . 33.63 -42.30 -3.25
C2 NAG M . 34.91 -41.46 -3.22
C3 NAG M . 35.26 -41.00 -4.63
C4 NAG M . 35.38 -42.19 -5.56
C5 NAG M . 34.09 -43.01 -5.51
C6 NAG M . 34.17 -44.28 -6.32
C7 NAG M . 35.22 -40.31 -1.08
C8 NAG M . 34.98 -39.06 -0.29
N2 NAG M . 34.76 -40.33 -2.33
O3 NAG M . 36.48 -40.28 -4.60
O4 NAG M . 35.60 -41.76 -6.89
O5 NAG M . 33.81 -43.41 -4.16
O6 NAG M . 34.79 -45.33 -5.59
O7 NAG M . 35.82 -41.27 -0.59
H2 NAG M . 35.64 -42.02 -2.88
H3 NAG M . 34.55 -40.41 -4.96
H4 NAG M . 36.12 -42.75 -5.26
H5 NAG M . 33.40 -42.44 -5.88
H61 NAG M . 34.67 -44.11 -7.14
H62 NAG M . 33.28 -44.55 -6.59
H81 NAG M . 35.36 -39.16 0.60
H82 NAG M . 34.02 -38.91 -0.23
H83 NAG M . 35.39 -38.31 -0.75
HN2 NAG M . 34.35 -39.63 -2.62
HO3 NAG M . 36.42 -39.62 -4.09
HO4 NAG M . 36.31 -41.31 -6.92
HO6 NAG M . 34.83 -46.02 -6.06
C1 NAG N . 29.54 -20.36 50.84
C2 NAG N . 30.26 -21.16 51.93
C3 NAG N . 29.92 -20.61 53.30
C4 NAG N . 29.99 -19.08 53.35
C5 NAG N . 29.28 -18.45 52.16
C6 NAG N . 29.46 -16.96 52.07
C7 NAG N . 30.78 -23.56 51.72
C8 NAG N . 30.19 -24.87 51.30
N2 NAG N . 29.91 -22.57 51.88
O3 NAG N . 30.81 -21.18 54.25
O4 NAG N . 29.33 -18.67 54.53
O5 NAG N . 29.83 -18.99 50.96
O6 NAG N . 28.85 -16.46 50.89
O7 NAG N . 31.99 -23.42 51.92
H2 NAG N . 31.23 -21.05 51.79
H3 NAG N . 29.00 -20.89 53.52
H4 NAG N . 30.94 -18.79 53.36
H5 NAG N . 28.32 -18.67 52.21
H61 NAG N . 30.41 -16.74 52.06
H62 NAG N . 29.05 -16.53 52.85
H81 NAG N . 30.89 -25.54 51.23
H82 NAG N . 29.75 -24.77 50.45
H83 NAG N . 29.53 -25.15 51.96
HN2 NAG N . 29.07 -22.78 51.97
HO3 NAG N . 30.67 -22.00 54.28
HO6 NAG N . 28.04 -16.71 50.87
C1 NAG N . 30.34 -18.15 55.38
C2 NAG N . 29.75 -16.96 56.13
C3 NAG N . 30.77 -16.45 57.15
C4 NAG N . 31.29 -17.59 58.01
C5 NAG N . 31.86 -18.69 57.12
C6 NAG N . 32.36 -19.89 57.88
C7 NAG N . 28.10 -15.43 55.20
C8 NAG N . 27.05 -16.35 54.66
N2 NAG N . 29.34 -15.91 55.25
O3 NAG N . 30.16 -15.45 57.95
O4 NAG N . 32.33 -17.09 58.86
O5 NAG N . 30.81 -19.16 56.25
O6 NAG N . 31.27 -20.63 58.43
O7 NAG N . 27.83 -14.29 55.57
H2 NAG N . 28.96 -17.29 56.63
H3 NAG N . 31.53 -16.06 56.65
H4 NAG N . 30.56 -17.96 58.57
H5 NAG N . 32.59 -18.32 56.58
H61 NAG N . 32.95 -19.60 58.60
H62 NAG N . 32.87 -20.47 57.28
H81 NAG N . 26.62 -15.95 53.88
H82 NAG N . 26.38 -16.52 55.34
H83 NAG N . 27.45 -17.20 54.40
HN2 NAG N . 29.94 -15.56 54.71
HO3 NAG N . 29.49 -15.79 58.32
HO4 NAG N . 32.95 -16.80 58.39
HO6 NAG N . 30.74 -20.86 57.81
C1 NAG O . 38.77 -21.68 28.90
C2 NAG O . 40.25 -21.79 29.22
C3 NAG O . 40.61 -20.84 30.35
C4 NAG O . 40.21 -19.42 29.96
C5 NAG O . 38.72 -19.39 29.63
C6 NAG O . 38.26 -18.03 29.15
C7 NAG O . 41.75 -23.74 29.15
C8 NAG O . 41.97 -25.14 29.62
N2 NAG O . 40.63 -23.15 29.57
O3 NAG O . 42.01 -20.90 30.61
O4 NAG O . 40.45 -18.55 31.06
O5 NAG O . 38.45 -20.32 28.57
O6 NAG O . 38.48 -17.88 27.76
O7 NAG O . 42.54 -23.16 28.42
H2 NAG O . 40.76 -21.55 28.43
H3 NAG O . 40.13 -21.09 31.15
H4 NAG O . 40.73 -19.14 29.20
H5 NAG O . 38.26 -19.61 30.45
H61 NAG O . 38.74 -17.34 29.64
H62 NAG O . 37.32 -17.92 29.35
H81 NAG O . 42.81 -25.46 29.26
H82 NAG O . 41.24 -25.69 29.31
H83 NAG O . 42.01 -25.14 30.60
HN2 NAG O . 40.09 -23.60 30.08
HO3 NAG O . 42.22 -21.68 30.81
HO6 NAG O . 38.22 -17.12 27.52
C1 NAG O . 41.15 -17.38 30.60
C2 NAG O . 41.03 -16.27 31.62
C3 NAG O . 41.80 -15.04 31.16
C4 NAG O . 43.25 -15.42 30.88
C5 NAG O . 43.30 -16.57 29.88
C6 NAG O . 44.70 -17.08 29.63
C7 NAG O . 38.93 -16.39 32.90
C8 NAG O . 37.50 -15.95 32.98
N2 NAG O . 39.63 -15.93 31.86
O3 NAG O . 41.75 -14.03 32.16
O4 NAG O . 43.95 -14.30 30.36
O5 NAG O . 42.54 -17.68 30.37
O6 NAG O . 45.10 -18.01 30.62
O7 NAG O . 39.43 -17.14 33.73
H2 NAG O . 41.40 -16.57 32.46
H3 NAG O . 41.40 -14.70 30.34
H4 NAG O . 43.66 -15.70 31.72
H5 NAG O . 42.95 -16.21 29.05
H61 NAG O . 45.32 -16.32 29.62
H62 NAG O . 44.75 -17.48 28.75
H81 NAG O . 37.09 -16.34 33.76
H82 NAG O . 37.03 -16.24 32.18
H83 NAG O . 37.48 -14.98 33.04
HN2 NAG O . 39.24 -15.40 31.30
HO3 NAG O . 40.94 -13.83 32.30
HO4 NAG O . 43.93 -13.67 30.90
HO6 NAG O . 45.87 -18.27 30.47
C1 NAG P . 14.15 -26.66 59.88
C2 NAG P . 13.07 -27.12 60.83
C3 NAG P . 13.52 -26.89 62.26
C4 NAG P . 14.82 -27.64 62.51
C5 NAG P . 15.85 -27.15 61.50
C6 NAG P . 17.17 -27.87 61.59
C7 NAG P . 10.69 -27.09 60.22
C8 NAG P . 10.80 -28.57 60.11
N2 NAG P . 11.81 -26.44 60.57
O3 NAG P . 12.52 -27.37 63.16
O4 NAG P . 15.29 -27.39 63.83
O5 NAG P . 15.36 -27.36 60.16
O6 NAG P . 17.82 -27.64 62.83
O7 NAG P . 9.63 -26.50 60.01
H2 NAG P . 12.92 -28.07 60.68
H3 NAG P . 13.66 -25.95 62.41
H4 NAG P . 14.68 -28.60 62.41
H5 NAG P . 15.99 -26.21 61.70
H61 NAG P . 17.74 -27.59 60.86
H62 NAG P . 17.02 -28.84 61.48
H81 NAG P . 9.94 -28.94 59.86
H82 NAG P . 11.08 -28.94 60.96
H83 NAG P . 11.47 -28.79 59.43
HN2 NAG P . 11.79 -25.59 60.63
HO3 NAG P . 11.80 -26.96 63.01
HO4 NAG P . 14.72 -27.66 64.39
HO6 NAG P . 18.54 -28.07 62.85
C27 R16 Q . -10.18 16.30 11.29
C28 R16 Q . -11.03 17.29 12.03
C29 R16 Q . -10.27 18.09 13.06
C30 R16 Q . -10.08 17.48 14.42
C31 R16 Q . -9.23 18.35 15.36
C32 R16 Q . -9.89 19.64 15.85
C33 R16 Q . -8.91 20.70 16.29
C34 R16 Q . -9.54 22.07 16.48
C35 R16 Q . -8.52 23.17 16.74
C36 R16 Q . -9.13 24.53 17.00
C37 R16 Q . -8.11 25.64 17.15
C38 R16 Q . -7.30 25.58 18.44
C39 R16 Q . -6.30 26.71 18.59
C40 R16 Q . -5.76 26.87 20.00
C41 R16 Q . -4.69 27.93 20.14
C42 R16 Q . -3.33 27.49 19.66
H271 R16 Q . -10.73 15.83 10.65
H272 R16 Q . -9.48 16.79 10.83
H273 R16 Q . -9.79 15.68 11.92
H281 R16 Q . -11.45 17.88 11.40
H282 R16 Q . -11.75 16.80 12.47
H291 R16 Q . -9.39 18.28 12.69
H292 R16 Q . -10.72 18.93 13.17
H301 R16 Q . -10.95 17.34 14.84
H302 R16 Q . -9.66 16.61 14.33
H311 R16 Q . -8.99 17.81 16.14
H312 R16 Q . -8.40 18.57 14.90
H321 R16 Q . -10.43 20.00 15.14
H322 R16 Q . -10.48 19.43 16.58
H331 R16 Q . -8.50 20.43 17.14
H332 R16 Q . -8.19 20.77 15.64
H341 R16 Q . -10.04 22.29 15.68
H342 R16 Q . -10.16 22.04 17.21
H351 R16 Q . -7.97 22.90 17.50
H352 R16 Q . -7.92 23.22 15.98
H361 R16 Q . -9.73 24.75 16.27
H362 R16 Q . -9.66 24.48 17.80
H371 R16 Q . -7.50 25.62 16.39
H372 R16 Q . -8.57 26.50 17.11
H381 R16 Q . -7.91 25.59 19.20
H382 R16 Q . -6.83 24.73 18.47
H391 R16 Q . -5.56 26.56 17.99
H392 R16 Q . -6.72 27.55 18.32
H401 R16 Q . -6.50 27.08 20.60
H402 R16 Q . -5.40 26.02 20.29
H411 R16 Q . -4.96 28.72 19.65
H412 R16 Q . -4.62 28.19 21.07
H421 R16 Q . -2.69 28.21 19.78
H422 R16 Q . -3.05 26.71 20.17
H423 R16 Q . -3.39 27.26 18.72
C01 9Z9 R . -30.72 38.89 5.27
C02 9Z9 R . -30.61 38.88 3.74
C03 9Z9 R . -29.63 37.78 3.23
C04 9Z9 R . -30.49 36.50 3.14
C05 9Z9 R . -31.95 36.91 3.33
C06 9Z9 R . -31.91 38.42 3.07
C07 9Z9 R . -33.12 39.29 3.41
C08 9Z9 R . -32.84 40.72 2.92
C09 9Z9 R . -31.50 41.24 3.47
C10 9Z9 R . -30.32 40.30 3.22
C11 9Z9 R . -34.01 41.71 3.15
C12 9Z9 R . -34.11 42.16 4.63
C13 9Z9 R . -35.33 41.05 2.77
C14 9Z9 R . -35.45 39.76 2.54
C15 9Z9 R . -34.37 38.74 2.74
C16 9Z9 R . -36.52 41.96 2.62
C17 9Z9 R . -36.21 43.12 1.70
C18 9Z9 R . -35.00 43.88 2.18
C19 9Z9 R . -33.79 42.95 2.27
O20 9Z9 R . -37.42 43.89 1.60
C21 9Z9 R . -37.33 45.24 1.14
C22 9Z9 R . -37.52 46.15 2.33
C23 9Z9 R . -37.00 47.57 2.09
C24 9Z9 R . -37.94 48.40 1.24
O25 9Z9 R . -37.22 48.96 0.18
C26 9Z9 R . -38.02 49.77 -0.66
C48 9Z9 R . -36.71 48.26 3.39
O49 9Z9 R . -36.17 49.53 3.15
C50 9Z9 R . -35.89 50.21 4.34
O72 9Z9 R . -30.02 35.65 4.19
C73 9Z9 R . -28.62 35.84 4.25
C74 9Z9 R . -28.42 37.35 4.08
C75 9Z9 R . -27.06 37.75 3.52
C76 9Z9 R . -28.10 35.27 5.55
C77 9Z9 R . -28.23 33.74 5.59
C78 9Z9 R . -27.65 33.10 4.35
C79 9Z9 R . -28.22 33.79 3.13
O80 9Z9 R . -27.99 35.20 3.15
C81 9Z9 R . -27.93 31.61 4.31
H1 9Z9 R . -30.90 37.98 5.57
H2 9Z9 R . -29.88 39.20 5.65
H3 9Z9 R . -31.45 39.47 5.52
H4 9Z9 R . -29.23 38.16 2.43
H5 9Z9 R . -30.44 36.03 2.29
H6 9Z9 R . -32.27 36.72 4.23
H7 9Z9 R . -32.54 36.46 2.71
H8 9Z9 R . -31.95 38.55 2.11
H9 9Z9 R . -33.27 39.30 4.37
H10 9Z9 R . -32.75 40.67 1.96
H11 9Z9 R . -31.31 42.10 3.05
H12 9Z9 R . -31.58 41.39 4.43
H13 9Z9 R . -30.13 40.26 2.27
H14 9Z9 R . -29.53 40.64 3.65
H15 9Z9 R . -34.25 41.37 5.18
H16 9Z9 R . -33.28 42.60 4.88
H17 9Z9 R . -34.86 42.76 4.73
H18 9Z9 R . -36.27 39.46 2.22
H19 9Z9 R . -34.73 38.02 3.29
H20 9Z9 R . -34.13 38.36 1.88
H21 9Z9 R . -36.78 42.32 3.50
H22 9Z9 R . -37.28 41.47 2.28
H23 9Z9 R . -35.96 42.83 0.80
H24 9Z9 R . -34.81 44.61 1.58
H25 9Z9 R . -35.18 44.27 3.05
H26 9Z9 R . -33.56 42.65 1.37
H27 9Z9 R . -33.04 43.44 2.61
H28 9Z9 R . -38.01 45.41 0.47
H29 9Z9 R . -36.47 45.40 0.72
H30 9Z9 R . -37.06 45.77 3.09
H31 9Z9 R . -38.46 46.19 2.55
H32 9Z9 R . -36.17 47.48 1.58
H33 9Z9 R . -38.34 49.10 1.78
H34 9Z9 R . -38.65 47.85 0.90
H35 9Z9 R . -37.49 50.13 -1.37
H36 9Z9 R . -38.74 49.22 -1.02
H37 9Z9 R . -38.39 50.49 -0.12
H38 9Z9 R . -36.10 47.72 3.92
H39 9Z9 R . -37.53 48.34 3.91
H40 9Z9 R . -35.51 51.08 4.13
H41 9Z9 R . -36.70 50.32 4.85
H42 9Z9 R . -35.24 49.70 4.85
H43 9Z9 R . -28.38 37.81 4.94
H44 9Z9 R . -26.36 37.44 4.12
H45 9Z9 R . -26.94 37.35 2.65
H46 9Z9 R . -27.03 38.72 3.45
H47 9Z9 R . -27.17 35.52 5.67
H48 9Z9 R . -28.59 35.65 6.29
H49 9Z9 R . -27.78 33.40 6.37
H50 9Z9 R . -29.17 33.50 5.66
H51 9Z9 R . -26.68 33.21 4.37
H52 9Z9 R . -29.16 33.61 3.06
H53 9Z9 R . -27.81 33.42 2.33
H54 9Z9 R . -27.56 31.20 5.11
H55 9Z9 R . -28.89 31.47 4.28
H56 9Z9 R . -27.53 31.24 3.51
N POV S . -16.55 48.74 -4.49
P POV S . -14.92 45.72 -1.64
C1 POV S . -12.44 44.77 -1.37
C2 POV S . -12.29 43.28 -1.34
C3 POV S . -13.59 42.54 -1.41
C310 POV S . -12.66 33.69 1.33
C11 POV S . -16.38 46.29 -3.76
O11 POV S . -13.56 45.11 -2.22
C311 POV S . -11.78 34.33 2.38
C12 POV S . -16.46 47.29 -4.88
O12 POV S . -15.27 46.65 -2.90
C312 POV S . -10.32 33.92 2.34
C13 POV S . -17.42 48.94 -3.29
O13 POV S . -15.96 44.70 -1.49
C313 POV S . -10.09 32.46 2.69
C14 POV S . -15.19 49.29 -4.20
O14 POV S . -14.60 46.62 -0.51
C314 POV S . -8.64 32.05 2.73
C15 POV S . -17.13 49.50 -5.64
C315 POV S . -7.78 32.83 3.72
C316 POV S . -6.44 32.20 3.94
C21 POV S . -10.98 41.77 0.00
O21 POV S . -11.73 42.88 -0.05
C22 POV S . -10.66 41.40 1.42
O22 POV S . -10.67 41.12 -0.96
C23 POV S . -9.89 40.10 1.55
C24 POV S . -10.75 38.86 1.32
C25 POV S . -10.05 37.56 1.59
C26 POV S . -9.74 37.34 3.06
C27 POV S . -8.30 36.91 3.32
C31 POV S . -15.16 41.95 0.25
O31 POV S . -14.38 42.90 -0.25
C32 POV S . -14.38 41.02 1.13
O32 POV S . -16.33 41.85 0.01
C33 POV S . -15.21 39.89 1.72
C34 POV S . -14.43 39.06 2.72
C35 POV S . -14.29 37.60 2.35
C36 POV S . -15.34 36.70 2.98
C37 POV S . -14.81 35.34 3.42
C38 POV S . -14.91 34.23 2.39
C39 POV S . -14.01 34.35 1.17
H1 POV S . -12.58 45.11 -0.48
H1A POV S . -11.62 45.18 -1.71
H2 POV S . -11.73 43.06 -2.10
H3 POV S . -14.06 42.77 -2.22
H3A POV S . -13.43 41.59 -1.43
H310 POV S . -12.19 33.71 0.48
H31A POV S . -12.78 32.76 1.56
H11 POV S . -17.21 46.29 -3.25
H11A POV S . -16.26 45.40 -4.10
H311 POV S . -11.84 35.30 2.30
H31B POV S . -12.14 34.12 3.27
H12 POV S . -17.22 47.07 -5.43
H12A POV S . -15.66 47.17 -5.43
H22 POV S . -10.15 42.12 1.83
H22A POV S . -11.49 41.32 1.91
H32 POV S . -13.65 40.64 0.62
H312 POV S . -9.99 34.08 1.44
H32A POV S . -13.99 41.53 1.86
H31C POV S . -9.81 34.48 2.94
H13 POV S . -17.45 49.89 -3.08
H13A POV S . -18.31 48.62 -3.49
H13B POV S . -17.05 48.45 -2.54
H23 POV S . -9.16 40.10 0.91
H23A POV S . -9.49 40.05 2.43
H33 POV S . -15.99 40.26 2.15
H313 POV S . -10.49 32.28 3.55
H33A POV S . -15.53 39.32 1.01
H31D POV S . -10.55 31.91 2.03
H14 POV S . -15.27 50.22 -3.96
H14A POV S . -14.79 48.79 -3.48
H14B POV S . -14.64 49.20 -5.01
H24 POV S . -11.54 38.93 1.88
H24A POV S . -11.06 38.87 0.39
H34 POV S . -13.55 39.45 2.81
H314 POV S . -8.58 31.11 2.94
H34A POV S . -14.86 39.12 3.59
H31E POV S . -8.25 32.16 1.84
H15 POV S . -17.20 50.43 -5.40
H15A POV S . -16.56 49.39 -6.41
H15B POV S . -18.02 49.14 -5.84
H25 POV S . -10.60 36.83 1.27
H25A POV S . -9.22 37.53 1.08
H35 POV S . -14.34 37.51 1.39
H315 POV S . -7.66 33.73 3.40
H35A POV S . -13.41 37.29 2.62
H31F POV S . -8.25 32.88 4.57
H26 POV S . -9.92 38.15 3.55
H26A POV S . -10.33 36.66 3.41
H36 POV S . -15.72 37.15 3.75
H316 POV S . -5.94 32.73 4.59
H36A POV S . -16.06 36.57 2.34
H31G POV S . -6.57 31.30 4.29
H31H POV S . -5.96 32.17 3.10
H27 POV S . -8.12 35.93 2.86
H27A POV S . -7.62 37.58 2.79
H37 POV S . -13.89 35.44 3.68
H37A POV S . -15.30 35.07 4.22
H38 POV S . -14.73 33.38 2.82
H38A POV S . -15.84 34.18 2.07
H39 POV S . -13.88 35.30 0.98
H39A POV S . -14.46 33.96 0.40
N POV T . -34.13 32.95 -20.50
P POV T . -33.55 29.80 -17.39
C1 POV T . -32.27 29.88 -15.05
C2 POV T . -31.27 28.79 -14.78
C3 POV T . -31.21 27.77 -15.87
C310 POV T . -27.04 19.98 -12.92
C11 POV T . -32.99 30.76 -19.77
O11 POV T . -32.30 30.16 -16.47
C311 POV T . -27.86 20.26 -11.70
C12 POV T . -32.90 32.08 -20.49
O12 POV T . -33.43 31.01 -18.41
C312 POV T . -27.06 20.53 -10.44
C13 POV T . -35.38 32.14 -20.63
O13 POV T . -33.36 28.52 -18.12
C313 POV T . -26.28 19.33 -9.94
C14 POV T . -34.21 33.74 -19.23
O14 POV T . -34.80 30.01 -16.61
C314 POV T . -25.54 19.57 -8.63
C15 POV T . -34.03 33.89 -21.65
C315 POV T . -26.42 19.96 -7.47
C316 POV T . -25.69 19.89 -6.15
C21 POV T . -30.76 27.46 -12.85
O21 POV T . -31.71 28.03 -13.61
C22 POV T . -31.38 26.55 -11.82
O22 POV T . -29.58 27.59 -13.03
C23 POV T . -30.36 25.80 -10.98
C24 POV T . -29.70 24.66 -11.74
C25 POV T . -28.80 23.79 -10.89
C26 POV T . -29.55 22.98 -9.85
C27 POV T . -28.96 23.08 -8.46
C31 POV T . -32.49 25.84 -16.32
O31 POV T . -32.49 27.14 -15.98
C32 POV T . -32.22 24.98 -15.11
O32 POV T . -32.68 25.44 -17.43
C33 POV T . -32.19 23.50 -15.43
C34 POV T . -32.06 22.65 -14.18
C35 POV T . -30.81 21.78 -14.12
C36 POV T . -31.03 20.37 -14.62
C37 POV T . -30.27 19.30 -13.84
C38 POV T . -28.88 18.96 -14.37
C39 POV T . -27.82 20.04 -14.23
H1 POV T . -33.15 29.62 -14.75
H1A POV T . -32.03 30.69 -14.56
H2 POV T . -30.42 29.24 -14.68
H3 POV T . -30.96 28.19 -16.71
H3A POV T . -30.52 27.11 -15.67
H310 POV T . -26.31 20.62 -12.96
H31A POV T . -26.63 19.10 -12.84
H11 POV T . -33.62 30.18 -20.22
H11A POV T . -32.13 30.31 -19.77
H311 POV T . -28.45 21.02 -11.87
H31B POV T . -28.44 19.49 -11.53
H12 POV T . -32.64 31.90 -21.41
H12A POV T . -32.17 32.59 -20.10
H22 POV T . -31.94 27.08 -11.23
H22A POV T . -31.96 25.92 -12.26
H32 POV T . -31.37 25.23 -14.73
H312 POV T . -26.44 21.25 -10.62
H32A POV T . -32.90 25.14 -14.45
H31C POV T . -27.65 20.84 -9.74
H13 POV T . -36.14 32.72 -20.64
H13A POV T . -35.34 31.65 -21.48
H13B POV T . -35.44 31.52 -19.90
H23 POV T . -29.67 26.42 -10.68
H23A POV T . -30.78 25.46 -10.19
H33 POV T . -33.00 23.24 -15.90
H313 POV T . -26.89 18.59 -9.82
H33A POV T . -31.44 23.30 -16.02
H31D POV T . -25.63 19.07 -10.62
H14 POV T . -35.01 34.29 -19.25
H14A POV T . -34.24 33.14 -18.47
H14B POV T . -33.43 34.31 -19.16
H24 POV T . -30.40 24.10 -12.13
H24A POV T . -29.18 25.02 -12.47
H34 POV T . -32.07 23.23 -13.40
H314 POV T . -25.06 18.75 -8.41
H34A POV T . -32.84 22.08 -14.11
H31E POV T . -24.87 20.27 -8.78
H15 POV T . -34.82 34.45 -21.67
H15A POV T . -33.24 34.44 -21.55
H15B POV T . -33.98 33.37 -22.47
H25 POV T . -28.30 23.19 -11.47
H25A POV T . -28.15 24.36 -10.44
H35 POV T . -30.12 22.20 -14.66
H315 POV T . -26.75 20.87 -7.60
H35A POV T . -30.50 21.75 -13.22
H31F POV T . -27.19 19.39 -7.44
H26 POV T . -30.47 23.28 -9.82
H26A POV T . -29.56 22.05 -10.12
H36 POV T . -31.98 20.16 -14.60
H316 POV T . -26.31 20.15 -5.45
H36A POV T . -30.76 20.31 -15.56
H31G POV T . -25.40 18.99 -6.01
H31H POV T . -24.94 20.49 -6.17
H27 POV T . -27.96 22.65 -8.46
H27A POV T . -28.80 24.12 -8.20
H37 POV T . -30.19 19.60 -12.92
H37A POV T . -30.80 18.49 -13.82
H38 POV T . -28.57 18.16 -13.91
H38A POV T . -28.96 18.73 -15.31
H39 POV T . -28.25 20.91 -14.29
H39A POV T . -27.20 19.97 -14.97
C1 NAG U . -18.66 -46.04 45.03
C2 NAG U . -19.38 -47.32 44.62
C3 NAG U . -20.35 -47.73 45.73
C4 NAG U . -19.59 -47.91 47.03
C5 NAG U . -18.87 -46.61 47.35
C6 NAG U . -17.99 -46.70 48.59
C7 NAG U . -19.82 -47.90 42.29
C8 NAG U . -18.74 -48.92 42.45
N2 NAG U . -20.08 -47.15 43.37
O3 NAG U . -21.00 -48.94 45.37
O4 NAG U . -20.49 -48.23 48.08
O5 NAG U . -17.99 -46.26 46.26
O6 NAG U . -18.78 -46.93 49.75
O7 NAG U . -20.42 -47.74 41.23
H2 NAG U . -18.73 -48.02 44.50
H3 NAG U . -21.01 -47.04 45.85
H4 NAG U . -18.96 -48.64 46.95
H5 NAG U . -19.56 -45.94 47.50
H61 NAG U . -17.48 -45.88 48.69
H62 NAG U . -17.36 -47.43 48.48
H81 NAG U . -18.63 -49.40 41.61
H82 NAG U . -18.99 -49.55 43.16
H83 NAG U . -17.91 -48.49 42.68
HN2 NAG U . -20.70 -46.55 43.30
HO3 NAG U . -21.43 -48.83 44.65
HO4 NAG U . -20.88 -48.95 47.91
HO6 NAG U . -18.26 -46.97 50.42
C27 R16 V . -21.74 2.52 -4.26
C28 R16 V . -23.16 2.55 -4.69
C29 R16 V . -24.12 2.92 -3.58
C30 R16 V . -24.60 1.82 -2.66
C31 R16 V . -25.49 2.31 -1.52
C32 R16 V . -26.89 2.78 -1.94
C33 R16 V . -27.54 3.74 -0.96
C34 R16 V . -28.77 4.45 -1.52
C35 R16 V . -29.29 5.53 -0.62
C36 R16 V . -30.57 6.19 -1.11
C37 R16 V . -31.04 7.36 -0.26
C38 R16 V . -31.59 6.95 1.09
C39 R16 V . -32.09 8.12 1.94
C40 R16 V . -32.96 7.70 3.11
C41 R16 V . -33.37 8.86 4.00
C42 R16 V . -32.28 9.30 4.96
H271 R16 V . -21.18 2.28 -5.02
H272 R16 V . -21.49 3.41 -3.94
H273 R16 V . -21.62 1.87 -3.55
H281 R16 V . -23.26 3.18 -5.41
H282 R16 V . -23.41 1.67 -5.04
H291 R16 V . -23.69 3.60 -3.03
H292 R16 V . -24.90 3.33 -3.98
H301 R16 V . -25.08 1.16 -3.19
H302 R16 V . -23.83 1.37 -2.28
H311 R16 V . -25.60 1.60 -0.88
H312 R16 V . -25.04 3.04 -1.08
H321 R16 V . -26.82 3.22 -2.81
H322 R16 V . -27.46 2.01 -2.05
H331 R16 V . -27.80 3.24 -0.17
H332 R16 V . -26.89 4.41 -0.69
H341 R16 V . -28.54 4.84 -2.39
H342 R16 V . -29.47 3.80 -1.68
H351 R16 V . -29.47 5.15 0.26
H352 R16 V . -28.61 6.21 -0.51
H361 R16 V . -30.43 6.51 -2.02
H362 R16 V . -31.27 5.53 -1.16
H371 R16 V . -30.29 7.97 -0.12
H372 R16 V . -31.72 7.85 -0.74
H381 R16 V . -32.33 6.33 0.96
H382 R16 V . -30.91 6.47 1.58
H391 R16 V . -31.32 8.61 2.27
H392 R16 V . -32.58 8.72 1.37
H401 R16 V . -33.76 7.27 2.77
H402 R16 V . -32.48 7.05 3.64
H411 R16 V . -33.64 9.60 3.46
H412 R16 V . -34.15 8.59 4.53
H421 R16 V . -32.61 10.03 5.50
H422 R16 V . -32.03 8.55 5.53
H423 R16 V . -31.51 9.59 4.45
C01 9Z9 W . -39.32 14.85 -26.78
C02 9Z9 W . -38.22 15.69 -27.46
C03 9Z9 W . -36.84 15.49 -26.80
C04 9Z9 W . -36.25 14.24 -27.47
C05 9Z9 W . -37.15 13.89 -28.66
C06 9Z9 W . -37.93 15.19 -28.89
C07 9Z9 W . -39.15 15.19 -29.81
C08 9Z9 W . -39.64 16.64 -29.94
C09 9Z9 W . -39.89 17.28 -28.56
C10 9Z9 W . -38.69 17.14 -27.61
C11 9Z9 W . -40.84 16.82 -30.90
C12 9Z9 W . -42.17 16.35 -30.27
C13 9Z9 W . -40.61 16.02 -32.18
C14 9Z9 W . -39.66 15.11 -32.30
C15 9Z9 W . -38.77 14.64 -31.18
C16 9Z9 W . -41.52 16.33 -33.34
C17 9Z9 W . -41.52 17.80 -33.65
C18 9Z9 W . -41.92 18.59 -32.43
C19 9Z9 W . -40.96 18.31 -31.27
O20 9Z9 W . -42.38 17.97 -34.79
C21 9Z9 W . -42.90 19.27 -35.07
C22 9Z9 W . -44.36 19.27 -34.70
C23 9Z9 W . -44.92 20.67 -34.50
C24 9Z9 W . -45.22 21.38 -35.80
O25 9Z9 W . -44.60 22.64 -35.77
C26 9Z9 W . -44.84 23.37 -36.96
C48 9Z9 W . -46.16 20.62 -33.64
O49 9Z9 W . -46.62 21.92 -33.41
C50 9Z9 W . -47.78 21.93 -32.60
O72 9Z9 W . -36.26 13.23 -26.47
C73 9Z9 W . -35.94 13.89 -25.24
C74 9Z9 W . -36.72 15.20 -25.28
C75 9Z9 W . -36.13 16.32 -24.45
C76 9Z9 W . -36.27 12.97 -24.09
C77 9Z9 W . -35.36 11.75 -24.06
C78 9Z9 W . -33.90 12.12 -24.14
C79 9Z9 W . -33.70 13.07 -25.30
O80 9Z9 W . -34.56 14.22 -25.22
C81 9Z9 W . -33.01 10.91 -24.28
H1 9Z9 W . -39.00 13.93 -26.69
H2 9Z9 W . -39.49 15.22 -25.89
H3 9Z9 W . -40.12 14.87 -27.31
H4 9Z9 W . -36.41 16.35 -26.90
H5 9Z9 W . -35.36 14.36 -27.83
H6 9Z9 W . -37.74 13.14 -28.45
H7 9Z9 W . -36.64 13.63 -29.44
H8 9Z9 W . -37.38 15.77 -29.43
H9 9Z9 W . -39.85 14.64 -29.45
H10 9Z9 W . -38.92 17.14 -30.35
H11 9Z9 W . -40.09 18.22 -28.67
H12 9Z9 W . -40.66 16.87 -28.16
H13 9Z9 W . -37.96 17.69 -27.93
H14 9Z9 W . -38.93 17.49 -26.73
H15 9Z9 W . -42.09 15.41 -30.05
H16 9Z9 W . -42.34 16.87 -29.48
H17 9Z9 W . -42.89 16.48 -30.91
H18 9Z9 W . -39.53 14.73 -33.13
H19 9Z9 W . -38.80 13.67 -31.14
H20 9Z9 W . -37.86 14.89 -31.38
H21 9Z9 W . -42.42 16.03 -33.15
H22 9Z9 W . -41.23 15.82 -34.13
H23 9Z9 W . -40.64 18.15 -33.88
H24 9Z9 W . -41.92 19.54 -32.64
H25 9Z9 W . -42.83 18.36 -32.17
H26 9Z9 W . -40.08 18.64 -31.51
H27 9Z9 W . -41.25 18.80 -30.50
H28 9Z9 W . -42.79 19.49 -36.00
H29 9Z9 W . -42.42 19.94 -34.56
H30 9Z9 W . -44.47 18.76 -33.88
H31 9Z9 W . -44.87 18.82 -35.40
H32 9Z9 W . -44.24 21.19 -34.04
H33 9Z9 W . -46.17 21.47 -35.92
H34 9Z9 W . -44.88 20.85 -36.54
H35 9Z9 W . -44.41 24.23 -36.89
H36 9Z9 W . -44.48 22.87 -37.71
H37 9Z9 W . -45.80 23.50 -37.07
H38 9Z9 W . -45.97 20.18 -32.79
H39 9Z9 W . -46.85 20.09 -34.08
H40 9Z9 W . -48.07 22.85 -32.48
H41 9Z9 W . -48.49 21.43 -33.05
H42 9Z9 W . -47.58 21.52 -31.75
H43 9Z9 W . -37.58 15.11 -24.86
H44 9Z9 W . -36.09 16.04 -23.52
H45 9Z9 W . -35.24 16.52 -24.77
H46 9Z9 W . -36.69 17.11 -24.53
H47 9Z9 W . -36.18 13.45 -23.26
H48 9Z9 W . -37.19 12.68 -24.16
H49 9Z9 W . -35.52 11.25 -23.25
H50 9Z9 W . -35.58 11.15 -24.80
H51 9Z9 W . -33.65 12.57 -23.32
H52 9Z9 W . -33.88 12.60 -26.13
H53 9Z9 W . -32.78 13.37 -25.33
H54 9Z9 W . -33.15 10.32 -23.52
H55 9Z9 W . -33.23 10.44 -25.10
H56 9Z9 W . -32.08 11.20 -24.31
N POV X . -19.12 22.49 -42.41
P POV X . -19.00 18.70 -40.06
C1 POV X . -20.21 18.04 -37.78
C2 POV X . -19.34 17.46 -36.70
C3 POV X . -17.92 17.27 -37.11
C310 POV X . -13.45 11.44 -31.39
C11 POV X . -17.81 20.89 -40.88
O11 POV X . -19.43 18.98 -38.54
C311 POV X . -14.76 10.68 -31.49
C12 POV X . -18.14 22.30 -41.28
O12 POV X . -19.05 20.21 -40.58
C312 POV X . -15.50 10.55 -30.18
C13 POV X . -18.93 21.46 -43.48
O13 POV X . -17.63 18.19 -40.17
C313 POV X . -14.80 9.69 -29.15
C14 POV X . -20.52 22.40 -41.89
O14 POV X . -20.10 17.96 -40.74
C314 POV X . -15.59 9.47 -27.87
C15 POV X . -18.92 23.84 -43.00
C315 POV X . -16.94 8.81 -28.05
C316 POV X . -17.54 8.34 -26.76
C21 POV X . -19.62 15.63 -35.15
O21 POV X . -19.80 16.11 -36.39
C22 POV X . -19.96 14.17 -35.08
O22 POV X . -19.18 16.28 -34.24
C23 POV X . -19.68 13.56 -33.71
C24 POV X . -18.20 13.34 -33.44
C25 POV X . -17.91 12.58 -32.17
C26 POV X . -18.35 11.13 -32.21
C27 POV X . -19.16 10.71 -30.99
C31 POV X . -16.82 15.55 -38.27
O31 POV X . -17.87 16.35 -38.21
C32 POV X . -16.98 14.37 -37.36
O32 POV X . -15.86 15.75 -38.96
C33 POV X . -15.80 13.42 -37.36
C34 POV X . -16.06 12.17 -36.55
C35 POV X . -15.11 11.97 -35.38
C36 POV X . -13.93 11.07 -35.70
C37 POV X . -13.52 10.14 -34.56
C38 POV X . -12.45 10.70 -33.62
C39 POV X . -12.88 11.86 -32.73
H1 POV X . -20.55 17.34 -38.35
H1A POV X . -20.98 18.48 -37.38
H2 POV X . -19.41 18.07 -35.94
H3 POV X . -17.53 18.12 -37.36
H3A POV X . -17.40 16.93 -36.37
H310 POV X . -13.59 12.23 -30.85
H31A POV X . -12.80 10.88 -30.93
H11 POV X . -17.34 20.44 -41.61
H11A POV X . -17.23 20.88 -40.12
H311 POV X . -15.33 11.12 -32.13
H31B POV X . -14.57 9.80 -31.83
H12 POV X . -17.31 22.75 -41.52
H12A POV X . -18.49 22.76 -40.50
H22 POV X . -20.89 14.04 -35.30
H22A POV X . -19.43 13.70 -35.75
H32 POV X . -17.12 14.69 -36.45
H312 POV X . -15.64 11.44 -29.80
H32A POV X . -17.77 13.87 -37.61
H31C POV X . -16.38 10.19 -30.35
H13 POV X . -19.59 21.61 -44.19
H13A POV X . -18.03 21.54 -43.84
H13B POV X . -19.06 20.57 -43.11
H23 POV X . -20.04 14.13 -33.02
H23A POV X . -20.15 12.71 -33.64
H33 POV X . -15.59 13.16 -38.27
H313 POV X . -14.61 8.82 -29.55
H33A POV X . -15.02 13.87 -37.01
H31D POV X . -13.95 10.09 -28.93
H14 POV X . -21.14 22.51 -42.63
H14A POV X . -20.65 21.53 -41.49
H14B POV X . -20.67 23.09 -41.24
H24 POV X . -17.82 12.85 -34.19
H24A POV X . -17.75 14.19 -33.41
H34 POV X . -16.96 12.20 -36.20
H314 POV X . -15.05 8.92 -27.27
H34A POV X . -16.01 11.40 -37.12
H31E POV X . -15.71 10.32 -27.44
H15 POV X . -19.54 23.97 -43.73
H15A POV X . -19.06 24.51 -42.31
H15B POV X . -18.01 23.91 -43.33
H25 POV X . -16.96 12.61 -31.98
H25A POV X . -18.36 13.03 -31.43
H35 POV X . -14.77 12.83 -35.09
H315 POV X . -17.55 9.44 -28.48
H35A POV X . -15.60 11.59 -34.63
H31F POV X . -16.86 8.06 -28.66
H26 POV X . -18.88 10.98 -33.01
H26A POV X . -17.57 10.57 -32.28
H36 POV X . -14.14 10.53 -36.48
H316 POV X . -18.41 7.94 -26.94
H36A POV X . -13.16 11.62 -35.94
H31G POV X . -16.95 7.70 -26.35
H31H POV X . -17.66 9.11 -26.17
H27 POV X . -18.53 10.77 -30.10
H27A POV X . -19.95 11.43 -30.81
H37 POV X . -14.31 9.93 -34.04
H37A POV X . -13.19 9.32 -34.94
H38 POV X . -12.14 9.98 -33.05
H38A POV X . -11.68 10.99 -34.14
H39 POV X . -13.55 12.38 -33.20
H39A POV X . -12.11 12.44 -32.58
C1 NAG Y . -7.39 -65.73 10.98
C2 NAG Y . -6.54 -66.77 10.27
C3 NAG Y . -7.36 -68.03 10.04
C4 NAG Y . -7.87 -68.56 11.37
C5 NAG Y . -8.67 -67.45 12.05
C6 NAG Y . -9.16 -67.83 13.43
C7 NAG Y . -4.73 -66.15 8.74
C8 NAG Y . -3.81 -66.60 9.83
N2 NAG Y . -6.03 -66.25 9.00
O3 NAG Y . -6.56 -69.02 9.40
O4 NAG Y . -8.69 -69.70 11.17
O5 NAG Y . -7.86 -66.28 12.21
O6 NAG Y . -10.08 -68.91 13.39
O7 NAG Y . -4.31 -65.72 7.67
H2 NAG Y . -5.78 -66.98 10.81
H3 NAG Y . -8.12 -67.82 9.48
H4 NAG Y . -7.12 -68.82 11.93
H5 NAG Y . -9.44 -67.29 11.47
H61 NAG Y . -9.58 -67.06 13.84
H62 NAG Y . -8.40 -68.08 13.98
H81 NAG Y . -2.89 -66.48 9.54
H82 NAG Y . -3.97 -67.54 10.03
H83 NAG Y . -3.96 -66.06 10.62
HN2 NAG Y . -6.59 -66.00 8.40
HO3 NAG Y . -6.29 -68.72 8.66
HO4 NAG Y . -8.25 -70.31 10.80
HO6 NAG Y . -10.33 -69.10 14.17
C27 R16 Z . -6.24 -4.28 -20.96
C28 R16 Z . -6.46 -4.59 -22.40
C29 R16 Z . -7.79 -5.26 -22.68
C30 R16 Z . -7.86 -6.76 -22.53
C31 R16 Z . -9.27 -7.33 -22.75
C32 R16 Z . -9.77 -7.29 -24.20
C33 R16 Z . -11.28 -7.33 -24.34
C34 R16 Z . -11.78 -6.98 -25.73
C35 R16 Z . -13.28 -6.84 -25.80
C36 R16 Z . -13.80 -6.57 -27.21
C37 R16 Z . -15.31 -6.31 -27.26
C38 R16 Z . -16.15 -7.55 -27.01
C39 R16 Z . -17.65 -7.29 -27.10
C40 R16 Z . -18.48 -8.55 -27.21
C41 R16 Z . -19.99 -8.31 -27.20
C42 R16 Z . -20.54 -8.05 -25.81
H271 R16 Z . -5.38 -3.85 -20.86
H272 R16 Z . -6.94 -3.68 -20.67
H273 R16 Z . -6.27 -5.11 -20.45
H281 R16 Z . -6.41 -3.77 -22.92
H282 R16 Z . -5.74 -5.17 -22.72
H291 R16 Z . -8.45 -4.87 -22.09
H292 R16 Z . -8.05 -5.04 -23.59
H301 R16 Z . -7.25 -7.17 -23.16
H302 R16 Z . -7.57 -7.00 -21.63
H311 R16 Z . -9.28 -8.24 -22.45
H312 R16 Z . -9.88 -6.83 -22.20
H321 R16 Z . -9.44 -6.48 -24.63
H322 R16 Z . -9.40 -8.04 -24.68
H331 R16 Z . -11.59 -8.22 -24.11
H332 R16 Z . -11.67 -6.72 -23.70
H341 R16 Z . -11.36 -6.15 -26.02
H342 R16 Z . -11.48 -7.66 -26.35
H351 R16 Z . -13.69 -7.65 -25.47
H352 R16 Z . -13.55 -6.12 -25.22
H361 R16 Z . -13.34 -5.79 -27.58
H362 R16 Z . -13.59 -7.32 -27.77
H371 R16 Z . -15.53 -5.63 -26.61
H372 R16 Z . -15.52 -5.95 -28.14
H381 R16 Z . -15.92 -8.23 -27.65
H382 R16 Z . -15.94 -7.89 -26.13
H391 R16 Z . -17.93 -6.79 -26.31
H392 R16 Z . -17.83 -6.72 -27.86
H401 R16 Z . -18.25 -9.02 -28.03
H402 R16 Z . -18.26 -9.15 -26.47
H411 R16 Z . -20.18 -7.55 -27.78
H412 R16 Z . -20.43 -9.08 -27.57
H421 R16 Z . -21.50 -7.90 -25.88
H422 R16 Z . -20.36 -8.81 -25.25
H423 R16 Z . -20.11 -7.26 -25.45
C01 9Z9 AA . -4.94 10.03 -48.56
C02 9Z9 AA . -4.65 11.45 -48.05
C03 9Z9 AA . -4.49 11.49 -46.51
C04 9Z9 AA . -3.01 11.12 -46.25
C05 9Z9 AA . -2.29 11.12 -47.59
C06 9Z9 AA . -3.24 11.92 -48.49
C07 9Z9 AA . -3.04 11.95 -50.00
C08 9Z9 AA . -4.06 12.92 -50.60
C09 9Z9 AA . -5.49 12.59 -50.16
C10 9Z9 AA . -5.64 12.45 -48.64
C11 9Z9 AA . -3.93 13.10 -52.15
C12 9Z9 AA . -4.52 11.89 -52.91
C13 9Z9 AA . -2.46 13.24 -52.53
C14 9Z9 AA . -1.47 12.98 -51.70
C15 9Z9 AA . -1.62 12.39 -50.33
C16 9Z9 AA . -2.18 13.73 -53.92
C17 9Z9 AA . -2.93 15.02 -54.21
C18 9Z9 AA . -4.41 14.82 -54.00
C19 9Z9 AA . -4.68 14.38 -52.56
O20 9Z9 AA . -2.54 15.41 -55.54
C21 9Z9 AA . -3.39 16.34 -56.24
C22 9Z9 AA . -4.14 15.57 -57.30
C23 9Z9 AA . -5.38 16.31 -57.80
C24 9Z9 AA . -5.06 17.41 -58.77
O25 9Z9 AA . -5.68 18.60 -58.34
C26 9Z9 AA . -5.42 19.69 -59.21
C48 9Z9 AA . -6.36 15.35 -58.41
O49 9Z9 AA . -7.52 16.03 -58.80
C50 9Z9 AA . -8.47 15.17 -59.38
O72 9Z9 AA . -3.05 9.83 -45.65
C73 9Z9 AA . -4.19 9.81 -44.80
C74 9Z9 AA . -5.28 10.52 -45.61
C75 9Z9 AA . -6.38 11.17 -44.77
C76 9Z9 AA . -4.50 8.38 -44.42
C77 9Z9 AA . -3.42 7.79 -43.52
C78 9Z9 AA . -3.11 8.69 -42.35
C79 9Z9 AA . -2.86 10.09 -42.86
O80 9Z9 AA . -3.95 10.59 -43.64
C81 9Z9 AA . -1.91 8.19 -41.56
H1 9Z9 AA . -4.29 9.41 -48.17
H2 9Z9 AA . -5.84 9.79 -48.28
H3 9Z9 AA . -4.87 10.02 -49.53
H4 9Z9 AA . -4.82 12.36 -46.27
H5 9Z9 AA . -2.55 11.74 -45.67
H6 9Z9 AA . -2.15 10.22 -47.93
H7 9Z9 AA . -1.42 11.54 -47.54
H8 9Z9 AA . -3.07 12.86 -48.33
H9 9Z9 AA . -3.18 11.06 -50.37
H10 9Z9 AA . -3.85 13.79 -50.25
H11 9Z9 AA . -6.09 13.28 -50.47
H12 9Z9 AA . -5.77 11.77 -50.58
H13 9Z9 AA . -5.52 13.31 -48.22
H14 9Z9 AA . -6.55 12.16 -48.42
H15 9Z9 AA . -4.04 11.09 -52.65
H16 9Z9 AA . -5.46 11.81 -52.69
H17 9Z9 AA . -4.40 12.04 -53.87
H18 9Z9 AA . -0.61 13.18 -51.98
H19 9Z9 AA . -1.03 11.62 -50.25
H20 9Z9 AA . -1.33 13.04 -49.68
H21 9Z9 AA . -2.44 13.05 -54.58
H22 9Z9 AA . -1.23 13.88 -54.03
H23 9Z9 AA . -2.70 15.74 -53.61
H24 9Z9 AA . -4.88 15.65 -54.18
H25 9Z9 AA . -4.76 14.16 -54.62
H26 9Z9 AA . -4.43 15.09 -51.96
H27 9Z9 AA . -5.63 14.23 -52.45
H28 9Z9 AA . -2.85 17.03 -56.65
H29 9Z9 AA . -4.00 16.77 -55.63
H30 9Z9 AA . -4.41 14.71 -56.93
H31 9Z9 AA . -3.55 15.39 -58.04
H32 9Z9 AA . -5.79 16.73 -57.02
H33 9Z9 AA . -5.36 17.18 -59.66
H34 9Z9 AA . -4.10 17.54 -58.82
H35 9Z9 AA . -5.86 20.47 -58.87
H36 9Z9 AA . -4.47 19.84 -59.24
H37 9Z9 AA . -5.76 19.46 -60.10
H38 9Z9 AA . -6.58 14.64 -57.78
H39 9Z9 AA . -5.96 14.91 -59.18
H40 9Z9 AA . -9.26 15.69 -59.63
H41 9Z9 AA . -8.09 14.75 -60.16
H42 9Z9 AA . -8.72 14.50 -58.72
H43 9Z9 AA . -5.81 9.90 -46.12
H44 9Z9 AA . -6.82 10.48 -44.24
H45 9Z9 AA . -5.98 11.84 -44.18
H46 9Z9 AA . -7.02 11.59 -45.36
H47 9Z9 AA . -5.36 8.34 -43.97
H48 9Z9 AA . -4.59 7.84 -45.22
H49 9Z9 AA . -3.70 6.92 -43.20
H50 9Z9 AA . -2.61 7.64 -44.04
H51 9Z9 AA . -3.87 8.69 -41.74
H52 9Z9 AA . -2.05 10.10 -43.39
H53 9Z9 AA . -2.71 10.69 -42.11
H54 9Z9 AA . -2.11 7.28 -41.24
H55 9Z9 AA . -1.14 8.17 -42.13
H56 9Z9 AA . -1.76 8.78 -40.80
N POV BA . 7.75 31.83 -39.96
P POV BA . 8.64 27.78 -38.33
C1 POV BA . 7.09 25.62 -38.14
C2 POV BA . 7.03 24.93 -36.79
C3 POV BA . 7.92 25.56 -35.78
C310 POV BA . 9.34 19.88 -28.53
C11 POV BA . 8.20 30.34 -37.92
O11 POV BA . 7.28 27.03 -37.94
C311 POV BA . 9.44 18.86 -29.64
C12 POV BA . 7.43 31.48 -38.52
O12 POV BA . 8.01 29.17 -38.77
C312 POV BA . 8.38 17.78 -29.60
C13 POV BA . 9.21 31.69 -40.26
O13 POV BA . 9.53 27.98 -37.17
C313 POV BA . 8.48 16.86 -28.40
C14 POV BA . 6.98 30.95 -40.88
O14 POV BA . 9.20 27.15 -39.56
C314 POV BA . 7.48 15.72 -28.40
C15 POV BA . 7.35 33.26 -40.19
C315 POV BA . 7.56 14.79 -29.59
C316 POV BA . 6.77 13.53 -29.40
C21 POV BA . 7.06 22.64 -36.09
O21 POV BA . 7.54 23.57 -36.91
C22 POV BA . 7.84 21.36 -36.21
O22 POV BA . 6.18 22.83 -35.30
C23 POV BA . 7.40 20.28 -35.23
C24 POV BA . 7.88 20.56 -33.81
C25 POV BA . 7.60 19.43 -32.84
C26 POV BA . 8.40 18.17 -33.12
C27 POV BA . 7.57 16.91 -33.15
C31 POV BA . 10.22 25.29 -35.28
O31 POV BA . 9.29 25.46 -36.23
C32 POV BA . 10.29 23.86 -34.85
O32 POV BA . 10.89 26.19 -34.84
C33 POV BA . 11.32 23.60 -33.77
C34 POV BA . 11.48 22.13 -33.47
C35 POV BA . 11.15 21.73 -32.04
C36 POV BA . 12.36 21.68 -31.12
C37 POV BA . 12.31 20.54 -30.11
C38 POV BA . 11.68 20.88 -28.76
C39 POV BA . 10.18 21.13 -28.77
H1 POV BA . 7.82 25.24 -38.67
H1A POV BA . 6.27 25.45 -38.63
H2 POV BA . 6.10 24.99 -36.51
H3 POV BA . 7.68 26.50 -35.65
H3A POV BA . 7.82 25.12 -34.92
H310 POV BA . 8.41 20.15 -28.44
H31A POV BA . 9.61 19.48 -27.70
H11 POV BA . 9.15 30.55 -37.85
H11A POV BA . 7.89 30.15 -37.02
H311 POV BA . 9.40 19.31 -30.50
H31B POV BA . 10.32 18.44 -29.59
H12 POV BA . 7.60 32.27 -37.98
H12A POV BA . 6.49 31.29 -38.46
H22 POV BA . 7.75 21.02 -37.12
H22A POV BA . 8.78 21.55 -36.07
H32 POV BA . 9.42 23.57 -34.54
H312 POV BA . 7.50 18.21 -29.59
H32A POV BA . 10.51 23.31 -35.62
H31C POV BA . 8.43 17.26 -30.41
H13 POV BA . 9.36 31.93 -41.19
H13A POV BA . 9.71 32.28 -39.68
H13B POV BA . 9.48 30.77 -40.09
H23 POV BA . 6.43 20.22 -35.23
H23A POV BA . 7.74 19.43 -35.52
H33 POV BA . 12.17 23.96 -34.04
H313 POV BA . 9.38 16.48 -28.38
H33A POV BA . 11.06 24.06 -32.96
H31D POV BA . 8.37 17.37 -27.59
H14 POV BA . 7.18 31.19 -41.80
H14A POV BA . 7.21 30.03 -40.71
H14B POV BA . 6.03 31.09 -40.72
H24 POV BA . 8.83 20.72 -33.82
H24A POV BA . 7.45 21.36 -33.48
H34 POV BA . 10.90 21.62 -34.07
H314 POV BA . 7.61 15.20 -27.59
H34A POV BA . 12.39 21.86 -33.67
H31E POV BA . 6.59 16.10 -28.34
H15 POV BA . 7.55 33.49 -41.11
H15A POV BA . 6.40 33.35 -40.02
H15B POV BA . 7.85 33.83 -39.59
H25 POV BA . 7.77 19.73 -31.93
H25A POV BA . 6.65 19.21 -32.89
H35 POV BA . 10.51 22.37 -31.68
H315 POV BA . 7.24 15.26 -30.38
H35A POV BA . 10.71 20.87 -32.04
H31F POV BA . 8.49 14.57 -29.76
H26 POV BA . 8.86 18.28 -33.97
H26A POV BA . 9.09 18.09 -32.44
H36 POV BA . 13.16 21.59 -31.67
H316 POV BA . 6.86 12.98 -30.20
H36A POV BA . 12.43 22.52 -30.64
H31G POV BA . 7.11 13.05 -28.63
H31H POV BA . 5.84 13.77 -29.26
H27 POV BA . 7.14 16.73 -32.17
H27A POV BA . 6.71 17.06 -33.80
H37 POV BA . 11.83 19.79 -30.50
H37A POV BA . 13.22 20.23 -29.95
H38 POV BA . 11.86 20.15 -28.14
H38A POV BA . 12.12 21.66 -28.41
H39 POV BA . 9.93 21.51 -29.62
H39A POV BA . 9.96 21.78 -28.09
C1 NAG CA . 32.41 -58.51 4.78
C2 NAG CA . 33.86 -58.59 5.22
C3 NAG CA . 34.54 -59.75 4.50
C4 NAG CA . 33.80 -61.04 4.80
C5 NAG CA . 32.35 -60.87 4.37
C6 NAG CA . 31.49 -62.07 4.69
C7 NAG CA . 35.13 -56.62 5.94
C8 NAG CA . 34.99 -57.17 7.32
N2 NAG CA . 34.56 -57.34 4.97
O3 NAG CA . 35.89 -59.85 4.94
O4 NAG CA . 34.39 -62.12 4.09
O5 NAG CA . 31.77 -59.75 5.05
O6 NAG CA . 31.90 -63.23 3.97
O7 NAG CA . 35.72 -55.57 5.71
H2 NAG CA . 33.89 -58.75 6.17
H3 NAG CA . 34.54 -59.59 3.54
H4 NAG CA . 33.86 -61.24 5.75
H5 NAG CA . 32.38 -60.75 3.40
H61 NAG CA . 30.56 -61.86 4.49
H62 NAG CA . 31.54 -62.24 5.64
H81 NAG CA . 35.44 -56.58 7.95
H82 NAG CA . 35.41 -58.05 7.35
H83 NAG CA . 34.06 -57.24 7.55
HN2 NAG CA . 34.61 -57.06 4.16
HO3 NAG CA . 36.30 -59.13 4.77
HO4 NAG CA . 35.19 -62.21 4.33
HO6 NAG CA . 31.40 -63.87 4.18
C27 R16 DA . 14.88 5.29 -15.74
C28 R16 DA . 15.99 5.72 -16.63
C29 R16 DA . 16.15 4.84 -17.86
C30 R16 DA . 16.99 3.60 -17.72
C31 R16 DA . 17.02 2.75 -18.99
C32 R16 DA . 17.80 3.33 -20.17
C33 R16 DA . 17.40 2.79 -21.52
C34 R16 DA . 17.95 3.58 -22.68
C35 R16 DA . 17.39 3.15 -24.02
C36 R16 DA . 17.98 3.88 -25.22
C37 R16 DA . 17.35 3.53 -26.54
C38 R16 DA . 17.67 2.13 -27.03
C39 R16 DA . 17.05 1.79 -28.38
C40 R16 DA . 17.65 0.57 -29.05
C41 R16 DA . 16.97 0.16 -30.34
C42 R16 DA . 15.66 -0.58 -30.13
H271 R16 DA . 14.84 5.89 -14.98
H272 R16 DA . 14.05 5.31 -16.24
H273 R16 DA . 15.05 4.39 -15.43
H281 R16 DA . 15.83 6.63 -16.93
H282 R16 DA . 16.82 5.73 -16.13
H291 R16 DA . 15.27 4.58 -18.16
H292 R16 DA . 16.54 5.38 -18.57
H301 R16 DA . 17.89 3.84 -17.49
H302 R16 DA . 16.63 3.07 -16.99
H311 R16 DA . 17.40 1.88 -18.77
H312 R16 DA . 16.10 2.58 -19.28
H321 R16 DA . 17.69 4.29 -20.16
H322 R16 DA . 18.75 3.16 -20.03
H331 R16 DA . 17.71 1.87 -21.59
H332 R16 DA . 16.44 2.77 -21.58
H341 R16 DA . 17.75 4.52 -22.55
H342 R16 DA . 18.92 3.50 -22.70
H351 R16 DA . 17.55 2.20 -24.13
H352 R16 DA . 16.43 3.28 -24.02
H361 R16 DA . 17.90 4.84 -25.07
H362 R16 DA . 18.93 3.69 -25.26
H371 R16 DA . 16.38 3.60 -26.46
H372 R16 DA . 17.63 4.17 -27.22
H381 R16 DA . 18.64 2.03 -27.10
H382 R16 DA . 17.37 1.48 -26.38
H391 R16 DA . 16.09 1.64 -28.26
H392 R16 DA . 17.14 2.55 -28.98
H401 R16 DA . 18.59 0.73 -29.22
H402 R16 DA . 17.61 -0.18 -28.43
H411 R16 DA . 16.80 0.95 -30.88
H412 R16 DA . 17.57 -0.40 -30.86
H421 R16 DA . 15.27 -0.81 -30.99
H422 R16 DA . 15.83 -1.39 -29.62
H423 R16 DA . 15.05 0.00 -29.63
C01 9Z9 EA . 24.87 31.08 -29.97
C02 9Z9 EA . 23.72 32.01 -29.58
C03 9Z9 EA . 22.69 31.29 -28.65
C04 9Z9 EA . 23.26 31.46 -27.23
C05 9Z9 EA . 24.43 32.44 -27.30
C06 9Z9 EA . 24.19 33.14 -28.65
C07 9Z9 EA . 25.28 34.03 -29.26
C08 9Z9 EA . 24.71 34.69 -30.52
C09 9Z9 EA . 24.12 33.65 -31.48
C10 9Z9 EA . 23.12 32.69 -30.82
C11 9Z9 EA . 25.69 35.68 -31.21
C12 9Z9 EA . 26.79 34.94 -32.00
C13 9Z9 EA . 26.37 36.56 -30.16
C14 9Z9 EA . 26.30 36.31 -28.87
C15 9Z9 EA . 25.71 35.09 -28.25
C16 9Z9 EA . 27.10 37.77 -30.68
C17 9Z9 EA . 26.21 38.61 -31.57
C18 9Z9 EA . 25.67 37.77 -32.71
C19 9Z9 EA . 24.88 36.58 -32.17
O20 9Z9 EA . 26.99 39.74 -31.97
C21 9Z9 EA . 26.58 40.49 -33.12
C22 9Z9 EA . 27.52 40.16 -34.24
C23 9Z9 EA . 26.95 40.51 -35.62
C24 9Z9 EA . 27.02 41.98 -35.92
O25 9Z9 EA . 25.75 42.42 -36.34
C26 9Z9 EA . 25.73 43.79 -36.65
C48 9Z9 EA . 27.66 39.72 -36.69
O49 9Z9 EA . 27.07 39.99 -37.93
C50 9Z9 EA . 27.69 39.27 -38.97
O72 9Z9 EA . 23.68 30.14 -26.85
C73 9Z9 EA . 22.72 29.24 -27.39
C74 9Z9 EA . 22.43 29.78 -28.80
C75 9Z9 EA . 21.06 29.41 -29.35
C76 9Z9 EA . 23.28 27.83 -27.34
C77 9Z9 EA . 23.42 27.34 -25.91
C78 9Z9 EA . 22.15 27.53 -25.11
C79 9Z9 EA . 21.68 28.96 -25.28
O80 9Z9 EA . 21.52 29.32 -26.66
C81 9Z9 EA . 22.35 27.19 -23.65
H1 9Z9 EA . 25.23 30.66 -29.18
H2 9Z9 EA . 24.55 30.40 -30.58
H3 9Z9 EA . 25.56 31.61 -30.42
H4 9Z9 EA . 21.84 31.70 -28.90
H5 9Z9 EA . 22.64 31.80 -26.59
H6 9Z9 EA . 25.29 31.98 -27.29
H7 9Z9 EA . 24.42 33.05 -26.57
H8 9Z9 EA . 23.54 33.85 -28.49
H9 9Z9 EA . 26.05 33.50 -29.49
H10 9Z9 EA . 23.97 35.25 -30.22
H11 9Z9 EA . 23.68 34.11 -32.22
H12 9Z9 EA . 24.85 33.13 -31.87
H13 9Z9 EA . 22.33 33.18 -30.57
H14 9Z9 EA . 22.85 32.01 -31.46
H15 9Z9 EA . 27.29 34.38 -31.40
H16 9Z9 EA . 26.36 34.40 -32.69
H17 9Z9 EA . 27.37 35.59 -32.41
H18 9Z9 EA . 26.67 36.94 -28.30
H19 9Z9 EA . 26.36 34.69 -27.64
H20 9Z9 EA . 24.94 35.35 -27.71
H21 9Z9 EA . 27.89 37.49 -31.18
H22 9Z9 EA . 27.41 38.30 -29.94
H23 9Z9 EA . 25.40 38.92 -31.12
H24 9Z9 EA . 25.10 38.31 -33.28
H25 9Z9 EA . 26.40 37.46 -33.27
H26 9Z9 EA . 24.10 36.90 -31.70
H27 9Z9 EA . 24.58 36.04 -32.92
H28 9Z9 EA . 26.59 41.44 -32.93
H29 9Z9 EA . 25.67 40.25 -33.36
H30 9Z9 EA . 27.74 39.22 -34.21
H31 9Z9 EA . 28.35 40.65 -34.10
H32 9Z9 EA . 26.02 40.26 -35.61
H33 9Z9 EA . 27.67 42.14 -36.62
H34 9Z9 EA . 27.31 42.48 -35.15
H35 9Z9 EA . 24.83 44.04 -36.93
H36 9Z9 EA . 25.98 44.30 -35.87
H37 9Z9 EA . 26.35 43.96 -37.38
H38 9Z9 EA . 27.60 38.76 -36.50
H39 9Z9 EA . 28.60 39.94 -36.70
H40 9Z9 EA . 27.26 39.49 -39.81
H41 9Z9 EA . 28.63 39.51 -39.01
H42 9Z9 EA . 27.60 38.32 -38.79
H43 9Z9 EA . 23.01 29.37 -29.46
H44 9Z9 EA . 20.99 28.44 -29.40
H45 9Z9 EA . 20.38 29.76 -28.76
H46 9Z9 EA . 20.97 29.79 -30.24
H47 9Z9 EA . 22.69 27.24 -27.83
H48 9Z9 EA . 24.14 27.82 -27.79
H49 9Z9 EA . 23.67 26.40 -25.91
H50 9Z9 EA . 24.15 27.82 -25.47
H51 9Z9 EA . 21.48 26.93 -25.45
H52 9Z9 EA . 22.31 29.56 -24.86
H53 9Z9 EA . 20.84 29.07 -24.81
H54 9Z9 EA . 22.66 26.27 -23.57
H55 9Z9 EA . 23.01 27.79 -23.27
H56 9Z9 EA . 21.51 27.30 -23.18
N POV FA . 9.34 48.06 -16.53
P POV FA . 11.17 44.48 -14.60
C1 POV FA . 11.88 42.13 -15.65
C2 POV FA . 11.38 40.89 -14.95
C3 POV FA . 10.60 41.19 -13.72
C310 POV FA . 9.83 33.64 -8.32
C11 POV FA . 9.07 46.03 -14.98
O11 POV FA . 10.91 43.18 -15.50
C311 POV FA . 11.28 33.47 -8.71
C12 POV FA . 8.48 46.93 -16.03
O12 POV FA . 10.34 45.51 -15.48
C312 POV FA . 11.58 32.22 -9.52
C13 POV FA . 10.14 48.67 -15.42
O13 POV FA . 10.54 44.36 -13.27
C313 POV FA . 11.40 30.93 -8.73
C14 POV FA . 10.27 47.57 -17.60
O14 POV FA . 12.59 44.86 -14.70
C314 POV FA . 11.78 29.68 -9.49
C15 POV FA . 8.44 49.10 -17.11
C315 POV FA . 13.22 29.64 -9.96
C316 POV FA . 13.63 28.27 -10.44
C21 POV FA . 12.41 38.79 -14.37
O21 POV FA . 12.53 40.12 -14.46
C22 POV FA . 13.58 38.19 -13.66
O22 POV FA . 11.44 38.18 -14.74
C23 POV FA . 13.45 36.69 -13.44
C24 POV FA . 12.48 36.33 -12.33
C25 POV FA . 12.45 34.87 -11.99
C26 POV FA . 13.73 34.37 -11.33
C27 POV FA . 14.29 33.10 -11.95
C31 POV FA . 11.23 41.61 -11.48
O31 POV FA . 11.44 41.87 -12.76
C32 POV FA . 11.90 40.32 -11.08
O32 POV FA . 10.58 42.31 -10.75
C33 POV FA . 11.68 39.96 -9.62
C34 POV FA . 12.48 38.74 -9.21
C35 POV FA . 11.65 37.58 -8.73
C36 POV FA . 11.48 37.51 -7.22
C37 POV FA . 11.51 36.11 -6.63
C38 POV FA . 10.15 35.41 -6.51
C39 POV FA . 9.48 35.02 -7.82
H1 POV FA . 12.73 42.40 -15.27
H1A POV FA . 12.04 41.95 -16.59
H2 POV FA . 10.84 40.43 -15.61
H3 POV FA . 9.83 41.73 -13.93
H3A POV FA . 10.26 40.36 -13.33
H310 POV FA . 9.27 33.42 -9.08
H31A POV FA . 9.62 32.99 -7.62
H11 POV FA . 9.22 46.53 -14.16
H11A POV FA . 8.48 45.30 -14.77
H311 POV FA . 11.56 34.24 -9.23
H31B POV FA . 11.82 33.46 -7.90
H12 POV FA . 7.65 47.30 -15.68
H12A POV FA . 8.23 46.37 -16.79
H22 POV FA . 14.38 38.37 -14.18
H22A POV FA . 13.68 38.63 -12.80
H32 POV FA . 11.57 39.61 -11.64
H312 POV FA . 11.00 32.20 -10.29
H32A POV FA . 12.85 40.40 -11.25
H31C POV FA . 12.49 32.26 -9.84
H13 POV FA . 10.68 49.40 -15.79
H13A POV FA . 9.54 49.02 -14.75
H13B POV FA . 10.73 48.00 -15.03
H23 POV FA . 13.16 36.27 -14.27
H23A POV FA . 14.33 36.32 -13.24
H33 POV FA . 11.93 40.72 -9.06
H313 POV FA . 11.93 30.99 -7.92
H33A POV FA . 10.74 39.79 -9.47
H31D POV FA . 10.47 30.86 -8.46
H14 POV FA . 10.81 48.32 -17.91
H14A POV FA . 10.83 46.87 -17.23
H14B POV FA . 9.74 47.22 -18.33
H24 POV FA . 12.71 36.84 -11.54
H24A POV FA . 11.59 36.61 -12.60
H34 POV FA . 13.02 38.46 -9.97
H314 POV FA . 11.62 28.91 -8.92
H34A POV FA . 13.10 38.99 -8.51
H31E POV FA . 11.20 29.59 -10.26
H15 POV FA . 8.99 49.85 -17.43
H15A POV FA . 7.94 48.72 -17.84
H15B POV FA . 7.84 49.42 -16.42
H25 POV FA . 11.71 34.69 -11.39
H25A POV FA . 12.29 34.35 -12.79
H35 POV FA . 10.77 37.63 -9.14
H315 POV FA . 13.35 30.27 -10.68
H35A POV FA . 12.07 36.75 -9.03
H31F POV FA . 13.81 29.91 -9.24
H26 POV FA . 14.39 35.06 -11.38
H26A POV FA . 13.55 34.21 -10.39
H36 POV FA . 12.18 38.04 -6.81
H316 POV FA . 14.56 28.30 -10.72
H36A POV FA . 10.63 37.93 -6.99
H31G POV FA . 13.54 27.63 -9.70
H31H POV FA . 13.07 28.01 -11.18
H27 POV FA . 13.58 32.28 -11.79
H27A POV FA . 14.33 33.21 -13.03
H37 POV FA . 12.09 35.56 -7.20
H37A POV FA . 11.92 36.15 -5.76
H38 POV FA . 10.27 34.62 -5.98
H38A POV FA . 9.56 36.01 -6.03
H39 POV FA . 9.73 35.67 -8.51
H39A POV FA . 8.52 35.08 -7.71
C1 NAG GA . 45.72 -34.36 35.00
C2 NAG GA . 45.97 -34.09 36.48
C3 NAG GA . 47.44 -34.33 36.79
C4 NAG GA . 47.82 -35.76 36.41
C5 NAG GA . 47.51 -35.96 34.94
C6 NAG GA . 47.75 -37.37 34.47
C7 NAG GA . 44.65 -32.48 37.76
C8 NAG GA . 44.02 -33.67 38.41
N2 NAG GA . 45.59 -32.74 36.84
O3 NAG GA . 47.68 -34.11 38.18
O4 NAG GA . 49.20 -35.97 36.64
O5 NAG GA . 46.11 -35.69 34.70
O6 NAG GA . 49.13 -37.71 34.55
O7 NAG GA . 44.33 -31.33 38.06
H2 NAG GA . 45.43 -34.70 36.99
H3 NAG GA . 47.98 -33.71 36.28
H4 NAG GA . 47.32 -36.38 36.97
H5 NAG GA . 48.09 -35.35 34.45
H61 NAG GA . 47.45 -37.46 33.56
H62 NAG GA . 47.24 -37.99 35.01
H81 NAG GA . 43.36 -33.37 39.05
H82 NAG GA . 44.71 -34.19 38.85
H83 NAG GA . 43.58 -34.20 37.72
HN2 NAG GA . 45.97 -32.07 36.45
HO3 NAG GA . 47.47 -33.32 38.37
HO4 NAG GA . 49.38 -35.86 37.46
HO6 NAG GA . 49.24 -38.51 34.28
C27 R16 HA . 12.44 18.01 4.20
C28 R16 HA . 13.16 19.23 4.65
C29 R16 HA . 14.61 19.27 4.23
C30 R16 HA . 15.62 18.57 5.13
C31 R16 HA . 17.04 18.61 4.57
C32 R16 HA . 17.73 19.97 4.59
C33 R16 HA . 18.87 20.11 3.60
C34 R16 HA . 19.33 21.54 3.40
C35 R16 HA . 20.33 21.69 2.28
C36 R16 HA . 20.87 23.10 2.11
C37 R16 HA . 21.79 23.28 0.91
C38 R16 HA . 23.14 22.59 1.05
C39 R16 HA . 24.06 22.80 -0.14
C40 R16 HA . 25.51 22.45 0.14
C41 R16 HA . 26.42 22.56 -1.08
C42 R16 HA . 26.30 21.38 -2.02
H271 R16 HA . 11.52 18.06 4.50
H272 R16 HA . 12.47 17.96 3.23
H273 R16 HA . 12.88 17.23 4.59
H281 R16 HA . 12.71 20.01 4.29
H282 R16 HA . 13.10 19.30 5.62
H291 R16 HA . 14.68 18.88 3.35
H292 R16 HA . 14.88 20.20 4.16
H301 R16 HA . 15.61 19.00 6.00
H302 R16 HA . 15.34 17.65 5.25
H311 R16 HA . 17.58 17.98 5.09
H312 R16 HA . 17.02 18.28 3.66
H321 R16 HA . 17.08 20.65 4.41
H322 R16 HA . 18.07 20.13 5.49
H331 R16 HA . 19.61 19.57 3.90
H332 R16 HA . 18.59 19.75 2.74
H341 R16 HA . 18.57 22.10 3.22
H342 R16 HA . 19.73 21.86 4.23
H351 R16 HA . 21.07 21.08 2.43
H352 R16 HA . 19.91 21.42 1.45
H361 R16 HA . 20.13 23.72 2.04
H362 R16 HA . 21.36 23.34 2.92
H371 R16 HA . 21.35 22.92 0.13
H372 R16 HA . 21.93 24.22 0.76
H381 R16 HA . 23.58 22.93 1.85
H382 R16 HA . 23.01 21.65 1.19
H391 R16 HA . 23.75 22.26 -0.88
H392 R16 HA . 24.01 23.72 -0.43
H401 R16 HA . 25.85 23.04 0.83
H402 R16 HA . 25.55 21.54 0.48
H411 R16 HA . 26.21 23.38 -1.56
H412 R16 HA . 27.34 22.63 -0.78
H421 R16 HA . 26.90 21.51 -2.77
H422 R16 HA . 26.53 20.56 -1.55
H423 R16 HA . 25.38 21.32 -2.34
C01 9Z9 IA . 8.95 48.91 3.30
C02 9Z9 IA . 7.68 48.95 2.43
C03 9Z9 IA . 7.15 47.53 2.09
C04 9Z9 IA . 6.28 47.13 3.30
C05 9Z9 IA . 6.10 48.37 4.17
C06 9Z9 IA . 6.47 49.51 3.22
C07 9Z9 IA . 6.68 50.93 3.76
C08 9Z9 IA . 6.92 51.86 2.58
C09 9Z9 IA . 8.05 51.36 1.66
C10 9Z9 IA . 7.88 49.89 1.24
C11 9Z9 IA . 7.10 53.37 2.98
C12 9Z9 IA . 8.49 53.63 3.57
C13 9Z9 IA . 6.05 53.74 4.01
C14 9Z9 IA . 5.32 52.86 4.66
C15 9Z9 IA . 5.47 51.37 4.57
C16 9Z9 IA . 5.87 55.22 4.28
C17 9Z9 IA . 5.64 55.97 2.99
C18 9Z9 IA . 6.76 55.72 2.01
C19 9Z9 IA . 6.90 54.23 1.73
O20 9Z9 IA . 5.43 57.34 3.37
C21 9Z9 IA . 5.59 58.34 2.36
C22 9Z9 IA . 6.89 59.06 2.61
C23 9Z9 IA . 7.42 59.82 1.40
C24 9Z9 IA . 6.70 61.13 1.17
O25 9Z9 IA . 6.25 61.17 -0.16
C26 9Z9 IA . 5.58 62.38 -0.45
C48 9Z9 IA . 8.90 60.05 1.52
O49 9Z9 IA . 9.37 60.69 0.36
C50 9Z9 IA . 10.76 60.92 0.41
O72 9Z9 IA . 7.01 46.10 3.96
C73 9Z9 IA . 7.63 45.32 2.93
C74 9Z9 IA . 8.13 46.35 1.93
C75 9Z9 IA . 8.28 45.83 0.50
C76 9Z9 IA . 8.69 44.45 3.55
C77 9Z9 IA . 8.09 43.38 4.45
C78 9Z9 IA . 6.98 42.61 3.76
C79 9Z9 IA . 6.01 43.61 3.15
O80 9Z9 IA . 6.65 44.53 2.28
C81 9Z9 IA . 6.27 41.67 4.71
H1 9Z9 IA . 8.79 48.32 4.05
H2 9Z9 IA . 9.68 48.58 2.76
H3 9Z9 IA . 9.14 49.80 3.62
H4 9Z9 IA . 6.76 47.64 1.21
H5 9Z9 IA . 5.40 46.81 3.06
H6 9Z9 IA . 6.68 48.34 4.95
H7 9Z9 IA . 5.19 48.45 4.49
H8 9Z9 IA . 5.69 49.72 2.68
H9 9Z9 IA . 7.45 50.94 4.35
H10 9Z9 IA . 6.10 51.84 2.05
H11 9Z9 IA . 8.10 51.91 0.88
H12 9Z9 IA . 8.90 51.44 2.13
H13 9Z9 IA . 7.11 49.82 0.63
H14 9Z9 IA . 8.65 49.61 0.73
H15 9Z9 IA . 8.62 53.08 4.36
H16 9Z9 IA . 9.16 53.42 2.91
H17 9Z9 IA . 8.55 54.58 3.81
H18 9Z9 IA . 4.63 53.18 5.20
H19 9Z9 IA . 5.53 51.01 5.46
H20 9Z9 IA . 4.68 50.99 4.16
H21 9Z9 IA . 6.66 55.57 4.72
H22 9Z9 IA . 5.13 55.36 4.88
H23 9Z9 IA . 4.85 55.66 2.51
H24 9Z9 IA . 6.60 56.21 1.19
H25 9Z9 IA . 7.60 56.06 2.39
H26 9Z9 IA . 6.09 53.93 1.27
H27 9Z9 IA . 7.63 54.09 1.12
H28 9Z9 IA . 4.86 58.98 2.39
H29 9Z9 IA . 5.60 57.94 1.47
H30 9Z9 IA . 7.57 58.41 2.90
H31 9Z9 IA . 6.78 59.68 3.35
H32 9Z9 IA . 7.24 59.26 0.62
H33 9Z9 IA . 7.29 61.87 1.36
H34 9Z9 IA . 5.94 61.20 1.78
H35 9Z9 IA . 5.30 62.37 -1.38
H36 9Z9 IA . 4.81 62.46 0.12
H37 9Z9 IA . 6.19 63.13 -0.30
H38 9Z9 IA . 9.36 59.20 1.65
H39 9Z9 IA . 9.09 60.59 2.30
H40 9Z9 IA . 11.04 61.36 -0.40
H41 9Z9 IA . 10.96 61.49 1.18
H42 9Z9 IA . 11.22 60.07 0.51
H43 9Z9 IA . 9.05 46.62 2.10
H44 9Z9 IA . 8.91 45.10 0.49
H45 9Z9 IA . 7.42 45.53 0.18
H46 9Z9 IA . 8.60 46.56 -0.07
H47 9Z9 IA . 9.21 44.02 2.85
H48 9Z9 IA . 9.30 45.00 4.06
H49 9Z9 IA . 8.78 42.76 4.73
H50 9Z9 IA . 7.74 43.80 5.25
H51 9Z9 IA . 7.37 42.07 3.06
H52 9Z9 IA . 5.56 44.09 3.85
H53 9Z9 IA . 5.32 43.12 2.66
H54 9Z9 IA . 6.92 41.05 5.08
H55 9Z9 IA . 5.85 42.19 5.42
H56 9Z9 IA . 5.59 41.18 4.22
#